data_3JD0
#
_entry.id   3JD0
#
_cell.length_a   1.000
_cell.length_b   1.000
_cell.length_c   1.000
_cell.angle_alpha   90.00
_cell.angle_beta   90.00
_cell.angle_gamma   90.00
#
_symmetry.space_group_name_H-M   'P 1'
#
loop_
_entity.id
_entity.type
_entity.pdbx_description
1 polymer 'Glutamate dehydrogenase 1, mitochondrial'
2 non-polymer "GUANOSINE-5'-TRIPHOSPHATE"
#
_entity_poly.entity_id   1
_entity_poly.type   'polypeptide(L)'
_entity_poly.pdbx_seq_one_letter_code
;ADREDDPNFFKMVEGFFDRGASIVEDKLVEDLKTRETEEQKRNRVRSILRIIKPCNHVLSLSFPIRRDDGSWEVIEGYRA
QHSQHRTPCKGGIRYSTDVSVDEVKALASLMTYKCAVVDVPFGGAKAGVKINPKNYTDNELEKITRRFTMELAKKGFIGP
GVDVPAPDMSTGEREMSWIADTYASTIGHYDINAHACVTGKPISQGGIHGRISATGRGVFHGIENFINEASYMSILGMTP
GFGDKTFVVQGFGNVGLHSMRYLHRFGAKCITVGESDGSIWNPDGIDPKELEDFKLQHGTILGFPKAKIYEGSILEVDCD
ILIPAASEKQLTKSNAPRVKAKIIAEGANGPTTPEADKIFLERNIMVIPDLYLNAGGVTVSYFEWLNNLNHVSYGRLTFK
YERDSNYHLLMSVQESLERKFGKHGGTIPIVPTAEFQDRISGASEKDIVHSGLAYTMERSARQIMRTAMKYNLGLDLRTA
AYVNAIEKVFRVYNEAGVTFT
;
_entity_poly.pdbx_strand_id   A,B,C,D,E,F
#
loop_
_chem_comp.id
_chem_comp.type
_chem_comp.name
_chem_comp.formula
GTP non-polymer GUANOSINE-5'-TRIPHOSPHATE 'C10 H16 N5 O14 P3'
#
# COMPACT_ATOMS: atom_id res chain seq x y z
N ASP A 6 -10.84 14.52 47.29
CA ASP A 6 -9.81 13.91 46.40
C ASP A 6 -10.45 13.37 45.12
N PRO A 7 -10.86 14.27 44.24
CA PRO A 7 -11.46 13.83 42.98
C PRO A 7 -10.43 13.14 42.11
N ASN A 8 -10.92 12.40 41.13
CA ASN A 8 -10.02 11.78 40.17
C ASN A 8 -9.50 12.84 39.20
N PHE A 9 -8.20 12.79 38.96
CA PHE A 9 -7.54 13.75 38.08
C PHE A 9 -8.34 13.94 36.80
N PHE A 10 -8.97 12.87 36.31
CA PHE A 10 -9.94 13.03 35.24
C PHE A 10 -10.99 14.07 35.61
N LYS A 11 -11.73 13.82 36.69
CA LYS A 11 -12.79 14.72 37.09
C LYS A 11 -12.28 16.14 37.26
N MET A 12 -11.07 16.31 37.79
CA MET A 12 -10.45 17.63 37.79
C MET A 12 -10.51 18.23 36.41
N VAL A 13 -9.87 17.58 35.44
CA VAL A 13 -9.80 18.09 34.09
C VAL A 13 -11.20 18.43 33.58
N GLU A 14 -12.05 17.42 33.49
CA GLU A 14 -13.40 17.62 32.96
C GLU A 14 -14.05 18.83 33.62
N GLY A 15 -13.83 18.99 34.93
CA GLY A 15 -14.40 20.13 35.61
C GLY A 15 -13.91 21.44 35.05
N PHE A 16 -12.64 21.48 34.63
CA PHE A 16 -12.08 22.71 34.10
C PHE A 16 -12.69 23.06 32.76
N PHE A 17 -12.51 22.18 31.78
CA PHE A 17 -13.01 22.44 30.44
C PHE A 17 -14.44 22.98 30.47
N ASP A 18 -15.33 22.28 31.17
CA ASP A 18 -16.68 22.77 31.35
C ASP A 18 -16.69 24.25 31.66
N ARG A 19 -15.92 24.66 32.66
CA ARG A 19 -15.91 26.06 33.07
C ARG A 19 -15.48 26.94 31.91
N GLY A 20 -14.41 26.55 31.23
CA GLY A 20 -13.93 27.37 30.13
C GLY A 20 -14.99 27.54 29.05
N ALA A 21 -15.66 26.46 28.69
CA ALA A 21 -16.69 26.54 27.67
C ALA A 21 -17.68 27.63 27.99
N SER A 22 -18.30 27.56 29.17
CA SER A 22 -19.23 28.60 29.59
C SER A 22 -18.64 29.99 29.36
N ILE A 23 -17.37 30.16 29.70
CA ILE A 23 -16.73 31.46 29.54
C ILE A 23 -16.63 31.83 28.06
N VAL A 24 -16.15 30.88 27.26
CA VAL A 24 -15.89 31.16 25.86
C VAL A 24 -17.18 31.54 25.15
N GLU A 25 -18.16 30.66 25.21
CA GLU A 25 -19.36 30.75 24.41
C GLU A 25 -19.91 32.16 24.33
N ASP A 26 -19.90 32.85 25.47
CA ASP A 26 -20.48 34.19 25.55
C ASP A 26 -20.11 35.03 24.35
N LYS A 27 -18.86 34.95 23.91
CA LYS A 27 -18.39 35.70 22.75
C LYS A 27 -18.19 34.86 21.52
N LEU A 28 -17.78 33.60 21.69
CA LEU A 28 -17.50 32.75 20.54
C LEU A 28 -18.70 32.70 19.60
N VAL A 29 -19.91 32.77 20.17
CA VAL A 29 -21.09 32.87 19.34
C VAL A 29 -21.17 34.24 18.70
N GLU A 30 -20.72 35.27 19.42
CA GLU A 30 -20.78 36.62 18.89
C GLU A 30 -19.78 36.82 17.76
N ASP A 31 -18.62 36.17 17.84
CA ASP A 31 -17.59 36.32 16.83
C ASP A 31 -17.65 35.24 15.76
N LEU A 32 -18.76 34.52 15.67
CA LEU A 32 -18.96 33.52 14.64
C LEU A 32 -19.57 34.23 13.43
N LYS A 33 -18.97 34.05 12.26
CA LYS A 33 -19.30 34.84 11.09
C LYS A 33 -20.17 34.08 10.09
N THR A 34 -21.13 33.31 10.59
CA THR A 34 -22.01 32.56 9.71
C THR A 34 -23.38 33.23 9.60
N ARG A 35 -24.01 33.07 8.45
CA ARG A 35 -25.36 33.60 8.22
C ARG A 35 -26.40 32.64 8.79
N GLU A 36 -26.79 32.92 10.03
CA GLU A 36 -27.69 32.07 10.77
C GLU A 36 -28.41 32.89 11.82
N THR A 37 -29.23 32.21 12.60
CA THR A 37 -29.88 32.86 13.73
C THR A 37 -29.02 32.73 14.97
N GLU A 38 -29.00 33.80 15.77
CA GLU A 38 -28.26 33.79 17.03
C GLU A 38 -28.49 32.47 17.76
N GLU A 39 -29.76 32.09 17.91
CA GLU A 39 -30.06 30.79 18.50
C GLU A 39 -29.46 29.67 17.67
N GLN A 40 -29.78 29.65 16.38
CA GLN A 40 -29.27 28.60 15.51
C GLN A 40 -27.78 28.42 15.69
N LYS A 41 -27.01 29.49 15.54
CA LYS A 41 -25.57 29.38 15.64
C LYS A 41 -25.14 29.01 17.05
N ARG A 42 -25.83 29.52 18.07
CA ARG A 42 -25.48 29.15 19.44
C ARG A 42 -25.60 27.65 19.63
N ASN A 43 -26.50 27.01 18.90
CA ASN A 43 -26.64 25.56 19.01
C ASN A 43 -25.55 24.86 18.21
N ARG A 44 -24.85 25.61 17.35
CA ARG A 44 -23.68 25.05 16.69
C ARG A 44 -22.51 24.98 17.67
N VAL A 45 -22.10 26.12 18.21
CA VAL A 45 -20.98 26.14 19.12
C VAL A 45 -21.23 25.24 20.31
N ARG A 46 -22.38 25.35 20.94
CA ARG A 46 -22.65 24.63 22.17
C ARG A 46 -22.31 23.16 22.01
N SER A 47 -22.81 22.56 20.93
CA SER A 47 -22.60 21.14 20.73
C SER A 47 -21.15 20.84 20.36
N ILE A 48 -20.53 21.69 19.56
CA ILE A 48 -19.12 21.48 19.25
C ILE A 48 -18.33 21.34 20.53
N LEU A 49 -18.65 22.15 21.53
CA LEU A 49 -18.02 22.01 22.82
C LEU A 49 -18.56 20.81 23.57
N ARG A 50 -19.45 20.05 22.93
CA ARG A 50 -19.80 18.72 23.41
C ARG A 50 -19.01 17.67 22.65
N ILE A 51 -18.43 18.06 21.52
CA ILE A 51 -17.84 17.09 20.61
C ILE A 51 -16.37 16.87 20.92
N ILE A 52 -15.61 17.96 21.01
CA ILE A 52 -14.18 17.83 21.22
C ILE A 52 -13.88 17.25 22.58
N LYS A 53 -14.66 17.61 23.58
CA LYS A 53 -14.39 17.21 24.95
C LYS A 53 -14.12 15.72 25.08
N PRO A 54 -14.99 14.83 24.60
CA PRO A 54 -14.71 13.41 24.70
C PRO A 54 -13.58 12.98 23.80
N CYS A 55 -13.03 11.82 24.12
CA CYS A 55 -11.93 11.25 23.36
C CYS A 55 -12.48 10.21 22.38
N ASN A 56 -12.20 10.42 21.11
CA ASN A 56 -12.77 9.60 20.06
C ASN A 56 -12.46 8.13 20.25
N HIS A 57 -11.18 7.76 20.14
CA HIS A 57 -10.77 6.37 20.08
C HIS A 57 -10.12 5.98 21.39
N VAL A 58 -10.53 4.85 21.93
CA VAL A 58 -9.96 4.28 23.14
C VAL A 58 -9.93 2.79 22.95
N LEU A 59 -8.75 2.22 23.02
CA LEU A 59 -8.57 0.80 22.75
C LEU A 59 -8.10 0.08 23.99
N SER A 60 -8.61 -1.12 24.18
CA SER A 60 -8.25 -1.96 25.30
C SER A 60 -7.64 -3.24 24.75
N LEU A 61 -6.58 -3.71 25.39
CA LEU A 61 -5.78 -4.79 24.87
C LEU A 61 -5.63 -5.93 25.86
N SER A 62 -5.01 -6.99 25.39
CA SER A 62 -4.71 -8.16 26.20
C SER A 62 -3.53 -8.88 25.57
N PHE A 63 -2.50 -9.13 26.36
CA PHE A 63 -1.25 -9.65 25.86
C PHE A 63 -0.92 -11.02 26.42
N PRO A 64 -0.76 -12.00 25.58
CA PRO A 64 -0.19 -13.26 26.02
C PRO A 64 1.32 -13.24 26.03
N ILE A 65 1.92 -12.76 27.11
CA ILE A 65 3.36 -12.72 27.25
C ILE A 65 3.80 -13.92 28.08
N ARG A 66 5.02 -14.40 27.80
CA ARG A 66 5.65 -15.46 28.57
C ARG A 66 6.72 -14.88 29.47
N ARG A 67 6.63 -15.16 30.76
CA ARG A 67 7.62 -14.71 31.70
C ARG A 67 8.95 -15.41 31.46
N ASP A 68 9.96 -14.99 32.23
CA ASP A 68 11.24 -15.67 32.22
C ASP A 68 11.16 -17.03 32.90
N ASP A 69 10.28 -17.19 33.88
CA ASP A 69 10.15 -18.45 34.59
C ASP A 69 9.41 -19.51 33.79
N GLY A 70 9.12 -19.23 32.53
CA GLY A 70 8.35 -20.14 31.70
C GLY A 70 6.86 -19.91 31.75
N SER A 71 6.37 -19.24 32.80
CA SER A 71 4.95 -19.03 32.96
C SER A 71 4.43 -18.04 31.93
N TRP A 72 3.12 -18.08 31.73
CA TRP A 72 2.42 -17.08 30.94
C TRP A 72 1.62 -16.19 31.87
N GLU A 73 1.29 -15.01 31.36
CA GLU A 73 0.35 -14.13 32.05
C GLU A 73 -0.21 -13.16 31.03
N VAL A 74 -1.42 -12.70 31.30
CA VAL A 74 -2.11 -11.77 30.43
C VAL A 74 -1.88 -10.36 30.94
N ILE A 75 -1.84 -9.41 30.03
CA ILE A 75 -1.54 -8.02 30.35
C ILE A 75 -2.52 -7.14 29.61
N GLU A 76 -3.05 -6.15 30.31
CA GLU A 76 -3.98 -5.19 29.72
C GLU A 76 -3.25 -3.90 29.39
N GLY A 77 -3.59 -3.33 28.25
CA GLY A 77 -2.94 -2.11 27.80
C GLY A 77 -3.94 -1.22 27.09
N TYR A 78 -3.82 0.07 27.38
CA TYR A 78 -4.79 1.04 26.91
C TYR A 78 -4.08 2.11 26.09
N ARG A 79 -4.73 2.50 24.99
CA ARG A 79 -4.27 3.61 24.18
C ARG A 79 -5.49 4.48 23.92
N ALA A 80 -5.32 5.78 24.08
CA ALA A 80 -6.40 6.73 23.91
C ALA A 80 -5.96 7.81 22.96
N GLN A 81 -6.71 7.98 21.88
CA GLN A 81 -6.40 8.95 20.85
C GLN A 81 -7.53 9.97 20.87
N HIS A 82 -7.30 11.08 21.57
CA HIS A 82 -8.37 12.01 21.89
C HIS A 82 -9.17 12.38 20.66
N SER A 83 -8.52 13.02 19.69
CA SER A 83 -9.30 13.68 18.66
C SER A 83 -8.51 13.67 17.35
N GLN A 84 -9.24 13.46 16.27
CA GLN A 84 -8.69 13.44 14.93
C GLN A 84 -8.75 14.80 14.26
N HIS A 85 -9.36 15.79 14.93
CA HIS A 85 -9.44 17.12 14.35
C HIS A 85 -8.10 17.60 13.79
N ARG A 86 -6.99 17.12 14.35
CA ARG A 86 -5.69 17.49 13.83
C ARG A 86 -4.67 16.40 14.15
N THR A 87 -4.43 15.54 13.19
CA THR A 87 -3.41 14.51 13.26
C THR A 87 -2.09 15.04 12.74
N PRO A 88 -0.98 14.44 13.13
CA PRO A 88 -0.89 13.24 13.95
C PRO A 88 -1.23 13.49 15.38
N CYS A 89 -1.22 12.42 16.15
CA CYS A 89 -1.56 12.47 17.55
C CYS A 89 -0.35 12.03 18.37
N LYS A 90 -0.27 12.56 19.58
CA LYS A 90 0.87 12.32 20.42
C LYS A 90 0.40 11.82 21.78
N GLY A 91 1.29 11.11 22.46
CA GLY A 91 1.03 10.63 23.78
C GLY A 91 2.10 9.70 24.26
N GLY A 92 2.50 9.87 25.50
CA GLY A 92 3.49 8.99 26.07
C GLY A 92 2.88 7.71 26.56
N ILE A 93 3.73 6.89 27.17
CA ILE A 93 3.32 5.63 27.73
C ILE A 93 3.62 5.65 29.21
N ARG A 94 2.82 4.93 29.98
CA ARG A 94 2.99 4.85 31.42
C ARG A 94 2.76 3.41 31.87
N TYR A 95 3.79 2.81 32.42
CA TYR A 95 3.71 1.49 33.02
C TYR A 95 3.42 1.67 34.49
N SER A 96 2.27 1.20 34.93
CA SER A 96 1.91 1.26 36.34
C SER A 96 0.72 0.33 36.58
N THR A 97 0.20 0.38 37.80
CA THR A 97 -0.94 -0.44 38.17
C THR A 97 -2.14 0.41 38.57
N ASP A 98 -1.97 1.73 38.60
CA ASP A 98 -3.06 2.66 38.81
C ASP A 98 -3.80 2.94 37.51
N VAL A 99 -3.34 2.37 36.41
CA VAL A 99 -3.89 2.66 35.10
C VAL A 99 -5.37 2.33 35.07
N SER A 100 -6.10 3.00 34.18
CA SER A 100 -7.48 2.66 33.88
C SER A 100 -7.94 3.50 32.71
N VAL A 101 -8.97 3.00 32.03
CA VAL A 101 -9.50 3.69 30.87
C VAL A 101 -9.72 5.16 31.19
N ASP A 102 -10.49 5.43 32.25
CA ASP A 102 -10.81 6.80 32.59
C ASP A 102 -9.55 7.61 32.87
N GLU A 103 -8.59 7.02 33.57
CA GLU A 103 -7.38 7.76 33.91
C GLU A 103 -6.66 8.23 32.66
N VAL A 104 -6.92 7.58 31.54
CA VAL A 104 -6.23 7.92 30.31
C VAL A 104 -6.94 9.06 29.61
N LYS A 105 -8.20 8.85 29.25
CA LYS A 105 -8.95 9.82 28.46
C LYS A 105 -8.63 11.23 28.91
N ALA A 106 -8.49 11.43 30.23
CA ALA A 106 -8.09 12.73 30.73
C ALA A 106 -6.81 13.19 30.07
N LEU A 107 -5.74 12.42 30.28
CA LEU A 107 -4.42 12.89 29.92
C LEU A 107 -4.29 13.10 28.43
N ALA A 108 -4.96 12.27 27.64
CA ALA A 108 -5.03 12.54 26.21
C ALA A 108 -5.82 13.81 25.97
N SER A 109 -7.04 13.85 26.49
CA SER A 109 -7.85 15.06 26.36
C SER A 109 -7.13 16.24 27.00
N LEU A 110 -6.11 15.96 27.80
CA LEU A 110 -5.29 17.02 28.37
C LEU A 110 -4.21 17.45 27.40
N MET A 111 -3.31 16.53 27.05
CA MET A 111 -2.17 16.89 26.23
C MET A 111 -2.61 17.67 25.02
N THR A 112 -3.75 17.31 24.45
CA THR A 112 -4.30 18.09 23.36
C THR A 112 -4.30 19.56 23.69
N TYR A 113 -5.03 19.91 24.74
CA TYR A 113 -5.12 21.30 25.15
C TYR A 113 -3.75 21.85 25.50
N LYS A 114 -2.89 21.01 26.06
CA LYS A 114 -1.53 21.45 26.34
C LYS A 114 -0.83 21.84 25.05
N CYS A 115 -0.97 21.00 24.03
CA CYS A 115 -0.27 21.26 22.78
C CYS A 115 -0.75 22.53 22.13
N ALA A 116 -2.06 22.77 22.15
CA ALA A 116 -2.61 23.91 21.44
C ALA A 116 -2.08 25.21 22.01
N VAL A 117 -2.01 25.29 23.33
CA VAL A 117 -1.53 26.50 23.98
C VAL A 117 -0.22 26.94 23.35
N VAL A 118 0.62 25.98 23.01
CA VAL A 118 1.95 26.25 22.51
C VAL A 118 1.99 26.14 21.00
N ASP A 119 0.83 26.14 20.36
CA ASP A 119 0.74 26.20 18.90
C ASP A 119 1.45 25.00 18.27
N VAL A 120 1.07 23.82 18.71
CA VAL A 120 1.64 22.58 18.20
C VAL A 120 0.55 21.84 17.44
N PRO A 121 0.86 21.26 16.29
CA PRO A 121 -0.16 20.55 15.51
C PRO A 121 -0.70 19.31 16.19
N PHE A 122 0.16 18.65 16.95
CA PHE A 122 -0.16 17.32 17.44
C PHE A 122 -1.52 17.27 18.09
N GLY A 123 -2.07 16.06 18.14
CA GLY A 123 -3.29 15.79 18.85
C GLY A 123 -3.02 14.89 20.02
N GLY A 124 -3.76 15.09 21.09
CA GLY A 124 -3.46 14.44 22.33
C GLY A 124 -3.82 12.98 22.31
N ALA A 125 -2.93 12.19 22.88
CA ALA A 125 -3.19 10.78 23.12
C ALA A 125 -2.39 10.35 24.34
N LYS A 126 -2.61 9.11 24.74
CA LYS A 126 -1.81 8.54 25.79
C LYS A 126 -2.12 7.07 25.90
N ALA A 127 -1.16 6.33 26.43
CA ALA A 127 -1.30 4.91 26.65
C ALA A 127 -0.82 4.54 28.04
N GLY A 128 -1.18 3.34 28.44
CA GLY A 128 -0.76 2.84 29.74
C GLY A 128 -0.96 1.35 29.79
N VAL A 129 -0.39 0.75 30.82
CA VAL A 129 -0.42 -0.69 31.00
C VAL A 129 -0.57 -0.99 32.48
N LYS A 130 -1.42 -1.96 32.81
CA LYS A 130 -1.58 -2.40 34.18
C LYS A 130 -0.44 -3.32 34.55
N ILE A 131 0.60 -2.77 35.15
CA ILE A 131 1.84 -3.51 35.36
C ILE A 131 2.75 -2.74 36.30
N ASN A 132 3.61 -3.45 37.00
CA ASN A 132 4.64 -2.78 37.78
C ASN A 132 6.01 -3.20 37.27
N PRO A 133 6.70 -2.33 36.54
CA PRO A 133 7.99 -2.73 35.94
C PRO A 133 8.93 -3.39 36.92
N LYS A 134 9.05 -2.83 38.12
CA LYS A 134 10.05 -3.27 39.07
C LYS A 134 10.03 -4.77 39.29
N ASN A 135 8.87 -5.40 39.21
CA ASN A 135 8.76 -6.83 39.41
C ASN A 135 9.21 -7.61 38.20
N TYR A 136 9.55 -6.93 37.11
CA TYR A 136 9.91 -7.59 35.87
C TYR A 136 11.31 -7.15 35.44
N THR A 137 11.94 -7.99 34.64
CA THR A 137 13.30 -7.76 34.21
C THR A 137 13.35 -6.77 33.04
N ASP A 138 14.56 -6.58 32.53
CA ASP A 138 14.72 -5.82 31.29
C ASP A 138 14.19 -6.61 30.12
N ASN A 139 14.57 -7.88 30.03
CA ASN A 139 14.12 -8.71 28.92
C ASN A 139 12.60 -8.71 28.83
N GLU A 140 11.94 -9.06 29.94
CA GLU A 140 10.49 -9.09 29.94
C GLU A 140 9.91 -7.80 29.40
N LEU A 141 10.30 -6.68 29.99
CA LEU A 141 9.85 -5.38 29.49
C LEU A 141 10.14 -5.25 28.00
N GLU A 142 11.25 -5.81 27.55
CA GLU A 142 11.56 -5.72 26.12
C GLU A 142 10.69 -6.70 25.35
N LYS A 143 10.11 -7.68 26.05
CA LYS A 143 9.13 -8.56 25.43
C LYS A 143 7.76 -7.91 25.45
N ILE A 144 7.45 -7.21 26.53
CA ILE A 144 6.17 -6.52 26.62
C ILE A 144 6.09 -5.45 25.53
N THR A 145 6.98 -4.47 25.63
CA THR A 145 6.88 -3.30 24.77
C THR A 145 6.79 -3.68 23.31
N ARG A 146 7.80 -4.38 22.79
CA ARG A 146 7.85 -4.64 21.36
C ARG A 146 6.66 -5.47 20.91
N ARG A 147 5.91 -6.04 21.86
CA ARG A 147 4.65 -6.65 21.49
C ARG A 147 3.52 -5.64 21.57
N PHE A 148 3.55 -4.80 22.60
CA PHE A 148 2.59 -3.72 22.71
C PHE A 148 2.49 -2.96 21.40
N THR A 149 3.58 -2.37 20.96
CA THR A 149 3.58 -1.59 19.74
C THR A 149 3.56 -2.46 18.50
N MET A 150 3.48 -3.77 18.68
CA MET A 150 3.25 -4.64 17.53
C MET A 150 1.76 -4.74 17.23
N GLU A 151 0.95 -4.70 18.28
CA GLU A 151 -0.49 -4.71 18.09
C GLU A 151 -0.98 -3.37 17.59
N LEU A 152 -0.75 -2.33 18.38
CA LEU A 152 -1.21 -1.00 18.03
C LEU A 152 -0.89 -0.65 16.58
N ALA A 153 0.23 -1.17 16.07
CA ALA A 153 0.59 -0.91 14.69
C ALA A 153 -0.33 -1.65 13.75
N LYS A 154 -0.68 -2.88 14.09
CA LYS A 154 -1.68 -3.60 13.31
C LYS A 154 -2.98 -2.82 13.24
N LYS A 155 -3.17 -1.90 14.17
CA LYS A 155 -4.44 -1.22 14.34
C LYS A 155 -4.28 0.29 14.30
N GLY A 156 -3.30 0.78 13.54
CA GLY A 156 -3.25 2.18 13.20
C GLY A 156 -3.25 3.14 14.37
N PHE A 157 -2.66 2.75 15.50
CA PHE A 157 -2.42 3.69 16.58
C PHE A 157 -0.97 4.03 16.76
N ILE A 158 -0.11 3.64 15.83
CA ILE A 158 1.29 4.01 15.89
C ILE A 158 1.79 4.20 14.48
N GLY A 159 2.20 5.41 14.16
CA GLY A 159 2.76 5.74 12.88
C GLY A 159 3.17 7.18 12.87
N PRO A 160 4.19 7.53 12.11
CA PRO A 160 4.70 8.90 12.15
C PRO A 160 3.67 9.94 11.80
N GLY A 161 2.53 9.53 11.24
CA GLY A 161 1.49 10.46 10.89
C GLY A 161 0.11 10.01 11.34
N VAL A 162 0.06 9.20 12.39
CA VAL A 162 -1.19 8.85 13.04
C VAL A 162 -1.07 9.14 14.52
N ASP A 163 -0.02 8.59 15.12
CA ASP A 163 0.09 8.56 16.57
C ASP A 163 1.57 8.35 16.89
N VAL A 164 2.09 9.14 17.81
CA VAL A 164 3.52 9.15 18.11
C VAL A 164 3.69 8.88 19.61
N PRO A 165 4.15 7.71 19.99
CA PRO A 165 4.46 7.47 21.40
C PRO A 165 5.52 8.44 21.89
N ALA A 166 5.76 8.40 23.19
CA ALA A 166 6.77 9.25 23.79
C ALA A 166 7.06 8.74 25.19
N PRO A 167 8.11 9.26 25.83
CA PRO A 167 8.43 8.83 27.19
C PRO A 167 7.53 9.47 28.22
N ASP A 168 7.80 9.10 29.46
CA ASP A 168 7.09 9.58 30.63
C ASP A 168 7.73 8.91 31.83
N MET A 169 7.31 9.28 33.03
CA MET A 169 7.80 8.59 34.20
C MET A 169 7.58 7.10 34.05
N SER A 170 8.55 6.32 34.52
CA SER A 170 8.58 4.86 34.42
C SER A 170 9.10 4.43 33.06
N THR A 171 9.47 5.34 32.17
CA THR A 171 10.02 5.00 30.88
C THR A 171 11.33 5.74 30.64
N GLY A 172 11.94 5.43 29.50
CA GLY A 172 13.20 6.04 29.14
C GLY A 172 13.55 5.70 27.71
N GLU A 173 14.72 6.16 27.30
CA GLU A 173 15.14 5.96 25.92
C GLU A 173 15.07 4.50 25.50
N ARG A 174 15.61 3.60 26.30
CA ARG A 174 15.54 2.18 25.98
C ARG A 174 14.16 1.81 25.47
N GLU A 175 13.14 2.10 26.27
CA GLU A 175 11.78 1.75 25.89
C GLU A 175 11.47 2.25 24.50
N MET A 176 11.66 3.54 24.26
CA MET A 176 11.48 4.07 22.91
C MET A 176 12.31 3.28 21.92
N SER A 177 13.62 3.23 22.12
CA SER A 177 14.51 2.57 21.17
C SER A 177 13.96 1.21 20.78
N TRP A 178 13.46 0.46 21.76
CA TRP A 178 12.84 -0.82 21.47
C TRP A 178 11.73 -0.66 20.46
N ILE A 179 10.80 0.24 20.74
CA ILE A 179 9.64 0.41 19.88
C ILE A 179 10.05 0.64 18.44
N ALA A 180 10.78 1.73 18.20
CA ALA A 180 11.09 2.12 16.84
C ALA A 180 11.56 0.95 16.01
N ASP A 181 12.42 0.11 16.59
CA ASP A 181 12.91 -1.04 15.86
C ASP A 181 11.75 -1.95 15.46
N THR A 182 10.89 -2.29 16.41
CA THR A 182 9.73 -3.10 16.09
C THR A 182 9.01 -2.55 14.87
N TYR A 183 8.64 -1.28 14.92
CA TYR A 183 7.89 -0.68 13.84
C TYR A 183 8.59 -0.89 12.51
N ALA A 184 9.87 -0.56 12.45
CA ALA A 184 10.60 -0.69 11.20
C ALA A 184 10.61 -2.14 10.72
N SER A 185 10.48 -3.08 11.65
CA SER A 185 10.50 -4.49 11.30
C SER A 185 9.11 -5.06 11.10
N THR A 186 8.07 -4.23 11.17
CA THR A 186 6.71 -4.70 11.00
C THR A 186 5.89 -3.86 10.05
N ILE A 187 6.22 -2.60 9.87
CA ILE A 187 5.38 -1.72 9.07
C ILE A 187 6.20 -0.99 8.02
N GLY A 188 7.21 -0.26 8.47
CA GLY A 188 7.90 0.61 7.56
C GLY A 188 8.49 -0.17 6.40
N HIS A 189 9.49 -0.97 6.69
CA HIS A 189 10.12 -1.90 5.74
C HIS A 189 10.72 -1.19 4.54
N TYR A 190 10.19 0.00 4.21
CA TYR A 190 10.78 0.90 3.24
C TYR A 190 10.51 2.33 3.62
N ASP A 191 9.46 2.55 4.40
CA ASP A 191 8.94 3.89 4.65
C ASP A 191 10.02 4.69 5.34
N ILE A 192 10.36 5.83 4.73
CA ILE A 192 11.49 6.62 5.21
C ILE A 192 11.15 7.21 6.56
N ASN A 193 9.90 7.58 6.75
CA ASN A 193 9.50 8.30 7.94
C ASN A 193 9.41 7.42 9.18
N ALA A 194 9.78 6.14 9.07
CA ALA A 194 9.78 5.27 10.24
C ALA A 194 10.67 5.79 11.33
N HIS A 195 11.74 6.49 10.97
CA HIS A 195 12.63 7.06 11.98
C HIS A 195 11.94 8.12 12.82
N ALA A 196 10.70 8.45 12.46
CA ALA A 196 9.89 9.38 13.23
C ALA A 196 8.78 8.68 13.99
N CYS A 197 8.74 7.35 13.94
CA CYS A 197 7.68 6.61 14.62
C CYS A 197 7.50 7.09 16.04
N VAL A 198 8.59 7.46 16.69
CA VAL A 198 8.59 7.84 18.09
C VAL A 198 9.46 9.06 18.29
N THR A 199 9.59 9.41 19.56
CA THR A 199 10.34 10.57 20.01
C THR A 199 10.94 10.25 21.36
N GLY A 200 11.94 11.03 21.75
CA GLY A 200 12.68 10.75 22.96
C GLY A 200 13.76 9.73 22.73
N LYS A 201 13.96 9.36 21.47
CA LYS A 201 15.00 8.42 21.11
C LYS A 201 16.33 8.87 21.68
N PRO A 202 17.29 7.96 21.78
CA PRO A 202 18.66 8.36 22.06
C PRO A 202 19.16 9.26 20.96
N ILE A 203 20.37 9.78 21.16
CA ILE A 203 20.90 10.76 20.24
C ILE A 203 21.43 10.09 18.98
N SER A 204 21.86 8.84 19.09
CA SER A 204 22.55 8.20 17.99
C SER A 204 21.63 7.86 16.84
N GLN A 205 20.32 7.88 17.07
CA GLN A 205 19.35 7.46 16.06
C GLN A 205 18.58 8.64 15.48
N GLY A 206 18.76 9.83 16.02
CA GLY A 206 17.94 10.96 15.68
C GLY A 206 17.36 11.68 16.87
N GLY A 207 17.84 11.42 18.07
CA GLY A 207 17.36 12.11 19.24
C GLY A 207 17.83 13.54 19.24
N ILE A 208 17.96 14.12 20.44
CA ILE A 208 18.25 15.54 20.59
C ILE A 208 19.27 15.75 21.69
N HIS A 209 20.13 16.74 21.48
CA HIS A 209 21.01 17.23 22.53
C HIS A 209 20.22 18.27 23.33
N GLY A 210 19.57 17.80 24.39
CA GLY A 210 18.90 18.72 25.28
C GLY A 210 17.61 18.22 25.90
N ARG A 211 17.12 17.07 25.44
CA ARG A 211 15.81 16.62 25.89
C ARG A 211 15.72 16.57 27.39
N ILE A 212 16.71 15.96 28.04
CA ILE A 212 16.57 15.65 29.46
C ILE A 212 16.23 16.90 30.25
N SER A 213 16.92 18.00 29.98
CA SER A 213 16.72 19.23 30.71
C SER A 213 15.60 20.08 30.14
N ALA A 214 15.06 19.70 28.99
CA ALA A 214 14.08 20.51 28.29
C ALA A 214 13.01 21.02 29.23
N THR A 215 12.24 20.08 29.79
CA THR A 215 11.12 20.44 30.66
C THR A 215 11.53 21.50 31.65
N GLY A 216 12.58 21.22 32.41
CA GLY A 216 13.05 22.19 33.39
C GLY A 216 13.21 23.56 32.77
N ARG A 217 13.74 23.62 31.56
CA ARG A 217 13.85 24.89 30.89
C ARG A 217 12.48 25.45 30.58
N GLY A 218 11.61 24.61 30.03
CA GLY A 218 10.29 25.08 29.64
C GLY A 218 9.60 25.77 30.80
N VAL A 219 9.84 25.27 32.01
CA VAL A 219 9.39 25.97 33.20
C VAL A 219 9.99 27.36 33.23
N PHE A 220 11.30 27.44 33.04
CA PHE A 220 12.01 28.68 33.30
C PHE A 220 11.52 29.80 32.38
N HIS A 221 11.74 29.64 31.08
CA HIS A 221 11.30 30.68 30.15
C HIS A 221 9.83 30.99 30.33
N GLY A 222 9.06 30.02 30.82
CA GLY A 222 7.66 30.29 31.09
C GLY A 222 7.47 31.28 32.21
N ILE A 223 8.21 31.09 33.29
CA ILE A 223 8.16 32.04 34.39
C ILE A 223 8.67 33.39 33.93
N GLU A 224 9.73 33.38 33.13
CA GLU A 224 10.38 34.62 32.73
C GLU A 224 9.42 35.53 32.00
N ASN A 225 8.63 34.97 31.10
CA ASN A 225 7.70 35.77 30.31
C ASN A 225 6.70 36.51 31.18
N PHE A 226 6.60 36.17 32.47
CA PHE A 226 5.73 36.87 33.39
C PHE A 226 6.47 37.70 34.42
N ILE A 227 7.46 37.13 35.10
CA ILE A 227 8.18 37.88 36.11
C ILE A 227 8.68 39.19 35.54
N ASN A 228 9.17 39.16 34.30
CA ASN A 228 9.62 40.37 33.63
C ASN A 228 8.46 41.22 33.14
N GLU A 229 7.23 40.80 33.40
CA GLU A 229 6.05 41.54 32.99
C GLU A 229 5.58 42.33 34.20
N ALA A 230 5.76 43.66 34.14
CA ALA A 230 5.38 44.50 35.26
C ALA A 230 3.88 44.46 35.50
N SER A 231 3.09 44.37 34.43
CA SER A 231 1.64 44.42 34.55
C SER A 231 1.13 43.51 35.66
N TYR A 232 1.85 42.42 35.94
CA TYR A 232 1.50 41.52 37.02
C TYR A 232 2.38 41.70 38.24
N MET A 233 3.64 42.09 38.06
CA MET A 233 4.46 42.51 39.19
C MET A 233 3.72 43.52 40.04
N SER A 234 3.22 44.58 39.40
CA SER A 234 2.44 45.58 40.11
C SER A 234 1.35 44.95 40.95
N ILE A 235 0.60 44.01 40.38
CA ILE A 235 -0.50 43.39 41.12
C ILE A 235 0.02 42.73 42.38
N LEU A 236 1.09 41.95 42.25
CA LEU A 236 1.64 41.23 43.39
C LEU A 236 2.61 42.07 44.21
N GLY A 237 2.70 43.37 43.94
CA GLY A 237 3.62 44.20 44.66
C GLY A 237 5.06 43.76 44.54
N MET A 238 5.39 42.97 43.54
CA MET A 238 6.73 42.45 43.36
C MET A 238 7.53 43.32 42.41
N THR A 239 8.73 42.84 42.08
CA THR A 239 9.64 43.53 41.19
C THR A 239 9.94 42.65 39.98
N PRO A 240 10.13 43.24 38.81
CA PRO A 240 10.59 42.46 37.67
C PRO A 240 11.99 41.91 37.90
N GLY A 241 12.35 40.91 37.11
CA GLY A 241 13.68 40.32 37.18
C GLY A 241 13.75 39.17 38.15
N PHE A 242 14.92 38.54 38.16
CA PHE A 242 15.21 37.47 39.10
C PHE A 242 16.30 37.81 40.09
N GLY A 243 16.93 38.98 39.95
CA GLY A 243 18.13 39.28 40.70
C GLY A 243 17.94 39.45 42.19
N ASP A 244 16.69 39.45 42.64
CA ASP A 244 16.43 39.76 44.05
C ASP A 244 15.35 38.89 44.68
N LYS A 245 15.17 37.65 44.26
CA LYS A 245 13.96 36.92 44.62
C LYS A 245 14.28 35.60 45.29
N THR A 246 13.33 35.16 46.10
CA THR A 246 13.43 33.93 46.88
C THR A 246 12.79 32.80 46.09
N PHE A 247 13.58 31.77 45.78
CA PHE A 247 13.12 30.65 44.99
C PHE A 247 13.28 29.36 45.79
N VAL A 248 12.38 28.44 45.55
CA VAL A 248 12.34 27.16 46.26
C VAL A 248 11.85 26.11 45.29
N VAL A 249 11.78 24.87 45.76
CA VAL A 249 11.43 23.74 44.92
C VAL A 249 10.91 22.61 45.79
N GLN A 250 10.05 21.78 45.21
CA GLN A 250 9.59 20.53 45.80
C GLN A 250 9.45 19.54 44.66
N GLY A 251 10.05 18.38 44.80
CA GLY A 251 10.08 17.41 43.73
C GLY A 251 11.43 17.35 43.06
N PHE A 252 12.47 17.48 43.87
CA PHE A 252 13.85 17.44 43.40
C PHE A 252 14.13 16.16 42.61
N GLY A 253 15.12 16.20 41.74
CA GLY A 253 15.35 15.10 40.83
C GLY A 253 15.45 15.61 39.41
N ASN A 254 14.49 15.19 38.61
CA ASN A 254 14.22 15.82 37.32
C ASN A 254 13.50 17.13 37.58
N VAL A 255 12.58 17.49 36.69
CA VAL A 255 12.19 18.85 36.34
C VAL A 255 12.43 19.83 37.47
N GLY A 256 12.28 19.40 38.70
CA GLY A 256 12.67 20.23 39.81
C GLY A 256 14.07 20.77 39.65
N LEU A 257 14.98 19.92 39.14
CA LEU A 257 16.39 20.28 39.12
C LEU A 257 16.74 21.16 37.93
N HIS A 258 16.65 20.59 36.73
CA HIS A 258 17.15 21.27 35.54
C HIS A 258 16.61 22.68 35.45
N SER A 259 15.47 22.93 36.08
CA SER A 259 14.98 24.29 36.22
C SER A 259 15.77 25.04 37.27
N MET A 260 15.88 24.46 38.46
CA MET A 260 16.64 25.09 39.53
C MET A 260 17.98 25.59 39.01
N ARG A 261 18.64 24.79 38.19
CA ARG A 261 19.95 25.17 37.69
C ARG A 261 19.84 26.35 36.75
N TYR A 262 19.14 26.17 35.63
CA TYR A 262 18.87 27.28 34.72
C TYR A 262 18.36 28.48 35.50
N LEU A 263 17.52 28.22 36.50
CA LEU A 263 17.00 29.30 37.33
C LEU A 263 18.15 30.03 38.01
N HIS A 264 19.06 29.28 38.62
CA HIS A 264 20.21 29.88 39.30
C HIS A 264 21.01 30.77 38.37
N ARG A 265 20.92 30.53 37.06
CA ARG A 265 21.86 31.15 36.14
C ARG A 265 21.62 32.65 36.00
N PHE A 266 20.37 33.10 35.98
CA PHE A 266 20.04 34.47 35.62
C PHE A 266 19.76 35.34 36.83
N GLY A 267 20.49 35.14 37.93
CA GLY A 267 20.36 35.99 39.09
C GLY A 267 19.41 35.47 40.14
N ALA A 268 18.99 34.22 40.03
CA ALA A 268 18.12 33.63 41.02
C ALA A 268 18.89 33.31 42.29
N LYS A 269 18.15 33.13 43.38
CA LYS A 269 18.71 32.64 44.63
C LYS A 269 17.73 31.63 45.22
N CYS A 270 17.92 30.37 44.88
CA CYS A 270 17.08 29.32 45.43
C CYS A 270 17.52 28.96 46.83
N ILE A 271 16.55 28.62 47.67
CA ILE A 271 16.76 28.55 49.11
C ILE A 271 16.56 27.14 49.63
N THR A 272 15.57 26.41 49.12
CA THR A 272 15.20 25.14 49.71
C THR A 272 15.09 24.06 48.65
N VAL A 273 14.77 22.86 49.14
CA VAL A 273 14.54 21.70 48.31
C VAL A 273 13.60 20.78 49.05
N GLY A 274 12.57 20.30 48.36
CA GLY A 274 11.69 19.28 48.88
C GLY A 274 12.01 17.96 48.23
N GLU A 275 12.00 16.90 49.04
CA GLU A 275 12.27 15.56 48.56
C GLU A 275 11.31 14.60 49.23
N SER A 276 11.04 13.50 48.54
CA SER A 276 10.13 12.50 49.05
C SER A 276 10.46 12.12 50.49
N ASP A 277 11.72 12.29 50.90
CA ASP A 277 12.18 11.86 52.21
C ASP A 277 12.33 13.00 53.20
N GLY A 278 12.21 14.25 52.76
CA GLY A 278 12.43 15.36 53.67
C GLY A 278 12.74 16.63 52.90
N SER A 279 13.49 17.51 53.57
CA SER A 279 13.67 18.86 53.08
C SER A 279 14.96 19.46 53.65
N ILE A 280 15.33 20.61 53.11
CA ILE A 280 16.44 21.40 53.62
C ILE A 280 16.11 22.88 53.45
N TRP A 281 17.03 23.72 53.91
CA TRP A 281 16.79 25.16 53.98
C TRP A 281 18.09 25.89 54.22
N ASN A 282 18.36 26.91 53.40
CA ASN A 282 19.53 27.76 53.58
C ASN A 282 19.20 29.13 53.01
N PRO A 283 18.83 30.08 53.85
CA PRO A 283 18.53 31.43 53.35
C PRO A 283 19.70 32.08 52.63
N ASP A 284 20.88 31.46 52.69
CA ASP A 284 22.03 31.99 52.00
C ASP A 284 22.08 31.59 50.54
N GLY A 285 21.18 30.72 50.10
CA GLY A 285 21.19 30.26 48.72
C GLY A 285 22.04 29.01 48.58
N ILE A 286 21.56 28.08 47.75
CA ILE A 286 22.16 26.77 47.60
C ILE A 286 22.60 26.59 46.16
N ASP A 287 23.78 26.00 45.97
CA ASP A 287 24.27 25.66 44.66
C ASP A 287 23.60 24.36 44.19
N PRO A 288 22.84 24.40 43.12
CA PRO A 288 22.29 23.16 42.58
C PRO A 288 23.37 22.13 42.32
N LYS A 289 24.50 22.62 41.82
CA LYS A 289 25.63 21.75 41.52
C LYS A 289 25.98 20.87 42.71
N GLU A 290 26.29 21.48 43.85
CA GLU A 290 26.60 20.72 45.05
C GLU A 290 25.51 19.70 45.33
N LEU A 291 24.26 20.03 45.01
CA LEU A 291 23.17 19.09 45.24
C LEU A 291 23.22 17.96 44.23
N GLU A 292 23.46 18.29 42.96
CA GLU A 292 23.63 17.27 41.94
C GLU A 292 24.58 16.18 42.43
N ASP A 293 25.60 16.58 43.17
CA ASP A 293 26.60 15.64 43.65
C ASP A 293 25.97 14.62 44.60
N PHE A 294 25.33 15.11 45.66
CA PHE A 294 24.82 14.22 46.69
C PHE A 294 23.71 13.34 46.14
N LYS A 295 22.87 13.88 45.27
CA LYS A 295 21.86 13.06 44.64
C LYS A 295 22.46 11.80 44.06
N LEU A 296 23.74 11.87 43.68
CA LEU A 296 24.46 10.71 43.17
C LEU A 296 25.40 10.12 44.20
N GLN A 297 25.99 10.94 45.05
CA GLN A 297 26.88 10.46 46.10
C GLN A 297 26.14 10.03 47.35
N HIS A 298 24.86 10.35 47.46
CA HIS A 298 24.06 9.96 48.60
C HIS A 298 22.68 9.42 48.25
N GLY A 299 22.20 9.61 47.01
CA GLY A 299 20.84 9.27 46.69
C GLY A 299 19.79 10.05 47.45
N THR A 300 20.18 11.16 48.09
CA THR A 300 19.26 11.96 48.87
C THR A 300 19.83 13.34 49.06
N ILE A 301 18.95 14.27 49.44
CA ILE A 301 19.39 15.61 49.81
C ILE A 301 19.87 15.69 51.26
N LEU A 302 19.26 14.93 52.15
CA LEU A 302 19.52 15.07 53.57
C LEU A 302 20.98 14.74 53.87
N GLY A 303 21.56 15.50 54.80
CA GLY A 303 22.98 15.46 55.03
C GLY A 303 23.75 16.50 54.27
N PHE A 304 23.07 17.42 53.60
CA PHE A 304 23.75 18.47 52.88
C PHE A 304 24.40 19.43 53.86
N PRO A 305 25.72 19.62 53.82
CA PRO A 305 26.37 20.48 54.83
C PRO A 305 25.81 21.88 54.93
N LYS A 306 25.55 22.54 53.80
CA LYS A 306 25.25 23.96 53.80
C LYS A 306 23.74 24.23 53.81
N ALA A 307 22.98 23.33 54.43
CA ALA A 307 21.56 23.56 54.62
C ALA A 307 21.08 22.72 55.79
N LYS A 308 20.21 23.31 56.59
CA LYS A 308 19.59 22.62 57.69
C LYS A 308 18.47 21.73 57.19
N ILE A 309 18.25 20.61 57.87
CA ILE A 309 17.13 19.75 57.54
C ILE A 309 15.89 20.48 57.98
N TYR A 310 15.19 21.09 57.02
CA TYR A 310 14.07 21.94 57.33
C TYR A 310 12.86 21.11 57.72
N GLU A 311 12.29 21.43 58.88
CA GLU A 311 11.08 20.77 59.33
C GLU A 311 9.88 21.46 58.70
N GLY A 312 8.94 20.65 58.22
CA GLY A 312 7.75 21.16 57.56
C GLY A 312 7.81 20.96 56.06
N SER A 313 6.67 21.24 55.44
CA SER A 313 6.58 21.13 53.99
C SER A 313 7.17 22.37 53.32
N ILE A 314 7.73 22.16 52.14
CA ILE A 314 8.29 23.27 51.37
C ILE A 314 7.27 24.38 51.22
N LEU A 315 6.00 24.00 51.09
CA LEU A 315 4.97 24.96 50.74
C LEU A 315 4.88 26.10 51.74
N GLU A 316 5.19 25.82 52.99
CA GLU A 316 5.04 26.80 54.07
C GLU A 316 6.26 27.67 54.23
N VAL A 317 7.18 27.63 53.27
CA VAL A 317 8.38 28.45 53.33
C VAL A 317 8.05 29.85 52.86
N ASP A 318 8.64 30.84 53.53
CA ASP A 318 8.47 32.23 53.13
C ASP A 318 9.38 32.49 51.93
N CYS A 319 8.76 32.72 50.77
CA CYS A 319 9.50 32.84 49.53
C CYS A 319 8.72 33.71 48.57
N ASP A 320 9.23 33.81 47.35
CA ASP A 320 8.58 34.53 46.27
C ASP A 320 7.98 33.57 45.24
N ILE A 321 8.71 32.52 44.89
CA ILE A 321 8.26 31.50 43.95
C ILE A 321 8.18 30.20 44.72
N LEU A 322 7.31 29.30 44.25
CA LEU A 322 7.22 27.95 44.78
C LEU A 322 6.94 26.99 43.64
N ILE A 323 7.67 25.88 43.60
CA ILE A 323 7.61 24.99 42.46
C ILE A 323 7.26 23.57 42.90
N PRO A 324 6.00 23.22 42.89
CA PRO A 324 5.63 21.83 43.16
C PRO A 324 5.88 20.96 41.95
N ALA A 325 7.13 20.56 41.76
CA ALA A 325 7.53 19.91 40.52
C ALA A 325 7.08 18.45 40.44
N ALA A 326 6.93 17.78 41.59
CA ALA A 326 6.66 16.35 41.58
C ALA A 326 5.34 15.97 42.26
N SER A 327 5.13 16.40 43.49
CA SER A 327 3.98 15.94 44.25
C SER A 327 2.69 16.31 43.54
N GLU A 328 1.73 15.39 43.59
CA GLU A 328 0.41 15.61 43.01
C GLU A 328 -0.59 15.93 44.11
N LYS A 329 -1.47 16.87 43.83
CA LYS A 329 -2.50 17.28 44.80
C LYS A 329 -1.87 17.70 46.11
N GLN A 330 -0.73 18.37 46.03
CA GLN A 330 0.00 18.75 47.22
C GLN A 330 -0.62 19.95 47.90
N LEU A 331 -1.41 20.73 47.17
CA LEU A 331 -1.94 21.99 47.67
C LEU A 331 -3.42 21.83 47.94
N THR A 332 -3.82 21.95 49.20
CA THR A 332 -5.19 21.81 49.60
C THR A 332 -5.66 23.04 50.36
N LYS A 333 -6.97 23.07 50.61
CA LYS A 333 -7.55 24.17 51.37
C LYS A 333 -6.87 24.32 52.72
N SER A 334 -6.31 23.23 53.25
CA SER A 334 -5.58 23.29 54.51
C SER A 334 -4.25 24.01 54.35
N ASN A 335 -3.63 23.91 53.19
CA ASN A 335 -2.34 24.54 52.94
C ASN A 335 -2.45 25.84 52.16
N ALA A 336 -3.40 25.93 51.25
CA ALA A 336 -3.59 27.10 50.41
C ALA A 336 -3.44 28.39 51.22
N PRO A 337 -4.04 28.49 52.40
CA PRO A 337 -3.84 29.70 53.19
C PRO A 337 -2.49 29.70 53.88
N ARG A 338 -1.97 28.50 54.15
CA ARG A 338 -0.69 28.36 54.82
C ARG A 338 0.48 28.68 53.93
N VAL A 339 0.32 28.53 52.61
CA VAL A 339 1.41 28.82 51.69
C VAL A 339 1.91 30.24 51.91
N LYS A 340 3.20 30.44 51.70
CA LYS A 340 3.83 31.75 51.78
C LYS A 340 4.53 31.98 50.46
N ALA A 341 3.85 32.69 49.56
CA ALA A 341 4.38 32.86 48.22
C ALA A 341 3.51 33.84 47.47
N LYS A 342 4.11 34.47 46.47
CA LYS A 342 3.40 35.31 45.51
C LYS A 342 2.96 34.55 44.28
N ILE A 343 3.75 33.56 43.87
CA ILE A 343 3.55 32.84 42.62
C ILE A 343 3.69 31.36 42.88
N ILE A 344 3.04 30.56 42.06
CA ILE A 344 3.24 29.12 42.02
C ILE A 344 3.55 28.73 40.59
N ALA A 345 4.23 27.59 40.42
CA ALA A 345 4.65 27.17 39.09
C ALA A 345 3.80 26.02 38.58
N GLU A 346 3.72 24.95 39.36
CA GLU A 346 3.03 23.74 38.94
C GLU A 346 3.68 23.10 37.72
N GLY A 347 4.93 22.67 37.87
CA GLY A 347 5.58 21.87 36.86
C GLY A 347 4.85 20.56 36.63
N ALA A 348 4.57 19.86 37.72
CA ALA A 348 3.84 18.61 37.63
C ALA A 348 2.42 18.87 37.14
N ASN A 349 1.69 17.78 36.96
CA ASN A 349 0.30 17.85 36.54
C ASN A 349 -0.58 17.70 37.78
N GLY A 350 -1.52 18.63 37.95
CA GLY A 350 -2.42 18.61 39.06
C GLY A 350 -1.76 18.50 40.41
N PRO A 351 -0.71 19.30 40.63
CA PRO A 351 -0.19 19.43 42.01
C PRO A 351 -1.11 20.21 42.90
N THR A 352 -2.05 20.94 42.31
CA THR A 352 -2.89 21.88 43.03
C THR A 352 -4.35 21.50 42.87
N THR A 353 -5.14 21.80 43.89
CA THR A 353 -6.55 21.47 43.89
C THR A 353 -7.39 22.64 43.39
N PRO A 354 -8.54 22.36 42.81
CA PRO A 354 -9.43 23.44 42.40
C PRO A 354 -9.77 24.40 43.54
N GLU A 355 -10.12 23.83 44.69
CA GLU A 355 -10.47 24.66 45.84
C GLU A 355 -9.35 25.64 46.16
N ALA A 356 -8.11 25.17 46.11
CA ALA A 356 -6.99 26.04 46.44
C ALA A 356 -6.94 27.24 45.52
N ASP A 357 -7.02 26.99 44.21
CA ASP A 357 -6.99 28.07 43.23
C ASP A 357 -7.85 29.23 43.66
N LYS A 358 -9.11 28.94 44.04
CA LYS A 358 -9.97 29.98 44.57
C LYS A 358 -9.30 30.71 45.72
N ILE A 359 -8.81 29.95 46.69
CA ILE A 359 -8.19 30.55 47.87
C ILE A 359 -7.08 31.50 47.46
N PHE A 360 -6.23 31.06 46.54
CA PHE A 360 -5.16 31.92 46.07
C PHE A 360 -5.71 33.21 45.47
N LEU A 361 -6.62 33.08 44.50
CA LEU A 361 -7.27 34.26 43.94
C LEU A 361 -7.80 35.16 45.04
N GLU A 362 -8.21 34.56 46.16
CA GLU A 362 -8.66 35.35 47.30
C GLU A 362 -7.48 35.92 48.06
N ARG A 363 -6.35 35.19 48.06
CA ARG A 363 -5.12 35.71 48.63
C ARG A 363 -4.31 36.52 47.63
N ASN A 364 -4.87 36.81 46.45
CA ASN A 364 -4.19 37.61 45.46
C ASN A 364 -2.93 36.91 44.98
N ILE A 365 -2.85 35.60 45.16
CA ILE A 365 -1.69 34.82 44.78
C ILE A 365 -1.84 34.42 43.33
N MET A 366 -0.88 34.83 42.52
CA MET A 366 -0.78 34.40 41.14
C MET A 366 -0.33 32.95 41.10
N VAL A 367 -0.60 32.27 40.01
CA VAL A 367 -0.11 30.92 39.78
C VAL A 367 0.15 30.75 38.31
N ILE A 368 0.61 29.56 37.95
CA ILE A 368 0.87 29.20 36.56
C ILE A 368 0.21 27.87 36.28
N PRO A 369 -0.37 27.67 35.11
CA PRO A 369 -1.02 26.39 34.82
C PRO A 369 -0.02 25.33 34.44
N ASP A 370 -0.26 24.12 34.92
CA ASP A 370 0.55 22.98 34.53
C ASP A 370 0.70 22.86 33.03
N LEU A 371 -0.35 23.19 32.28
CA LEU A 371 -0.26 23.13 30.82
C LEU A 371 0.99 23.80 30.31
N TYR A 372 1.05 25.10 30.50
CA TYR A 372 2.07 25.95 29.90
C TYR A 372 3.47 25.46 30.22
N LEU A 373 3.77 25.27 31.49
CA LEU A 373 5.15 25.02 31.88
C LEU A 373 5.65 23.70 31.36
N ASN A 374 5.05 22.59 31.79
CA ASN A 374 5.56 21.28 31.42
C ASN A 374 5.31 20.97 29.95
N ALA A 375 4.83 21.95 29.20
CA ALA A 375 4.69 21.80 27.76
C ALA A 375 6.02 21.56 27.08
N GLY A 376 7.07 22.26 27.50
CA GLY A 376 8.34 22.16 26.79
C GLY A 376 8.78 20.74 26.59
N GLY A 377 8.41 19.85 27.50
CA GLY A 377 8.71 18.44 27.30
C GLY A 377 7.98 17.88 26.11
N VAL A 378 6.94 18.58 25.68
CA VAL A 378 6.25 18.25 24.44
C VAL A 378 6.90 18.98 23.29
N THR A 379 7.05 20.28 23.42
CA THR A 379 7.59 21.09 22.35
C THR A 379 8.83 20.45 21.78
N VAL A 380 9.85 20.29 22.61
CA VAL A 380 11.09 19.70 22.15
C VAL A 380 10.83 18.47 21.31
N SER A 381 10.00 17.57 21.81
CA SER A 381 9.69 16.37 21.05
C SER A 381 9.31 16.72 19.63
N TYR A 382 8.31 17.60 19.49
CA TYR A 382 7.93 18.05 18.17
C TYR A 382 9.14 18.31 17.30
N PHE A 383 10.08 19.09 17.82
CA PHE A 383 11.31 19.33 17.09
C PHE A 383 11.99 18.01 16.75
N GLU A 384 12.16 17.15 17.75
CA GLU A 384 12.79 15.86 17.53
C GLU A 384 12.01 15.05 16.51
N TRP A 385 10.72 15.29 16.42
CA TRP A 385 9.89 14.57 15.46
C TRP A 385 10.16 15.08 14.06
N LEU A 386 10.81 16.24 13.95
CA LEU A 386 11.13 16.76 12.63
C LEU A 386 12.53 16.34 12.22
N ASN A 387 13.49 16.45 13.14
CA ASN A 387 14.82 15.93 12.88
C ASN A 387 14.75 14.59 12.18
N ASN A 388 13.78 13.77 12.57
CA ASN A 388 13.67 12.44 11.98
C ASN A 388 12.89 12.50 10.66
N LEU A 389 12.35 13.66 10.32
CA LEU A 389 11.67 13.80 9.03
C LEU A 389 12.51 14.54 8.02
N ASN A 390 13.07 15.68 8.40
CA ASN A 390 14.01 16.36 7.53
C ASN A 390 15.33 15.63 7.44
N HIS A 391 15.48 14.55 8.21
CA HIS A 391 16.62 13.67 8.13
C HIS A 391 17.94 14.41 8.23
N VAL A 392 18.00 15.45 9.04
CA VAL A 392 19.23 16.17 9.30
C VAL A 392 19.22 16.70 10.72
N SER A 393 20.41 16.93 11.23
CA SER A 393 20.58 17.78 12.39
C SER A 393 20.40 19.23 11.96
N TYR A 394 19.65 19.97 12.76
CA TYR A 394 19.25 21.31 12.36
C TYR A 394 20.45 22.16 12.02
N GLY A 395 20.32 22.95 10.97
CA GLY A 395 21.27 24.01 10.70
C GLY A 395 22.50 23.61 9.95
N ARG A 396 22.91 22.33 10.01
CA ARG A 396 24.21 21.94 9.49
C ARG A 396 24.45 22.43 8.07
N LEU A 397 23.39 22.80 7.37
CA LEU A 397 23.54 23.41 6.06
C LEU A 397 23.83 24.90 6.15
N THR A 398 23.75 25.50 7.34
CA THR A 398 23.70 26.94 7.47
C THR A 398 24.67 27.52 8.47
N PHE A 399 25.03 26.80 9.53
CA PHE A 399 25.87 27.37 10.57
C PHE A 399 27.01 28.17 9.98
N LYS A 400 27.82 27.52 9.16
CA LYS A 400 29.03 28.17 8.66
C LYS A 400 28.69 29.28 7.69
N TYR A 401 27.60 29.11 6.93
CA TYR A 401 27.17 30.17 6.03
C TYR A 401 26.83 31.41 6.82
N GLU A 402 25.88 31.29 7.73
CA GLU A 402 25.63 32.36 8.68
C GLU A 402 26.93 32.87 9.27
N ARG A 403 27.77 31.96 9.76
CA ARG A 403 29.05 32.34 10.31
C ARG A 403 29.78 33.28 9.38
N ASP A 404 30.04 32.82 8.16
CA ASP A 404 30.70 33.66 7.16
C ASP A 404 30.08 35.05 7.14
N SER A 405 28.79 35.11 6.81
CA SER A 405 28.12 36.40 6.78
C SER A 405 28.26 37.12 8.10
N ASN A 406 28.17 36.38 9.20
CA ASN A 406 28.24 37.01 10.51
C ASN A 406 29.57 37.72 10.75
N TYR A 407 30.57 37.53 9.90
CA TYR A 407 31.79 38.29 10.03
C TYR A 407 32.32 38.87 8.72
N HIS A 408 31.69 38.58 7.59
CA HIS A 408 31.89 39.48 6.45
C HIS A 408 31.34 40.85 6.76
N LEU A 409 30.21 40.91 7.47
CA LEU A 409 29.63 42.18 7.84
C LEU A 409 30.63 43.03 8.61
N LEU A 410 31.05 42.53 9.78
CA LEU A 410 31.99 43.27 10.60
C LEU A 410 33.12 43.83 9.76
N MET A 411 33.73 43.00 8.92
CA MET A 411 34.72 43.51 7.98
C MET A 411 34.19 44.71 7.22
N SER A 412 32.98 44.59 6.69
CA SER A 412 32.37 45.71 6.00
C SER A 412 32.34 46.94 6.88
N VAL A 413 31.89 46.78 8.10
CA VAL A 413 31.93 47.87 9.06
C VAL A 413 33.33 48.43 9.15
N GLN A 414 34.29 47.56 9.46
CA GLN A 414 35.68 47.97 9.57
C GLN A 414 36.08 48.82 8.38
N GLU A 415 35.96 48.26 7.18
CA GLU A 415 36.32 48.99 5.98
C GLU A 415 35.54 50.29 5.89
N SER A 416 34.24 50.21 6.14
CA SER A 416 33.40 51.41 6.04
C SER A 416 33.94 52.52 6.93
N LEU A 417 34.29 52.18 8.17
CA LEU A 417 34.82 53.19 9.08
C LEU A 417 36.21 53.63 8.65
N GLU A 418 37.12 52.66 8.49
CA GLU A 418 38.47 53.00 8.04
C GLU A 418 38.41 53.87 6.79
N ARG A 419 37.36 53.71 6.00
CA ARG A 419 37.20 54.52 4.81
C ARG A 419 36.90 55.97 5.16
N LYS A 420 35.96 56.19 6.08
CA LYS A 420 35.54 57.56 6.35
C LYS A 420 36.51 58.27 7.27
N PHE A 421 36.63 57.81 8.52
CA PHE A 421 37.55 58.46 9.42
C PHE A 421 38.68 57.54 9.86
N GLY A 422 39.00 56.54 9.04
CA GLY A 422 40.33 55.98 9.05
C GLY A 422 41.30 56.77 8.20
N LYS A 423 41.08 58.09 8.10
CA LYS A 423 41.82 58.96 7.21
C LYS A 423 43.31 58.68 7.26
N HIS A 424 43.91 58.83 8.44
CA HIS A 424 45.32 58.56 8.60
C HIS A 424 45.66 57.10 8.34
N GLY A 425 44.66 56.23 8.28
CA GLY A 425 44.87 54.81 8.14
C GLY A 425 44.60 54.01 9.40
N GLY A 426 44.09 54.64 10.45
CA GLY A 426 43.84 53.92 11.69
C GLY A 426 42.93 52.74 11.46
N THR A 427 43.38 51.57 11.91
CA THR A 427 42.67 50.32 11.70
C THR A 427 41.76 50.03 12.88
N ILE A 428 40.58 49.52 12.57
CA ILE A 428 39.60 49.19 13.58
C ILE A 428 39.44 47.67 13.62
N PRO A 429 40.19 46.99 14.44
CA PRO A 429 40.12 45.53 14.44
C PRO A 429 38.83 45.03 15.06
N ILE A 430 37.74 45.22 14.34
CA ILE A 430 36.45 44.71 14.78
C ILE A 430 36.56 43.21 14.96
N VAL A 431 36.11 42.73 16.11
CA VAL A 431 36.15 41.29 16.39
C VAL A 431 34.89 40.89 17.11
N PRO A 432 34.59 39.60 17.10
CA PRO A 432 33.47 39.09 17.90
C PRO A 432 33.70 39.33 19.37
N THR A 433 32.69 38.94 20.15
CA THR A 433 32.82 38.89 21.59
C THR A 433 33.03 37.46 22.05
N ALA A 434 33.69 37.31 23.19
CA ALA A 434 33.89 35.99 23.77
C ALA A 434 32.60 35.19 23.70
N GLU A 435 31.53 35.73 24.26
CA GLU A 435 30.24 35.08 24.14
C GLU A 435 29.93 34.77 22.69
N PHE A 436 29.85 35.79 21.86
CA PHE A 436 29.45 35.59 20.48
C PHE A 436 30.36 34.58 19.80
N GLN A 437 31.64 34.61 20.13
CA GLN A 437 32.55 33.60 19.60
C GLN A 437 32.24 32.24 20.17
N ASP A 438 31.75 32.21 21.42
CA ASP A 438 31.38 30.94 22.03
C ASP A 438 30.19 30.32 21.31
N ARG A 439 29.16 31.12 21.05
CA ARG A 439 28.07 30.66 20.20
C ARG A 439 28.60 30.00 18.95
N ILE A 440 29.47 30.72 18.22
CA ILE A 440 29.94 30.24 16.94
C ILE A 440 30.54 28.86 17.08
N SER A 441 31.65 28.76 17.82
CA SER A 441 32.32 27.48 17.96
C SER A 441 31.43 26.46 18.65
N GLY A 442 30.46 26.91 19.44
CA GLY A 442 29.50 26.04 20.06
C GLY A 442 28.28 25.79 19.22
N ALA A 443 28.34 26.14 17.94
CA ALA A 443 27.23 25.92 17.03
C ALA A 443 26.77 24.47 17.10
N SER A 444 25.49 24.29 17.35
CA SER A 444 24.92 22.96 17.51
C SER A 444 23.44 23.09 17.77
N GLU A 445 22.73 21.98 17.54
CA GLU A 445 21.30 21.96 17.83
C GLU A 445 20.99 22.54 19.20
N LYS A 446 21.85 22.27 20.19
CA LYS A 446 21.61 22.75 21.54
C LYS A 446 21.15 24.20 21.54
N ASP A 447 21.68 24.99 20.62
CA ASP A 447 21.35 26.41 20.59
C ASP A 447 20.04 26.65 19.85
N ILE A 448 19.85 25.95 18.75
CA ILE A 448 18.59 26.07 18.02
C ILE A 448 17.43 25.76 18.92
N VAL A 449 17.39 24.54 19.43
CA VAL A 449 16.28 24.10 20.25
C VAL A 449 16.05 25.08 21.40
N HIS A 450 17.10 25.42 22.13
CA HIS A 450 16.97 26.41 23.19
C HIS A 450 16.22 27.63 22.68
N SER A 451 16.35 27.92 21.38
CA SER A 451 15.67 29.08 20.82
C SER A 451 14.23 28.74 20.46
N GLY A 452 14.05 27.80 19.54
CA GLY A 452 12.71 27.45 19.10
C GLY A 452 11.83 27.00 20.25
N LEU A 453 12.43 26.75 21.41
CA LEU A 453 11.66 26.48 22.61
C LEU A 453 11.20 27.77 23.24
N ALA A 454 12.14 28.63 23.60
CA ALA A 454 11.82 29.86 24.29
C ALA A 454 10.79 30.65 23.51
N TYR A 455 11.13 30.98 22.26
CA TYR A 455 10.20 31.72 21.41
C TYR A 455 8.80 31.17 21.55
N THR A 456 8.65 29.86 21.44
CA THR A 456 7.36 29.25 21.63
C THR A 456 6.74 29.67 22.94
N MET A 457 7.40 29.35 24.05
CA MET A 457 6.87 29.68 25.36
C MET A 457 6.65 31.18 25.49
N GLU A 458 7.44 31.96 24.78
CA GLU A 458 7.23 33.40 24.79
C GLU A 458 5.91 33.76 24.14
N ARG A 459 5.78 33.45 22.86
CA ARG A 459 4.58 33.81 22.12
C ARG A 459 3.34 33.32 22.85
N SER A 460 3.36 32.07 23.31
CA SER A 460 2.21 31.51 23.98
C SER A 460 1.74 32.41 25.11
N ALA A 461 2.61 32.63 26.10
CA ALA A 461 2.25 33.49 27.22
C ALA A 461 1.55 34.75 26.73
N ARG A 462 2.17 35.43 25.77
CA ARG A 462 1.61 36.69 25.32
C ARG A 462 0.17 36.52 24.86
N GLN A 463 -0.11 35.45 24.11
CA GLN A 463 -1.48 35.18 23.73
C GLN A 463 -2.36 35.07 24.95
N ILE A 464 -1.82 34.47 26.02
CA ILE A 464 -2.62 34.22 27.21
C ILE A 464 -2.97 35.53 27.88
N MET A 465 -1.97 36.34 28.19
CA MET A 465 -2.24 37.68 28.70
C MET A 465 -3.40 38.32 27.97
N ARG A 466 -3.29 38.42 26.64
CA ARG A 466 -4.40 38.90 25.83
C ARG A 466 -5.68 38.17 26.20
N THR A 467 -5.66 36.85 26.11
CA THR A 467 -6.84 36.07 26.43
C THR A 467 -7.40 36.44 27.79
N ALA A 468 -6.52 36.65 28.77
CA ALA A 468 -6.98 37.05 30.10
C ALA A 468 -7.69 38.39 30.04
N MET A 469 -7.03 39.40 29.47
CA MET A 469 -7.63 40.71 29.36
C MET A 469 -8.98 40.64 28.66
N LYS A 470 -9.03 39.94 27.54
CA LYS A 470 -10.28 39.81 26.79
C LYS A 470 -11.42 39.38 27.70
N TYR A 471 -11.13 38.49 28.64
CA TYR A 471 -12.16 37.91 29.48
C TYR A 471 -12.07 38.37 30.93
N ASN A 472 -11.18 39.31 31.22
CA ASN A 472 -11.10 39.92 32.55
C ASN A 472 -10.98 38.86 33.64
N LEU A 473 -10.08 37.91 33.41
CA LEU A 473 -9.82 36.87 34.38
C LEU A 473 -8.78 37.26 35.42
N GLY A 474 -8.09 38.37 35.21
CA GLY A 474 -7.09 38.78 36.17
C GLY A 474 -5.97 37.76 36.27
N LEU A 475 -5.84 37.15 37.44
CA LEU A 475 -4.77 36.20 37.71
C LEU A 475 -5.20 34.76 37.56
N ASP A 476 -6.49 34.50 37.28
CA ASP A 476 -6.99 33.13 37.19
C ASP A 476 -6.60 32.57 35.82
N LEU A 477 -5.29 32.35 35.67
CA LEU A 477 -4.75 31.92 34.38
C LEU A 477 -5.18 30.52 34.00
N ARG A 478 -5.17 29.59 34.96
CA ARG A 478 -5.52 28.21 34.66
C ARG A 478 -6.68 28.14 33.69
N THR A 479 -7.78 28.78 34.05
CA THR A 479 -8.89 28.89 33.11
C THR A 479 -8.40 29.54 31.81
N ALA A 480 -7.83 30.73 31.92
CA ALA A 480 -7.45 31.49 30.75
C ALA A 480 -6.71 30.62 29.73
N ALA A 481 -5.86 29.73 30.21
CA ALA A 481 -5.19 28.83 29.28
C ALA A 481 -6.17 27.88 28.64
N TYR A 482 -6.85 27.08 29.47
CA TYR A 482 -7.93 26.24 28.97
C TYR A 482 -8.84 27.03 28.06
N VAL A 483 -8.92 28.34 28.27
CA VAL A 483 -9.68 29.20 27.37
C VAL A 483 -8.97 29.31 26.04
N ASN A 484 -7.76 29.87 26.07
CA ASN A 484 -7.04 30.14 24.83
C ASN A 484 -6.90 28.88 24.01
N ALA A 485 -6.75 27.75 24.69
CA ALA A 485 -6.67 26.48 24.00
C ALA A 485 -7.93 26.22 23.20
N ILE A 486 -9.07 26.21 23.89
CA ILE A 486 -10.31 25.80 23.27
C ILE A 486 -10.58 26.60 22.01
N GLU A 487 -10.44 27.92 22.10
CA GLU A 487 -10.71 28.75 20.93
C GLU A 487 -9.92 28.26 19.73
N LYS A 488 -8.64 27.98 19.92
CA LYS A 488 -7.86 27.41 18.84
C LYS A 488 -8.46 26.11 18.37
N VAL A 489 -8.66 25.17 19.30
CA VAL A 489 -9.22 23.88 18.95
C VAL A 489 -10.53 24.07 18.22
N PHE A 490 -11.51 24.67 18.90
CA PHE A 490 -12.78 24.95 18.28
C PHE A 490 -12.58 25.49 16.87
N ARG A 491 -11.80 26.56 16.77
CA ARG A 491 -11.58 27.20 15.48
C ARG A 491 -11.12 26.17 14.45
N VAL A 492 -10.27 25.24 14.86
CA VAL A 492 -9.82 24.19 13.95
C VAL A 492 -11.01 23.35 13.50
N TYR A 493 -11.67 22.71 14.47
CA TYR A 493 -12.70 21.74 14.12
C TYR A 493 -13.79 22.40 13.30
N ASN A 494 -13.98 23.70 13.47
CA ASN A 494 -15.00 24.41 12.72
C ASN A 494 -14.60 24.54 11.25
N GLU A 495 -13.36 24.95 11.02
CA GLU A 495 -12.89 25.17 9.67
C GLU A 495 -12.44 23.88 8.97
N ALA A 496 -12.79 22.72 9.52
CA ALA A 496 -12.39 21.46 8.91
C ALA A 496 -13.52 20.78 8.18
N GLY A 497 -14.57 21.50 7.80
CA GLY A 497 -15.72 20.81 7.29
C GLY A 497 -16.23 19.88 8.36
N VAL A 498 -16.77 20.43 9.44
CA VAL A 498 -16.66 19.85 10.77
C VAL A 498 -16.78 18.34 10.73
N THR A 499 -17.53 17.82 9.76
CA THR A 499 -17.71 16.38 9.63
C THR A 499 -18.27 16.04 8.25
N PHE A 500 -17.82 14.93 7.67
CA PHE A 500 -18.42 14.44 6.42
C PHE A 500 -19.20 13.18 6.72
N THR A 501 -20.48 13.38 7.02
CA THR A 501 -21.39 12.30 7.30
C THR A 501 -22.68 12.50 6.51
N ASP B 6 -12.84 37.17 -31.91
CA ASP B 6 -12.98 36.64 -30.52
C ASP B 6 -12.64 35.15 -30.47
N PRO B 7 -11.36 34.83 -30.61
CA PRO B 7 -10.95 33.43 -30.53
C PRO B 7 -11.18 32.88 -29.15
N ASN B 8 -11.18 31.56 -29.05
CA ASN B 8 -11.27 30.91 -27.75
C ASN B 8 -9.93 31.03 -27.03
N PHE B 9 -9.99 31.39 -25.75
CA PHE B 9 -8.79 31.56 -24.95
C PHE B 9 -7.83 30.40 -25.15
N PHE B 10 -8.37 29.20 -25.34
CA PHE B 10 -7.53 28.10 -25.78
C PHE B 10 -6.74 28.47 -27.03
N LYS B 11 -7.47 28.80 -28.11
CA LYS B 11 -6.81 29.11 -29.37
C LYS B 11 -5.79 30.22 -29.19
N MET B 12 -6.10 31.23 -28.36
CA MET B 12 -5.08 32.21 -28.01
C MET B 12 -3.81 31.52 -27.57
N VAL B 13 -3.90 30.75 -26.49
CA VAL B 13 -2.72 30.08 -25.93
C VAL B 13 -2.01 29.30 -27.02
N GLU B 14 -2.69 28.32 -27.59
CA GLU B 14 -2.07 27.47 -28.60
C GLU B 14 -1.35 28.31 -29.65
N GLY B 15 -1.96 29.43 -30.02
CA GLY B 15 -1.34 30.30 -31.00
C GLY B 15 0.00 30.83 -30.52
N PHE B 16 0.11 31.09 -29.22
CA PHE B 16 1.35 31.63 -28.69
C PHE B 16 2.45 30.59 -28.71
N PHE B 17 2.25 29.49 -27.99
CA PHE B 17 3.27 28.44 -27.92
C PHE B 17 3.86 28.15 -29.28
N ASP B 18 3.01 27.88 -30.27
CA ASP B 18 3.48 27.69 -31.63
C ASP B 18 4.53 28.72 -32.00
N ARG B 19 4.21 29.99 -31.80
CA ARG B 19 5.15 31.05 -32.17
C ARG B 19 6.46 30.89 -31.43
N GLY B 20 6.39 30.65 -30.12
CA GLY B 20 7.60 30.51 -29.36
C GLY B 20 8.47 29.38 -29.88
N ALA B 21 7.86 28.23 -30.15
CA ALA B 21 8.62 27.10 -30.64
C ALA B 21 9.46 27.49 -31.85
N SER B 22 8.83 28.03 -32.88
CA SER B 22 9.57 28.50 -34.04
C SER B 22 10.76 29.35 -33.65
N ILE B 23 10.57 30.24 -32.67
CA ILE B 23 11.65 31.11 -32.24
C ILE B 23 12.75 30.29 -31.57
N VAL B 24 12.36 29.41 -30.67
CA VAL B 24 13.34 28.67 -29.88
C VAL B 24 14.20 27.80 -30.78
N GLU B 25 13.55 26.94 -31.55
CA GLU B 25 14.22 25.89 -32.30
C GLU B 25 15.49 26.38 -32.98
N ASP B 26 15.43 27.57 -33.55
CA ASP B 26 16.56 28.11 -34.30
C ASP B 26 17.88 27.86 -33.59
N LYS B 27 17.90 28.05 -32.28
CA LYS B 27 19.09 27.83 -31.49
C LYS B 27 19.05 26.57 -30.65
N LEU B 28 17.88 26.18 -30.17
CA LEU B 28 17.78 25.02 -29.31
C LEU B 28 18.41 23.80 -29.98
N VAL B 29 18.29 23.72 -31.30
CA VAL B 29 18.98 22.66 -32.02
C VAL B 29 20.48 22.92 -32.03
N GLU B 30 20.87 24.19 -32.08
CA GLU B 30 22.28 24.53 -32.12
C GLU B 30 22.95 24.25 -30.77
N ASP B 31 22.23 24.46 -29.68
CA ASP B 31 22.78 24.26 -28.35
C ASP B 31 22.50 22.88 -27.80
N LEU B 32 22.08 21.94 -28.64
CA LEU B 32 21.86 20.56 -28.22
C LEU B 32 23.17 19.82 -28.37
N LYS B 33 23.60 19.15 -27.31
CA LYS B 33 24.95 18.59 -27.22
C LYS B 33 24.97 17.09 -27.47
N THR B 34 24.18 16.61 -28.42
CA THR B 34 24.16 15.18 -28.72
C THR B 34 24.93 14.89 -30.00
N ARG B 35 25.52 13.69 -30.05
CA ARG B 35 26.25 13.22 -31.23
C ARG B 35 25.27 12.67 -32.26
N GLU B 36 24.86 13.54 -33.17
CA GLU B 36 23.85 13.22 -34.16
C GLU B 36 24.05 14.10 -35.38
N THR B 37 23.15 13.95 -36.34
CA THR B 37 23.14 14.83 -37.50
C THR B 37 22.24 16.02 -37.23
N GLU B 38 22.68 17.19 -37.72
CA GLU B 38 21.88 18.40 -37.59
C GLU B 38 20.43 18.11 -37.90
N GLU B 39 20.17 17.46 -39.04
CA GLU B 39 18.82 17.04 -39.36
C GLU B 39 18.29 16.10 -38.30
N GLN B 40 19.02 15.02 -38.04
CA GLN B 40 18.57 14.04 -37.05
C GLN B 40 18.13 14.73 -35.77
N LYS B 41 19.02 15.53 -35.19
CA LYS B 41 18.68 16.17 -33.92
C LYS B 41 17.56 17.17 -34.08
N ARG B 42 17.50 17.88 -35.21
CA ARG B 42 16.39 18.80 -35.42
C ARG B 42 15.06 18.07 -35.38
N ASN B 43 15.05 16.81 -35.77
CA ASN B 43 13.81 16.04 -35.72
C ASN B 43 13.54 15.56 -34.31
N ARG B 44 14.55 15.65 -33.43
CA ARG B 44 14.31 15.39 -32.02
C ARG B 44 13.57 16.55 -31.38
N VAL B 45 14.16 17.74 -31.42
CA VAL B 45 13.54 18.89 -30.80
C VAL B 45 12.16 19.14 -31.38
N ARG B 46 12.05 19.16 -32.72
CA ARG B 46 10.80 19.53 -33.35
C ARG B 46 9.65 18.76 -32.77
N SER B 47 9.80 17.45 -32.67
CA SER B 47 8.72 16.62 -32.17
C SER B 47 8.50 16.82 -30.68
N ILE B 48 9.57 16.97 -29.91
CA ILE B 48 9.40 17.24 -28.49
C ILE B 48 8.48 18.43 -28.31
N LEU B 49 8.64 19.45 -29.14
CA LEU B 49 7.73 20.58 -29.11
C LEU B 49 6.39 20.22 -29.71
N ARG B 50 6.22 18.97 -30.13
CA ARG B 50 4.91 18.44 -30.44
C ARG B 50 4.36 17.65 -29.26
N ILE B 51 5.25 17.31 -28.32
CA ILE B 51 4.87 16.39 -27.26
C ILE B 51 4.34 17.12 -26.05
N ILE B 52 5.09 18.11 -25.57
CA ILE B 52 4.70 18.81 -24.36
C ILE B 52 3.43 19.60 -24.58
N LYS B 53 3.28 20.17 -25.75
CA LYS B 53 2.15 21.06 -26.03
C LYS B 53 0.82 20.45 -25.62
N PRO B 54 0.46 19.25 -26.05
CA PRO B 54 -0.81 18.67 -25.63
C PRO B 54 -0.79 18.28 -24.17
N CYS B 55 -2.00 18.11 -23.64
CA CYS B 55 -2.18 17.73 -22.26
C CYS B 55 -2.43 16.23 -22.17
N ASN B 56 -1.59 15.55 -21.41
CA ASN B 56 -1.62 14.11 -21.36
C ASN B 56 -2.98 13.57 -20.93
N HIS B 57 -3.37 13.85 -19.70
CA HIS B 57 -4.53 13.22 -19.09
C HIS B 57 -5.66 14.23 -19.00
N VAL B 58 -6.84 13.82 -19.43
CA VAL B 58 -8.04 14.63 -19.35
C VAL B 58 -9.17 13.69 -19.01
N LEU B 59 -9.84 13.95 -17.90
CA LEU B 59 -10.87 13.05 -17.40
C LEU B 59 -12.20 13.76 -17.40
N SER B 60 -13.24 13.02 -17.77
CA SER B 60 -14.59 13.52 -17.78
C SER B 60 -15.43 12.69 -16.82
N LEU B 61 -16.29 13.35 -16.06
CA LEU B 61 -16.99 12.73 -14.96
C LEU B 61 -18.49 12.89 -15.08
N SER B 62 -19.19 12.25 -14.16
CA SER B 62 -20.64 12.32 -14.05
C SER B 62 -21.02 11.98 -12.62
N PHE B 63 -21.80 12.86 -12.01
CA PHE B 63 -22.10 12.77 -10.59
C PHE B 63 -23.57 12.56 -10.33
N PRO B 64 -23.93 11.49 -9.68
CA PRO B 64 -25.30 11.37 -9.17
C PRO B 64 -25.46 12.04 -7.83
N ILE B 65 -25.73 13.33 -7.83
CA ILE B 65 -25.96 14.08 -6.60
C ILE B 65 -27.46 14.21 -6.37
N ARG B 66 -27.85 14.28 -5.10
CA ARG B 66 -29.22 14.53 -4.71
C ARG B 66 -29.37 15.95 -4.21
N ARG B 67 -30.30 16.69 -4.80
CA ARG B 67 -30.58 18.04 -4.38
C ARG B 67 -31.18 18.06 -2.99
N ASP B 68 -31.38 19.28 -2.48
CA ASP B 68 -32.09 19.45 -1.22
C ASP B 68 -33.58 19.17 -1.36
N ASP B 69 -34.15 19.39 -2.55
CA ASP B 69 -35.57 19.17 -2.77
C ASP B 69 -35.90 17.69 -2.94
N GLY B 70 -34.94 16.81 -2.70
CA GLY B 70 -35.14 15.39 -2.90
C GLY B 70 -34.80 14.90 -4.29
N SER B 71 -34.76 15.81 -5.27
CA SER B 71 -34.51 15.43 -6.65
C SER B 71 -33.06 15.01 -6.82
N TRP B 72 -32.82 14.27 -7.91
CA TRP B 72 -31.48 13.94 -8.34
C TRP B 72 -31.16 14.75 -9.58
N GLU B 73 -29.86 14.89 -9.85
CA GLU B 73 -29.40 15.46 -11.11
C GLU B 73 -27.97 15.01 -11.33
N VAL B 74 -27.60 14.92 -12.59
CA VAL B 74 -26.26 14.50 -12.98
C VAL B 74 -25.41 15.74 -13.20
N ILE B 75 -24.13 15.62 -12.92
CA ILE B 75 -23.19 16.74 -13.01
C ILE B 75 -21.94 16.27 -13.70
N GLU B 76 -21.45 17.08 -14.62
CA GLU B 76 -20.23 16.79 -15.35
C GLU B 76 -19.07 17.57 -14.75
N GLY B 77 -17.92 16.91 -14.66
CA GLY B 77 -16.74 17.53 -14.08
C GLY B 77 -15.51 17.08 -14.80
N TYR B 78 -14.61 18.04 -15.02
CA TYR B 78 -13.43 17.81 -15.83
C TYR B 78 -12.18 18.11 -15.02
N ARG B 79 -11.19 17.26 -15.19
CA ARG B 79 -9.87 17.47 -14.60
C ARG B 79 -8.86 17.23 -15.71
N ALA B 80 -7.90 18.13 -15.83
CA ALA B 80 -6.89 18.06 -16.86
C ALA B 80 -5.52 18.15 -16.24
N GLN B 81 -4.70 17.15 -16.47
CA GLN B 81 -3.37 17.07 -15.91
C GLN B 81 -2.41 17.16 -17.07
N HIS B 82 -1.90 18.36 -17.33
CA HIS B 82 -1.18 18.63 -18.57
C HIS B 82 -0.09 17.60 -18.81
N SER B 83 0.90 17.54 -17.92
CA SER B 83 2.10 16.82 -18.28
C SER B 83 2.72 16.22 -17.03
N GLN B 84 3.24 15.01 -17.19
CA GLN B 84 3.89 14.28 -16.12
C GLN B 84 5.39 14.52 -16.10
N HIS B 85 5.91 15.27 -17.07
CA HIS B 85 7.33 15.55 -17.11
C HIS B 85 7.87 15.98 -15.75
N ARG B 86 7.05 16.60 -14.93
CA ARG B 86 7.46 17.00 -13.60
C ARG B 86 6.27 17.08 -12.66
N THR B 87 6.06 16.02 -11.91
CA THR B 87 5.06 15.95 -10.86
C THR B 87 5.62 16.44 -9.55
N PRO B 88 4.76 16.87 -8.63
CA PRO B 88 3.31 16.84 -8.70
C PRO B 88 2.77 17.86 -9.65
N CYS B 89 1.46 17.84 -9.82
CA CYS B 89 0.77 18.72 -10.71
C CYS B 89 -0.18 19.59 -9.92
N LYS B 90 -0.43 20.79 -10.44
CA LYS B 90 -1.24 21.75 -9.74
C LYS B 90 -2.35 22.25 -10.65
N GLY B 91 -3.41 22.73 -10.04
CA GLY B 91 -4.51 23.32 -10.78
C GLY B 91 -5.67 23.62 -9.87
N GLY B 92 -6.26 24.76 -10.06
CA GLY B 92 -7.42 25.12 -9.29
C GLY B 92 -8.67 24.51 -9.85
N ILE B 93 -9.78 24.87 -9.23
CA ILE B 93 -11.09 24.40 -9.63
C ILE B 93 -11.93 25.62 -10.00
N ARG B 94 -12.85 25.43 -10.93
CA ARG B 94 -13.73 26.49 -11.37
C ARG B 94 -15.13 25.93 -11.55
N TYR B 95 -16.06 26.44 -10.77
CA TYR B 95 -17.47 26.11 -10.90
C TYR B 95 -18.10 27.15 -11.80
N SER B 96 -18.60 26.72 -12.95
CA SER B 96 -19.28 27.60 -13.88
C SER B 96 -20.03 26.75 -14.90
N THR B 97 -20.61 27.43 -15.89
CA THR B 97 -21.34 26.75 -16.94
C THR B 97 -20.72 26.99 -18.30
N ASP B 98 -19.67 27.80 -18.36
CA ASP B 98 -18.88 27.98 -19.56
C ASP B 98 -17.84 26.89 -19.73
N VAL B 99 -17.77 25.98 -18.76
CA VAL B 99 -16.74 24.96 -18.74
C VAL B 99 -16.81 24.12 -20.00
N SER B 100 -15.67 23.52 -20.37
CA SER B 100 -15.62 22.53 -21.42
C SER B 100 -14.23 21.95 -21.47
N VAL B 101 -14.14 20.74 -22.03
CA VAL B 101 -12.86 20.06 -22.13
C VAL B 101 -11.80 20.99 -22.67
N ASP B 102 -12.07 21.57 -23.84
CA ASP B 102 -11.09 22.42 -24.48
C ASP B 102 -10.72 23.60 -23.60
N GLU B 103 -11.71 24.21 -22.96
CA GLU B 103 -11.44 25.38 -22.13
C GLU B 103 -10.46 25.05 -21.03
N VAL B 104 -10.34 23.77 -20.69
CA VAL B 104 -9.47 23.37 -19.60
C VAL B 104 -8.05 23.18 -20.11
N LYS B 105 -7.87 22.27 -21.05
CA LYS B 105 -6.55 21.91 -21.54
C LYS B 105 -5.67 23.14 -21.66
N ALA B 106 -6.25 24.25 -22.12
CA ALA B 106 -5.51 25.50 -22.18
C ALA B 106 -4.91 25.82 -20.81
N LEU B 107 -5.80 26.02 -19.84
CA LEU B 107 -5.38 26.60 -18.58
C LEU B 107 -4.39 25.69 -17.86
N ALA B 108 -4.56 24.38 -18.00
CA ALA B 108 -3.54 23.48 -17.50
C ALA B 108 -2.26 23.65 -18.29
N SER B 109 -2.36 23.51 -19.60
CA SER B 109 -1.20 23.73 -20.45
C SER B 109 -0.67 25.15 -20.27
N LEU B 110 -1.47 26.01 -19.65
CA LEU B 110 -1.01 27.35 -19.32
C LEU B 110 -0.24 27.36 -18.01
N MET B 111 -0.93 27.00 -16.92
CA MET B 111 -0.31 27.10 -15.61
C MET B 111 1.06 26.46 -15.61
N THR B 112 1.22 25.36 -16.34
CA THR B 112 2.53 24.76 -16.48
C THR B 112 3.55 25.80 -16.84
N TYR B 113 3.35 26.44 -17.99
CA TYR B 113 4.28 27.44 -18.46
C TYR B 113 4.37 28.59 -17.47
N LYS B 114 3.27 28.91 -16.82
CA LYS B 114 3.32 29.93 -15.78
C LYS B 114 4.26 29.53 -14.67
N CYS B 115 4.15 28.28 -14.23
CA CYS B 115 4.97 27.82 -13.12
C CYS B 115 6.44 27.84 -13.46
N ALA B 116 6.78 27.41 -14.67
CA ALA B 116 8.19 27.29 -15.03
C ALA B 116 8.88 28.64 -15.01
N VAL B 117 8.21 29.66 -15.52
CA VAL B 117 8.78 31.00 -15.54
C VAL B 117 9.33 31.35 -14.17
N VAL B 118 8.62 30.95 -13.14
CA VAL B 118 8.96 31.31 -11.77
C VAL B 118 9.71 30.18 -11.08
N ASP B 119 10.19 29.22 -11.85
CA ASP B 119 11.06 28.18 -11.33
C ASP B 119 10.34 27.37 -10.25
N VAL B 120 9.16 26.88 -10.59
CA VAL B 120 8.36 26.09 -9.68
C VAL B 120 8.30 24.66 -10.21
N PRO B 121 8.42 23.65 -9.36
CA PRO B 121 8.39 22.26 -9.83
C PRO B 121 7.06 21.84 -10.41
N PHE B 122 5.99 22.40 -9.87
CA PHE B 122 4.66 21.89 -10.16
C PHE B 122 4.42 21.74 -11.65
N GLY B 123 3.47 20.88 -11.97
CA GLY B 123 3.00 20.71 -13.33
C GLY B 123 1.57 21.18 -13.43
N GLY B 124 1.25 21.73 -14.58
CA GLY B 124 -0.01 22.40 -14.74
C GLY B 124 -1.17 21.43 -14.82
N ALA B 125 -2.25 21.81 -14.16
CA ALA B 125 -3.50 21.09 -14.27
C ALA B 125 -4.62 22.07 -14.02
N LYS B 126 -5.84 21.59 -14.20
CA LYS B 126 -7.00 22.38 -13.83
C LYS B 126 -8.23 21.53 -13.93
N ALA B 127 -9.24 21.92 -13.19
CA ALA B 127 -10.53 21.24 -13.19
C ALA B 127 -11.65 22.25 -13.29
N GLY B 128 -12.82 21.73 -13.60
CA GLY B 128 -14.00 22.56 -13.70
C GLY B 128 -15.24 21.71 -13.68
N VAL B 129 -16.37 22.37 -13.51
CA VAL B 129 -17.65 21.69 -13.40
C VAL B 129 -18.70 22.53 -14.11
N LYS B 130 -19.57 21.86 -14.86
CA LYS B 130 -20.68 22.54 -15.52
C LYS B 130 -21.78 22.80 -14.51
N ILE B 131 -21.78 23.98 -13.93
CA ILE B 131 -22.65 24.26 -12.80
C ILE B 131 -22.66 25.75 -12.50
N ASN B 132 -23.73 26.24 -11.92
CA ASN B 132 -23.73 27.61 -11.43
C ASN B 132 -23.97 27.61 -9.93
N PRO B 133 -22.94 27.86 -9.13
CA PRO B 133 -23.09 27.77 -7.67
C PRO B 133 -24.29 28.52 -7.14
N LYS B 134 -24.50 29.74 -7.63
CA LYS B 134 -25.51 30.61 -7.06
C LYS B 134 -26.87 29.95 -6.95
N ASN B 135 -27.19 29.04 -7.86
CA ASN B 135 -28.47 28.36 -7.83
C ASN B 135 -28.51 27.26 -6.78
N TYR B 136 -27.38 26.99 -6.13
CA TYR B 136 -27.29 25.90 -5.18
C TYR B 136 -26.86 26.44 -3.82
N THR B 137 -27.18 25.68 -2.78
CA THR B 137 -26.92 26.08 -1.42
C THR B 137 -25.47 25.82 -1.04
N ASP B 138 -25.17 26.07 0.23
CA ASP B 138 -23.89 25.67 0.78
C ASP B 138 -23.82 24.16 0.93
N ASN B 139 -24.87 23.57 1.50
CA ASN B 139 -24.88 22.12 1.69
C ASN B 139 -24.65 21.41 0.38
N GLU B 140 -25.47 21.72 -0.63
CA GLU B 140 -25.33 21.08 -1.93
C GLU B 140 -23.88 21.15 -2.40
N LEU B 141 -23.33 22.35 -2.49
CA LEU B 141 -21.94 22.50 -2.87
C LEU B 141 -21.04 21.63 -2.01
N GLU B 142 -21.39 21.48 -0.72
CA GLU B 142 -20.56 20.64 0.13
C GLU B 142 -20.83 19.17 -0.16
N LYS B 143 -21.96 18.89 -0.84
CA LYS B 143 -22.23 17.54 -1.31
C LYS B 143 -21.53 17.32 -2.64
N ILE B 144 -21.51 18.34 -3.48
CA ILE B 144 -20.84 18.23 -4.76
C ILE B 144 -19.35 17.99 -4.54
N THR B 145 -18.70 18.98 -3.94
CA THR B 145 -17.25 18.96 -3.84
C THR B 145 -16.74 17.66 -3.23
N ARG B 146 -17.15 17.35 -2.01
CA ARG B 146 -16.59 16.20 -1.33
C ARG B 146 -16.88 14.91 -2.07
N ARG B 147 -17.78 14.95 -3.05
CA ARG B 147 -17.93 13.81 -3.94
C ARG B 147 -17.00 13.93 -5.13
N PHE B 148 -16.88 15.14 -5.66
CA PHE B 148 -15.93 15.39 -6.74
C PHE B 148 -14.56 14.82 -6.39
N THR B 149 -13.98 15.30 -5.31
CA THR B 149 -12.65 14.85 -4.92
C THR B 149 -12.69 13.48 -4.28
N MET B 150 -13.86 12.85 -4.23
CA MET B 150 -13.91 11.46 -3.82
C MET B 150 -13.64 10.55 -5.00
N GLU B 151 -14.10 10.97 -6.17
CA GLU B 151 -13.83 10.20 -7.37
C GLU B 151 -12.38 10.37 -7.81
N LEU B 152 -11.99 11.60 -8.09
CA LEU B 152 -10.64 11.87 -8.56
C LEU B 152 -9.60 11.16 -7.71
N ALA B 153 -9.88 11.00 -6.42
CA ALA B 153 -8.94 10.30 -5.56
C ALA B 153 -8.91 8.82 -5.86
N LYS B 154 -10.08 8.24 -6.14
CA LYS B 154 -10.12 6.86 -6.59
C LYS B 154 -9.28 6.68 -7.83
N LYS B 155 -9.01 7.76 -8.54
CA LYS B 155 -8.39 7.71 -9.85
C LYS B 155 -7.14 8.56 -9.91
N GLY B 156 -6.44 8.72 -8.80
CA GLY B 156 -5.10 9.26 -8.83
C GLY B 156 -4.97 10.62 -9.46
N PHE B 157 -5.97 11.48 -9.36
CA PHE B 157 -5.83 12.87 -9.75
C PHE B 157 -5.82 13.81 -8.57
N ILE B 158 -5.73 13.29 -7.36
CA ILE B 158 -5.63 14.15 -6.19
C ILE B 158 -4.75 13.45 -5.17
N GLY B 159 -3.63 14.07 -4.85
CA GLY B 159 -2.73 13.57 -3.86
C GLY B 159 -1.58 14.53 -3.72
N PRO B 160 -0.99 14.61 -2.52
CA PRO B 160 0.05 15.61 -2.30
C PRO B 160 1.23 15.47 -3.24
N GLY B 161 1.34 14.36 -3.95
CA GLY B 161 2.42 14.16 -4.88
C GLY B 161 1.97 13.65 -6.23
N VAL B 162 0.73 13.93 -6.59
CA VAL B 162 0.23 13.67 -7.93
C VAL B 162 -0.36 14.94 -8.49
N ASP B 163 -1.27 15.53 -7.73
CA ASP B 163 -2.12 16.60 -8.23
C ASP B 163 -2.64 17.35 -7.02
N VAL B 164 -2.56 18.68 -7.07
CA VAL B 164 -2.90 19.51 -5.91
C VAL B 164 -3.97 20.52 -6.36
N PRO B 165 -5.20 20.35 -5.93
CA PRO B 165 -6.21 21.37 -6.22
C PRO B 165 -5.81 22.71 -5.63
N ALA B 166 -6.60 23.72 -5.94
CA ALA B 166 -6.35 25.05 -5.43
C ALA B 166 -7.57 25.91 -5.69
N PRO B 167 -7.63 27.10 -5.10
CA PRO B 167 -8.76 27.97 -5.33
C PRO B 167 -8.70 28.68 -6.66
N ASP B 168 -9.73 29.49 -6.89
CA ASP B 168 -9.89 30.28 -8.10
C ASP B 168 -11.19 31.06 -7.92
N MET B 169 -11.49 31.93 -8.87
CA MET B 169 -12.77 32.61 -8.82
C MET B 169 -13.88 31.59 -8.72
N SER B 170 -14.92 31.93 -7.95
CA SER B 170 -16.06 31.07 -7.64
C SER B 170 -15.73 30.08 -6.54
N THR B 171 -14.53 30.11 -5.98
CA THR B 171 -14.17 29.24 -4.89
C THR B 171 -13.58 30.03 -3.73
N GLY B 172 -13.28 29.31 -2.66
CA GLY B 172 -12.74 29.93 -1.47
C GLY B 172 -12.27 28.87 -0.51
N GLU B 173 -11.80 29.33 0.65
CA GLU B 173 -11.25 28.41 1.64
C GLU B 173 -12.21 27.28 1.97
N ARG B 174 -13.47 27.60 2.26
CA ARG B 174 -14.45 26.57 2.55
C ARG B 174 -14.32 25.41 1.59
N GLU B 175 -14.39 25.69 0.29
CA GLU B 175 -14.30 24.64 -0.71
C GLU B 175 -13.07 23.78 -0.47
N MET B 176 -11.91 24.40 -0.40
CA MET B 176 -10.71 23.64 -0.06
C MET B 176 -10.90 22.85 1.21
N SER B 177 -11.22 23.54 2.31
CA SER B 177 -11.35 22.88 3.60
C SER B 177 -12.20 21.63 3.49
N TRP B 178 -13.29 21.71 2.74
CA TRP B 178 -14.11 20.53 2.50
C TRP B 178 -13.28 19.41 1.92
N ILE B 179 -12.57 19.70 0.83
CA ILE B 179 -11.83 18.68 0.12
C ILE B 179 -10.90 17.94 1.07
N ALA B 180 -9.95 18.67 1.66
CA ALA B 180 -8.90 18.05 2.44
C ALA B 180 -9.48 17.02 3.41
N ASP B 181 -10.60 17.35 4.05
CA ASP B 181 -11.20 16.41 4.97
C ASP B 181 -11.58 15.12 4.25
N THR B 182 -12.28 15.25 3.13
CA THR B 182 -12.64 14.08 2.35
C THR B 182 -11.42 13.19 2.13
N TYR B 183 -10.35 13.76 1.59
CA TYR B 183 -9.17 12.97 1.29
C TYR B 183 -8.69 12.21 2.51
N ALA B 184 -8.54 12.91 3.63
CA ALA B 184 -8.06 12.25 4.84
C ALA B 184 -8.98 11.12 5.26
N SER B 185 -10.26 11.22 4.90
CA SER B 185 -11.22 10.21 5.27
C SER B 185 -11.42 9.15 4.20
N THR B 186 -10.64 9.20 3.13
CA THR B 186 -10.77 8.24 2.04
C THR B 186 -9.45 7.66 1.59
N ILE B 187 -8.35 8.36 1.77
CA ILE B 187 -7.08 7.90 1.22
C ILE B 187 -6.01 7.90 2.29
N GLY B 188 -5.78 9.06 2.90
CA GLY B 188 -4.63 9.18 3.77
C GLY B 188 -4.71 8.17 4.90
N HIS B 189 -5.66 8.38 5.79
CA HIS B 189 -5.96 7.47 6.89
C HIS B 189 -4.79 7.25 7.83
N TYR B 190 -3.57 7.43 7.32
CA TYR B 190 -2.36 7.48 8.13
C TYR B 190 -1.35 8.42 7.49
N ASP B 191 -1.47 8.64 6.20
CA ASP B 191 -0.45 9.33 5.43
C ASP B 191 -0.30 10.73 5.98
N ILE B 192 0.92 11.06 6.37
CA ILE B 192 1.19 12.32 7.05
C ILE B 192 0.97 13.47 6.08
N ASN B 193 1.32 13.26 4.83
CA ASN B 193 1.31 14.34 3.85
C ASN B 193 -0.10 14.71 3.40
N ALA B 194 -1.14 14.09 3.96
CA ALA B 194 -2.49 14.45 3.60
C ALA B 194 -2.79 15.92 3.85
N HIS B 195 -2.14 16.50 4.85
CA HIS B 195 -2.33 17.92 5.14
C HIS B 195 -1.85 18.80 3.99
N ALA B 196 -1.22 18.19 2.99
CA ALA B 196 -0.79 18.90 1.80
C ALA B 196 -1.64 18.57 0.60
N CYS B 197 -2.71 17.80 0.78
CA CYS B 197 -3.56 17.42 -0.33
C CYS B 197 -3.93 18.62 -1.17
N VAL B 198 -4.12 19.77 -0.53
CA VAL B 198 -4.57 20.97 -1.19
C VAL B 198 -3.79 22.16 -0.68
N THR B 199 -4.21 23.32 -1.14
CA THR B 199 -3.60 24.60 -0.84
C THR B 199 -4.69 25.66 -0.83
N GLY B 200 -4.38 26.79 -0.22
CA GLY B 200 -5.38 27.83 -0.03
C GLY B 200 -6.22 27.58 1.19
N LYS B 201 -5.86 26.57 1.95
CA LYS B 201 -6.55 26.24 3.17
C LYS B 201 -6.65 27.47 4.06
N PRO B 202 -7.58 27.46 5.01
CA PRO B 202 -7.57 28.47 6.05
C PRO B 202 -6.28 28.39 6.84
N ILE B 203 -6.11 29.34 7.75
CA ILE B 203 -4.86 29.45 8.46
C ILE B 203 -4.78 28.41 9.57
N SER B 204 -5.92 27.99 10.10
CA SER B 204 -5.93 27.15 11.28
C SER B 204 -5.46 25.74 10.99
N GLN B 205 -5.41 25.34 9.72
CA GLN B 205 -5.07 23.98 9.34
C GLN B 205 -3.70 23.87 8.73
N GLY B 206 -3.04 24.98 8.48
CA GLY B 206 -1.82 25.01 7.71
C GLY B 206 -1.81 25.99 6.58
N GLY B 207 -2.74 26.92 6.55
CA GLY B 207 -2.76 27.93 5.51
C GLY B 207 -1.64 28.92 5.71
N ILE B 208 -1.84 30.15 5.24
CA ILE B 208 -0.79 31.15 5.23
C ILE B 208 -1.34 32.50 5.64
N HIS B 209 -0.52 33.26 6.34
CA HIS B 209 -0.79 34.66 6.60
C HIS B 209 -0.29 35.46 5.41
N GLY B 210 -1.19 35.68 4.45
CA GLY B 210 -0.83 36.54 3.33
C GLY B 210 -1.44 36.15 2.00
N ARG B 211 -2.07 34.98 1.92
CA ARG B 211 -2.52 34.49 0.64
C ARG B 211 -3.39 35.50 -0.08
N ILE B 212 -4.37 36.06 0.62
CA ILE B 212 -5.40 36.86 -0.05
C ILE B 212 -4.76 37.96 -0.88
N SER B 213 -3.78 38.65 -0.32
CA SER B 213 -3.15 39.77 -1.00
C SER B 213 -2.00 39.34 -1.88
N ALA B 214 -1.62 38.07 -1.81
CA ALA B 214 -0.44 37.59 -2.53
C ALA B 214 -0.41 38.08 -3.96
N THR B 215 -1.40 37.63 -4.74
CA THR B 215 -1.44 37.96 -6.15
C THR B 215 -1.17 39.43 -6.37
N GLY B 216 -1.94 40.28 -5.71
CA GLY B 216 -1.75 41.71 -5.86
C GLY B 216 -0.30 42.10 -5.67
N ARG B 217 0.35 41.48 -4.68
CA ARG B 217 1.76 41.74 -4.48
C ARG B 217 2.56 41.22 -5.66
N GLY B 218 2.28 40.00 -6.09
CA GLY B 218 3.04 39.41 -7.17
C GLY B 218 3.05 40.32 -8.38
N VAL B 219 1.95 41.01 -8.61
CA VAL B 219 1.92 42.05 -9.61
C VAL B 219 2.97 43.10 -9.31
N PHE B 220 2.99 43.57 -8.07
CA PHE B 220 3.79 44.73 -7.73
C PHE B 220 5.26 44.48 -7.95
N HIS B 221 5.84 43.54 -7.18
CA HIS B 221 7.25 43.26 -7.34
C HIS B 221 7.59 42.92 -8.77
N GLY B 222 6.61 42.42 -9.52
CA GLY B 222 6.86 42.14 -10.92
C GLY B 222 7.08 43.40 -11.72
N ILE B 223 6.23 44.40 -11.49
CA ILE B 223 6.41 45.69 -12.14
C ILE B 223 7.73 46.31 -11.70
N GLU B 224 8.02 46.20 -10.41
CA GLU B 224 9.18 46.87 -9.85
C GLU B 224 10.46 46.42 -10.54
N ASN B 225 10.59 45.12 -10.78
CA ASN B 225 11.80 44.60 -11.39
C ASN B 225 12.05 45.19 -12.77
N PHE B 226 11.07 45.88 -13.34
CA PHE B 226 11.24 46.54 -14.62
C PHE B 226 11.28 48.06 -14.53
N ILE B 227 10.30 48.66 -13.85
CA ILE B 227 10.28 50.11 -13.74
C ILE B 227 11.61 50.64 -13.24
N ASN B 228 12.21 49.94 -12.29
CA ASN B 228 13.52 50.31 -11.78
C ASN B 228 14.64 49.93 -12.75
N GLU B 229 14.29 49.35 -13.88
CA GLU B 229 15.27 48.95 -14.88
C GLU B 229 15.32 50.04 -15.94
N ALA B 230 16.41 50.80 -15.95
CA ALA B 230 16.55 51.90 -16.89
C ALA B 230 16.57 51.40 -18.33
N SER B 231 17.18 50.24 -18.56
CA SER B 231 17.32 49.72 -19.92
C SER B 231 16.02 49.81 -20.70
N TYR B 232 14.88 49.72 -20.01
CA TYR B 232 13.59 49.86 -20.65
C TYR B 232 12.96 51.21 -20.40
N MET B 233 13.23 51.84 -19.26
CA MET B 233 12.84 53.23 -19.07
C MET B 233 13.29 54.08 -20.24
N SER B 234 14.58 53.99 -20.58
CA SER B 234 15.12 54.69 -21.73
C SER B 234 14.26 54.49 -22.97
N ILE B 235 13.89 53.24 -23.26
CA ILE B 235 13.11 52.96 -24.45
C ILE B 235 11.80 53.73 -24.41
N LEU B 236 11.10 53.67 -23.29
CA LEU B 236 9.81 54.33 -23.17
C LEU B 236 9.94 55.79 -22.78
N GLY B 237 11.15 56.35 -22.79
CA GLY B 237 11.32 57.72 -22.40
C GLY B 237 10.84 58.02 -20.99
N MET B 238 10.71 57.01 -20.15
CA MET B 238 10.21 57.18 -18.80
C MET B 238 11.36 57.32 -17.81
N THR B 239 11.00 57.34 -16.54
CA THR B 239 11.94 57.48 -15.44
C THR B 239 11.85 56.25 -14.54
N PRO B 240 12.97 55.82 -13.96
CA PRO B 240 12.90 54.77 -12.94
C PRO B 240 12.14 55.24 -11.71
N GLY B 241 11.71 54.29 -10.90
CA GLY B 241 11.04 54.59 -9.65
C GLY B 241 9.54 54.70 -9.83
N PHE B 242 8.86 54.87 -8.70
CA PHE B 242 7.43 55.07 -8.67
C PHE B 242 7.03 56.45 -8.16
N GLY B 243 7.99 57.26 -7.72
CA GLY B 243 7.68 58.48 -7.01
C GLY B 243 7.03 59.56 -7.83
N ASP B 244 6.93 59.34 -9.15
CA ASP B 244 6.44 60.41 -10.02
C ASP B 244 5.50 59.92 -11.12
N LYS B 245 4.73 58.87 -10.92
CA LYS B 245 4.08 58.20 -12.03
C LYS B 245 2.58 58.10 -11.84
N THR B 246 1.89 58.03 -12.96
CA THR B 246 0.43 57.96 -13.01
C THR B 246 0.02 56.50 -13.07
N PHE B 247 -0.76 56.07 -12.09
CA PHE B 247 -1.20 54.69 -12.00
C PHE B 247 -2.72 54.63 -11.99
N VAL B 248 -3.24 53.56 -12.55
CA VAL B 248 -4.67 53.36 -12.70
C VAL B 248 -4.95 51.87 -12.56
N VAL B 249 -6.22 51.51 -12.64
CA VAL B 249 -6.65 50.14 -12.42
C VAL B 249 -7.99 49.92 -13.08
N GLN B 250 -8.25 48.68 -13.48
CA GLN B 250 -9.55 48.22 -13.95
C GLN B 250 -9.72 46.80 -13.44
N GLY B 251 -10.83 46.53 -12.78
CA GLY B 251 -11.05 45.25 -12.16
C GLY B 251 -10.89 45.32 -10.66
N PHE B 252 -11.36 46.42 -10.09
CA PHE B 252 -11.30 46.66 -8.66
C PHE B 252 -11.95 45.52 -7.89
N GLY B 253 -11.54 45.33 -6.63
CA GLY B 253 -11.99 44.19 -5.88
C GLY B 253 -10.79 43.49 -5.26
N ASN B 254 -10.57 42.27 -5.71
CA ASN B 254 -9.32 41.57 -5.51
C ASN B 254 -8.28 42.16 -6.46
N VAL B 255 -7.39 41.32 -6.96
CA VAL B 255 -6.04 41.64 -7.36
C VAL B 255 -5.87 43.09 -7.78
N GLY B 256 -6.89 43.68 -8.37
CA GLY B 256 -6.86 45.09 -8.62
C GLY B 256 -6.50 45.88 -7.37
N LEU B 257 -7.03 45.44 -6.23
CA LEU B 257 -6.89 46.23 -5.01
C LEU B 257 -5.55 46.01 -4.33
N HIS B 258 -5.35 44.80 -3.82
CA HIS B 258 -4.19 44.53 -2.96
C HIS B 258 -2.91 45.00 -3.62
N SER B 259 -2.92 45.10 -4.95
CA SER B 259 -1.81 45.73 -5.65
C SER B 259 -1.87 47.23 -5.50
N MET B 260 -3.03 47.82 -5.81
CA MET B 260 -3.19 49.26 -5.69
C MET B 260 -2.65 49.74 -4.35
N ARG B 261 -2.93 49.00 -3.29
CA ARG B 261 -2.50 49.41 -1.97
C ARG B 261 -0.99 49.34 -1.85
N TYR B 262 -0.44 48.13 -1.97
CA TYR B 262 1.00 47.97 -1.99
C TYR B 262 1.63 48.96 -2.97
N LEU B 263 0.97 49.17 -4.09
CA LEU B 263 1.45 50.13 -5.07
C LEU B 263 1.54 51.51 -4.45
N HIS B 264 0.47 51.94 -3.77
CA HIS B 264 0.45 53.25 -3.14
C HIS B 264 1.60 53.42 -2.16
N ARG B 265 2.14 52.31 -1.65
CA ARG B 265 3.06 52.39 -0.52
C ARG B 265 4.39 53.00 -0.90
N PHE B 266 4.92 52.69 -2.08
CA PHE B 266 6.29 53.04 -2.42
C PHE B 266 6.37 54.26 -3.32
N GLY B 267 5.51 55.26 -3.10
CA GLY B 267 5.59 56.49 -3.84
C GLY B 267 4.69 56.56 -5.05
N ALA B 268 3.78 55.61 -5.19
CA ALA B 268 2.85 55.62 -6.30
C ALA B 268 1.79 56.69 -6.11
N LYS B 269 1.13 57.05 -7.19
CA LYS B 269 -0.04 57.93 -7.15
C LYS B 269 -1.07 57.38 -8.13
N CYS B 270 -1.96 56.53 -7.61
CA CYS B 270 -3.01 55.99 -8.44
C CYS B 270 -4.14 56.99 -8.58
N ILE B 271 -4.76 56.99 -9.75
CA ILE B 271 -5.64 58.07 -10.17
C ILE B 271 -7.08 57.60 -10.34
N THR B 272 -7.28 56.41 -10.90
CA THR B 272 -8.60 55.97 -11.30
C THR B 272 -8.89 54.58 -10.79
N VAL B 273 -10.11 54.13 -11.09
CA VAL B 273 -10.59 52.80 -10.76
C VAL B 273 -11.64 52.43 -11.79
N GLY B 274 -11.52 51.22 -12.33
CA GLY B 274 -12.55 50.67 -13.18
C GLY B 274 -13.31 49.61 -12.43
N GLU B 275 -14.63 49.61 -12.62
CA GLU B 275 -15.50 48.65 -11.97
C GLU B 275 -16.55 48.20 -12.96
N SER B 276 -17.04 46.98 -12.73
CA SER B 276 -18.04 46.41 -13.62
C SER B 276 -19.19 47.38 -13.88
N ASP B 277 -19.42 48.31 -12.95
CA ASP B 277 -20.56 49.22 -13.03
C ASP B 277 -20.18 50.61 -13.49
N GLY B 278 -18.90 50.93 -13.59
CA GLY B 278 -18.51 52.27 -13.96
C GLY B 278 -17.08 52.56 -13.54
N SER B 279 -16.82 53.84 -13.30
CA SER B 279 -15.45 54.31 -13.14
C SER B 279 -15.43 55.60 -12.32
N ILE B 280 -14.22 56.00 -11.94
CA ILE B 280 -13.99 57.27 -11.27
C ILE B 280 -12.65 57.82 -11.72
N TRP B 281 -12.31 59.01 -11.22
CA TRP B 281 -11.13 59.73 -11.69
C TRP B 281 -10.83 60.87 -10.74
N ASN B 282 -9.57 60.95 -10.30
CA ASN B 282 -9.11 62.05 -9.46
C ASN B 282 -7.62 62.25 -9.73
N PRO B 283 -7.25 63.21 -10.56
CA PRO B 283 -5.83 63.46 -10.82
C PRO B 283 -5.03 63.80 -9.56
N ASP B 284 -5.72 64.02 -8.45
CA ASP B 284 -5.05 64.30 -7.20
C ASP B 284 -4.57 63.06 -6.49
N GLY B 285 -4.94 61.88 -6.97
CA GLY B 285 -4.56 60.64 -6.31
C GLY B 285 -5.61 60.22 -5.30
N ILE B 286 -5.86 58.92 -5.23
CA ILE B 286 -6.93 58.36 -4.43
C ILE B 286 -6.34 57.42 -3.40
N ASP B 287 -6.87 57.48 -2.19
CA ASP B 287 -6.48 56.55 -1.14
C ASP B 287 -7.21 55.22 -1.33
N PRO B 288 -6.49 54.15 -1.57
CA PRO B 288 -7.15 52.84 -1.65
C PRO B 288 -7.99 52.57 -0.41
N LYS B 289 -7.45 52.96 0.73
CA LYS B 289 -8.14 52.76 2.00
C LYS B 289 -9.56 53.28 1.94
N GLU B 290 -9.72 54.57 1.65
CA GLU B 290 -11.06 55.16 1.54
C GLU B 290 -11.93 54.33 0.60
N LEU B 291 -11.32 53.74 -0.44
CA LEU B 291 -12.08 52.92 -1.37
C LEU B 291 -12.46 51.59 -0.72
N GLU B 292 -11.52 50.97 -0.01
CA GLU B 292 -11.82 49.75 0.72
C GLU B 292 -13.10 49.92 1.53
N ASP B 293 -13.30 51.12 2.07
CA ASP B 293 -14.47 51.38 2.90
C ASP B 293 -15.76 51.23 2.09
N PHE B 294 -15.86 51.99 0.99
CA PHE B 294 -17.10 52.02 0.24
C PHE B 294 -17.40 50.67 -0.39
N LYS B 295 -16.36 49.97 -0.85
CA LYS B 295 -16.56 48.63 -1.37
C LYS B 295 -17.35 47.79 -0.39
N LEU B 296 -17.25 48.11 0.90
CA LEU B 296 -18.00 47.42 1.93
C LEU B 296 -19.18 48.24 2.44
N GLN B 297 -19.04 49.56 2.47
CA GLN B 297 -20.12 50.43 2.90
C GLN B 297 -21.08 50.77 1.78
N HIS B 298 -20.72 50.47 0.54
CA HIS B 298 -21.58 50.73 -0.61
C HIS B 298 -21.65 49.59 -1.61
N GLY B 299 -20.76 48.60 -1.54
CA GLY B 299 -20.69 47.59 -2.57
C GLY B 299 -20.34 48.11 -3.94
N THR B 300 -19.84 49.34 -4.03
CA THR B 300 -19.49 49.94 -5.32
C THR B 300 -18.53 51.08 -5.09
N ILE B 301 -17.87 51.48 -6.17
CA ILE B 301 -17.01 52.66 -6.14
C ILE B 301 -17.81 53.95 -6.34
N LEU B 302 -18.85 53.91 -7.16
CA LEU B 302 -19.56 55.12 -7.54
C LEU B 302 -20.17 55.79 -6.32
N GLY B 303 -20.13 57.12 -6.31
CA GLY B 303 -20.48 57.88 -5.13
C GLY B 303 -19.28 58.24 -4.27
N PHE B 304 -18.08 57.97 -4.74
CA PHE B 304 -16.89 58.31 -3.98
C PHE B 304 -16.72 59.82 -3.97
N PRO B 305 -16.70 60.47 -2.80
CA PRO B 305 -16.63 61.94 -2.78
C PRO B 305 -15.46 62.53 -3.54
N LYS B 306 -14.26 61.97 -3.38
CA LYS B 306 -13.05 62.61 -3.87
C LYS B 306 -12.66 62.12 -5.26
N ALA B 307 -13.64 61.74 -6.06
CA ALA B 307 -13.39 61.39 -7.45
C ALA B 307 -14.67 61.56 -8.25
N LYS B 308 -14.51 62.08 -9.46
CA LYS B 308 -15.63 62.23 -10.38
C LYS B 308 -15.94 60.90 -11.02
N ILE B 309 -17.22 60.68 -11.34
CA ILE B 309 -17.60 59.49 -12.06
C ILE B 309 -17.09 59.66 -13.48
N TYR B 310 -15.98 59.00 -13.77
CA TYR B 310 -15.31 59.21 -15.04
C TYR B 310 -16.07 58.52 -16.16
N GLU B 311 -16.37 59.27 -17.21
CA GLU B 311 -17.02 58.71 -18.38
C GLU B 311 -15.95 58.11 -19.30
N GLY B 312 -16.23 56.92 -19.80
CA GLY B 312 -15.31 56.22 -20.67
C GLY B 312 -14.66 55.05 -19.95
N SER B 313 -13.94 54.26 -20.74
CA SER B 313 -13.22 53.13 -20.19
C SER B 313 -11.90 53.58 -19.58
N ILE B 314 -11.49 52.85 -18.54
CA ILE B 314 -10.22 53.15 -17.89
C ILE B 314 -9.10 53.21 -18.90
N LEU B 315 -9.18 52.36 -19.93
CA LEU B 315 -8.06 52.18 -20.84
C LEU B 315 -7.67 53.48 -21.52
N GLU B 316 -8.63 54.37 -21.73
CA GLU B 316 -8.41 55.60 -22.46
C GLU B 316 -7.91 56.72 -21.58
N VAL B 317 -7.53 56.41 -20.35
CA VAL B 317 -7.04 57.42 -19.42
C VAL B 317 -5.58 57.71 -19.73
N ASP B 318 -5.20 58.97 -19.64
CA ASP B 318 -3.82 59.37 -19.83
C ASP B 318 -3.06 59.05 -18.56
N CYS B 319 -2.16 58.08 -18.64
CA CYS B 319 -1.45 57.57 -17.48
C CYS B 319 -0.10 57.02 -17.90
N ASP B 320 0.58 56.42 -16.94
CA ASP B 320 1.85 55.75 -17.17
C ASP B 320 1.71 54.23 -17.13
N ILE B 321 0.94 53.72 -16.16
CA ILE B 321 0.67 52.30 -16.02
C ILE B 321 -0.81 52.10 -16.22
N LEU B 322 -1.19 50.90 -16.65
CA LEU B 322 -2.58 50.51 -16.76
C LEU B 322 -2.70 49.04 -16.38
N ILE B 323 -3.69 48.73 -15.54
CA ILE B 323 -3.80 47.40 -14.98
C ILE B 323 -5.17 46.79 -15.27
N PRO B 324 -5.29 46.04 -16.33
CA PRO B 324 -6.55 45.31 -16.56
C PRO B 324 -6.62 44.08 -15.70
N ALA B 325 -7.00 44.27 -14.44
CA ALA B 325 -6.90 43.21 -13.47
C ALA B 325 -8.00 42.15 -13.61
N ALA B 326 -9.17 42.54 -14.12
CA ALA B 326 -10.32 41.65 -14.14
C ALA B 326 -10.83 41.35 -15.55
N SER B 327 -11.14 42.38 -16.32
CA SER B 327 -11.80 42.18 -17.61
C SER B 327 -10.94 41.31 -18.51
N GLU B 328 -11.61 40.43 -19.25
CA GLU B 328 -10.95 39.56 -20.22
C GLU B 328 -11.18 40.09 -21.62
N LYS B 329 -10.13 40.02 -22.45
CA LYS B 329 -10.20 40.48 -23.83
C LYS B 329 -10.67 41.94 -23.89
N GLN B 330 -10.21 42.74 -22.93
CA GLN B 330 -10.64 44.12 -22.84
C GLN B 330 -9.95 44.99 -23.88
N LEU B 331 -8.80 44.55 -24.39
CA LEU B 331 -7.98 45.37 -25.26
C LEU B 331 -8.08 44.83 -26.67
N THR B 332 -8.63 45.63 -27.57
CA THR B 332 -8.80 45.24 -28.95
C THR B 332 -8.15 46.25 -29.88
N LYS B 333 -8.10 45.89 -31.16
CA LYS B 333 -7.55 46.79 -32.17
C LYS B 333 -8.26 48.13 -32.15
N SER B 334 -9.51 48.16 -31.71
CA SER B 334 -10.24 49.40 -31.60
C SER B 334 -9.74 50.27 -30.46
N ASN B 335 -9.24 49.64 -29.40
CA ASN B 335 -8.74 50.37 -28.24
C ASN B 335 -7.23 50.47 -28.20
N ALA B 336 -6.53 49.45 -28.68
CA ALA B 336 -5.08 49.40 -28.67
C ALA B 336 -4.48 50.75 -29.07
N PRO B 337 -4.98 51.40 -30.12
CA PRO B 337 -4.44 52.71 -30.46
C PRO B 337 -4.99 53.79 -29.54
N ARG B 338 -6.19 53.55 -29.03
CA ARG B 338 -6.83 54.52 -28.14
C ARG B 338 -6.22 54.55 -26.75
N VAL B 339 -5.60 53.46 -26.32
CA VAL B 339 -4.98 53.43 -25.00
C VAL B 339 -3.99 54.57 -24.88
N LYS B 340 -3.87 55.09 -23.66
CA LYS B 340 -2.91 56.14 -23.33
C LYS B 340 -2.06 55.62 -22.18
N ALA B 341 -0.91 55.07 -22.51
CA ALA B 341 -0.09 54.42 -21.50
C ALA B 341 1.25 54.04 -22.11
N LYS B 342 2.24 53.92 -21.24
CA LYS B 342 3.54 53.39 -21.60
C LYS B 342 3.65 51.91 -21.35
N ILE B 343 2.97 51.40 -20.32
CA ILE B 343 3.10 50.03 -19.87
C ILE B 343 1.71 49.47 -19.63
N ILE B 344 1.58 48.16 -19.74
CA ILE B 344 0.38 47.44 -19.32
C ILE B 344 0.81 46.34 -18.38
N ALA B 345 -0.11 45.89 -17.54
CA ALA B 345 0.23 44.89 -16.53
C ALA B 345 -0.34 43.53 -16.90
N GLU B 346 -1.64 43.46 -17.13
CA GLU B 346 -2.32 42.21 -17.39
C GLU B 346 -2.25 41.27 -16.20
N GLY B 347 -2.84 41.68 -15.08
CA GLY B 347 -3.02 40.80 -13.95
C GLY B 347 -3.88 39.60 -14.30
N ALA B 348 -5.03 39.88 -14.90
CA ALA B 348 -5.92 38.82 -15.33
C ALA B 348 -5.27 38.00 -16.43
N ASN B 349 -5.97 36.96 -16.85
CA ASN B 349 -5.52 36.09 -17.92
C ASN B 349 -6.22 36.51 -19.21
N GLY B 350 -5.42 36.74 -20.25
CA GLY B 350 -5.94 37.13 -21.53
C GLY B 350 -6.86 38.33 -21.49
N PRO B 351 -6.46 39.38 -20.78
CA PRO B 351 -7.18 40.66 -20.91
C PRO B 351 -6.91 41.33 -22.23
N THR B 352 -5.87 40.89 -22.93
CA THR B 352 -5.39 41.56 -24.12
C THR B 352 -5.44 40.61 -25.30
N THR B 353 -5.66 41.17 -26.49
CA THR B 353 -5.76 40.38 -27.69
C THR B 353 -4.42 40.29 -28.41
N PRO B 354 -4.19 39.22 -29.15
CA PRO B 354 -2.95 39.13 -29.94
C PRO B 354 -2.77 40.32 -30.87
N GLU B 355 -3.82 40.69 -31.59
CA GLU B 355 -3.73 41.82 -32.51
C GLU B 355 -3.23 43.06 -31.80
N ALA B 356 -3.74 43.31 -30.60
CA ALA B 356 -3.36 44.51 -29.87
C ALA B 356 -1.86 44.52 -29.61
N ASP B 357 -1.33 43.41 -29.09
CA ASP B 357 0.10 43.30 -28.80
C ASP B 357 0.93 43.88 -29.95
N LYS B 358 0.63 43.44 -31.18
CA LYS B 358 1.30 44.01 -32.34
C LYS B 358 1.18 45.53 -32.33
N ILE B 359 -0.05 46.03 -32.18
CA ILE B 359 -0.27 47.47 -32.23
C ILE B 359 0.60 48.18 -31.21
N PHE B 360 0.65 47.64 -29.99
CA PHE B 360 1.49 48.24 -28.96
C PHE B 360 2.94 48.27 -29.40
N LEU B 361 3.48 47.12 -29.79
CA LEU B 361 4.84 47.07 -30.30
C LEU B 361 5.04 48.12 -31.38
N GLU B 362 3.99 48.41 -32.13
CA GLU B 362 4.06 49.47 -33.14
C GLU B 362 3.96 50.84 -32.48
N ARG B 363 3.23 50.93 -31.37
CA ARG B 363 3.19 52.16 -30.60
C ARG B 363 4.31 52.23 -29.57
N ASN B 364 5.26 51.30 -29.61
CA ASN B 364 6.40 51.32 -28.71
C ASN B 364 5.93 51.14 -27.27
N ILE B 365 4.74 50.59 -27.09
CA ILE B 365 4.16 50.40 -25.77
C ILE B 365 4.65 49.07 -25.22
N MET B 366 5.33 49.13 -24.08
CA MET B 366 5.72 47.94 -23.35
C MET B 366 4.49 47.32 -22.70
N VAL B 367 4.57 46.05 -22.39
CA VAL B 367 3.52 45.37 -21.64
C VAL B 367 4.16 44.33 -20.76
N ILE B 368 3.32 43.62 -20.02
CA ILE B 368 3.76 42.54 -19.14
C ILE B 368 2.90 41.33 -19.42
N PRO B 369 3.45 40.13 -19.41
CA PRO B 369 2.64 38.94 -19.67
C PRO B 369 1.86 38.52 -18.45
N ASP B 370 0.61 38.11 -18.67
CA ASP B 370 -0.20 37.55 -17.61
C ASP B 370 0.51 36.47 -16.83
N LEU B 371 1.32 35.66 -17.51
CA LEU B 371 2.06 34.62 -16.80
C LEU B 371 2.75 35.16 -15.56
N TYR B 372 3.71 36.03 -15.78
CA TYR B 372 4.62 36.51 -14.76
C TYR B 372 3.87 37.07 -13.57
N LEU B 373 2.97 38.02 -13.81
CA LEU B 373 2.39 38.75 -12.71
C LEU B 373 1.52 37.88 -11.84
N ASN B 374 0.44 37.32 -12.38
CA ASN B 374 -0.50 36.57 -11.57
C ASN B 374 0.09 35.23 -11.13
N ALA B 375 1.37 35.01 -11.38
CA ALA B 375 2.06 33.84 -10.88
C ALA B 375 2.07 33.80 -9.37
N GLY B 376 2.29 34.94 -8.71
CA GLY B 376 2.45 34.92 -7.27
C GLY B 376 1.33 34.19 -6.57
N GLY B 377 0.13 34.21 -7.15
CA GLY B 377 -0.95 33.43 -6.59
C GLY B 377 -0.66 31.95 -6.64
N VAL B 378 0.29 31.57 -7.51
CA VAL B 378 0.78 30.20 -7.53
C VAL B 378 1.93 30.05 -6.58
N THR B 379 2.91 30.93 -6.70
CA THR B 379 4.11 30.83 -5.89
C THR B 379 3.75 30.60 -4.43
N VAL B 380 3.04 31.56 -3.86
CA VAL B 380 2.64 31.45 -2.47
C VAL B 380 2.13 30.06 -2.15
N SER B 381 1.21 29.57 -2.97
CA SER B 381 0.68 28.23 -2.75
C SER B 381 1.80 27.23 -2.54
N TYR B 382 2.73 27.18 -3.49
CA TYR B 382 3.88 26.31 -3.36
C TYR B 382 4.42 26.36 -1.95
N PHE B 383 4.66 27.57 -1.45
CA PHE B 383 5.10 27.71 -0.07
C PHE B 383 4.12 27.03 0.87
N GLU B 384 2.85 27.36 0.73
CA GLU B 384 1.84 26.77 1.58
C GLU B 384 1.81 25.26 1.45
N TRP B 385 2.22 24.77 0.29
CA TRP B 385 2.26 23.33 0.08
C TRP B 385 3.42 22.71 0.83
N LEU B 386 4.36 23.55 1.27
CA LEU B 386 5.48 23.03 2.04
C LEU B 386 5.19 23.11 3.53
N ASN B 387 4.66 24.24 3.99
CA ASN B 387 4.21 24.36 5.36
C ASN B 387 3.50 23.08 5.80
N ASN B 388 2.73 22.50 4.89
CA ASN B 388 1.98 21.30 5.24
C ASN B 388 2.84 20.05 5.10
N LEU B 389 4.06 20.20 4.58
CA LEU B 389 4.96 19.06 4.50
C LEU B 389 6.03 19.10 5.57
N ASN B 390 6.69 20.24 5.74
CA ASN B 390 7.62 20.40 6.83
C ASN B 390 6.90 20.51 8.16
N HIS B 391 5.58 20.53 8.14
CA HIS B 391 4.75 20.49 9.33
C HIS B 391 5.14 21.54 10.34
N VAL B 392 5.55 22.71 9.89
CA VAL B 392 5.85 23.82 10.77
C VAL B 392 5.50 25.13 10.09
N SER B 393 5.27 26.13 10.91
CA SER B 393 5.31 27.50 10.43
C SER B 393 6.76 27.90 10.23
N TYR B 394 7.02 28.55 9.11
CA TYR B 394 8.39 28.82 8.72
C TYR B 394 9.13 29.57 9.80
N GLY B 395 10.39 29.19 10.02
CA GLY B 395 11.29 29.98 10.81
C GLY B 395 11.23 29.76 12.30
N ARG B 396 10.10 29.28 12.82
CA ARG B 396 9.90 29.26 14.27
C ARG B 396 11.05 28.61 15.00
N LEU B 397 11.88 27.85 14.31
CA LEU B 397 13.09 27.31 14.90
C LEU B 397 14.23 28.31 14.89
N THR B 398 14.08 29.45 14.22
CA THR B 398 15.20 30.31 13.91
C THR B 398 15.01 31.76 14.26
N PHE B 399 13.79 32.29 14.25
CA PHE B 399 13.58 33.71 14.46
C PHE B 399 14.42 34.22 15.61
N LYS B 400 14.24 33.63 16.78
CA LYS B 400 14.90 34.14 17.98
C LYS B 400 16.40 33.90 17.92
N TYR B 401 16.81 32.80 17.29
CA TYR B 401 18.23 32.54 17.13
C TYR B 401 18.87 33.64 16.30
N GLU B 402 18.37 33.82 15.09
CA GLU B 402 18.76 34.97 14.29
C GLU B 402 18.70 36.23 15.14
N ARG B 403 17.57 36.45 15.81
CA ARG B 403 17.43 37.61 16.66
C ARG B 403 18.63 37.77 17.57
N ASP B 404 18.90 36.75 18.39
CA ASP B 404 20.06 36.79 19.27
C ASP B 404 21.29 37.26 18.51
N SER B 405 21.68 36.50 17.50
CA SER B 405 22.84 36.88 16.71
C SER B 405 22.68 38.29 16.17
N ASN B 406 21.48 38.64 15.74
CA ASN B 406 21.27 39.95 15.15
C ASN B 406 21.56 41.08 16.12
N TYR B 407 21.75 40.80 17.41
CA TYR B 407 22.16 41.84 18.33
C TYR B 407 23.29 41.45 19.27
N HIS B 408 23.76 40.20 19.22
CA HIS B 408 25.10 39.96 19.74
C HIS B 408 26.13 40.70 18.92
N LEU B 409 25.92 40.75 17.59
CA LEU B 409 26.84 41.46 16.72
C LEU B 409 26.99 42.91 17.16
N LEU B 410 25.88 43.65 17.13
CA LEU B 410 25.92 45.05 17.51
C LEU B 410 26.72 45.24 18.78
N MET B 411 26.42 44.45 19.81
CA MET B 411 27.24 44.48 21.01
C MET B 411 28.71 44.37 20.67
N SER B 412 29.05 43.39 19.84
CA SER B 412 30.43 43.24 19.43
C SER B 412 30.97 44.53 18.83
N VAL B 413 30.20 45.14 17.94
CA VAL B 413 30.57 46.43 17.40
C VAL B 413 30.81 47.41 18.54
N GLN B 414 29.81 47.57 19.39
CA GLN B 414 29.92 48.47 20.52
C GLN B 414 31.23 48.26 21.26
N GLU B 415 31.44 47.04 21.75
CA GLU B 415 32.66 46.73 22.47
C GLU B 415 33.88 47.03 21.61
N SER B 416 33.84 46.61 20.35
CA SER B 416 34.98 46.83 19.47
C SER B 416 35.33 48.30 19.40
N LEU B 417 34.33 49.16 19.23
CA LEU B 417 34.60 50.59 19.17
C LEU B 417 35.02 51.13 20.53
N GLU B 418 34.21 50.87 21.55
CA GLU B 418 34.57 51.32 22.90
C GLU B 418 35.98 50.88 23.24
N ARG B 419 36.42 49.76 22.66
CA ARG B 419 37.76 49.28 22.90
C ARG B 419 38.80 50.20 22.27
N LYS B 420 38.59 50.57 21.01
CA LYS B 420 39.61 51.33 20.30
C LYS B 420 39.58 52.79 20.67
N PHE B 421 38.51 53.49 20.31
CA PHE B 421 38.42 54.90 20.66
C PHE B 421 37.29 55.20 21.63
N GLY B 422 36.88 54.20 22.41
CA GLY B 422 36.24 54.48 23.68
C GLY B 422 37.25 54.73 24.78
N LYS B 423 38.41 55.27 24.43
CA LYS B 423 39.54 55.43 25.33
C LYS B 423 39.10 55.96 26.69
N HIS B 424 38.50 57.15 26.69
CA HIS B 424 38.01 57.73 27.93
C HIS B 424 36.90 56.89 28.56
N GLY B 425 36.34 55.94 27.83
CA GLY B 425 35.23 55.16 28.29
C GLY B 425 33.91 55.50 27.64
N GLY B 426 33.90 56.39 26.65
CA GLY B 426 32.66 56.77 26.01
C GLY B 426 31.91 55.57 25.47
N THR B 427 30.66 55.45 25.86
CA THR B 427 29.83 54.31 25.51
C THR B 427 29.05 54.61 24.24
N ILE B 428 28.95 53.59 23.40
CA ILE B 428 28.23 53.72 22.13
C ILE B 428 26.98 52.84 22.22
N PRO B 429 25.86 53.39 22.64
CA PRO B 429 24.67 52.56 22.80
C PRO B 429 24.07 52.18 21.46
N ILE B 430 24.76 51.29 20.75
CA ILE B 430 24.26 50.77 19.49
C ILE B 430 22.91 50.12 19.74
N VAL B 431 21.92 50.49 18.94
CA VAL B 431 20.59 49.93 19.08
C VAL B 431 20.01 49.68 17.70
N PRO B 432 18.98 48.84 17.63
CA PRO B 432 18.27 48.65 16.38
C PRO B 432 17.61 49.94 15.92
N THR B 433 16.99 49.85 14.75
CA THR B 433 16.14 50.92 14.26
C THR B 433 14.68 50.55 14.47
N ALA B 434 13.84 51.58 14.60
CA ALA B 434 12.41 51.36 14.73
C ALA B 434 11.94 50.32 13.74
N GLU B 435 12.22 50.55 12.46
CA GLU B 435 11.90 49.55 11.44
C GLU B 435 12.48 48.20 11.84
N PHE B 436 13.79 48.13 11.96
CA PHE B 436 14.44 46.86 12.22
C PHE B 436 13.87 46.22 13.47
N GLN B 437 13.55 47.02 14.48
CA GLN B 437 12.91 46.49 15.67
C GLN B 437 11.50 46.02 15.35
N ASP B 438 10.85 46.68 14.39
CA ASP B 438 9.51 46.27 13.99
C ASP B 438 9.55 44.90 13.33
N ARG B 439 10.48 44.70 12.39
CA ARG B 439 10.70 43.37 11.85
C ARG B 439 10.78 42.34 12.96
N ILE B 440 11.67 42.59 13.93
CA ILE B 440 11.93 41.61 14.97
C ILE B 440 10.64 41.21 15.67
N SER B 441 10.01 42.18 16.34
CA SER B 441 8.79 41.87 17.07
C SER B 441 7.68 41.43 16.14
N GLY B 442 7.74 41.82 14.88
CA GLY B 442 6.79 41.37 13.90
C GLY B 442 7.20 40.10 13.20
N ALA B 443 8.18 39.40 13.75
CA ALA B 443 8.64 38.15 13.16
C ALA B 443 7.47 37.21 12.95
N SER B 444 7.33 36.74 11.72
CA SER B 444 6.21 35.88 11.36
C SER B 444 6.37 35.49 9.89
N GLU B 445 5.66 34.42 9.52
CA GLU B 445 5.65 34.00 8.14
C GLU B 445 5.42 35.16 7.19
N LYS B 446 4.55 36.09 7.58
CA LYS B 446 4.22 37.22 6.72
C LYS B 446 5.47 37.81 6.08
N ASP B 447 6.57 37.81 6.82
CA ASP B 447 7.79 38.42 6.33
C ASP B 447 8.55 37.46 5.44
N ILE B 448 8.63 36.19 5.85
CA ILE B 448 9.27 35.19 5.02
C ILE B 448 8.66 35.18 3.64
N VAL B 449 7.38 34.85 3.58
CA VAL B 449 6.69 34.73 2.30
C VAL B 449 6.90 35.98 1.46
N HIS B 450 6.65 37.15 2.04
CA HIS B 450 6.89 38.39 1.32
C HIS B 450 8.27 38.37 0.68
N SER B 451 9.20 37.65 1.30
CA SER B 451 10.55 37.59 0.76
C SER B 451 10.65 36.52 -0.32
N GLY B 452 10.41 35.27 0.04
CA GLY B 452 10.53 34.19 -0.91
C GLY B 452 9.63 34.38 -2.11
N LEU B 453 8.70 35.33 -2.03
CA LEU B 453 7.92 35.71 -3.18
C LEU B 453 8.69 36.67 -4.06
N ALA B 454 9.08 37.80 -3.49
CA ALA B 454 9.75 38.83 -4.27
C ALA B 454 10.96 38.26 -4.97
N TYR B 455 11.89 37.68 -4.19
CA TYR B 455 13.07 37.08 -4.77
C TYR B 455 12.72 36.27 -6.01
N THR B 456 11.72 35.42 -5.90
CA THR B 456 11.26 34.66 -7.04
C THR B 456 10.96 35.56 -8.21
N MET B 457 10.00 36.46 -8.04
CA MET B 457 9.62 37.36 -9.11
C MET B 457 10.80 38.18 -9.59
N GLU B 458 11.75 38.44 -8.71
CA GLU B 458 12.96 39.13 -9.11
C GLU B 458 13.77 38.29 -10.07
N ARG B 459 14.24 37.14 -9.60
CA ARG B 459 15.08 36.29 -10.42
C ARG B 459 14.44 36.01 -11.76
N SER B 460 13.16 35.67 -11.74
CA SER B 460 12.46 35.34 -12.98
C SER B 460 12.63 36.44 -14.01
N ALA B 461 12.17 37.65 -13.68
CA ALA B 461 12.29 38.77 -14.61
C ALA B 461 13.68 38.81 -15.21
N ARG B 462 14.70 38.75 -14.36
CA ARG B 462 16.06 38.87 -14.86
C ARG B 462 16.34 37.83 -15.92
N GLN B 463 15.91 36.59 -15.70
CA GLN B 463 16.07 35.57 -16.72
C GLN B 463 15.41 36.01 -18.01
N ILE B 464 14.26 36.68 -17.88
CA ILE B 464 13.49 37.05 -19.05
C ILE B 464 14.24 38.10 -19.86
N MET B 465 14.63 39.19 -19.22
CA MET B 465 15.47 40.18 -19.88
C MET B 465 16.55 39.49 -20.70
N ARG B 466 17.35 38.64 -20.05
CA ARG B 466 18.33 37.84 -20.78
C ARG B 466 17.68 37.16 -21.97
N THR B 467 16.63 36.38 -21.71
CA THR B 467 15.96 35.68 -22.79
C THR B 467 15.58 36.61 -23.91
N ALA B 468 15.11 37.80 -23.57
CA ALA B 468 14.76 38.78 -24.61
C ALA B 468 15.98 39.17 -25.42
N MET B 469 17.05 39.59 -24.75
CA MET B 469 18.27 39.97 -25.45
C MET B 469 18.75 38.84 -26.34
N LYS B 470 18.81 37.63 -25.79
CA LYS B 470 19.27 36.48 -26.57
C LYS B 470 18.55 36.40 -27.91
N TYR B 471 17.26 36.72 -27.92
CA TYR B 471 16.43 36.56 -29.10
C TYR B 471 16.01 37.89 -29.71
N ASN B 472 16.51 39.00 -29.18
CA ASN B 472 16.28 40.32 -29.76
C ASN B 472 14.79 40.57 -29.95
N LEU B 473 14.02 40.29 -28.91
CA LEU B 473 12.60 40.52 -28.93
C LEU B 473 12.21 41.93 -28.51
N GLY B 474 13.16 42.69 -27.97
CA GLY B 474 12.84 44.04 -27.54
C GLY B 474 11.81 44.03 -26.43
N LEU B 475 10.65 44.59 -26.71
CA LEU B 475 9.59 44.74 -25.74
C LEU B 475 8.53 43.65 -25.83
N ASP B 476 8.63 42.76 -26.82
CA ASP B 476 7.62 41.72 -27.02
C ASP B 476 7.85 40.61 -26.01
N LEU B 477 7.61 40.94 -24.75
CA LEU B 477 7.89 40.02 -23.66
C LEU B 477 7.00 38.80 -23.66
N ARG B 478 5.71 38.99 -23.92
CA ARG B 478 4.77 37.86 -23.88
C ARG B 478 5.39 36.63 -24.51
N THR B 479 5.85 36.76 -25.74
CA THR B 479 6.61 35.66 -26.34
C THR B 479 7.79 35.30 -25.47
N ALA B 480 8.65 36.28 -25.18
CA ALA B 480 9.88 36.01 -24.46
C ALA B 480 9.63 35.13 -23.24
N ALA B 481 8.53 35.35 -22.55
CA ALA B 481 8.21 34.49 -21.41
C ALA B 481 7.91 33.09 -21.88
N TYR B 482 6.87 32.95 -22.71
CA TYR B 482 6.58 31.66 -23.33
C TYR B 482 7.86 31.05 -23.89
N VAL B 483 8.83 31.88 -24.24
CA VAL B 483 10.12 31.37 -24.68
C VAL B 483 10.87 30.78 -23.49
N ASN B 484 11.16 31.63 -22.50
CA ASN B 484 11.99 31.20 -21.38
C ASN B 484 11.37 29.99 -20.71
N ALA B 485 10.06 29.93 -20.70
CA ALA B 485 9.38 28.77 -20.14
C ALA B 485 9.76 27.51 -20.89
N ILE B 486 9.51 27.51 -22.20
CA ILE B 486 9.66 26.30 -22.99
C ILE B 486 11.05 25.72 -22.81
N GLU B 487 12.08 26.56 -22.93
CA GLU B 487 13.44 26.06 -22.80
C GLU B 487 13.60 25.27 -21.51
N LYS B 488 13.11 25.81 -20.40
CA LYS B 488 13.15 25.06 -19.17
C LYS B 488 12.40 23.76 -19.31
N VAL B 489 11.14 23.83 -19.73
CA VAL B 489 10.33 22.63 -19.89
C VAL B 489 11.05 21.64 -20.78
N PHE B 490 11.29 22.03 -22.03
CA PHE B 490 12.03 21.18 -22.95
C PHE B 490 13.23 20.56 -22.26
N ARG B 491 14.07 21.41 -21.68
CA ARG B 491 15.28 20.92 -21.03
C ARG B 491 14.95 19.82 -20.03
N VAL B 492 13.84 19.98 -19.30
CA VAL B 492 13.43 18.95 -18.36
C VAL B 492 13.13 17.66 -19.11
N TYR B 493 12.15 17.71 -20.00
CA TYR B 493 11.67 16.49 -20.63
C TYR B 493 12.80 15.78 -21.35
N ASN B 494 13.80 16.53 -21.80
CA ASN B 494 14.93 15.94 -22.50
C ASN B 494 15.79 15.14 -21.55
N GLU B 495 16.10 15.73 -20.38
CA GLU B 495 16.98 15.08 -19.42
C GLU B 495 16.25 14.07 -18.55
N ALA B 496 15.03 13.68 -18.91
CA ALA B 496 14.28 12.73 -18.11
C ALA B 496 14.26 11.35 -18.70
N GLY B 497 15.19 11.01 -19.57
CA GLY B 497 15.04 9.77 -20.29
C GLY B 497 13.75 9.81 -21.06
N VAL B 498 13.67 10.65 -22.07
CA VAL B 498 12.44 11.34 -22.46
C VAL B 498 11.23 10.43 -22.31
N THR B 499 11.43 9.13 -22.50
CA THR B 499 10.34 8.17 -22.38
C THR B 499 10.89 6.75 -22.25
N PHE B 500 10.24 5.93 -21.44
CA PHE B 500 10.60 4.50 -21.36
C PHE B 500 9.48 3.69 -22.00
N THR B 501 9.65 3.47 -23.29
CA THR B 501 8.71 2.68 -24.07
C THR B 501 9.46 1.67 -24.91
N ASP C 6 49.85 -8.21 -3.61
CA ASP C 6 48.66 -7.56 -4.25
C ASP C 6 47.36 -8.18 -3.74
N PRO C 7 47.02 -7.90 -2.48
CA PRO C 7 45.77 -8.44 -1.94
C PRO C 7 44.57 -7.84 -2.64
N ASN C 8 43.44 -8.49 -2.48
CA ASN C 8 42.20 -7.95 -3.01
C ASN C 8 41.73 -6.79 -2.14
N PHE C 9 41.33 -5.70 -2.79
CA PHE C 9 40.88 -4.51 -2.09
C PHE C 9 39.93 -4.87 -0.97
N PHE C 10 39.10 -5.90 -1.17
CA PHE C 10 38.33 -6.45 -0.07
C PHE C 10 39.24 -6.80 1.09
N LYS C 11 40.18 -7.71 0.86
CA LYS C 11 41.05 -8.16 1.93
C LYS C 11 41.76 -6.99 2.59
N MET C 12 42.16 -5.97 1.82
CA MET C 12 42.66 -4.75 2.42
C MET C 12 41.69 -4.26 3.48
N VAL C 13 40.47 -3.94 3.07
CA VAL C 13 39.47 -3.40 3.97
C VAL C 13 39.33 -4.29 5.20
N GLU C 14 38.92 -5.53 4.98
CA GLU C 14 38.70 -6.45 6.09
C GLU C 14 39.90 -6.43 7.04
N GLY C 15 41.09 -6.36 6.49
CA GLY C 15 42.27 -6.31 7.33
C GLY C 15 42.28 -5.10 8.24
N PHE C 16 41.76 -3.97 7.74
CA PHE C 16 41.76 -2.76 8.54
C PHE C 16 40.79 -2.88 9.70
N PHE C 17 39.51 -3.05 9.38
CA PHE C 17 38.48 -3.12 10.41
C PHE C 17 38.92 -4.00 11.56
N ASP C 18 39.35 -5.22 11.26
CA ASP C 18 39.89 -6.10 12.29
C ASP C 18 40.81 -5.35 13.23
N ARG C 19 41.79 -4.65 12.66
CA ARG C 19 42.76 -3.94 13.49
C ARG C 19 42.06 -2.93 14.38
N GLY C 20 41.15 -2.15 13.80
CA GLY C 20 40.45 -1.14 14.59
C GLY C 20 39.70 -1.76 15.75
N ALA C 21 38.99 -2.84 15.49
CA ALA C 21 38.23 -3.49 16.56
C ALA C 21 39.11 -3.77 17.76
N SER C 22 40.21 -4.50 17.55
CA SER C 22 41.15 -4.75 18.62
C SER C 22 41.48 -3.48 19.40
N ILE C 23 41.70 -2.39 18.68
CA ILE C 23 42.05 -1.13 19.33
C ILE C 23 40.87 -0.63 20.15
N VAL C 24 39.69 -0.62 19.55
CA VAL C 24 38.52 -0.04 20.21
C VAL C 24 38.21 -0.79 21.49
N GLU C 25 38.00 -2.09 21.37
CA GLU C 25 37.47 -2.91 22.44
C GLU C 25 38.09 -2.58 23.79
N ASP C 26 39.40 -2.37 23.79
CA ASP C 26 40.12 -2.13 25.04
C ASP C 26 39.36 -1.18 25.95
N LYS C 27 38.78 -0.13 25.38
CA LYS C 27 38.02 0.84 26.16
C LYS C 27 36.53 0.74 25.96
N LEU C 28 36.08 0.36 24.76
CA LEU C 28 34.65 0.30 24.48
C LEU C 28 33.95 -0.57 25.51
N VAL C 29 34.62 -1.61 25.99
CA VAL C 29 34.08 -2.41 27.06
C VAL C 29 34.11 -1.63 28.36
N GLU C 30 35.14 -0.81 28.55
CA GLU C 30 35.26 -0.03 29.77
C GLU C 30 34.21 1.07 29.84
N ASP C 31 33.87 1.66 28.71
CA ASP C 31 32.90 2.74 28.66
C ASP C 31 31.49 2.26 28.39
N LEU C 32 31.23 0.97 28.51
CA LEU C 32 29.89 0.42 28.34
C LEU C 32 29.20 0.48 29.70
N LYS C 33 28.00 1.06 29.73
CA LYS C 33 27.34 1.40 30.99
C LYS C 33 26.23 0.41 31.34
N THR C 34 26.46 -0.88 31.11
CA THR C 34 25.45 -1.88 31.43
C THR C 34 25.82 -2.62 32.71
N ARG C 35 24.79 -3.06 33.44
CA ARG C 35 24.97 -3.84 34.65
C ARG C 35 25.20 -5.31 34.30
N GLU C 36 26.47 -5.66 34.19
CA GLU C 36 26.88 -6.98 33.75
C GLU C 36 28.26 -7.29 34.32
N THR C 37 28.76 -8.46 33.94
CA THR C 37 30.13 -8.81 34.29
C THR C 37 31.07 -8.36 33.20
N GLU C 38 32.25 -7.88 33.61
CA GLU C 38 33.28 -7.47 32.66
C GLU C 38 33.39 -8.48 31.54
N GLU C 39 33.52 -9.77 31.89
CA GLU C 39 33.51 -10.81 30.88
C GLU C 39 32.21 -10.80 30.10
N GLN C 40 31.09 -10.88 30.81
CA GLN C 40 29.79 -10.90 30.14
C GLN C 40 29.70 -9.80 29.10
N LYS C 41 29.94 -8.55 29.52
CA LYS C 41 29.80 -7.44 28.60
C LYS C 41 30.86 -7.50 27.50
N ARG C 42 32.06 -7.95 27.82
CA ARG C 42 33.08 -8.07 26.78
C ARG C 42 32.62 -9.02 25.69
N ASN C 43 31.79 -10.00 26.03
CA ASN C 43 31.28 -10.91 25.03
C ASN C 43 30.14 -10.28 24.25
N ARG C 44 29.61 -9.17 24.77
CA ARG C 44 28.64 -8.40 24.01
C ARG C 44 29.34 -7.63 22.89
N VAL C 45 30.27 -6.76 23.25
CA VAL C 45 30.94 -5.95 22.26
C VAL C 45 31.65 -6.83 21.24
N ARG C 46 32.40 -7.81 21.70
CA ARG C 46 33.22 -8.61 20.81
C ARG C 46 32.41 -9.12 19.64
N SER C 47 31.24 -9.69 19.93
CA SER C 47 30.42 -10.25 18.88
C SER C 47 29.79 -9.17 18.03
N ILE C 48 29.35 -8.07 18.63
CA ILE C 48 28.82 -6.98 17.84
C ILE C 48 29.80 -6.60 16.75
N LEU C 49 31.09 -6.58 17.09
CA LEU C 49 32.11 -6.32 16.10
C LEU C 49 32.32 -7.54 15.21
N ARG C 50 31.54 -8.59 15.43
CA ARG C 50 31.42 -9.67 14.47
C ARG C 50 30.20 -9.49 13.60
N ILE C 51 29.28 -8.62 14.04
CA ILE C 51 27.98 -8.52 13.40
C ILE C 51 27.99 -7.49 12.30
N ILE C 52 28.44 -6.27 12.62
CA ILE C 52 28.40 -5.20 11.65
C ILE C 52 29.32 -5.47 10.49
N LYS C 53 30.47 -6.07 10.76
CA LYS C 53 31.48 -6.27 9.74
C LYS C 53 30.92 -6.89 8.47
N PRO C 54 30.21 -8.00 8.52
CA PRO C 54 29.65 -8.57 7.29
C PRO C 54 28.52 -7.73 6.75
N CYS C 55 28.24 -7.96 5.48
CA CYS C 55 27.19 -7.26 4.78
C CYS C 55 25.93 -8.12 4.74
N ASN C 56 24.85 -7.58 5.29
CA ASN C 56 23.63 -8.34 5.45
C ASN C 56 23.12 -8.92 4.15
N HIS C 57 22.72 -8.05 3.23
CA HIS C 57 22.01 -8.46 2.03
C HIS C 57 22.92 -8.33 0.82
N VAL C 58 22.97 -9.37 0.02
CA VAL C 58 23.73 -9.39 -1.22
C VAL C 58 22.92 -10.16 -2.23
N LEU C 59 22.59 -9.51 -3.32
CA LEU C 59 21.70 -10.08 -4.32
C LEU C 59 22.45 -10.28 -5.62
N SER C 60 22.16 -11.39 -6.28
CA SER C 60 22.75 -11.71 -7.56
C SER C 60 21.63 -11.83 -8.58
N LEU C 61 21.87 -11.31 -9.78
CA LEU C 61 20.83 -11.15 -10.77
C LEU C 61 21.22 -11.81 -12.09
N SER C 62 20.26 -11.80 -13.00
CA SER C 62 20.44 -12.31 -14.35
C SER C 62 19.42 -11.64 -15.25
N PHE C 63 19.89 -11.05 -16.34
CA PHE C 63 19.07 -10.22 -17.18
C PHE C 63 18.94 -10.78 -18.59
N PRO C 64 17.74 -11.05 -19.02
CA PRO C 64 17.52 -11.34 -20.43
C PRO C 64 17.35 -10.08 -21.25
N ILE C 65 18.45 -9.50 -21.69
CA ILE C 65 18.42 -8.31 -22.52
C ILE C 65 18.58 -8.72 -23.98
N ARG C 66 17.98 -7.93 -24.88
CA ARG C 66 18.14 -8.12 -26.32
C ARG C 66 19.05 -7.04 -26.87
N ARG C 67 20.09 -7.47 -27.57
CA ARG C 67 21.02 -6.55 -28.19
C ARG C 67 20.33 -5.80 -29.33
N ASP C 68 21.09 -4.86 -29.91
CA ASP C 68 20.62 -4.17 -31.11
C ASP C 68 20.64 -5.08 -32.32
N ASP C 69 21.55 -6.04 -32.37
CA ASP C 69 21.67 -6.94 -33.51
C ASP C 69 20.59 -8.02 -33.51
N GLY C 70 19.60 -7.91 -32.61
CA GLY C 70 18.57 -8.91 -32.49
C GLY C 70 18.89 -10.03 -31.53
N SER C 71 20.17 -10.22 -31.22
CA SER C 71 20.58 -11.30 -30.35
C SER C 71 20.16 -11.03 -28.91
N TRP C 72 20.13 -12.11 -28.14
CA TRP C 72 19.94 -12.02 -26.70
C TRP C 72 21.25 -12.33 -26.01
N GLU C 73 21.36 -11.89 -24.76
CA GLU C 73 22.46 -12.28 -23.91
C GLU C 73 22.05 -12.06 -22.47
N VAL C 74 22.63 -12.86 -21.58
CA VAL C 74 22.33 -12.79 -20.16
C VAL C 74 23.37 -11.90 -19.50
N ILE C 75 22.96 -11.21 -18.44
CA ILE C 75 23.82 -10.26 -17.75
C ILE C 75 23.66 -10.47 -16.27
N GLU C 76 24.77 -10.47 -15.56
CA GLU C 76 24.78 -10.63 -14.12
C GLU C 76 24.96 -9.27 -13.45
N GLY C 77 24.23 -9.07 -12.37
CA GLY C 77 24.27 -7.80 -11.66
C GLY C 77 24.15 -8.03 -10.17
N TYR C 78 24.95 -7.28 -9.43
CA TYR C 78 25.07 -7.47 -8.00
C TYR C 78 24.71 -6.18 -7.28
N ARG C 79 23.98 -6.34 -6.18
CA ARG C 79 23.68 -5.24 -5.28
C ARG C 79 23.96 -5.72 -3.88
N ALA C 80 24.66 -4.90 -3.11
CA ALA C 80 25.04 -5.24 -1.76
C ALA C 80 24.62 -4.15 -0.81
N GLN C 81 23.82 -4.51 0.17
CA GLN C 81 23.27 -3.57 1.13
C GLN C 81 23.87 -3.94 2.47
N HIS C 82 24.95 -3.26 2.85
CA HIS C 82 25.77 -3.68 3.98
C HIS C 82 24.92 -3.95 5.21
N SER C 83 24.26 -2.91 5.72
CA SER C 83 23.72 -3.04 7.06
C SER C 83 22.46 -2.21 7.17
N GLN C 84 21.48 -2.75 7.89
CA GLN C 84 20.20 -2.11 8.13
C GLN C 84 20.21 -1.31 9.42
N HIS C 85 21.30 -1.37 10.19
CA HIS C 85 21.38 -0.63 11.43
C HIS C 85 20.93 0.81 11.27
N ARG C 86 21.08 1.39 10.09
CA ARG C 86 20.62 2.74 9.84
C ARG C 86 20.32 2.94 8.37
N THR C 87 19.05 2.81 8.02
CA THR C 87 18.54 3.08 6.69
C THR C 87 18.14 4.54 6.57
N PRO C 88 18.10 5.07 5.34
CA PRO C 88 18.30 4.36 4.09
C PRO C 88 19.72 4.01 3.85
N CYS C 89 19.95 3.31 2.75
CA CYS C 89 21.27 2.85 2.38
C CYS C 89 21.66 3.48 1.05
N LYS C 90 22.96 3.65 0.88
CA LYS C 90 23.47 4.33 -0.30
C LYS C 90 24.52 3.46 -0.96
N GLY C 91 24.71 3.71 -2.25
CA GLY C 91 25.73 3.02 -3.00
C GLY C 91 25.62 3.33 -4.47
N GLY C 92 26.74 3.57 -5.10
CA GLY C 92 26.75 3.81 -6.51
C GLY C 92 26.71 2.54 -7.30
N ILE C 93 26.79 2.70 -8.61
CA ILE C 93 26.79 1.59 -9.54
C ILE C 93 28.10 1.63 -10.32
N ARG C 94 28.57 0.45 -10.71
CA ARG C 94 29.80 0.33 -11.48
C ARG C 94 29.61 -0.71 -12.57
N TYR C 95 29.71 -0.27 -13.80
CA TYR C 95 29.68 -1.15 -14.96
C TYR C 95 31.11 -1.51 -15.30
N SER C 96 31.45 -2.79 -15.18
CA SER C 96 32.77 -3.26 -15.53
C SER C 96 32.73 -4.79 -15.65
N THR C 97 33.90 -5.37 -15.85
CA THR C 97 34.02 -6.82 -15.95
C THR C 97 34.88 -7.40 -14.85
N ASP C 98 35.46 -6.55 -14.01
CA ASP C 98 36.18 -6.96 -12.83
C ASP C 98 35.24 -7.23 -11.67
N VAL C 99 33.95 -7.00 -11.87
CA VAL C 99 32.97 -7.09 -10.80
C VAL C 99 32.98 -8.48 -10.20
N SER C 100 32.57 -8.59 -8.95
CA SER C 100 32.32 -9.86 -8.31
C SER C 100 31.70 -9.61 -6.95
N VAL C 101 31.00 -10.63 -6.45
CA VAL C 101 30.33 -10.52 -5.17
C VAL C 101 31.28 -9.94 -4.13
N ASP C 102 32.43 -10.58 -3.95
CA ASP C 102 33.37 -10.16 -2.95
C ASP C 102 33.81 -8.72 -3.17
N GLU C 103 34.07 -8.36 -4.42
CA GLU C 103 34.54 -7.01 -4.71
C GLU C 103 33.54 -5.97 -4.24
N VAL C 104 32.29 -6.37 -4.09
CA VAL C 104 31.25 -5.43 -3.70
C VAL C 104 31.21 -5.29 -2.19
N LYS C 105 30.95 -6.38 -1.50
CA LYS C 105 30.76 -6.35 -0.06
C LYS C 105 31.75 -5.39 0.59
N ALA C 106 32.98 -5.37 0.10
CA ALA C 106 33.94 -4.40 0.60
C ALA C 106 33.39 -2.99 0.50
N LEU C 107 33.12 -2.57 -0.73
CA LEU C 107 32.85 -1.16 -0.98
C LEU C 107 31.59 -0.72 -0.26
N ALA C 108 30.61 -1.61 -0.15
CA ALA C 108 29.46 -1.30 0.69
C ALA C 108 29.88 -1.21 2.13
N SER C 109 30.51 -2.28 2.62
CA SER C 109 31.02 -2.27 3.98
C SER C 109 32.01 -1.13 4.17
N LEU C 110 32.49 -0.56 3.06
CA LEU C 110 33.35 0.60 3.13
C LEU C 110 32.54 1.88 3.26
N MET C 111 31.72 2.17 2.23
CA MET C 111 31.01 3.43 2.21
C MET C 111 30.31 3.68 3.53
N THR C 112 29.79 2.63 4.14
CA THR C 112 29.22 2.76 5.47
C THR C 112 30.15 3.51 6.38
N TYR C 113 31.33 2.95 6.60
CA TYR C 113 32.31 3.56 7.47
C TYR C 113 32.70 4.94 6.96
N LYS C 114 32.73 5.11 5.65
CA LYS C 114 33.00 6.43 5.09
C LYS C 114 31.93 7.42 5.53
N CYS C 115 30.68 7.00 5.44
CA CYS C 115 29.58 7.91 5.76
C CYS C 115 29.62 8.30 7.22
N ALA C 116 29.88 7.35 8.11
CA ALA C 116 29.82 7.63 9.53
C ALA C 116 30.83 8.68 9.94
N VAL C 117 32.04 8.58 9.40
CA VAL C 117 33.08 9.55 9.71
C VAL C 117 32.54 10.96 9.57
N VAL C 118 31.73 11.18 8.56
CA VAL C 118 31.23 12.50 8.23
C VAL C 118 29.83 12.70 8.78
N ASP C 119 29.40 11.84 9.68
CA ASP C 119 28.14 12.02 10.39
C ASP C 119 26.97 12.04 9.41
N VAL C 120 26.90 11.02 8.58
CA VAL C 120 25.83 10.90 7.60
C VAL C 120 24.97 9.71 7.99
N PRO C 121 23.66 9.81 7.89
CA PRO C 121 22.77 8.71 8.27
C PRO C 121 22.90 7.49 7.39
N PHE C 122 23.19 7.72 6.12
CA PHE C 122 23.09 6.66 5.13
C PHE C 122 23.82 5.41 5.58
N GLY C 123 23.40 4.29 4.99
CA GLY C 123 24.07 3.03 5.17
C GLY C 123 24.70 2.59 3.87
N GLY C 124 25.83 1.92 3.98
CA GLY C 124 26.62 1.63 2.82
C GLY C 124 26.01 0.54 1.97
N ALA C 125 26.07 0.75 0.68
CA ALA C 125 25.71 -0.26 -0.29
C ALA C 125 26.51 -0.03 -1.54
N LYS C 126 26.36 -0.95 -2.49
CA LYS C 126 26.95 -0.75 -3.80
C LYS C 126 26.45 -1.83 -4.73
N ALA C 127 26.49 -1.52 -6.00
CA ALA C 127 26.09 -2.45 -7.05
C ALA C 127 27.11 -2.46 -8.16
N GLY C 128 27.00 -3.47 -9.00
CA GLY C 128 27.87 -3.60 -10.13
C GLY C 128 27.30 -4.58 -11.12
N VAL C 129 27.90 -4.60 -12.30
CA VAL C 129 27.44 -5.44 -13.39
C VAL C 129 28.64 -5.94 -14.15
N LYS C 130 28.62 -7.23 -14.51
CA LYS C 130 29.68 -7.81 -15.32
C LYS C 130 29.47 -7.42 -16.77
N ILE C 131 30.13 -6.36 -17.20
CA ILE C 131 29.83 -5.77 -18.50
C ILE C 131 30.90 -4.75 -18.86
N ASN C 132 31.11 -4.53 -20.14
CA ASN C 132 31.97 -3.43 -20.56
C ASN C 132 31.16 -2.46 -21.40
N PRO C 133 30.81 -1.30 -20.85
CA PRO C 133 29.95 -0.37 -21.60
C PRO C 133 30.41 -0.10 -23.00
N LYS C 134 31.72 0.12 -23.17
CA LYS C 134 32.25 0.57 -24.44
C LYS C 134 31.80 -0.30 -25.60
N ASN C 135 31.60 -1.59 -25.37
CA ASN C 135 31.18 -2.49 -26.43
C ASN C 135 29.69 -2.36 -26.73
N TYR C 136 28.98 -1.55 -25.96
CA TYR C 136 27.54 -1.42 -26.11
C TYR C 136 27.18 0.04 -26.39
N THR C 137 26.02 0.23 -27.00
CA THR C 137 25.56 1.54 -27.40
C THR C 137 24.96 2.30 -26.23
N ASP C 138 24.43 3.48 -26.54
CA ASP C 138 23.64 4.20 -25.56
C ASP C 138 22.31 3.52 -25.34
N ASN C 139 21.63 3.16 -26.42
CA ASN C 139 20.34 2.50 -26.30
C ASN C 139 20.45 1.26 -25.42
N GLU C 140 21.35 0.36 -25.78
CA GLU C 140 21.53 -0.86 -25.01
C GLU C 140 21.67 -0.54 -23.52
N LEU C 141 22.65 0.29 -23.18
CA LEU C 141 22.81 0.70 -21.80
C LEU C 141 21.50 1.24 -21.23
N GLU C 142 20.71 1.92 -22.06
CA GLU C 142 19.45 2.44 -21.56
C GLU C 142 18.44 1.31 -21.45
N LYS C 143 18.71 0.19 -22.12
CA LYS C 143 17.89 -1.00 -21.96
C LYS C 143 18.35 -1.78 -20.74
N ILE C 144 19.66 -1.82 -20.53
CA ILE C 144 20.20 -2.51 -19.36
C ILE C 144 19.70 -1.83 -18.10
N THR C 145 20.10 -0.57 -17.91
CA THR C 145 19.85 0.11 -16.67
C THR C 145 18.39 0.05 -16.27
N ARG C 146 17.51 0.58 -17.11
CA ARG C 146 16.11 0.70 -16.72
C ARG C 146 15.49 -0.67 -16.46
N ARG C 147 16.18 -1.74 -16.85
CA ARG C 147 15.75 -3.06 -16.44
C ARG C 147 16.40 -3.45 -15.13
N PHE C 148 17.67 -3.12 -14.97
CA PHE C 148 18.35 -3.34 -13.71
C PHE C 148 17.53 -2.81 -12.56
N THR C 149 17.25 -1.52 -12.56
CA THR C 149 16.50 -0.92 -11.48
C THR C 149 15.02 -1.21 -11.57
N MET C 150 14.62 -2.03 -12.53
CA MET C 150 13.24 -2.52 -12.55
C MET C 150 13.13 -3.75 -11.68
N GLU C 151 14.18 -4.56 -11.64
CA GLU C 151 14.18 -5.73 -10.78
C GLU C 151 14.37 -5.31 -9.33
N LEU C 152 15.50 -4.68 -9.04
CA LEU C 152 15.81 -4.29 -7.68
C LEU C 152 14.64 -3.61 -7.01
N ALA C 153 13.82 -2.90 -7.78
CA ALA C 153 12.66 -2.25 -7.19
C ALA C 153 11.60 -3.26 -6.82
N LYS C 154 11.42 -4.28 -7.65
CA LYS C 154 10.53 -5.37 -7.30
C LYS C 154 10.96 -6.00 -5.98
N LYS C 155 12.22 -5.80 -5.61
CA LYS C 155 12.82 -6.50 -4.50
C LYS C 155 13.41 -5.54 -3.48
N GLY C 156 12.84 -4.36 -3.35
CA GLY C 156 13.14 -3.50 -2.23
C GLY C 156 14.59 -3.15 -2.05
N PHE C 157 15.35 -3.05 -3.11
CA PHE C 157 16.71 -2.50 -3.04
C PHE C 157 16.83 -1.15 -3.68
N ILE C 158 15.73 -0.52 -4.03
CA ILE C 158 15.77 0.83 -4.56
C ILE C 158 14.53 1.57 -4.11
N GLY C 159 14.72 2.62 -3.33
CA GLY C 159 13.65 3.45 -2.86
C GLY C 159 14.22 4.57 -2.03
N PRO C 160 13.56 5.72 -2.04
CA PRO C 160 14.14 6.88 -1.35
C PRO C 160 14.40 6.65 0.12
N GLY C 161 13.85 5.58 0.68
CA GLY C 161 14.07 5.27 2.08
C GLY C 161 14.45 3.82 2.32
N VAL C 162 15.04 3.18 1.32
CA VAL C 162 15.62 1.86 1.50
C VAL C 162 17.05 1.90 1.01
N ASP C 163 17.23 2.36 -0.23
CA ASP C 163 18.50 2.22 -0.93
C ASP C 163 18.51 3.28 -2.03
N VAL C 164 19.62 4.00 -2.14
CA VAL C 164 19.71 5.14 -3.04
C VAL C 164 20.91 4.90 -3.97
N PRO C 165 20.69 4.58 -5.23
CA PRO C 165 21.81 4.50 -6.16
C PRO C 165 22.54 5.82 -6.26
N ALA C 166 23.65 5.81 -6.98
CA ALA C 166 24.43 7.01 -7.18
C ALA C 166 25.43 6.76 -8.30
N PRO C 167 26.09 7.81 -8.77
CA PRO C 167 27.08 7.63 -9.83
C PRO C 167 28.39 7.09 -9.32
N ASP C 168 29.31 6.92 -10.25
CA ASP C 168 30.64 6.41 -10.01
C ASP C 168 31.34 6.40 -11.35
N MET C 169 32.62 6.06 -11.36
CA MET C 169 33.31 5.92 -12.63
C MET C 169 32.56 4.95 -13.51
N SER C 170 32.53 5.24 -14.81
CA SER C 170 31.80 4.50 -15.83
C SER C 170 30.33 4.89 -15.85
N THR C 171 29.90 5.83 -15.02
CA THR C 171 28.52 6.30 -15.03
C THR C 171 28.47 7.81 -15.11
N GLY C 172 27.25 8.32 -15.19
CA GLY C 172 27.04 9.74 -15.31
C GLY C 172 25.57 10.07 -15.13
N GLU C 173 25.25 11.35 -15.27
CA GLU C 173 23.89 11.79 -15.06
C GLU C 173 22.88 11.00 -15.89
N ARG C 174 23.14 10.84 -17.19
CA ARG C 174 22.26 10.05 -18.02
C ARG C 174 21.81 8.79 -17.32
N GLU C 175 22.78 7.98 -16.88
CA GLU C 175 22.45 6.73 -16.21
C GLU C 175 21.45 6.97 -15.10
N MET C 176 21.79 7.85 -14.17
CA MET C 176 20.83 8.21 -13.13
C MET C 176 19.50 8.61 -13.73
N SER C 177 19.51 9.63 -14.58
CA SER C 177 18.26 10.14 -15.13
C SER C 177 17.38 9.01 -15.65
N TRP C 178 18.00 8.04 -16.33
CA TRP C 178 17.26 6.88 -16.78
C TRP C 178 16.55 6.21 -15.62
N ILE C 179 17.31 5.89 -14.57
CA ILE C 179 16.76 5.15 -13.45
C ILE C 179 15.53 5.83 -12.92
N ALA C 180 15.69 7.06 -12.42
CA ALA C 180 14.61 7.74 -11.73
C ALA C 180 13.30 7.62 -12.49
N ASP C 181 13.35 7.77 -13.81
CA ASP C 181 12.14 7.66 -14.60
C ASP C 181 11.53 6.28 -14.44
N THR C 182 12.34 5.23 -14.61
CA THR C 182 11.84 3.89 -14.41
C THR C 182 11.08 3.78 -13.11
N TYR C 183 11.73 4.16 -12.01
CA TYR C 183 11.10 4.02 -10.70
C TYR C 183 9.74 4.69 -10.68
N ALA C 184 9.68 5.94 -11.12
CA ALA C 184 8.41 6.66 -11.10
C ALA C 184 7.36 5.95 -11.94
N SER C 185 7.79 5.19 -12.94
CA SER C 185 6.87 4.49 -13.81
C SER C 185 6.61 3.06 -13.37
N THR C 186 7.16 2.65 -12.22
CA THR C 186 6.98 1.30 -11.74
C THR C 186 6.59 1.22 -10.28
N ILE C 187 6.93 2.21 -9.47
CA ILE C 187 6.70 2.12 -8.04
C ILE C 187 5.98 3.35 -7.54
N GLY C 188 6.57 4.52 -7.77
CA GLY C 188 6.04 5.70 -7.13
C GLY C 188 4.61 5.93 -7.52
N HIS C 189 4.40 6.28 -8.78
CA HIS C 189 3.08 6.43 -9.38
C HIS C 189 2.23 7.50 -8.69
N TYR C 190 2.52 7.76 -7.42
CA TYR C 190 1.96 8.89 -6.69
C TYR C 190 2.96 9.39 -5.66
N ASP C 191 3.88 8.52 -5.25
CA ASP C 191 4.75 8.78 -4.12
C ASP C 191 5.58 10.01 -4.43
N ILE C 192 5.49 11.00 -3.55
CA ILE C 192 6.12 12.29 -3.80
C ILE C 192 7.63 12.13 -3.76
N ASN C 193 8.11 11.27 -2.88
CA ASN C 193 9.53 11.15 -2.64
C ASN C 193 10.26 10.41 -3.76
N ALA C 194 9.56 10.03 -4.84
CA ALA C 194 10.23 9.39 -5.95
C ALA C 194 11.33 10.23 -6.54
N HIS C 195 11.18 11.55 -6.47
CA HIS C 195 12.21 12.45 -6.98
C HIS C 195 13.51 12.32 -6.20
N ALA C 196 13.49 11.54 -5.12
CA ALA C 196 14.68 11.25 -4.34
C ALA C 196 15.18 9.84 -4.54
N CYS C 197 14.57 9.10 -5.46
CA CYS C 197 14.98 7.71 -5.69
C CYS C 197 16.47 7.61 -5.85
N VAL C 198 17.09 8.62 -6.47
CA VAL C 198 18.50 8.61 -6.77
C VAL C 198 19.11 9.96 -6.47
N THR C 199 20.38 10.07 -6.82
CA THR C 199 21.19 11.25 -6.61
C THR C 199 22.19 11.36 -7.74
N GLY C 200 22.75 12.55 -7.90
CA GLY C 200 23.62 12.82 -9.02
C GLY C 200 22.84 13.19 -10.25
N LYS C 201 21.53 13.35 -10.09
CA LYS C 201 20.68 13.75 -11.18
C LYS C 201 21.21 15.01 -11.84
N PRO C 202 20.80 15.28 -13.06
CA PRO C 202 21.06 16.59 -13.65
C PRO C 202 20.39 17.66 -12.82
N ILE C 203 20.66 18.91 -13.19
CA ILE C 203 20.19 20.03 -12.40
C ILE C 203 18.71 20.28 -12.63
N SER C 204 18.22 19.95 -13.82
CA SER C 204 16.88 20.33 -14.20
C SER C 204 15.81 19.56 -13.44
N GLN C 205 16.18 18.45 -12.80
CA GLN C 205 15.22 17.58 -12.13
C GLN C 205 15.30 17.67 -10.62
N GLY C 206 16.29 18.39 -10.11
CA GLY C 206 16.58 18.38 -8.69
C GLY C 206 18.01 18.11 -8.35
N GLY C 207 18.92 18.19 -9.31
CA GLY C 207 20.32 17.99 -9.05
C GLY C 207 20.89 19.15 -8.28
N ILE C 208 22.18 19.40 -8.45
CA ILE C 208 22.90 20.39 -7.65
C ILE C 208 23.84 21.18 -8.52
N HIS C 209 23.98 22.46 -8.20
CA HIS C 209 25.02 23.29 -8.78
C HIS C 209 26.28 23.09 -7.94
N GLY C 210 27.10 22.14 -8.37
CA GLY C 210 28.38 21.95 -7.71
C GLY C 210 28.87 20.52 -7.62
N ARG C 211 28.02 19.56 -7.98
CA ARG C 211 28.39 18.17 -7.77
C ARG C 211 29.73 17.83 -8.39
N ILE C 212 29.92 18.21 -9.66
CA ILE C 212 31.08 17.72 -10.40
C ILE C 212 32.36 18.00 -9.64
N SER C 213 32.51 19.21 -9.12
CA SER C 213 33.73 19.60 -8.44
C SER C 213 33.71 19.23 -6.97
N ALA C 214 32.58 18.75 -6.46
CA ALA C 214 32.44 18.49 -5.04
C ALA C 214 33.64 17.74 -4.48
N THR C 215 33.81 16.51 -4.96
CA THR C 215 34.88 15.65 -4.45
C THR C 215 36.17 16.41 -4.34
N GLY C 216 36.60 17.01 -5.44
CA GLY C 216 37.83 17.78 -5.42
C GLY C 216 37.87 18.75 -4.27
N ARG C 217 36.75 19.40 -4.01
CA ARG C 217 36.68 20.30 -2.87
C ARG C 217 36.81 19.51 -1.58
N GLY C 218 36.06 18.42 -1.46
CA GLY C 218 36.09 17.65 -0.24
C GLY C 218 37.50 17.29 0.14
N VAL C 219 38.34 17.02 -0.85
CA VAL C 219 39.75 16.86 -0.61
C VAL C 219 40.31 18.10 0.05
N PHE C 220 40.02 19.25 -0.54
CA PHE C 220 40.70 20.48 -0.15
C PHE C 220 40.42 20.82 1.31
N HIS C 221 39.16 21.11 1.63
CA HIS C 221 38.83 21.46 3.00
C HIS C 221 39.31 20.39 3.97
N GLY C 222 39.43 19.15 3.49
CA GLY C 222 39.95 18.10 4.35
C GLY C 222 41.40 18.32 4.68
N ILE C 223 42.20 18.65 3.68
CA ILE C 223 43.60 18.97 3.92
C ILE C 223 43.71 20.19 4.82
N GLU C 224 42.86 21.18 4.55
CA GLU C 224 42.96 22.46 5.25
C GLU C 224 42.81 22.27 6.74
N ASN C 225 41.87 21.45 7.16
CA ASN C 225 41.63 21.24 8.58
C ASN C 225 42.84 20.69 9.30
N PHE C 226 43.86 20.23 8.57
CA PHE C 226 45.08 19.75 9.16
C PHE C 226 46.27 20.66 8.92
N ILE C 227 46.52 21.05 7.67
CA ILE C 227 47.66 21.90 7.38
C ILE C 227 47.65 23.13 8.28
N ASN C 228 46.48 23.70 8.52
CA ASN C 228 46.34 24.83 9.42
C ASN C 228 46.43 24.41 10.88
N GLU C 229 46.62 23.13 11.15
CA GLU C 229 46.72 22.61 12.50
C GLU C 229 48.21 22.47 12.83
N ALA C 230 48.69 23.36 13.69
CA ALA C 230 50.11 23.34 14.04
C ALA C 230 50.49 22.04 14.74
N SER C 231 49.59 21.50 15.56
CA SER C 231 49.90 20.31 16.34
C SER C 231 50.55 19.24 15.50
N TYR C 232 50.24 19.18 14.21
CA TYR C 232 50.86 18.24 13.31
C TYR C 232 51.93 18.88 12.43
N MET C 233 51.78 20.17 12.09
CA MET C 233 52.86 20.89 11.45
C MET C 233 54.16 20.71 12.23
N SER C 234 54.11 20.97 13.53
CA SER C 234 55.26 20.76 14.39
C SER C 234 55.88 19.39 14.19
N ILE C 235 55.06 18.35 14.17
CA ILE C 235 55.58 17.00 14.01
C ILE C 235 56.35 16.88 12.71
N LEU C 236 55.77 17.35 11.62
CA LEU C 236 56.40 17.24 10.32
C LEU C 236 57.39 18.36 10.05
N GLY C 237 57.70 19.19 11.04
CA GLY C 237 58.59 20.29 10.82
C GLY C 237 58.12 21.26 9.75
N MET C 238 56.84 21.25 9.43
CA MET C 238 56.29 22.10 8.38
C MET C 238 55.72 23.38 8.98
N THR C 239 55.08 24.16 8.11
CA THR C 239 54.47 25.42 8.47
C THR C 239 52.97 25.36 8.20
N PRO C 240 52.16 26.03 9.00
CA PRO C 240 50.74 26.16 8.67
C PRO C 240 50.54 26.97 7.41
N GLY C 241 49.36 26.84 6.82
CA GLY C 241 49.00 27.60 5.65
C GLY C 241 49.37 26.89 4.36
N PHE C 242 48.95 27.51 3.26
CA PHE C 242 49.29 27.02 1.93
C PHE C 242 50.19 27.96 1.15
N GLY C 243 50.50 29.13 1.70
CA GLY C 243 51.15 30.17 0.94
C GLY C 243 52.58 29.89 0.55
N ASP C 244 53.13 28.79 1.04
CA ASP C 244 54.56 28.53 0.81
C ASP C 244 54.88 27.07 0.51
N LYS C 245 53.99 26.30 -0.10
CA LYS C 245 54.14 24.86 -0.11
C LYS C 245 54.12 24.30 -1.52
N THR C 246 54.77 23.15 -1.65
CA THR C 246 54.92 22.44 -2.92
C THR C 246 53.81 21.42 -3.04
N PHE C 247 53.00 21.55 -4.08
CA PHE C 247 51.86 20.68 -4.31
C PHE C 247 52.00 20.00 -5.66
N VAL C 248 51.49 18.78 -5.72
CA VAL C 248 51.58 17.95 -6.91
C VAL C 248 50.31 17.12 -6.98
N VAL C 249 50.21 16.31 -8.04
CA VAL C 249 49.01 15.53 -8.29
C VAL C 249 49.36 14.36 -9.19
N GLN C 250 48.58 13.29 -9.05
CA GLN C 250 48.63 12.14 -9.95
C GLN C 250 47.20 11.65 -10.10
N GLY C 251 46.75 11.50 -11.33
CA GLY C 251 45.37 11.16 -11.59
C GLY C 251 44.58 12.34 -12.10
N PHE C 252 45.24 13.14 -12.92
CA PHE C 252 44.63 14.32 -13.52
C PHE C 252 43.35 13.98 -14.25
N GLY C 253 42.45 14.95 -14.39
CA GLY C 253 41.13 14.68 -14.94
C GLY C 253 40.08 15.26 -14.02
N ASN C 254 39.30 14.36 -13.45
CA ASN C 254 38.46 14.67 -12.31
C ASN C 254 39.34 14.76 -11.07
N VAL C 255 38.81 14.33 -9.93
CA VAL C 255 39.14 14.80 -8.60
C VAL C 255 40.54 15.37 -8.50
N GLY C 256 41.47 14.82 -9.25
CA GLY C 256 42.78 15.42 -9.34
C GLY C 256 42.69 16.90 -9.66
N LEU C 257 41.77 17.26 -10.55
CA LEU C 257 41.73 18.62 -11.06
C LEU C 257 41.00 19.57 -10.12
N HIS C 258 39.70 19.37 -9.98
CA HIS C 258 38.86 20.33 -9.26
C HIS C 258 39.46 20.67 -7.91
N SER C 259 40.27 19.77 -7.37
CA SER C 259 41.04 20.09 -6.18
C SER C 259 42.22 20.99 -6.52
N MET C 260 43.01 20.59 -7.51
CA MET C 260 44.14 21.39 -7.93
C MET C 260 43.73 22.85 -8.08
N ARG C 261 42.57 23.08 -8.68
CA ARG C 261 42.14 24.44 -8.91
C ARG C 261 41.82 25.14 -7.61
N TYR C 262 40.82 24.63 -6.88
CA TYR C 262 40.53 25.15 -5.55
C TYR C 262 41.81 25.27 -4.74
N LEU C 263 42.69 24.28 -4.89
CA LEU C 263 43.96 24.31 -4.18
C LEU C 263 44.74 25.55 -4.57
N HIS C 264 44.84 25.81 -5.87
CA HIS C 264 45.58 26.97 -6.36
C HIS C 264 45.04 28.26 -5.77
N ARG C 265 43.78 28.26 -5.35
CA ARG C 265 43.11 29.51 -5.01
C ARG C 265 43.66 30.15 -3.76
N PHE C 266 43.99 29.37 -2.74
CA PHE C 266 44.31 29.90 -1.42
C PHE C 266 45.79 29.96 -1.15
N GLY C 267 46.60 30.29 -2.16
CA GLY C 267 48.02 30.46 -1.98
C GLY C 267 48.84 29.24 -2.26
N ALA C 268 48.25 28.23 -2.88
CA ALA C 268 49.00 27.03 -3.25
C ALA C 268 49.90 27.30 -4.43
N LYS C 269 50.87 26.43 -4.61
CA LYS C 269 51.72 26.43 -5.80
C LYS C 269 51.93 24.99 -6.24
N CYS C 270 51.05 24.50 -7.11
CA CYS C 270 51.19 23.16 -7.62
C CYS C 270 52.23 23.12 -8.72
N ILE C 271 52.96 22.00 -8.79
CA ILE C 271 54.19 21.91 -9.55
C ILE C 271 54.07 20.91 -10.70
N THR C 272 53.42 19.77 -10.45
CA THR C 272 53.43 18.68 -11.40
C THR C 272 52.03 18.16 -11.66
N VAL C 273 51.98 17.18 -12.56
CA VAL C 273 50.77 16.47 -12.92
C VAL C 273 51.15 15.08 -13.37
N GLY C 274 50.46 14.08 -12.85
CA GLY C 274 50.59 12.72 -13.32
C GLY C 274 49.39 12.36 -14.17
N GLU C 275 49.65 11.65 -15.26
CA GLU C 275 48.61 11.22 -16.16
C GLU C 275 48.91 9.81 -16.61
N SER C 276 47.85 9.09 -16.97
CA SER C 276 47.99 7.71 -17.40
C SER C 276 49.06 7.56 -18.46
N ASP C 277 49.36 8.63 -19.21
CA ASP C 277 50.28 8.57 -20.33
C ASP C 277 51.64 9.17 -20.01
N GLY C 278 51.80 9.82 -18.86
CA GLY C 278 53.07 10.46 -18.57
C GLY C 278 52.90 11.53 -17.50
N SER C 279 53.79 12.52 -17.57
CA SER C 279 53.92 13.48 -16.49
C SER C 279 54.53 14.78 -17.02
N ILE C 280 54.50 15.80 -16.16
CA ILE C 280 55.16 17.07 -16.42
C ILE C 280 55.69 17.63 -15.11
N TRP C 281 56.35 18.78 -15.22
CA TRP C 281 57.05 19.35 -14.06
C TRP C 281 57.43 20.79 -14.37
N ASN C 282 57.11 21.69 -13.45
CA ASN C 282 57.50 23.09 -13.56
C ASN C 282 57.62 23.65 -12.15
N PRO C 283 58.83 23.74 -11.62
CA PRO C 283 59.01 24.30 -10.27
C PRO C 283 58.50 25.73 -10.14
N ASP C 284 58.15 26.35 -11.27
CA ASP C 284 57.61 27.70 -11.23
C ASP C 284 56.13 27.74 -10.92
N GLY C 285 55.46 26.59 -10.86
CA GLY C 285 54.04 26.56 -10.63
C GLY C 285 53.26 26.60 -11.92
N ILE C 286 52.19 25.82 -11.97
CA ILE C 286 51.41 25.63 -13.19
C ILE C 286 49.99 26.12 -12.95
N ASP C 287 49.43 26.79 -13.94
CA ASP C 287 48.04 27.21 -13.91
C ASP C 287 47.15 26.02 -14.26
N PRO C 288 46.30 25.59 -13.37
CA PRO C 288 45.35 24.53 -13.72
C PRO C 288 44.54 24.90 -14.94
N LYS C 289 44.16 26.17 -15.01
CA LYS C 289 43.39 26.67 -16.13
C LYS C 289 44.02 26.30 -17.46
N GLU C 290 45.26 26.73 -17.67
CA GLU C 290 45.97 26.38 -18.90
C GLU C 290 45.91 24.88 -19.16
N LEU C 291 45.93 24.08 -18.09
CA LEU C 291 45.85 22.64 -18.25
C LEU C 291 44.45 22.21 -18.66
N GLU C 292 43.43 22.78 -18.02
CA GLU C 292 42.05 22.53 -18.43
C GLU C 292 41.90 22.64 -19.93
N ASP C 293 42.62 23.59 -20.52
CA ASP C 293 42.52 23.82 -21.96
C ASP C 293 43.01 22.60 -22.74
N PHE C 294 44.24 22.19 -22.49
CA PHE C 294 44.83 21.12 -23.28
C PHE C 294 44.10 19.81 -23.08
N LYS C 295 43.65 19.55 -21.84
CA LYS C 295 42.87 18.35 -21.61
C LYS C 295 41.72 18.26 -22.59
N LEU C 296 41.26 19.40 -23.09
CA LEU C 296 40.22 19.44 -24.10
C LEU C 296 40.76 19.74 -25.49
N GLN C 297 41.81 20.55 -25.59
CA GLN C 297 42.43 20.85 -26.87
C GLN C 297 43.45 19.82 -27.30
N HIS C 298 43.83 18.93 -26.40
CA HIS C 298 44.79 17.88 -26.73
C HIS C 298 44.41 16.50 -26.20
N GLY C 299 43.45 16.40 -25.28
CA GLY C 299 43.17 15.14 -24.62
C GLY C 299 44.32 14.59 -23.81
N THR C 300 45.33 15.41 -23.51
CA THR C 300 46.49 14.97 -22.75
C THR C 300 47.18 16.17 -22.16
N ILE C 301 48.03 15.90 -21.16
CA ILE C 301 48.89 16.93 -20.60
C ILE C 301 50.15 17.15 -21.42
N LEU C 302 50.70 16.09 -22.00
CA LEU C 302 52.00 16.16 -22.65
C LEU C 302 51.95 17.14 -23.82
N GLY C 303 53.03 17.89 -24.00
CA GLY C 303 53.05 19.00 -24.91
C GLY C 303 52.72 20.33 -24.26
N PHE C 304 52.61 20.37 -22.95
CA PHE C 304 52.33 21.62 -22.26
C PHE C 304 53.55 22.52 -22.34
N PRO C 305 53.44 23.72 -22.92
CA PRO C 305 54.63 24.57 -23.09
C PRO C 305 55.38 24.86 -21.82
N LYS C 306 54.70 25.18 -20.72
CA LYS C 306 55.35 25.70 -19.53
C LYS C 306 55.67 24.60 -18.52
N ALA C 307 55.91 23.40 -19.00
CA ALA C 307 56.36 22.32 -18.14
C ALA C 307 57.09 21.29 -18.96
N LYS C 308 58.17 20.77 -18.39
CA LYS C 308 58.94 19.71 -19.02
C LYS C 308 58.24 18.38 -18.83
N ILE C 309 58.39 17.49 -19.80
CA ILE C 309 57.85 16.15 -19.65
C ILE C 309 58.72 15.45 -18.63
N TYR C 310 58.20 15.36 -17.40
CA TYR C 310 58.99 14.85 -16.29
C TYR C 310 59.14 13.34 -16.40
N GLU C 311 60.37 12.86 -16.34
CA GLU C 311 60.63 11.44 -16.34
C GLU C 311 60.52 10.92 -14.91
N GLY C 312 59.85 9.78 -14.76
CA GLY C 312 59.64 9.18 -13.47
C GLY C 312 58.20 9.34 -13.01
N SER C 313 57.90 8.65 -11.91
CA SER C 313 56.57 8.74 -11.33
C SER C 313 56.44 10.00 -10.48
N ILE C 314 55.21 10.53 -10.44
CA ILE C 314 54.95 11.71 -9.63
C ILE C 314 55.43 11.50 -8.21
N LEU C 315 55.30 10.26 -7.72
CA LEU C 315 55.52 9.99 -6.30
C LEU C 315 56.92 10.39 -5.87
N GLU C 316 57.88 10.30 -6.77
CA GLU C 316 59.28 10.54 -6.44
C GLU C 316 59.66 12.00 -6.56
N VAL C 317 58.67 12.88 -6.69
CA VAL C 317 58.93 14.31 -6.80
C VAL C 317 59.16 14.88 -5.40
N ASP C 318 60.11 15.80 -5.30
CA ASP C 318 60.37 16.48 -4.03
C ASP C 318 59.31 17.55 -3.84
N CYS C 319 58.45 17.35 -2.86
CA CYS C 319 57.30 18.21 -2.65
C CYS C 319 56.91 18.19 -1.18
N ASP C 320 55.80 18.85 -0.89
CA ASP C 320 55.23 18.87 0.45
C ASP C 320 53.98 18.00 0.54
N ILE C 321 53.11 18.09 -0.48
CA ILE C 321 51.89 17.30 -0.57
C ILE C 321 52.01 16.41 -1.78
N LEU C 322 51.31 15.28 -1.75
CA LEU C 322 51.21 14.39 -2.89
C LEU C 322 49.81 13.81 -2.94
N ILE C 323 49.22 13.80 -4.12
CA ILE C 323 47.82 13.44 -4.25
C ILE C 323 47.65 12.31 -5.26
N PRO C 324 47.64 11.08 -4.81
CA PRO C 324 47.31 9.98 -5.71
C PRO C 324 45.83 9.90 -5.97
N ALA C 325 45.33 10.74 -6.87
CA ALA C 325 43.90 10.90 -7.03
C ALA C 325 43.25 9.75 -7.80
N ALA C 326 43.99 9.09 -8.68
CA ALA C 326 43.41 8.08 -9.55
C ALA C 326 44.01 6.69 -9.37
N SER C 327 45.32 6.56 -9.47
CA SER C 327 45.94 5.25 -9.49
C SER C 327 45.62 4.50 -8.22
N GLU C 328 45.38 3.19 -8.36
CA GLU C 328 45.12 2.31 -7.23
C GLU C 328 46.37 1.49 -6.92
N LYS C 329 46.63 1.32 -5.63
CA LYS C 329 47.79 0.55 -5.18
C LYS C 329 49.09 1.09 -5.78
N GLN C 330 49.14 2.42 -5.90
CA GLN C 330 50.29 3.05 -6.54
C GLN C 330 51.50 3.08 -5.62
N LEU C 331 51.27 2.97 -4.31
CA LEU C 331 52.34 3.14 -3.33
C LEU C 331 52.68 1.79 -2.74
N THR C 332 53.91 1.35 -2.97
CA THR C 332 54.38 0.07 -2.48
C THR C 332 55.64 0.23 -1.65
N LYS C 333 56.04 -0.86 -1.01
CA LYS C 333 57.27 -0.85 -0.23
C LYS C 333 58.46 -0.42 -1.08
N SER C 334 58.39 -0.63 -2.39
CA SER C 334 59.45 -0.19 -3.28
C SER C 334 59.46 1.32 -3.43
N ASN C 335 58.30 1.96 -3.35
CA ASN C 335 58.19 3.41 -3.51
C ASN C 335 58.07 4.14 -2.19
N ALA C 336 57.41 3.55 -1.21
CA ALA C 336 57.20 4.15 0.09
C ALA C 336 58.46 4.86 0.60
N PRO C 337 59.63 4.24 0.50
CA PRO C 337 60.84 4.94 0.92
C PRO C 337 61.28 5.95 -0.12
N ARG C 338 60.95 5.68 -1.38
CA ARG C 338 61.33 6.56 -2.47
C ARG C 338 60.52 7.84 -2.52
N VAL C 339 59.30 7.82 -1.97
CA VAL C 339 58.47 9.02 -1.98
C VAL C 339 59.22 10.16 -1.33
N LYS C 340 58.96 11.37 -1.81
CA LYS C 340 59.53 12.59 -1.25
C LYS C 340 58.36 13.50 -0.91
N ALA C 341 57.95 13.47 0.36
CA ALA C 341 56.76 14.20 0.75
C ALA C 341 56.62 14.13 2.26
N LYS C 342 55.93 15.11 2.80
CA LYS C 342 55.53 15.13 4.19
C LYS C 342 54.15 14.55 4.41
N ILE C 343 53.25 14.72 3.44
CA ILE C 343 51.85 14.35 3.58
C ILE C 343 51.43 13.62 2.31
N ILE C 344 50.42 12.77 2.44
CA ILE C 344 49.74 12.16 1.31
C ILE C 344 48.26 12.42 1.47
N ALA C 345 47.53 12.38 0.35
CA ALA C 345 46.11 12.70 0.38
C ALA C 345 45.26 11.46 0.24
N GLU C 346 45.50 10.68 -0.82
CA GLU C 346 44.69 9.52 -1.12
C GLU C 346 43.25 9.90 -1.43
N GLY C 347 43.05 10.66 -2.49
CA GLY C 347 41.72 10.92 -2.99
C GLY C 347 41.03 9.64 -3.43
N ALA C 348 41.72 8.87 -4.25
CA ALA C 348 41.20 7.59 -4.69
C ALA C 348 41.05 6.63 -3.52
N ASN C 349 40.51 5.47 -3.82
CA ASN C 349 40.33 4.42 -2.83
C ASN C 349 41.48 3.42 -2.97
N GLY C 350 42.14 3.14 -1.85
CA GLY C 350 43.24 2.21 -1.84
C GLY C 350 44.32 2.50 -2.85
N PRO C 351 44.73 3.76 -2.96
CA PRO C 351 45.95 4.05 -3.74
C PRO C 351 47.20 3.58 -3.04
N THR C 352 47.10 3.29 -1.75
CA THR C 352 48.25 3.01 -0.91
C THR C 352 48.13 1.61 -0.31
N THR C 353 49.26 0.98 -0.10
CA THR C 353 49.29 -0.36 0.45
C THR C 353 49.46 -0.34 1.96
N PRO C 354 48.95 -1.36 2.65
CA PRO C 354 49.17 -1.44 4.09
C PRO C 354 50.64 -1.37 4.47
N GLU C 355 51.46 -2.15 3.78
CA GLU C 355 52.89 -2.16 4.08
C GLU C 355 53.47 -0.75 4.03
N ALA C 356 53.07 0.03 3.02
CA ALA C 356 53.61 1.37 2.89
C ALA C 356 53.29 2.21 4.12
N ASP C 357 52.03 2.20 4.54
CA ASP C 357 51.61 2.97 5.70
C ASP C 357 52.62 2.82 6.84
N LYS C 358 52.97 1.58 7.16
CA LYS C 358 54.00 1.34 8.16
C LYS C 358 55.26 2.13 7.83
N ILE C 359 55.74 1.97 6.59
CA ILE C 359 56.98 2.63 6.19
C ILE C 359 56.89 4.12 6.43
N PHE C 360 55.77 4.72 6.03
CA PHE C 360 55.60 6.15 6.26
C PHE C 360 55.68 6.49 7.74
N LEU C 361 54.88 5.81 8.56
CA LEU C 361 54.96 6.01 10.00
C LEU C 361 56.40 5.89 10.48
N GLU C 362 57.20 5.05 9.80
CA GLU C 362 58.61 4.94 10.14
C GLU C 362 59.39 6.11 9.57
N ARG C 363 58.93 6.65 8.42
CA ARG C 363 59.52 7.85 7.88
C ARG C 363 58.88 9.12 8.43
N ASN C 364 58.02 8.99 9.43
CA ASN C 364 57.40 10.14 10.06
C ASN C 364 56.51 10.87 9.08
N ILE C 365 56.10 10.19 8.01
CA ILE C 365 55.29 10.78 6.97
C ILE C 365 53.82 10.66 7.37
N MET C 366 53.17 11.80 7.49
CA MET C 366 51.73 11.85 7.71
C MET C 366 51.01 11.45 6.43
N VAL C 367 49.78 11.01 6.56
CA VAL C 367 48.94 10.72 5.42
C VAL C 367 47.51 11.07 5.77
N ILE C 368 46.61 10.85 4.81
CA ILE C 368 45.19 11.09 5.00
C ILE C 368 44.45 9.85 4.53
N PRO C 369 43.38 9.44 5.20
CA PRO C 369 42.65 8.25 4.77
C PRO C 369 41.73 8.56 3.61
N ASP C 370 41.67 7.63 2.67
CA ASP C 370 40.72 7.74 1.57
C ASP C 370 39.32 8.02 2.04
N LEU C 371 38.91 7.45 3.17
CA LEU C 371 37.58 7.70 3.69
C LEU C 371 37.26 9.19 3.70
N TYR C 372 37.98 9.92 4.52
CA TYR C 372 37.69 11.31 4.82
C TYR C 372 37.59 12.15 3.57
N LEU C 373 38.62 12.10 2.72
CA LEU C 373 38.69 13.04 1.62
C LEU C 373 37.59 12.81 0.61
N ASN C 374 37.56 11.65 -0.03
CA ASN C 374 36.60 11.41 -1.11
C ASN C 374 35.19 11.25 -0.56
N ALA C 375 35.00 11.51 0.73
CA ALA C 375 33.66 11.53 1.30
C ALA C 375 32.79 12.60 0.68
N GLY C 376 33.33 13.79 0.42
CA GLY C 376 32.51 14.88 -0.04
C GLY C 376 31.66 14.50 -1.22
N GLY C 377 32.13 13.57 -2.04
CA GLY C 377 31.31 13.08 -3.14
C GLY C 377 30.09 12.36 -2.62
N VAL C 378 30.14 11.94 -1.37
CA VAL C 378 28.97 11.39 -0.71
C VAL C 378 28.18 12.49 -0.06
N THR C 379 28.85 13.31 0.75
CA THR C 379 28.17 14.36 1.48
C THR C 379 27.23 15.12 0.58
N VAL C 380 27.78 15.75 -0.46
CA VAL C 380 26.97 16.52 -1.38
C VAL C 380 25.71 15.76 -1.75
N SER C 381 25.87 14.51 -2.15
CA SER C 381 24.71 13.71 -2.53
C SER C 381 23.64 13.80 -1.46
N TYR C 382 24.01 13.48 -0.22
CA TYR C 382 23.08 13.61 0.89
C TYR C 382 22.28 14.89 0.76
N PHE C 383 22.95 16.01 0.58
CA PHE C 383 22.26 17.26 0.38
C PHE C 383 21.30 17.15 -0.79
N GLU C 384 21.81 16.67 -1.92
CA GLU C 384 20.97 16.53 -3.11
C GLU C 384 19.81 15.60 -2.83
N TRP C 385 19.99 14.67 -1.90
CA TRP C 385 18.91 13.75 -1.56
C TRP C 385 17.86 14.46 -0.74
N LEU C 386 18.18 15.64 -0.23
CA LEU C 386 17.19 16.39 0.53
C LEU C 386 16.47 17.38 -0.36
N ASN C 387 17.22 18.09 -1.21
CA ASN C 387 16.60 18.95 -2.21
C ASN C 387 15.40 18.26 -2.84
N ASN C 388 15.52 16.95 -3.05
CA ASN C 388 14.42 16.23 -3.69
C ASN C 388 13.37 15.82 -2.67
N LEU C 389 13.63 16.06 -1.38
CA LEU C 389 12.62 15.77 -0.38
C LEU C 389 11.94 17.03 0.13
N ASN C 390 12.71 18.05 0.48
CA ASN C 390 12.11 19.32 0.82
C ASN C 390 11.55 20.03 -0.41
N HIS C 391 11.75 19.45 -1.58
CA HIS C 391 11.16 19.92 -2.83
C HIS C 391 11.41 21.39 -3.06
N VAL C 392 12.58 21.88 -2.69
CA VAL C 392 12.97 23.25 -2.96
C VAL C 392 14.46 23.32 -3.17
N SER C 393 14.87 24.36 -3.89
CA SER C 393 16.26 24.78 -3.86
C SER C 393 16.52 25.48 -2.54
N TYR C 394 17.65 25.14 -1.93
CA TYR C 394 17.92 25.61 -0.57
C TYR C 394 17.85 27.12 -0.49
N GLY C 395 17.26 27.60 0.59
CA GLY C 395 17.37 28.99 0.95
C GLY C 395 16.37 29.92 0.29
N ARG C 396 15.82 29.54 -0.87
CA ARG C 396 15.03 30.48 -1.64
C ARG C 396 13.95 31.16 -0.82
N LEU C 397 13.61 30.60 0.32
CA LEU C 397 12.69 31.25 1.23
C LEU C 397 13.38 32.29 2.10
N THR C 398 14.71 32.36 2.07
CA THR C 398 15.45 33.09 3.08
C THR C 398 16.48 34.05 2.54
N PHE C 399 17.07 33.80 1.38
CA PHE C 399 18.15 34.64 0.88
C PHE C 399 17.83 36.11 1.07
N LYS C 400 16.72 36.55 0.50
CA LYS C 400 16.40 37.97 0.51
C LYS C 400 16.05 38.45 1.91
N TYR C 401 15.44 37.57 2.70
CA TYR C 401 15.14 37.93 4.08
C TYR C 401 16.42 38.21 4.83
N GLU C 402 17.31 37.22 4.88
CA GLU C 402 18.65 37.45 5.39
C GLU C 402 19.23 38.72 4.79
N ARG C 403 19.17 38.83 3.46
CA ARG C 403 19.68 40.01 2.80
C ARG C 403 19.16 41.27 3.46
N ASP C 404 17.84 41.42 3.50
CA ASP C 404 17.24 42.57 4.16
C ASP C 404 17.90 42.82 5.51
N SER C 405 17.78 41.84 6.41
CA SER C 405 18.39 42.00 7.72
C SER C 405 19.87 42.30 7.60
N ASN C 406 20.55 41.66 6.65
CA ASN C 406 21.97 41.87 6.51
C ASN C 406 22.34 43.31 6.19
N TYR C 407 21.38 44.16 5.84
CA TYR C 407 21.67 45.56 5.67
C TYR C 407 20.69 46.51 6.35
N HIS C 408 19.63 46.00 6.97
CA HIS C 408 18.99 46.83 7.98
C HIS C 408 19.92 47.08 9.14
N LEU C 409 20.72 46.07 9.50
CA LEU C 409 21.67 46.23 10.58
C LEU C 409 22.60 47.40 10.31
N LEU C 410 23.37 47.30 9.23
CA LEU C 410 24.31 48.35 8.88
C LEU C 410 23.67 49.72 9.03
N MET C 411 22.48 49.89 8.45
CA MET C 411 21.74 51.13 8.66
C MET C 411 21.66 51.46 10.15
N SER C 412 21.27 50.48 10.95
CA SER C 412 21.21 50.70 12.38
C SER C 412 22.53 51.20 12.92
N VAL C 413 23.62 50.56 12.52
CA VAL C 413 24.94 51.04 12.88
C VAL C 413 25.09 52.50 12.47
N GLN C 414 24.87 52.76 11.18
CA GLN C 414 24.98 54.12 10.66
C GLN C 414 24.23 55.09 11.56
N GLU C 415 22.93 54.87 11.72
CA GLU C 415 22.14 55.75 12.55
C GLU C 415 22.71 55.82 13.96
N SER C 416 23.07 54.66 14.52
CA SER C 416 23.60 54.65 15.89
C SER C 416 24.81 55.56 16.00
N LEU C 417 25.72 55.48 15.05
CA LEU C 417 26.91 56.32 15.09
C LEU C 417 26.55 57.78 14.81
N GLU C 418 25.87 58.02 13.69
CA GLU C 418 25.45 59.39 13.39
C GLU C 418 24.72 60.00 14.56
N ARG C 419 24.07 59.17 15.36
CA ARG C 419 23.37 59.66 16.54
C ARG C 419 24.36 60.15 17.59
N LYS C 420 25.38 59.36 17.88
CA LYS C 420 26.27 59.71 18.98
C LYS C 420 27.29 60.76 18.57
N PHE C 421 28.19 60.42 17.65
CA PHE C 421 29.16 61.40 17.22
C PHE C 421 29.02 61.76 15.75
N GLY C 422 27.81 61.61 15.20
CA GLY C 422 27.42 62.39 14.05
C GLY C 422 26.88 63.76 14.46
N LYS C 423 27.39 64.30 15.56
CA LYS C 423 26.88 65.52 16.17
C LYS C 423 26.62 66.60 15.12
N HIS C 424 27.67 66.99 14.40
CA HIS C 424 27.53 67.98 13.34
C HIS C 424 26.62 67.50 12.23
N GLY C 425 26.32 66.21 12.17
CA GLY C 425 25.55 65.64 11.10
C GLY C 425 26.35 64.79 10.14
N GLY C 426 27.64 64.55 10.42
CA GLY C 426 28.45 63.76 9.53
C GLY C 426 27.85 62.40 9.27
N THR C 427 27.70 62.07 7.99
CA THR C 427 27.05 60.83 7.59
C THR C 427 28.09 59.75 7.38
N ILE C 428 27.73 58.54 7.80
CA ILE C 428 28.61 57.40 7.67
C ILE C 428 28.00 56.44 6.66
N PRO C 429 28.36 56.55 5.40
CA PRO C 429 27.74 55.70 4.39
C PRO C 429 28.24 54.27 4.48
N ILE C 430 27.80 53.58 5.53
CA ILE C 430 28.13 52.18 5.70
C ILE C 430 27.63 51.42 4.48
N VAL C 431 28.50 50.61 3.89
CA VAL C 431 28.12 49.83 2.72
C VAL C 431 28.74 48.45 2.83
N PRO C 432 28.21 47.50 2.07
CA PRO C 432 28.84 46.19 1.98
C PRO C 432 30.24 46.27 1.40
N THR C 433 30.89 45.12 1.35
CA THR C 433 32.14 44.98 0.63
C THR C 433 31.89 44.30 -0.70
N ALA C 434 32.76 44.60 -1.65
CA ALA C 434 32.69 43.95 -2.96
C ALA C 434 32.44 42.47 -2.80
N GLU C 435 33.30 41.79 -2.04
CA GLU C 435 33.08 40.38 -1.75
C GLU C 435 31.68 40.17 -1.19
N PHE C 436 31.39 40.80 -0.05
CA PHE C 436 30.12 40.57 0.60
C PHE C 436 28.97 40.87 -0.34
N GLN C 437 29.11 41.90 -1.17
CA GLN C 437 28.09 42.18 -2.16
C GLN C 437 28.06 41.08 -3.23
N ASP C 438 29.21 40.48 -3.50
CA ASP C 438 29.26 39.39 -4.46
C ASP C 438 28.49 38.18 -3.94
N ARG C 439 28.73 37.80 -2.69
CA ARG C 439 27.90 36.79 -2.06
C ARG C 439 26.43 37.05 -2.29
N ILE C 440 26.00 38.26 -1.95
CA ILE C 440 24.58 38.60 -2.01
C ILE C 440 24.02 38.32 -3.40
N SER C 441 24.52 39.06 -4.39
CA SER C 441 24.01 38.89 -5.74
C SER C 441 24.29 37.50 -6.27
N GLY C 442 25.31 36.83 -5.74
CA GLY C 442 25.60 35.47 -6.11
C GLY C 442 24.89 34.46 -5.25
N ALA C 443 23.90 34.89 -4.50
CA ALA C 443 23.12 33.99 -3.66
C ALA C 443 22.61 32.81 -4.47
N SER C 444 22.92 31.62 -4.00
CA SER C 444 22.55 30.40 -4.72
C SER C 444 23.01 29.21 -3.90
N GLU C 445 22.42 28.05 -4.21
CA GLU C 445 22.85 26.82 -3.56
C GLU C 445 24.35 26.68 -3.55
N LYS C 446 25.01 27.09 -4.63
CA LYS C 446 26.46 26.94 -4.73
C LYS C 446 27.14 27.35 -3.44
N ASP C 447 26.60 28.36 -2.77
CA ASP C 447 27.23 28.87 -1.56
C ASP C 447 26.83 28.03 -0.36
N ILE C 448 25.56 27.66 -0.27
CA ILE C 448 25.11 26.80 0.81
C ILE C 448 25.94 25.54 0.84
N VAL C 449 25.86 24.76 -0.22
CA VAL C 449 26.54 23.48 -0.28
C VAL C 449 28.02 23.65 0.07
N HIS C 450 28.70 24.59 -0.57
CA HIS C 450 30.09 24.86 -0.24
C HIS C 450 30.25 24.99 1.26
N SER C 451 29.20 25.45 1.95
CA SER C 451 29.28 25.60 3.40
C SER C 451 28.99 24.30 4.10
N GLY C 452 27.79 23.77 3.91
CA GLY C 452 27.41 22.54 4.59
C GLY C 452 28.34 21.39 4.27
N LEU C 453 29.19 21.58 3.26
CA LEU C 453 30.24 20.61 2.99
C LEU C 453 31.42 20.84 3.91
N ALA C 454 32.00 22.03 3.83
CA ALA C 454 33.19 22.33 4.61
C ALA C 454 32.95 22.03 6.09
N TYR C 455 31.94 22.68 6.66
CA TYR C 455 31.61 22.45 8.06
C TYR C 455 31.67 20.97 8.39
N THR C 456 31.03 20.15 7.58
CA THR C 456 31.09 18.72 7.77
C THR C 456 32.53 18.24 7.86
N MET C 457 33.28 18.45 6.79
CA MET C 457 34.67 17.99 6.78
C MET C 457 35.46 18.61 7.92
N GLU C 458 35.07 19.79 8.34
CA GLU C 458 35.72 20.41 9.48
C GLU C 458 35.46 19.61 10.75
N ARG C 459 34.19 19.53 11.13
CA ARG C 459 33.84 18.84 12.37
C ARG C 459 34.43 17.45 12.40
N SER C 460 34.29 16.71 11.30
CA SER C 460 34.79 15.35 11.24
C SER C 460 36.25 15.28 11.67
N ALA C 461 37.12 15.97 10.93
CA ALA C 461 38.54 15.98 11.27
C ALA C 461 38.73 16.16 12.76
N ARG C 462 38.10 17.18 13.32
CA ARG C 462 38.31 17.48 14.73
C ARG C 462 38.01 16.27 15.59
N GLN C 463 36.90 15.57 15.30
CA GLN C 463 36.61 14.35 16.02
C GLN C 463 37.76 13.38 15.91
N ILE C 464 38.38 13.33 14.73
CA ILE C 464 39.43 12.36 14.48
C ILE C 464 40.65 12.68 15.34
N MET C 465 41.15 13.90 15.25
CA MET C 465 42.23 14.33 16.13
C MET C 465 41.98 13.83 17.55
N ARG C 466 40.83 14.18 18.12
CA ARG C 466 40.45 13.65 19.41
C ARG C 466 40.63 12.15 19.44
N THR C 467 39.98 11.45 18.52
CA THR C 467 40.06 10.00 18.48
C THR C 467 41.51 9.54 18.48
N ALA C 468 42.36 10.22 17.73
CA ALA C 468 43.77 9.87 17.71
C ALA C 468 44.40 10.02 19.09
N MET C 469 44.24 11.20 19.69
CA MET C 469 44.79 11.43 21.01
C MET C 469 44.29 10.39 22.00
N LYS C 470 42.98 10.14 22.01
CA LYS C 470 42.42 9.16 22.91
C LYS C 470 43.17 7.85 22.85
N TYR C 471 43.61 7.46 21.65
CA TYR C 471 44.23 6.16 21.45
C TYR C 471 45.71 6.27 21.12
N ASN C 472 46.27 7.47 21.17
CA ASN C 472 47.70 7.67 21.02
C ASN C 472 48.20 7.02 19.73
N LEU C 473 47.48 7.28 18.64
CA LEU C 473 47.87 6.78 17.33
C LEU C 473 48.84 7.69 16.60
N GLY C 474 49.05 8.90 17.10
CA GLY C 474 49.96 9.80 16.44
C GLY C 474 49.47 10.15 15.05
N LEU C 475 50.24 9.75 14.04
CA LEU C 475 49.94 10.07 12.66
C LEU C 475 49.23 8.95 11.92
N ASP C 476 49.03 7.80 12.56
CA ASP C 476 48.41 6.64 11.90
C ASP C 476 46.90 6.87 11.85
N LEU C 477 46.51 7.85 11.05
CA LEU C 477 45.11 8.25 10.99
C LEU C 477 44.21 7.20 10.38
N ARG C 478 44.67 6.56 9.30
CA ARG C 478 43.84 5.56 8.62
C ARG C 478 43.09 4.71 9.62
N THR C 479 43.82 4.09 10.55
CA THR C 479 43.16 3.40 11.63
C THR C 479 42.23 4.34 12.38
N ALA C 480 42.77 5.45 12.87
CA ALA C 480 42.00 6.36 13.71
C ALA C 480 40.64 6.63 13.10
N ALA C 481 40.57 6.78 11.79
CA ALA C 481 39.27 6.98 11.16
C ALA C 481 38.41 5.76 11.30
N TYR C 482 38.88 4.64 10.74
CA TYR C 482 38.20 3.36 10.94
C TYR C 482 37.84 3.18 12.41
N VAL C 483 38.61 3.80 13.30
CA VAL C 483 38.27 3.77 14.72
C VAL C 483 37.04 4.63 14.97
N ASN C 484 37.15 5.93 14.69
CA ASN C 484 36.08 6.86 15.01
C ASN C 484 34.79 6.41 14.37
N ALA C 485 34.89 5.81 13.20
CA ALA C 485 33.71 5.29 12.53
C ALA C 485 33.05 4.22 13.38
N ILE C 486 33.79 3.18 13.71
CA ILE C 486 33.21 2.02 14.37
C ILE C 486 32.46 2.44 15.62
N GLU C 487 33.10 3.25 16.46
CA GLU C 487 32.45 3.66 17.69
C GLU C 487 31.07 4.22 17.42
N LYS C 488 30.97 5.10 16.43
CA LYS C 488 29.66 5.60 16.04
C LYS C 488 28.75 4.46 15.64
N VAL C 489 29.20 3.65 14.68
CA VAL C 489 28.39 2.54 14.21
C VAL C 489 27.98 1.66 15.38
N PHE C 490 28.96 1.09 16.06
CA PHE C 490 28.67 0.29 17.24
C PHE C 490 27.64 0.96 18.11
N ARG C 491 27.91 2.21 18.49
CA ARG C 491 27.00 2.93 19.37
C ARG C 491 25.60 2.90 18.81
N VAL C 492 25.45 3.03 17.50
CA VAL C 492 24.14 2.97 16.89
C VAL C 492 23.52 1.60 17.13
N TYR C 493 24.17 0.57 16.62
CA TYR C 493 23.57 -0.76 16.65
C TYR C 493 23.25 -1.18 18.07
N ASN C 494 24.00 -0.66 19.04
CA ASN C 494 23.75 -0.99 20.43
C ASN C 494 22.46 -0.37 20.92
N GLU C 495 22.27 0.91 20.62
CA GLU C 495 21.10 1.63 21.10
C GLU C 495 19.87 1.40 20.22
N ALA C 496 19.90 0.39 19.35
CA ALA C 496 18.76 0.13 18.48
C ALA C 496 17.95 -1.06 18.93
N GLY C 497 18.05 -1.47 20.18
CA GLY C 497 17.43 -2.72 20.54
C GLY C 497 18.05 -3.81 19.71
N VAL C 498 19.32 -4.12 19.93
CA VAL C 498 20.24 -4.55 18.89
C VAL C 498 19.56 -5.46 17.89
N THR C 499 18.57 -6.22 18.35
CA THR C 499 17.85 -7.13 17.47
C THR C 499 16.54 -7.58 18.12
N PHE C 500 15.48 -7.72 17.32
CA PHE C 500 14.23 -8.29 17.83
C PHE C 500 14.05 -9.67 17.22
N THR C 501 14.56 -10.65 17.95
CA THR C 501 14.45 -12.04 17.56
C THR C 501 13.99 -12.87 18.75
N ASP D 6 -28.01 7.30 -41.55
CA ASP D 6 -26.79 6.65 -41.00
C ASP D 6 -26.38 7.31 -39.69
N PRO D 7 -27.14 7.07 -38.63
CA PRO D 7 -26.79 7.65 -37.33
C PRO D 7 -25.50 7.04 -36.81
N ASN D 8 -24.91 7.72 -35.84
CA ASN D 8 -23.73 7.18 -35.18
C ASN D 8 -24.15 6.06 -34.23
N PHE D 9 -23.41 4.96 -34.30
CA PHE D 9 -23.70 3.79 -33.46
C PHE D 9 -23.97 4.21 -32.04
N PHE D 10 -23.28 5.24 -31.55
CA PHE D 10 -23.65 5.84 -30.28
C PHE D 10 -25.13 6.21 -30.28
N LYS D 11 -25.52 7.10 -31.19
CA LYS D 11 -26.89 7.57 -31.23
C LYS D 11 -27.87 6.41 -31.33
N MET D 12 -27.53 5.37 -32.09
CA MET D 12 -28.33 4.16 -32.06
C MET D 12 -28.57 3.71 -30.64
N VAL D 13 -27.48 3.40 -29.93
CA VAL D 13 -27.58 2.90 -28.57
C VAL D 13 -28.45 3.84 -27.73
N GLU D 14 -28.00 5.08 -27.58
CA GLU D 14 -28.72 6.04 -26.74
C GLU D 14 -30.20 6.03 -27.09
N GLY D 15 -30.52 5.92 -28.38
CA GLY D 15 -31.91 5.88 -28.77
C GLY D 15 -32.64 4.70 -28.17
N PHE D 16 -31.95 3.58 -28.04
CA PHE D 16 -32.60 2.39 -27.51
C PHE D 16 -32.89 2.54 -26.03
N PHE D 17 -31.85 2.73 -25.23
CA PHE D 17 -32.02 2.85 -23.79
C PHE D 17 -33.19 3.77 -23.43
N ASP D 18 -33.20 4.96 -24.00
CA ASP D 18 -34.32 5.87 -23.82
C ASP D 18 -35.64 5.14 -23.93
N ARG D 19 -35.82 4.41 -25.03
CA ARG D 19 -37.08 3.70 -25.25
C ARG D 19 -37.35 2.73 -24.11
N GLY D 20 -36.34 1.95 -23.74
CA GLY D 20 -36.55 0.98 -22.67
C GLY D 20 -36.98 1.64 -21.38
N ALA D 21 -36.32 2.73 -21.01
CA ALA D 21 -36.68 3.43 -19.79
C ALA D 21 -38.15 3.73 -19.74
N SER D 22 -38.66 4.43 -20.76
CA SER D 22 -40.09 4.71 -20.83
C SER D 22 -40.91 3.46 -20.57
N ILE D 23 -40.51 2.34 -21.15
CA ILE D 23 -41.25 1.10 -20.98
C ILE D 23 -41.18 0.63 -19.53
N VAL D 24 -39.96 0.64 -18.98
CA VAL D 24 -39.76 0.09 -17.64
C VAL D 24 -40.56 0.89 -16.62
N GLU D 25 -40.32 2.19 -16.57
CA GLU D 25 -40.81 3.05 -15.52
C GLU D 25 -42.26 2.76 -15.16
N ASP D 26 -43.08 2.52 -16.18
CA ASP D 26 -44.51 2.30 -15.95
C ASP D 26 -44.77 1.41 -14.76
N LYS D 27 -43.98 0.34 -14.63
CA LYS D 27 -44.12 -0.59 -13.52
C LYS D 27 -43.05 -0.47 -12.48
N LEU D 28 -41.82 -0.12 -12.89
CA LEU D 28 -40.72 -0.05 -11.94
C LEU D 28 -41.06 0.87 -10.78
N VAL D 29 -41.85 1.91 -11.05
CA VAL D 29 -42.34 2.75 -9.98
C VAL D 29 -43.38 2.01 -9.16
N GLU D 30 -44.18 1.18 -9.84
CA GLU D 30 -45.24 0.44 -9.15
C GLU D 30 -44.65 -0.63 -8.24
N ASP D 31 -43.55 -1.25 -8.65
CA ASP D 31 -42.94 -2.32 -7.89
C ASP D 31 -41.83 -1.83 -6.97
N LEU D 32 -41.75 -0.52 -6.73
CA LEU D 32 -40.79 0.04 -5.81
C LEU D 32 -41.42 0.03 -4.42
N LYS D 33 -40.71 -0.53 -3.45
CA LYS D 33 -41.28 -0.82 -2.14
C LYS D 33 -40.85 0.20 -1.08
N THR D 34 -40.79 1.47 -1.44
CA THR D 34 -40.40 2.50 -0.49
C THR D 34 -41.62 3.28 -0.01
N ARG D 35 -41.55 3.75 1.23
CA ARG D 35 -42.60 4.57 1.82
C ARG D 35 -42.44 6.02 1.38
N GLU D 36 -43.15 6.35 0.30
CA GLU D 36 -43.04 7.66 -0.32
C GLU D 36 -44.32 7.96 -1.08
N THR D 37 -44.33 9.11 -1.74
CA THR D 37 -45.44 9.46 -2.60
C THR D 37 -45.18 8.95 -4.01
N GLU D 38 -46.25 8.46 -4.66
CA GLU D 38 -46.15 8.01 -6.04
C GLU D 38 -45.32 8.98 -6.86
N GLU D 39 -45.66 10.26 -6.78
CA GLU D 39 -44.85 11.28 -7.44
C GLU D 39 -43.43 11.27 -6.90
N GLN D 40 -43.28 11.39 -5.59
CA GLN D 40 -41.96 11.41 -4.99
C GLN D 40 -41.10 10.27 -5.52
N LYS D 41 -41.59 9.04 -5.41
CA LYS D 41 -40.80 7.90 -5.84
C LYS D 41 -40.59 7.91 -7.34
N ARG D 42 -41.59 8.34 -8.11
CA ARG D 42 -41.41 8.42 -9.56
C ARG D 42 -40.25 9.34 -9.91
N ASN D 43 -39.99 10.34 -9.08
CA ASN D 43 -38.87 11.23 -9.33
C ASN D 43 -37.57 10.59 -8.89
N ARG D 44 -37.66 9.50 -8.12
CA ARG D 44 -36.47 8.73 -7.81
C ARG D 44 -36.04 7.91 -9.03
N VAL D 45 -36.92 7.03 -9.49
CA VAL D 45 -36.57 6.18 -10.62
C VAL D 45 -36.20 7.02 -11.83
N ARG D 46 -37.02 8.01 -12.17
CA ARG D 46 -36.81 8.76 -13.40
C ARG D 46 -35.38 9.24 -13.49
N SER D 47 -34.88 9.84 -12.42
CA SER D 47 -33.54 10.38 -12.44
C SER D 47 -32.49 9.29 -12.44
N ILE D 48 -32.71 8.21 -11.69
CA ILE D 48 -31.77 7.10 -11.73
C ILE D 48 -31.54 6.67 -13.16
N LEU D 49 -32.60 6.64 -13.95
CA LEU D 49 -32.46 6.34 -15.38
C LEU D 49 -31.88 7.52 -16.13
N ARG D 50 -31.55 8.59 -15.40
CA ARG D 50 -30.71 9.65 -15.96
C ARG D 50 -29.26 9.45 -15.52
N ILE D 51 -29.06 8.61 -14.51
CA ILE D 51 -27.75 8.52 -13.88
C ILE D 51 -26.91 7.44 -14.53
N ILE D 52 -27.46 6.23 -14.65
CA ILE D 52 -26.69 5.13 -15.19
C ILE D 52 -26.35 5.35 -16.64
N LYS D 53 -27.27 5.94 -17.39
CA LYS D 53 -27.09 6.09 -18.82
C LYS D 53 -25.74 6.67 -19.19
N PRO D 54 -25.32 7.80 -18.65
CA PRO D 54 -24.01 8.34 -18.99
C PRO D 54 -22.89 7.50 -18.40
N CYS D 55 -21.71 7.69 -18.99
CA CYS D 55 -20.52 6.98 -18.56
C CYS D 55 -19.70 7.86 -17.63
N ASN D 56 -19.46 7.36 -16.43
CA ASN D 56 -18.82 8.15 -15.40
C ASN D 56 -17.47 8.68 -15.83
N HIS D 57 -16.51 7.79 -16.05
CA HIS D 57 -15.13 8.18 -16.26
C HIS D 57 -14.76 7.99 -17.71
N VAL D 58 -14.14 9.01 -18.29
CA VAL D 58 -13.64 8.97 -19.65
C VAL D 58 -12.33 9.72 -19.67
N LEU D 59 -11.28 9.04 -20.06
CA LEU D 59 -9.94 9.60 -20.01
C LEU D 59 -9.38 9.73 -21.41
N SER D 60 -8.67 10.82 -21.62
CA SER D 60 -8.03 11.11 -22.89
C SER D 60 -6.53 11.21 -22.66
N LEU D 61 -5.76 10.64 -23.57
CA LEU D 61 -4.33 10.47 -23.37
C LEU D 61 -3.52 11.07 -24.51
N SER D 62 -2.21 11.05 -24.33
CA SER D 62 -1.27 11.51 -25.32
C SER D 62 0.06 10.82 -25.05
N PHE D 63 0.61 10.20 -26.09
CA PHE D 63 1.77 9.35 -25.94
C PHE D 63 2.97 9.86 -26.72
N PRO D 64 4.05 10.15 -26.06
CA PRO D 64 5.30 10.39 -26.78
C PRO D 64 6.02 9.11 -27.11
N ILE D 65 5.68 8.48 -28.22
CA ILE D 65 6.33 7.28 -28.68
C ILE D 65 7.37 7.63 -29.73
N ARG D 66 8.44 6.83 -29.79
CA ARG D 66 9.48 6.97 -30.80
C ARG D 66 9.32 5.87 -31.83
N ARG D 67 9.22 6.25 -33.10
CA ARG D 67 9.13 5.30 -34.17
C ARG D 67 10.43 4.52 -34.32
N ASP D 68 10.41 3.55 -35.24
CA ASP D 68 11.62 2.83 -35.59
C ASP D 68 12.57 3.70 -36.40
N ASP D 69 12.06 4.65 -37.17
CA ASP D 69 12.90 5.52 -37.99
C ASP D 69 13.59 6.59 -37.18
N GLY D 70 13.49 6.53 -35.86
CA GLY D 70 14.06 7.56 -35.01
C GLY D 70 13.11 8.70 -34.70
N SER D 71 12.08 8.88 -35.52
CA SER D 71 11.16 9.99 -35.34
C SER D 71 10.30 9.77 -34.11
N TRP D 72 9.72 10.87 -33.63
CA TRP D 72 8.71 10.83 -32.58
C TRP D 72 7.36 11.14 -33.20
N GLU D 73 6.32 10.74 -32.48
CA GLU D 73 4.97 11.14 -32.83
C GLU D 73 4.09 10.98 -31.61
N VAL D 74 3.05 11.78 -31.54
CA VAL D 74 2.12 11.77 -30.43
C VAL D 74 0.94 10.89 -30.80
N ILE D 75 0.36 10.24 -29.81
CA ILE D 75 -0.73 9.30 -30.01
C ILE D 75 -1.79 9.56 -28.97
N GLU D 76 -3.04 9.57 -29.40
CA GLU D 76 -4.18 9.76 -28.52
C GLU D 76 -4.82 8.43 -28.20
N GLY D 77 -5.22 8.27 -26.95
CA GLY D 77 -5.82 7.03 -26.51
C GLY D 77 -6.91 7.32 -25.49
N TYR D 78 -8.00 6.57 -25.63
CA TYR D 78 -9.19 6.81 -24.85
C TYR D 78 -9.56 5.55 -24.08
N ARG D 79 -9.96 5.76 -22.82
CA ARG D 79 -10.49 4.69 -22.00
C ARG D 79 -11.76 5.21 -21.37
N ALA D 80 -12.81 4.40 -21.41
CA ALA D 80 -14.10 4.79 -20.88
C ALA D 80 -14.59 3.73 -19.93
N GLN D 81 -14.86 4.14 -18.70
CA GLN D 81 -15.29 3.24 -17.65
C GLN D 81 -16.71 3.65 -17.29
N HIS D 82 -17.68 2.95 -17.88
CA HIS D 82 -19.07 3.40 -17.83
C HIS D 82 -19.50 3.72 -16.42
N SER D 83 -19.51 2.72 -15.55
CA SER D 83 -20.22 2.90 -14.30
C SER D 83 -19.54 2.07 -13.21
N GLN D 84 -19.48 2.67 -12.03
CA GLN D 84 -18.89 2.05 -10.85
C GLN D 84 -19.92 1.30 -10.02
N HIS D 85 -21.20 1.37 -10.41
CA HIS D 85 -22.23 0.67 -9.67
C HIS D 85 -21.84 -0.78 -9.37
N ARG D 86 -21.02 -1.39 -10.21
CA ARG D 86 -20.57 -2.74 -9.95
C ARG D 86 -19.22 -2.99 -10.62
N THR D 87 -18.16 -2.85 -9.85
CA THR D 87 -16.81 -3.15 -10.27
C THR D 87 -16.49 -4.61 -10.00
N PRO D 88 -15.51 -5.17 -10.69
CA PRO D 88 -14.64 -4.52 -11.65
C PRO D 88 -15.33 -4.18 -12.93
N CYS D 89 -14.60 -3.54 -13.81
CA CYS D 89 -15.12 -3.10 -15.09
C CYS D 89 -14.34 -3.78 -16.20
N LYS D 90 -15.01 -3.98 -17.32
CA LYS D 90 -14.42 -4.71 -18.42
C LYS D 90 -14.54 -3.88 -19.69
N GLY D 91 -13.65 -4.17 -20.64
CA GLY D 91 -13.68 -3.53 -21.91
C GLY D 91 -12.47 -3.88 -22.74
N GLY D 92 -12.68 -4.15 -23.99
CA GLY D 92 -11.58 -4.45 -24.88
C GLY D 92 -10.91 -3.20 -25.37
N ILE D 93 -9.94 -3.41 -26.24
CA ILE D 93 -9.20 -2.32 -26.86
C ILE D 93 -9.40 -2.40 -28.36
N ARG D 94 -9.36 -1.25 -29.01
CA ARG D 94 -9.53 -1.17 -30.45
C ARG D 94 -8.55 -0.17 -31.02
N TYR D 95 -7.65 -0.66 -31.85
CA TYR D 95 -6.71 0.19 -32.57
C TYR D 95 -7.32 0.52 -33.91
N SER D 96 -7.60 1.80 -34.15
CA SER D 96 -8.14 2.24 -35.42
C SER D 96 -8.00 3.75 -35.50
N THR D 97 -8.56 4.32 -36.56
CA THR D 97 -8.53 5.76 -36.77
C THR D 97 -9.92 6.36 -36.79
N ASP D 98 -10.96 5.53 -36.69
CA ASP D 98 -12.32 5.98 -36.53
C ASP D 98 -12.64 6.29 -35.08
N VAL D 99 -11.68 6.07 -34.19
CA VAL D 99 -11.91 6.22 -32.76
C VAL D 99 -12.37 7.63 -32.45
N SER D 100 -13.09 7.78 -31.34
CA SER D 100 -13.43 9.08 -30.80
C SER D 100 -14.10 8.88 -29.45
N VAL D 101 -14.04 9.93 -28.63
CA VAL D 101 -14.63 9.86 -27.31
C VAL D 101 -16.04 9.31 -27.39
N ASP D 102 -16.88 9.94 -28.21
CA ASP D 102 -18.27 9.53 -28.30
C ASP D 102 -18.39 8.08 -28.74
N GLU D 103 -17.57 7.67 -29.71
CA GLU D 103 -17.67 6.31 -30.21
C GLU D 103 -17.42 5.30 -29.10
N VAL D 104 -16.76 5.73 -28.04
CA VAL D 104 -16.43 4.81 -26.96
C VAL D 104 -17.59 4.72 -25.99
N LYS D 105 -17.95 5.85 -25.38
CA LYS D 105 -18.98 5.85 -24.34
C LYS D 105 -20.10 4.90 -24.67
N ALA D 106 -20.48 4.85 -25.95
CA ALA D 106 -21.49 3.88 -26.36
C ALA D 106 -21.09 2.49 -25.94
N LEU D 107 -19.97 2.01 -26.48
CA LEU D 107 -19.63 0.61 -26.37
C LEU D 107 -19.41 0.21 -24.93
N ALA D 108 -18.87 1.11 -24.12
CA ALA D 108 -18.81 0.85 -22.70
C ALA D 108 -20.22 0.81 -22.13
N SER D 109 -20.97 1.88 -22.35
CA SER D 109 -22.36 1.91 -21.90
C SER D 109 -23.13 0.76 -22.53
N LEU D 110 -22.57 0.15 -23.56
CA LEU D 110 -23.18 -1.02 -24.16
C LEU D 110 -22.80 -2.28 -23.41
N MET D 111 -21.50 -2.59 -23.39
CA MET D 111 -21.05 -3.85 -22.80
C MET D 111 -21.66 -4.04 -21.44
N THR D 112 -21.80 -2.96 -20.68
CA THR D 112 -22.48 -3.04 -19.40
C THR D 112 -23.80 -3.78 -19.54
N TYR D 113 -24.68 -3.23 -20.36
CA TYR D 113 -25.99 -3.83 -20.56
C TYR D 113 -25.85 -5.23 -21.13
N LYS D 114 -24.84 -5.44 -21.97
CA LYS D 114 -24.59 -6.78 -22.48
C LYS D 114 -24.29 -7.73 -21.34
N CYS D 115 -23.43 -7.30 -20.42
CA CYS D 115 -23.02 -8.18 -19.34
C CYS D 115 -24.18 -8.53 -18.45
N ALA D 116 -25.03 -7.55 -18.15
CA ALA D 116 -26.11 -7.78 -17.20
C ALA D 116 -27.07 -8.84 -17.70
N VAL D 117 -27.40 -8.78 -18.99
CA VAL D 117 -28.32 -9.75 -19.58
C VAL D 117 -27.90 -11.15 -19.19
N VAL D 118 -26.59 -11.39 -19.17
CA VAL D 118 -26.05 -12.71 -18.96
C VAL D 118 -25.61 -12.88 -17.51
N ASP D 119 -26.04 -11.98 -16.64
CA ASP D 119 -25.81 -12.12 -15.20
C ASP D 119 -24.32 -12.16 -14.90
N VAL D 120 -23.61 -11.15 -15.39
CA VAL D 120 -22.18 -11.05 -15.16
C VAL D 120 -21.92 -9.83 -14.29
N PRO D 121 -21.03 -9.93 -13.31
CA PRO D 121 -20.76 -8.80 -12.42
C PRO D 121 -20.15 -7.60 -13.10
N PHE D 122 -19.33 -7.88 -14.11
CA PHE D 122 -18.48 -6.85 -14.68
C PHE D 122 -19.25 -5.60 -15.02
N GLY D 123 -18.53 -4.50 -15.10
CA GLY D 123 -19.06 -3.24 -15.55
C GLY D 123 -18.42 -2.85 -16.86
N GLY D 124 -19.20 -2.20 -17.70
CA GLY D 124 -18.78 -1.96 -19.04
C GLY D 124 -17.72 -0.88 -19.12
N ALA D 125 -16.74 -1.14 -19.99
CA ALA D 125 -15.74 -0.15 -20.32
C ALA D 125 -15.25 -0.44 -21.73
N LYS D 126 -14.41 0.45 -22.23
CA LYS D 126 -13.77 0.20 -23.50
C LYS D 126 -12.71 1.26 -23.71
N ALA D 127 -11.73 0.91 -24.53
CA ALA D 127 -10.66 1.81 -24.88
C ALA D 127 -10.42 1.76 -26.39
N GLY D 128 -9.67 2.75 -26.84
CA GLY D 128 -9.33 2.83 -28.25
C GLY D 128 -8.18 3.79 -28.44
N VAL D 129 -7.63 3.75 -29.64
CA VAL D 129 -6.47 4.56 -29.98
C VAL D 129 -6.62 5.03 -31.42
N LYS D 130 -6.30 6.30 -31.67
CA LYS D 130 -6.31 6.84 -33.01
C LYS D 130 -5.06 6.40 -33.73
N ILE D 131 -5.15 5.31 -34.49
CA ILE D 131 -3.95 4.70 -35.05
C ILE D 131 -4.35 3.64 -36.06
N ASN D 132 -3.48 3.38 -37.02
CA ASN D 132 -3.71 2.26 -37.92
C ASN D 132 -2.56 1.27 -37.78
N PRO D 133 -2.79 0.13 -37.12
CA PRO D 133 -1.69 -0.81 -36.87
C PRO D 133 -0.88 -1.14 -38.11
N LYS D 134 -1.55 -1.38 -39.22
CA LYS D 134 -0.90 -1.87 -40.42
C LYS D 134 0.30 -1.04 -40.81
N ASN D 135 0.27 0.27 -40.55
CA ASN D 135 1.37 1.14 -40.91
C ASN D 135 2.52 1.02 -39.93
N TYR D 136 2.36 0.24 -38.87
CA TYR D 136 3.36 0.13 -37.83
C TYR D 136 3.78 -1.32 -37.67
N THR D 137 4.98 -1.52 -37.14
CA THR D 137 5.56 -2.84 -36.99
C THR D 137 5.00 -3.54 -35.76
N ASP D 138 5.56 -4.73 -35.50
CA ASP D 138 5.27 -5.41 -34.24
C ASP D 138 5.93 -4.69 -33.09
N ASN D 139 7.21 -4.35 -33.24
CA ASN D 139 7.93 -3.67 -32.18
C ASN D 139 7.19 -2.41 -31.76
N GLU D 140 6.92 -1.53 -32.72
CA GLU D 140 6.22 -0.30 -32.41
C GLU D 140 4.97 -0.56 -31.60
N LEU D 141 4.09 -1.40 -32.12
CA LEU D 141 2.89 -1.77 -31.37
C LEU D 141 3.25 -2.27 -29.98
N GLU D 142 4.37 -2.97 -29.85
CA GLU D 142 4.76 -3.45 -28.53
C GLU D 142 5.33 -2.30 -27.71
N LYS D 143 5.70 -1.22 -28.38
CA LYS D 143 6.10 0.01 -27.68
C LYS D 143 4.87 0.81 -27.31
N ILE D 144 3.89 0.84 -28.20
CA ILE D 144 2.66 1.56 -27.92
C ILE D 144 1.96 0.93 -26.72
N THR D 145 1.55 -0.32 -26.89
CA THR D 145 0.72 -0.96 -25.89
C THR D 145 1.32 -0.86 -24.50
N ARG D 146 2.51 -1.42 -24.32
CA ARG D 146 3.07 -1.49 -22.97
C ARG D 146 3.28 -0.11 -22.38
N ARG D 147 3.18 0.94 -23.20
CA ARG D 147 3.15 2.28 -22.64
C ARG D 147 1.71 2.70 -22.34
N PHE D 148 0.80 2.35 -23.24
CA PHE D 148 -0.61 2.61 -23.00
C PHE D 148 -1.01 2.13 -21.62
N THR D 149 -0.86 0.83 -21.36
CA THR D 149 -1.25 0.29 -20.08
C THR D 149 -0.25 0.60 -18.99
N MET D 150 0.77 1.39 -19.30
CA MET D 150 1.64 1.90 -18.25
C MET D 150 1.05 3.16 -17.65
N GLU D 151 0.39 3.96 -18.48
CA GLU D 151 -0.28 5.15 -17.98
C GLU D 151 -1.54 4.78 -17.22
N LEU D 152 -2.48 4.14 -17.90
CA LEU D 152 -3.74 3.79 -17.30
C LEU D 152 -3.55 3.15 -15.93
N ALA D 153 -2.45 2.43 -15.75
CA ALA D 153 -2.19 1.81 -14.46
C ALA D 153 -1.82 2.86 -13.43
N LYS D 154 -1.02 3.85 -13.83
CA LYS D 154 -0.75 4.97 -12.95
C LYS D 154 -2.03 5.63 -12.50
N LYS D 155 -3.10 5.42 -13.25
CA LYS D 155 -4.35 6.14 -13.04
C LYS D 155 -5.52 5.21 -12.85
N GLY D 156 -5.28 4.04 -12.27
CA GLY D 156 -6.36 3.22 -11.79
C GLY D 156 -7.42 2.85 -12.80
N PHE D 157 -7.05 2.70 -14.07
CA PHE D 157 -7.96 2.14 -15.05
C PHE D 157 -7.57 0.76 -15.50
N ILE D 158 -6.61 0.13 -14.84
CA ILE D 158 -6.24 -1.23 -15.15
C ILE D 158 -5.83 -1.93 -13.88
N GLY D 159 -6.58 -2.95 -13.51
CA GLY D 159 -6.30 -3.75 -12.36
C GLY D 159 -7.31 -4.86 -12.26
N PRO D 160 -6.91 -5.99 -11.70
CA PRO D 160 -7.83 -7.15 -11.68
C PRO D 160 -9.14 -6.87 -10.99
N GLY D 161 -9.23 -5.77 -10.25
CA GLY D 161 -10.45 -5.42 -9.56
C GLY D 161 -10.86 -3.97 -9.75
N VAL D 162 -10.43 -3.37 -10.85
CA VAL D 162 -10.90 -2.05 -11.26
C VAL D 162 -11.41 -2.13 -12.68
N ASP D 163 -10.57 -2.64 -13.56
CA ASP D 163 -10.80 -2.54 -14.99
C ASP D 163 -9.96 -3.63 -15.64
N VAL D 164 -10.57 -4.38 -16.56
CA VAL D 164 -9.94 -5.54 -17.16
C VAL D 164 -9.96 -5.36 -18.69
N PRO D 165 -8.83 -5.08 -19.31
CA PRO D 165 -8.79 -5.04 -20.76
C PRO D 165 -9.19 -6.37 -21.35
N ALA D 166 -9.32 -6.40 -22.67
CA ALA D 166 -9.67 -7.62 -23.36
C ALA D 166 -9.41 -7.43 -24.84
N PRO D 167 -9.46 -8.50 -25.63
CA PRO D 167 -9.25 -8.37 -27.06
C PRO D 167 -10.46 -7.83 -27.79
N ASP D 168 -10.29 -7.71 -29.10
CA ASP D 168 -11.30 -7.21 -30.01
C ASP D 168 -10.68 -7.26 -31.40
N MET D 169 -11.47 -6.94 -32.41
CA MET D 169 -10.90 -6.85 -33.74
C MET D 169 -9.72 -5.90 -33.73
N SER D 170 -8.69 -6.23 -34.50
CA SER D 170 -7.43 -5.51 -34.59
C SER D 170 -6.51 -5.88 -33.44
N THR D 171 -6.90 -6.78 -32.56
CA THR D 171 -6.05 -7.23 -31.47
C THR D 171 -5.98 -8.75 -31.43
N GLY D 172 -5.16 -9.24 -30.50
CA GLY D 172 -4.96 -10.67 -30.36
C GLY D 172 -4.20 -10.96 -29.09
N GLU D 173 -3.91 -12.24 -28.89
CA GLU D 173 -3.23 -12.65 -27.68
C GLU D 173 -1.95 -11.87 -27.43
N ARG D 174 -1.09 -11.75 -28.44
CA ARG D 174 0.14 -10.99 -28.29
C ARG D 174 -0.13 -9.69 -27.54
N GLU D 175 -1.05 -8.88 -28.06
CA GLU D 175 -1.34 -7.61 -27.43
C GLU D 175 -1.62 -7.79 -25.95
N MET D 176 -2.55 -8.66 -25.61
CA MET D 176 -2.79 -8.96 -24.20
C MET D 176 -1.49 -9.36 -23.51
N SER D 177 -0.85 -10.40 -24.01
CA SER D 177 0.36 -10.92 -23.37
C SER D 177 1.31 -9.80 -23.04
N TRP D 178 1.47 -8.85 -23.97
CA TRP D 178 2.32 -7.69 -23.72
C TRP D 178 1.85 -6.97 -22.47
N ILE D 179 0.57 -6.63 -22.42
CA ILE D 179 0.04 -5.85 -21.31
C ILE D 179 0.37 -6.49 -19.98
N ALA D 180 -0.13 -7.71 -19.77
CA ALA D 180 -0.01 -8.35 -18.47
C ALA D 180 1.39 -8.24 -17.92
N ASP D 181 2.40 -8.43 -18.78
CA ASP D 181 3.77 -8.33 -18.32
C ASP D 181 4.05 -6.92 -17.79
N THR D 182 3.70 -5.90 -18.56
CA THR D 182 3.87 -4.54 -18.10
C THR D 182 3.33 -4.38 -16.69
N TYR D 183 2.06 -4.73 -16.50
CA TYR D 183 1.43 -4.55 -15.21
C TYR D 183 2.25 -5.19 -14.11
N ALA D 184 2.61 -6.45 -14.29
CA ALA D 184 3.36 -7.15 -13.26
C ALA D 184 4.69 -6.45 -12.98
N SER D 185 5.21 -5.73 -13.97
CA SER D 185 6.48 -5.04 -13.81
C SER D 185 6.31 -3.60 -13.38
N THR D 186 5.08 -3.16 -13.11
CA THR D 186 4.83 -1.80 -12.71
C THR D 186 3.94 -1.66 -11.50
N ILE D 187 3.08 -2.63 -11.24
CA ILE D 187 2.10 -2.48 -10.17
C ILE D 187 2.13 -3.68 -9.25
N GLY D 188 1.93 -4.87 -9.82
CA GLY D 188 1.74 -6.02 -8.98
C GLY D 188 2.94 -6.25 -8.08
N HIS D 189 4.04 -6.63 -8.69
CA HIS D 189 5.34 -6.78 -8.02
C HIS D 189 5.30 -7.82 -6.90
N TYR D 190 4.12 -8.03 -6.32
CA TYR D 190 3.88 -9.13 -5.41
C TYR D 190 2.45 -9.61 -5.53
N ASP D 191 1.57 -8.75 -6.03
CA ASP D 191 0.14 -8.98 -5.99
C ASP D 191 -0.15 -10.23 -6.79
N ILE D 192 -0.81 -11.20 -6.15
CA ILE D 192 -1.02 -12.50 -6.75
C ILE D 192 -1.98 -12.37 -7.91
N ASN D 193 -2.95 -11.48 -7.77
CA ASN D 193 -4.02 -11.38 -8.75
C ASN D 193 -3.59 -10.69 -10.03
N ALA D 194 -2.32 -10.34 -10.16
CA ALA D 194 -1.85 -9.73 -11.40
C ALA D 194 -2.08 -10.62 -12.60
N HIS D 195 -2.06 -11.93 -12.40
CA HIS D 195 -2.32 -12.86 -13.50
C HIS D 195 -3.73 -12.72 -14.03
N ALA D 196 -4.56 -11.91 -13.38
CA ALA D 196 -5.90 -11.62 -13.82
C ALA D 196 -6.03 -10.22 -14.39
N CYS D 197 -4.92 -9.49 -14.50
CA CYS D 197 -4.97 -8.13 -15.01
C CYS D 197 -5.78 -8.05 -16.29
N VAL D 198 -5.70 -9.09 -17.12
CA VAL D 198 -6.33 -9.11 -18.42
C VAL D 198 -6.96 -10.46 -18.66
N THR D 199 -7.47 -10.60 -19.87
CA THR D 199 -8.17 -11.79 -20.33
C THR D 199 -7.90 -11.95 -21.81
N GLY D 200 -8.15 -13.16 -22.31
CA GLY D 200 -7.81 -13.48 -23.68
C GLY D 200 -6.37 -13.88 -23.82
N LYS D 201 -5.68 -14.01 -22.70
CA LYS D 201 -4.30 -14.43 -22.69
C LYS D 201 -4.15 -15.71 -23.48
N PRO D 202 -2.92 -16.02 -23.90
CA PRO D 202 -2.65 -17.35 -24.42
C PRO D 202 -2.91 -18.38 -23.36
N ILE D 203 -2.79 -19.65 -23.76
CA ILE D 203 -3.15 -20.73 -22.86
C ILE D 203 -2.05 -20.98 -21.84
N SER D 204 -0.81 -20.67 -22.20
CA SER D 204 0.32 -21.05 -21.37
C SER D 204 0.40 -20.23 -20.09
N GLN D 205 -0.32 -19.11 -20.02
CA GLN D 205 -0.23 -18.20 -18.89
C GLN D 205 -1.46 -18.25 -18.00
N GLY D 206 -2.49 -18.96 -18.43
CA GLY D 206 -3.78 -18.92 -17.77
C GLY D 206 -4.93 -18.66 -18.70
N GLY D 207 -4.74 -18.78 -20.01
CA GLY D 207 -5.82 -18.59 -20.95
C GLY D 207 -6.79 -19.74 -20.88
N ILE D 208 -7.47 -20.01 -21.99
CA ILE D 208 -8.55 -20.98 -22.02
C ILE D 208 -8.47 -21.82 -23.28
N HIS D 209 -8.83 -23.09 -23.15
CA HIS D 209 -9.03 -23.96 -24.29
C HIS D 209 -10.48 -23.74 -24.77
N GLY D 210 -10.64 -22.82 -25.70
CA GLY D 210 -11.94 -22.63 -26.31
C GLY D 210 -12.29 -21.21 -26.68
N ARG D 211 -11.47 -20.24 -26.27
CA ARG D 211 -11.84 -18.85 -26.47
C ARG D 211 -12.18 -18.56 -27.92
N ILE D 212 -11.32 -18.98 -28.84
CA ILE D 212 -11.44 -18.53 -30.23
C ILE D 212 -12.83 -18.81 -30.75
N SER D 213 -13.35 -20.00 -30.50
CA SER D 213 -14.65 -20.39 -31.02
C SER D 213 -15.79 -19.97 -30.11
N ALA D 214 -15.48 -19.46 -28.93
CA ALA D 214 -16.50 -19.15 -27.93
C ALA D 214 -17.66 -18.40 -28.54
N THR D 215 -17.39 -17.20 -29.03
CA THR D 215 -18.43 -16.34 -29.57
C THR D 215 -19.34 -17.11 -30.50
N GLY D 216 -18.75 -17.76 -31.50
CA GLY D 216 -19.54 -18.54 -32.43
C GLY D 216 -20.48 -19.48 -31.70
N ARG D 217 -20.00 -20.10 -30.64
CA ARG D 217 -20.87 -20.95 -29.85
C ARG D 217 -21.94 -20.13 -29.18
N GLY D 218 -21.55 -19.03 -28.56
CA GLY D 218 -22.51 -18.22 -27.84
C GLY D 218 -23.69 -17.86 -28.73
N VAL D 219 -23.42 -17.64 -30.00
CA VAL D 219 -24.49 -17.49 -30.97
C VAL D 219 -25.37 -18.72 -30.95
N PHE D 220 -24.75 -19.89 -31.06
CA PHE D 220 -25.49 -21.11 -31.31
C PHE D 220 -26.47 -21.40 -30.18
N HIS D 221 -25.94 -21.65 -28.98
CA HIS D 221 -26.82 -21.96 -27.86
C HIS D 221 -27.86 -20.86 -27.66
N GLY D 222 -27.54 -19.65 -28.09
CA GLY D 222 -28.51 -18.57 -28.00
C GLY D 222 -29.68 -18.80 -28.93
N ILE D 223 -29.39 -19.19 -30.17
CA ILE D 223 -30.46 -19.51 -31.10
C ILE D 223 -31.25 -20.71 -30.60
N GLU D 224 -30.53 -21.70 -30.06
CA GLU D 224 -31.16 -22.95 -29.66
C GLU D 224 -32.24 -22.71 -28.63
N ASN D 225 -31.96 -21.86 -27.66
CA ASN D 225 -32.93 -21.60 -26.60
C ASN D 225 -34.23 -21.05 -27.11
N PHE D 226 -34.28 -20.63 -28.38
CA PHE D 226 -35.50 -20.15 -28.99
C PHE D 226 -36.07 -21.08 -30.04
N ILE D 227 -35.24 -21.52 -30.99
CA ILE D 227 -35.74 -22.40 -32.04
C ILE D 227 -36.47 -23.59 -31.44
N ASN D 228 -35.93 -24.13 -30.35
CA ASN D 228 -36.57 -25.23 -29.65
C ASN D 228 -37.75 -24.77 -28.82
N GLU D 229 -38.06 -23.48 -28.85
CA GLU D 229 -39.18 -22.94 -28.10
C GLU D 229 -40.35 -22.80 -29.07
N ALA D 230 -41.36 -23.66 -28.89
CA ALA D 230 -42.50 -23.65 -29.78
C ALA D 230 -43.27 -22.35 -29.69
N SER D 231 -43.34 -21.76 -28.48
CA SER D 231 -44.13 -20.55 -28.28
C SER D 231 -43.86 -19.51 -29.35
N TYR D 232 -42.65 -19.50 -29.91
CA TYR D 232 -42.31 -18.60 -31.00
C TYR D 232 -42.29 -19.28 -32.35
N MET D 233 -41.96 -20.57 -32.40
CA MET D 233 -42.15 -21.34 -33.63
C MET D 233 -43.56 -21.15 -34.16
N SER D 234 -44.55 -21.37 -33.30
CA SER D 234 -45.93 -21.15 -33.68
C SER D 234 -46.14 -19.80 -34.34
N ILE D 235 -45.60 -18.75 -33.74
CA ILE D 235 -45.78 -17.41 -34.29
C ILE D 235 -45.24 -17.33 -35.70
N LEU D 236 -44.03 -17.84 -35.91
CA LEU D 236 -43.40 -17.78 -37.22
C LEU D 236 -43.81 -18.93 -38.12
N GLY D 237 -44.80 -19.72 -37.72
CA GLY D 237 -45.19 -20.85 -38.52
C GLY D 237 -44.09 -21.84 -38.78
N MET D 238 -43.04 -21.83 -37.98
CA MET D 238 -41.90 -22.69 -38.17
C MET D 238 -42.02 -23.95 -37.32
N THR D 239 -40.96 -24.74 -37.32
CA THR D 239 -40.88 -25.98 -36.58
C THR D 239 -39.73 -25.92 -35.59
N PRO D 240 -39.87 -26.54 -34.42
CA PRO D 240 -38.74 -26.65 -33.51
C PRO D 240 -37.63 -27.51 -34.11
N GLY D 241 -36.44 -27.38 -33.56
CA GLY D 241 -35.30 -28.17 -33.98
C GLY D 241 -34.51 -27.51 -35.09
N PHE D 242 -33.40 -28.16 -35.43
CA PHE D 242 -32.57 -27.72 -36.53
C PHE D 242 -32.53 -28.69 -37.70
N GLY D 243 -33.18 -29.85 -37.55
CA GLY D 243 -32.99 -30.93 -38.50
C GLY D 243 -33.57 -30.68 -39.88
N ASP D 244 -34.28 -29.57 -40.04
CA ASP D 244 -34.98 -29.34 -41.31
C ASP D 244 -34.92 -27.90 -41.79
N LYS D 245 -33.88 -27.14 -41.50
CA LYS D 245 -33.95 -25.70 -41.67
C LYS D 245 -32.83 -25.18 -42.55
N THR D 246 -33.11 -24.05 -43.18
CA THR D 246 -32.20 -23.38 -44.11
C THR D 246 -31.39 -22.35 -43.34
N PHE D 247 -30.07 -22.51 -43.35
CA PHE D 247 -29.18 -21.63 -42.62
C PHE D 247 -28.20 -20.99 -43.58
N VAL D 248 -27.81 -19.77 -43.28
CA VAL D 248 -26.91 -18.98 -44.11
C VAL D 248 -26.06 -18.13 -43.19
N VAL D 249 -25.16 -17.36 -43.79
CA VAL D 249 -24.20 -16.57 -43.04
C VAL D 249 -23.70 -15.43 -43.90
N GLN D 250 -23.30 -14.34 -43.25
CA GLN D 250 -22.61 -13.23 -43.87
C GLN D 250 -21.60 -12.72 -42.86
N GLY D 251 -20.35 -12.60 -43.28
CA GLY D 251 -19.29 -12.24 -42.37
C GLY D 251 -18.42 -13.43 -42.03
N PHE D 252 -18.19 -14.27 -43.03
CA PHE D 252 -17.37 -15.46 -42.88
C PHE D 252 -15.99 -15.12 -42.34
N GLY D 253 -15.33 -16.08 -41.71
CA GLY D 253 -14.09 -15.80 -41.02
C GLY D 253 -14.16 -16.34 -39.60
N ASN D 254 -14.10 -15.40 -38.66
CA ASN D 254 -14.48 -15.67 -37.28
C ASN D 254 -16.00 -15.73 -37.21
N VAL D 255 -16.56 -15.25 -36.10
CA VAL D 255 -17.82 -15.69 -35.51
C VAL D 255 -18.78 -16.28 -36.53
N GLY D 256 -18.76 -15.76 -37.75
CA GLY D 256 -19.51 -16.39 -38.81
C GLY D 256 -19.23 -17.87 -38.89
N LEU D 257 -17.96 -18.25 -38.70
CA LEU D 257 -17.55 -19.62 -38.95
C LEU D 257 -17.85 -20.53 -37.76
N HIS D 258 -17.16 -20.30 -36.65
CA HIS D 258 -17.21 -21.23 -35.53
C HIS D 258 -18.65 -21.54 -35.15
N SER D 259 -19.56 -20.64 -35.48
CA SER D 259 -20.98 -20.93 -35.33
C SER D 259 -21.45 -21.85 -36.43
N MET D 260 -21.17 -21.49 -37.68
CA MET D 260 -21.56 -22.33 -38.81
C MET D 260 -21.20 -23.78 -38.53
N ARG D 261 -20.02 -24.02 -37.98
CA ARG D 261 -19.58 -25.38 -37.75
C ARG D 261 -20.42 -26.03 -36.66
N TYR D 262 -20.36 -25.48 -35.45
CA TYR D 262 -21.23 -25.96 -34.38
C TYR D 262 -22.66 -26.07 -34.87
N LEU D 263 -23.08 -25.10 -35.67
CA LEU D 263 -24.43 -25.12 -36.23
C LEU D 263 -24.63 -26.40 -37.05
N HIS D 264 -23.67 -26.69 -37.94
CA HIS D 264 -23.76 -27.88 -38.77
C HIS D 264 -23.91 -29.14 -37.94
N ARG D 265 -23.46 -29.10 -36.69
CA ARG D 265 -23.32 -30.33 -35.92
C ARG D 265 -24.66 -30.94 -35.55
N PHE D 266 -25.65 -30.13 -35.21
CA PHE D 266 -26.88 -30.62 -34.61
C PHE D 266 -28.02 -30.70 -35.62
N GLY D 267 -27.74 -31.07 -36.86
CA GLY D 267 -28.77 -31.26 -37.85
C GLY D 267 -29.04 -30.06 -38.72
N ALA D 268 -28.17 -29.06 -38.67
CA ALA D 268 -28.33 -27.89 -39.51
C ALA D 268 -27.96 -28.22 -40.95
N LYS D 269 -28.41 -27.36 -41.86
CA LYS D 269 -28.00 -27.42 -43.25
C LYS D 269 -27.77 -25.99 -43.74
N CYS D 270 -26.54 -25.53 -43.61
CA CYS D 270 -26.20 -24.20 -44.08
C CYS D 270 -25.99 -24.21 -45.58
N ILE D 271 -26.37 -23.11 -46.22
CA ILE D 271 -26.52 -23.07 -47.67
C ILE D 271 -25.55 -22.09 -48.30
N THR D 272 -25.32 -20.94 -47.68
CA THR D 272 -24.56 -19.88 -48.33
C THR D 272 -23.48 -19.34 -47.41
N VAL D 273 -22.74 -18.39 -47.96
CA VAL D 273 -21.69 -17.68 -47.25
C VAL D 273 -21.55 -16.31 -47.88
N GLY D 274 -21.50 -15.28 -47.04
CA GLY D 274 -21.20 -13.95 -47.48
C GLY D 274 -19.78 -13.59 -47.08
N GLU D 275 -19.08 -12.92 -47.99
CA GLU D 275 -17.71 -12.51 -47.75
C GLU D 275 -17.53 -11.11 -48.31
N SER D 276 -16.59 -10.39 -47.72
CA SER D 276 -16.31 -9.03 -48.14
C SER D 276 -16.14 -8.92 -49.65
N ASP D 277 -15.76 -10.02 -50.30
CA ASP D 277 -15.46 -10.02 -51.73
C ASP D 277 -16.56 -10.63 -52.58
N GLY D 278 -17.56 -11.24 -51.97
CA GLY D 278 -18.59 -11.89 -52.76
C GLY D 278 -19.34 -12.93 -51.93
N SER D 279 -19.86 -13.93 -52.63
CA SER D 279 -20.79 -14.87 -52.04
C SER D 279 -20.78 -16.19 -52.79
N ILE D 280 -21.44 -17.18 -52.21
CA ILE D 280 -21.67 -18.46 -52.85
C ILE D 280 -23.04 -18.98 -52.44
N TRP D 281 -23.39 -20.15 -52.97
CA TRP D 281 -24.73 -20.69 -52.80
C TRP D 281 -24.76 -22.14 -53.23
N ASN D 282 -25.29 -23.01 -52.37
CA ASN D 282 -25.47 -24.42 -52.70
C ASN D 282 -26.66 -24.94 -51.91
N PRO D 283 -27.83 -25.03 -52.52
CA PRO D 283 -29.00 -25.55 -51.80
C PRO D 283 -28.81 -26.97 -51.28
N ASP D 284 -27.72 -27.62 -51.69
CA ASP D 284 -27.44 -28.95 -51.20
C ASP D 284 -26.76 -28.96 -49.84
N GLY D 285 -26.37 -27.80 -49.33
CA GLY D 285 -25.68 -27.73 -48.07
C GLY D 285 -24.17 -27.81 -48.26
N ILE D 286 -23.45 -27.02 -47.47
CA ILE D 286 -22.02 -26.86 -47.63
C ILE D 286 -21.33 -27.30 -46.35
N ASP D 287 -20.21 -28.01 -46.50
CA ASP D 287 -19.38 -28.40 -45.38
C ASP D 287 -18.53 -27.21 -44.95
N PRO D 288 -18.70 -26.73 -43.73
CA PRO D 288 -17.81 -25.67 -43.24
C PRO D 288 -16.36 -26.07 -43.36
N LYS D 289 -16.10 -27.34 -43.06
CA LYS D 289 -14.74 -27.86 -43.13
C LYS D 289 -14.09 -27.55 -44.46
N GLU D 290 -14.70 -28.00 -45.56
CA GLU D 290 -14.17 -27.70 -46.89
C GLU D 290 -13.91 -26.21 -47.04
N LEU D 291 -14.74 -25.38 -46.43
CA LEU D 291 -14.55 -23.94 -46.52
C LEU D 291 -13.35 -23.50 -45.68
N GLU D 292 -13.23 -24.04 -44.47
CA GLU D 292 -12.05 -23.77 -43.65
C GLU D 292 -10.78 -23.93 -44.46
N ASP D 293 -10.77 -24.91 -45.36
CA ASP D 293 -9.59 -25.19 -46.16
C ASP D 293 -9.26 -24.02 -47.07
N PHE D 294 -10.22 -23.60 -47.89
CA PHE D 294 -9.96 -22.57 -48.89
C PHE D 294 -9.64 -21.24 -48.23
N LYS D 295 -10.32 -20.93 -47.12
CA LYS D 295 -10.00 -19.72 -46.39
C LYS D 295 -8.51 -19.64 -46.12
N LEU D 296 -7.85 -20.79 -46.02
CA LEU D 296 -6.41 -20.85 -45.84
C LEU D 296 -5.67 -21.20 -47.11
N GLN D 297 -6.26 -22.02 -47.96
CA GLN D 297 -5.65 -22.38 -49.24
C GLN D 297 -5.93 -21.38 -50.34
N HIS D 298 -6.85 -20.46 -50.11
CA HIS D 298 -7.17 -19.44 -51.09
C HIS D 298 -7.33 -18.04 -50.51
N GLY D 299 -7.45 -17.89 -49.19
CA GLY D 299 -7.77 -16.61 -48.62
C GLY D 299 -9.11 -16.05 -49.03
N THR D 300 -9.99 -16.88 -49.60
CA THR D 300 -11.29 -16.43 -50.05
C THR D 300 -12.21 -17.62 -50.19
N ILE D 301 -13.51 -17.33 -50.25
CA ILE D 301 -14.50 -18.36 -50.53
C ILE D 301 -14.65 -18.62 -52.03
N LEU D 302 -14.51 -17.59 -52.85
CA LEU D 302 -14.81 -17.71 -54.27
C LEU D 302 -13.88 -18.73 -54.92
N GLY D 303 -14.44 -19.50 -55.85
CA GLY D 303 -13.75 -20.64 -56.40
C GLY D 303 -14.08 -21.94 -55.70
N PHE D 304 -15.03 -21.93 -54.79
CA PHE D 304 -15.42 -23.15 -54.11
C PHE D 304 -16.12 -24.08 -55.08
N PRO D 305 -15.62 -25.29 -55.31
CA PRO D 305 -16.24 -26.17 -56.33
C PRO D 305 -17.72 -26.42 -56.12
N LYS D 306 -18.16 -26.70 -54.89
CA LYS D 306 -19.50 -27.20 -54.65
C LYS D 306 -20.47 -26.08 -54.30
N ALA D 307 -20.23 -24.88 -54.83
CA ALA D 307 -21.17 -23.78 -54.68
C ALA D 307 -20.95 -22.79 -55.81
N LYS D 308 -22.07 -22.27 -56.31
CA LYS D 308 -22.03 -21.24 -57.34
C LYS D 308 -21.73 -19.90 -56.71
N ILE D 309 -21.05 -19.05 -57.46
CA ILE D 309 -20.81 -17.69 -56.99
C ILE D 309 -22.14 -16.97 -57.05
N TYR D 310 -22.78 -16.83 -55.90
CA TYR D 310 -24.12 -16.30 -55.84
C TYR D 310 -24.11 -14.79 -56.07
N GLU D 311 -24.92 -14.34 -57.02
CA GLU D 311 -25.06 -12.92 -57.27
C GLU D 311 -26.09 -12.35 -56.30
N GLY D 312 -25.78 -11.20 -55.73
CA GLY D 312 -26.65 -10.55 -54.77
C GLY D 312 -26.12 -10.68 -53.36
N SER D 313 -26.78 -9.95 -52.47
CA SER D 313 -26.41 -10.00 -51.06
C SER D 313 -27.02 -11.23 -50.40
N ILE D 314 -26.30 -11.74 -49.40
CA ILE D 314 -26.79 -12.88 -48.64
C ILE D 314 -28.19 -12.63 -48.13
N LEU D 315 -28.47 -11.38 -47.78
CA LEU D 315 -29.71 -11.07 -47.08
C LEU D 315 -30.93 -11.47 -47.89
N GLU D 316 -30.82 -11.43 -49.20
CA GLU D 316 -31.96 -11.68 -50.09
C GLU D 316 -32.12 -13.15 -50.41
N VAL D 317 -31.42 -14.02 -49.69
CA VAL D 317 -31.52 -15.45 -49.92
C VAL D 317 -32.76 -15.97 -49.22
N ASP D 318 -33.45 -16.91 -49.87
CA ASP D 318 -34.61 -17.55 -49.27
C ASP D 318 -34.12 -18.60 -48.27
N CYS D 319 -34.35 -18.35 -47.00
CA CYS D 319 -33.82 -19.17 -45.93
C CYS D 319 -34.72 -19.11 -44.73
N ASP D 320 -34.28 -19.74 -43.65
CA ASP D 320 -34.97 -19.71 -42.37
C ASP D 320 -34.24 -18.82 -41.37
N ILE D 321 -32.92 -18.94 -41.32
CA ILE D 321 -32.07 -18.13 -40.45
C ILE D 321 -31.19 -17.27 -41.32
N LEU D 322 -30.76 -16.13 -40.79
CA LEU D 322 -29.79 -15.28 -41.44
C LEU D 322 -28.87 -14.68 -40.40
N ILE D 323 -27.57 -14.70 -40.66
CA ILE D 323 -26.59 -14.33 -39.66
C ILE D 323 -25.67 -13.23 -40.19
N PRO D 324 -26.00 -11.98 -39.94
CA PRO D 324 -25.07 -10.90 -40.28
C PRO D 324 -23.96 -10.80 -39.28
N ALA D 325 -22.96 -11.66 -39.43
CA ALA D 325 -21.94 -11.81 -38.41
C ALA D 325 -20.92 -10.68 -38.40
N ALA D 326 -20.68 -10.05 -39.55
CA ALA D 326 -19.62 -9.07 -39.67
C ALA D 326 -20.10 -7.68 -40.08
N SER D 327 -20.84 -7.58 -41.17
CA SER D 327 -21.19 -6.27 -41.71
C SER D 327 -21.98 -5.48 -40.69
N GLU D 328 -21.70 -4.18 -40.64
CA GLU D 328 -22.40 -3.26 -39.75
C GLU D 328 -23.41 -2.45 -40.56
N LYS D 329 -24.58 -2.23 -39.99
CA LYS D 329 -25.64 -1.47 -40.64
C LYS D 329 -25.98 -2.06 -42.01
N GLN D 330 -25.95 -3.38 -42.09
CA GLN D 330 -26.18 -4.05 -43.35
C GLN D 330 -27.65 -4.07 -43.73
N LEU D 331 -28.53 -3.91 -42.75
CA LEU D 331 -29.96 -4.08 -42.96
C LEU D 331 -30.62 -2.71 -42.91
N THR D 332 -31.20 -2.29 -44.03
CA THR D 332 -31.85 -1.01 -44.13
C THR D 332 -33.28 -1.17 -44.61
N LYS D 333 -34.02 -0.07 -44.56
CA LYS D 333 -35.39 -0.06 -45.03
C LYS D 333 -35.48 -0.54 -46.47
N SER D 334 -34.41 -0.36 -47.24
CA SER D 334 -34.36 -0.86 -48.61
C SER D 334 -34.27 -2.37 -48.67
N ASN D 335 -33.64 -2.99 -47.69
CA ASN D 335 -33.47 -4.43 -47.65
C ASN D 335 -34.44 -5.12 -46.71
N ALA D 336 -34.78 -4.48 -45.61
CA ALA D 336 -35.68 -5.04 -44.61
C ALA D 336 -36.86 -5.75 -45.26
N PRO D 337 -37.51 -5.16 -46.27
CA PRO D 337 -38.60 -5.88 -46.93
C PRO D 337 -38.08 -6.91 -47.89
N ARG D 338 -36.88 -6.68 -48.41
CA ARG D 338 -36.28 -7.60 -49.36
C ARG D 338 -35.76 -8.87 -48.72
N VAL D 339 -35.42 -8.82 -47.43
CA VAL D 339 -34.92 -10.00 -46.74
C VAL D 339 -35.92 -11.13 -46.88
N LYS D 340 -35.40 -12.35 -46.94
CA LYS D 340 -36.21 -13.56 -47.00
C LYS D 340 -35.76 -14.44 -45.85
N ALA D 341 -36.50 -14.36 -44.74
CA ALA D 341 -36.09 -15.05 -43.54
C ALA D 341 -37.17 -14.93 -42.49
N LYS D 342 -37.18 -15.89 -41.58
CA LYS D 342 -38.03 -15.86 -40.41
C LYS D 342 -37.34 -15.25 -39.20
N ILE D 343 -36.01 -15.43 -39.10
CA ILE D 343 -35.24 -15.04 -37.94
C ILE D 343 -33.98 -14.34 -38.41
N ILE D 344 -33.45 -13.48 -37.56
CA ILE D 344 -32.13 -12.89 -37.75
C ILE D 344 -31.34 -13.12 -36.49
N ALA D 345 -30.01 -13.11 -36.62
CA ALA D 345 -29.15 -13.41 -35.47
C ALA D 345 -28.49 -12.15 -34.94
N GLU D 346 -27.80 -11.42 -35.80
CA GLU D 346 -27.04 -10.25 -35.39
C GLU D 346 -25.91 -10.61 -34.44
N GLY D 347 -24.96 -11.42 -34.91
CA GLY D 347 -23.75 -11.67 -34.18
C GLY D 347 -22.96 -10.39 -33.96
N ALA D 348 -22.74 -9.65 -35.03
CA ALA D 348 -22.04 -8.39 -34.94
C ALA D 348 -22.85 -7.39 -34.12
N ASN D 349 -22.26 -6.22 -33.92
CA ASN D 349 -22.91 -5.15 -33.20
C ASN D 349 -23.50 -4.17 -34.22
N GLY D 350 -24.78 -3.86 -34.06
CA GLY D 350 -25.46 -2.95 -34.94
C GLY D 350 -25.34 -3.29 -36.41
N PRO D 351 -25.54 -4.56 -36.76
CA PRO D 351 -25.69 -4.89 -38.18
C PRO D 351 -27.00 -4.42 -38.75
N THR D 352 -27.95 -4.09 -37.88
CA THR D 352 -29.32 -3.79 -38.27
C THR D 352 -29.68 -2.38 -37.84
N THR D 353 -30.55 -1.76 -38.62
CA THR D 353 -30.98 -0.40 -38.35
C THR D 353 -32.26 -0.37 -37.54
N PRO D 354 -32.47 0.68 -36.75
CA PRO D 354 -33.74 0.79 -36.03
C PRO D 354 -34.94 0.73 -36.93
N GLU D 355 -34.90 1.46 -38.04
CA GLU D 355 -36.03 1.45 -38.98
C GLU D 355 -36.37 0.04 -39.41
N ALA D 356 -35.34 -0.76 -39.69
CA ALA D 356 -35.59 -2.12 -40.15
C ALA D 356 -36.37 -2.91 -39.13
N ASP D 357 -35.92 -2.88 -37.87
CA ASP D 357 -36.59 -3.59 -36.79
C ASP D 357 -38.09 -3.43 -36.88
N LYS D 358 -38.55 -2.18 -37.00
CA LYS D 358 -39.97 -1.93 -37.20
C LYS D 358 -40.50 -2.74 -38.37
N ILE D 359 -39.83 -2.63 -39.51
CA ILE D 359 -40.29 -3.32 -40.71
C ILE D 359 -40.45 -4.80 -40.45
N PHE D 360 -39.46 -5.40 -39.79
CA PHE D 360 -39.54 -6.82 -39.47
C PHE D 360 -40.77 -7.10 -38.61
N LEU D 361 -40.90 -6.39 -37.50
CA LEU D 361 -42.08 -6.54 -36.65
C LEU D 361 -43.35 -6.43 -37.48
N GLU D 362 -43.30 -5.63 -38.55
CA GLU D 362 -44.43 -5.53 -39.46
C GLU D 362 -44.49 -6.73 -40.39
N ARG D 363 -43.33 -7.29 -40.72
CA ARG D 363 -43.28 -8.54 -41.49
C ARG D 363 -43.33 -9.77 -40.60
N ASN D 364 -43.59 -9.59 -39.30
CA ASN D 364 -43.71 -10.71 -38.39
C ASN D 364 -42.39 -11.46 -38.28
N ILE D 365 -41.29 -10.80 -38.64
CA ILE D 365 -39.98 -11.42 -38.63
C ILE D 365 -39.39 -11.26 -37.24
N MET D 366 -39.08 -12.39 -36.62
CA MET D 366 -38.37 -12.41 -35.36
C MET D 366 -36.92 -12.03 -35.60
N VAL D 367 -36.24 -11.58 -34.57
CA VAL D 367 -34.82 -11.31 -34.63
C VAL D 367 -34.22 -11.62 -33.28
N ILE D 368 -32.91 -11.42 -33.18
CA ILE D 368 -32.17 -11.62 -31.94
C ILE D 368 -31.32 -10.40 -31.69
N PRO D 369 -31.18 -9.95 -30.45
CA PRO D 369 -30.36 -8.76 -30.19
C PRO D 369 -28.89 -9.10 -30.16
N ASP D 370 -28.10 -8.19 -30.73
CA ASP D 370 -26.66 -8.32 -30.68
C ASP D 370 -26.15 -8.56 -29.27
N LEU D 371 -26.78 -7.95 -28.27
CA LEU D 371 -26.36 -8.17 -26.89
C LEU D 371 -26.20 -9.64 -26.59
N TYR D 372 -27.30 -10.36 -26.62
CA TYR D 372 -27.38 -11.73 -26.16
C TYR D 372 -26.34 -12.62 -26.84
N LEU D 373 -26.31 -12.61 -28.17
CA LEU D 373 -25.51 -13.58 -28.88
C LEU D 373 -24.03 -13.38 -28.64
N ASN D 374 -23.49 -12.23 -29.07
CA ASN D 374 -22.05 -12.02 -28.99
C ASN D 374 -21.59 -11.82 -27.54
N ALA D 375 -22.49 -12.03 -26.59
CA ALA D 375 -22.12 -12.01 -25.19
C ALA D 375 -21.11 -13.09 -24.85
N GLY D 376 -21.26 -14.29 -25.40
CA GLY D 376 -20.40 -15.38 -25.01
C GLY D 376 -18.94 -15.03 -25.09
N GLY D 377 -18.57 -14.14 -26.00
CA GLY D 377 -17.21 -13.67 -26.05
C GLY D 377 -16.83 -12.91 -24.80
N VAL D 378 -17.84 -12.46 -24.07
CA VAL D 378 -17.63 -11.86 -22.76
C VAL D 378 -17.66 -12.93 -21.70
N THR D 379 -18.72 -13.73 -21.70
CA THR D 379 -18.89 -14.74 -20.68
C THR D 379 -17.61 -15.52 -20.48
N VAL D 380 -17.16 -16.19 -21.53
CA VAL D 380 -15.95 -16.98 -21.45
C VAL D 380 -14.85 -16.21 -20.72
N SER D 381 -14.61 -14.98 -21.13
CA SER D 381 -13.59 -14.17 -20.48
C SER D 381 -13.76 -14.22 -18.97
N TYR D 382 -14.96 -13.86 -18.50
CA TYR D 382 -15.25 -13.94 -17.09
C TYR D 382 -14.67 -15.21 -16.48
N PHE D 383 -14.98 -16.34 -17.10
CA PHE D 383 -14.40 -17.59 -16.64
C PHE D 383 -12.88 -17.50 -16.63
N GLU D 384 -12.30 -17.07 -17.73
CA GLU D 384 -10.86 -16.95 -17.82
C GLU D 384 -10.34 -15.99 -16.76
N TRP D 385 -11.16 -15.04 -16.35
CA TRP D 385 -10.75 -14.09 -15.33
C TRP D 385 -10.74 -14.75 -13.98
N LEU D 386 -11.37 -15.92 -13.87
CA LEU D 386 -11.35 -16.64 -12.60
C LEU D 386 -10.22 -17.65 -12.57
N ASN D 387 -10.04 -18.39 -13.65
CA ASN D 387 -8.88 -19.27 -13.76
C ASN D 387 -7.63 -18.58 -13.24
N ASN D 388 -7.51 -17.29 -13.50
CA ASN D 388 -6.32 -16.57 -13.06
C ASN D 388 -6.46 -16.11 -11.61
N LEU D 389 -7.63 -16.31 -11.02
CA LEU D 389 -7.80 -15.97 -9.60
C LEU D 389 -7.78 -17.20 -8.72
N ASN D 390 -8.55 -18.22 -9.07
CA ASN D 390 -8.47 -19.48 -8.35
C ASN D 390 -7.17 -20.21 -8.65
N HIS D 391 -6.37 -19.67 -9.56
CA HIS D 391 -5.04 -20.17 -9.84
C HIS D 391 -5.03 -21.66 -10.14
N VAL D 392 -6.05 -22.16 -10.80
CA VAL D 392 -6.11 -23.54 -11.24
C VAL D 392 -6.87 -23.64 -12.54
N SER D 393 -6.59 -24.70 -13.27
CA SER D 393 -7.47 -25.14 -14.32
C SER D 393 -8.68 -25.81 -13.69
N TYR D 394 -9.86 -25.48 -14.20
CA TYR D 394 -11.09 -25.89 -13.56
C TYR D 394 -11.14 -27.39 -13.40
N GLY D 395 -11.63 -27.83 -12.26
CA GLY D 395 -11.99 -29.22 -12.07
C GLY D 395 -10.87 -30.14 -11.67
N ARG D 396 -9.62 -29.80 -11.97
CA ARG D 396 -8.53 -30.75 -11.81
C ARG D 396 -8.51 -31.38 -10.42
N LEU D 397 -9.19 -30.78 -9.46
CA LEU D 397 -9.34 -31.39 -8.16
C LEU D 397 -10.47 -32.41 -8.13
N THR D 398 -11.27 -32.50 -9.18
CA THR D 398 -12.53 -33.21 -9.12
C THR D 398 -12.76 -34.21 -10.22
N PHE D 399 -12.21 -34.00 -11.42
CA PHE D 399 -12.51 -34.87 -12.54
C PHE D 399 -12.49 -36.33 -12.13
N LYS D 400 -11.35 -36.77 -11.59
CA LYS D 400 -11.19 -38.19 -11.30
C LYS D 400 -12.08 -38.61 -10.14
N TYR D 401 -12.30 -37.70 -9.19
CA TYR D 401 -13.20 -38.01 -8.09
C TYR D 401 -14.59 -38.29 -8.62
N GLU D 402 -15.17 -37.31 -9.31
CA GLU D 402 -16.40 -37.54 -10.04
C GLU D 402 -16.31 -38.84 -10.84
N ARG D 403 -15.24 -38.99 -11.61
CA ARG D 403 -15.05 -40.21 -12.38
C ARG D 403 -15.26 -41.44 -11.51
N ASP D 404 -14.48 -41.56 -10.45
CA ASP D 404 -14.64 -42.68 -9.53
C ASP D 404 -16.11 -42.89 -9.20
N SER D 405 -16.73 -41.89 -8.59
CA SER D 405 -18.13 -42.01 -8.26
C SER D 405 -18.96 -42.34 -9.48
N ASN D 406 -18.64 -41.75 -10.61
CA ASN D 406 -19.41 -41.97 -11.81
C ASN D 406 -19.41 -43.43 -12.25
N TYR D 407 -18.56 -44.27 -11.67
CA TYR D 407 -18.62 -45.69 -11.97
C TYR D 407 -18.56 -46.60 -10.75
N HIS D 408 -18.38 -46.06 -9.55
CA HIS D 408 -18.78 -46.84 -8.40
C HIS D 408 -20.28 -47.06 -8.40
N LEU D 409 -21.04 -46.06 -8.83
CA LEU D 409 -22.48 -46.20 -8.90
C LEU D 409 -22.87 -47.39 -9.76
N LEU D 410 -22.50 -47.34 -11.04
CA LEU D 410 -22.83 -48.41 -11.95
C LEU D 410 -22.56 -49.76 -11.32
N MET D 411 -21.37 -49.94 -10.74
CA MET D 411 -21.10 -51.16 -9.99
C MET D 411 -22.21 -51.44 -8.99
N SER D 412 -22.59 -50.43 -8.22
CA SER D 412 -23.68 -50.59 -7.27
C SER D 412 -24.92 -51.11 -7.96
N VAL D 413 -25.28 -50.49 -9.09
CA VAL D 413 -26.39 -50.99 -9.88
C VAL D 413 -26.18 -52.45 -10.21
N GLN D 414 -25.04 -52.75 -10.82
CA GLN D 414 -24.73 -54.13 -11.18
C GLN D 414 -24.98 -55.06 -10.01
N GLU D 415 -24.30 -54.81 -8.90
CA GLU D 415 -24.47 -55.65 -7.73
C GLU D 415 -25.93 -55.69 -7.31
N SER D 416 -26.57 -54.52 -7.27
CA SER D 416 -27.96 -54.47 -6.84
C SER D 416 -28.83 -55.39 -7.68
N LEU D 417 -28.64 -55.36 -9.00
CA LEU D 417 -29.43 -56.22 -9.88
C LEU D 417 -29.01 -57.67 -9.72
N GLU D 418 -27.72 -57.94 -9.88
CA GLU D 418 -27.23 -59.31 -9.70
C GLU D 418 -27.71 -59.87 -8.37
N ARG D 419 -27.92 -59.01 -7.39
CA ARG D 419 -28.42 -59.45 -6.10
C ARG D 419 -29.87 -59.92 -6.20
N LYS D 420 -30.72 -59.14 -6.85
CA LYS D 420 -32.14 -59.47 -6.85
C LYS D 420 -32.45 -60.55 -7.87
N PHE D 421 -32.29 -60.25 -9.16
CA PHE D 421 -32.58 -61.25 -10.16
C PHE D 421 -31.34 -61.67 -10.94
N GLY D 422 -30.17 -61.50 -10.35
CA GLY D 422 -29.03 -62.33 -10.72
C GLY D 422 -29.03 -63.67 -10.01
N LYS D 423 -30.22 -64.18 -9.70
CA LYS D 423 -30.39 -65.38 -8.89
C LYS D 423 -29.43 -66.48 -9.31
N HIS D 424 -29.52 -66.91 -10.56
CA HIS D 424 -28.63 -67.94 -11.07
C HIS D 424 -27.18 -67.48 -11.07
N GLY D 425 -26.93 -66.19 -10.90
CA GLY D 425 -25.61 -65.63 -10.98
C GLY D 425 -25.34 -64.83 -12.24
N GLY D 426 -26.36 -64.60 -13.07
CA GLY D 426 -26.14 -63.86 -14.30
C GLY D 426 -25.55 -62.49 -14.03
N THR D 427 -24.45 -62.20 -14.71
CA THR D 427 -23.71 -60.97 -14.50
C THR D 427 -24.18 -59.91 -15.47
N ILE D 428 -24.26 -58.69 -14.97
CA ILE D 428 -24.70 -57.56 -15.79
C ILE D 428 -23.50 -56.62 -15.96
N PRO D 429 -22.74 -56.78 -17.02
CA PRO D 429 -21.55 -55.96 -17.18
C PRO D 429 -21.91 -54.54 -17.56
N ILE D 430 -22.44 -53.81 -16.60
CA ILE D 430 -22.76 -52.40 -16.80
C ILE D 430 -21.48 -51.68 -17.18
N VAL D 431 -21.55 -50.90 -18.26
CA VAL D 431 -20.39 -50.15 -18.71
C VAL D 431 -20.83 -48.78 -19.19
N PRO D 432 -19.90 -47.85 -19.27
CA PRO D 432 -20.20 -46.55 -19.86
C PRO D 432 -20.61 -46.67 -21.30
N THR D 433 -20.96 -45.53 -21.89
CA THR D 433 -21.17 -45.43 -23.31
C THR D 433 -19.96 -44.80 -23.97
N ALA D 434 -19.76 -45.14 -25.25
CA ALA D 434 -18.68 -44.54 -26.01
C ALA D 434 -18.64 -43.04 -25.77
N GLU D 435 -19.75 -42.35 -26.00
CA GLU D 435 -19.82 -40.94 -25.68
C GLU D 435 -19.38 -40.69 -24.25
N PHE D 436 -20.10 -41.27 -23.30
CA PHE D 436 -19.82 -40.99 -21.90
C PHE D 436 -18.37 -41.31 -21.57
N GLN D 437 -17.83 -42.36 -22.17
CA GLN D 437 -16.42 -42.66 -21.98
C GLN D 437 -15.56 -41.60 -22.64
N ASP D 438 -16.05 -41.02 -23.73
CA ASP D 438 -15.30 -39.97 -24.40
C ASP D 438 -15.21 -38.74 -23.52
N ARG D 439 -16.34 -38.32 -22.95
CA ARG D 439 -16.30 -37.27 -21.94
C ARG D 439 -15.21 -37.53 -20.93
N ILE D 440 -15.22 -38.72 -20.33
CA ILE D 440 -14.31 -39.02 -19.25
C ILE D 440 -12.88 -38.78 -19.68
N SER D 441 -12.41 -39.57 -20.66
CA SER D 441 -11.03 -39.43 -21.11
C SER D 441 -10.77 -38.06 -21.71
N GLY D 442 -11.81 -37.39 -22.20
CA GLY D 442 -11.68 -36.05 -22.69
C GLY D 442 -11.89 -35.00 -21.64
N ALA D 443 -11.87 -35.39 -20.37
CA ALA D 443 -12.04 -34.45 -19.27
C ALA D 443 -11.07 -33.30 -19.42
N SER D 444 -11.61 -32.09 -19.40
CA SER D 444 -10.80 -30.89 -19.60
C SER D 444 -11.70 -29.68 -19.50
N GLU D 445 -11.08 -28.52 -19.26
CA GLU D 445 -11.83 -27.28 -19.23
C GLU D 445 -12.77 -27.17 -20.42
N LYS D 446 -12.34 -27.61 -21.59
CA LYS D 446 -13.16 -27.49 -22.78
C LYS D 446 -14.60 -27.87 -22.51
N ASP D 447 -14.80 -28.85 -21.64
CA ASP D 447 -16.15 -29.33 -21.36
C ASP D 447 -16.83 -28.45 -20.34
N ILE D 448 -16.10 -28.05 -19.30
CA ILE D 448 -16.66 -27.15 -18.30
C ILE D 448 -17.18 -25.90 -18.96
N VAL D 449 -16.29 -25.16 -19.60
CA VAL D 449 -16.65 -23.89 -20.20
C VAL D 449 -17.83 -24.06 -21.13
N HIS D 450 -17.76 -25.04 -22.04
CA HIS D 450 -18.90 -25.33 -22.90
C HIS D 450 -20.18 -25.41 -22.10
N SER D 451 -20.07 -25.83 -20.83
CA SER D 451 -21.26 -25.94 -20.00
C SER D 451 -21.61 -24.60 -19.37
N GLY D 452 -20.70 -24.06 -18.56
CA GLY D 452 -20.98 -22.81 -17.88
C GLY D 452 -21.29 -21.68 -18.86
N LEU D 453 -21.03 -21.91 -20.14
CA LEU D 453 -21.46 -20.98 -21.16
C LEU D 453 -22.91 -21.19 -21.51
N ALA D 454 -23.24 -22.39 -21.96
CA ALA D 454 -24.59 -22.68 -22.41
C ALA D 454 -25.59 -22.34 -21.31
N TYR D 455 -25.42 -22.95 -20.15
CA TYR D 455 -26.31 -22.67 -19.03
C TYR D 455 -26.59 -21.19 -18.93
N THR D 456 -25.54 -20.38 -18.94
CA THR D 456 -25.70 -18.95 -18.92
C THR D 456 -26.65 -18.49 -20.00
N MET D 457 -26.29 -18.73 -21.26
CA MET D 457 -27.13 -18.30 -22.37
C MET D 457 -28.52 -18.89 -22.26
N GLU D 458 -28.63 -20.06 -21.65
CA GLU D 458 -29.95 -20.64 -21.43
C GLU D 458 -30.76 -19.81 -20.47
N ARG D 459 -30.28 -19.69 -19.24
CA ARG D 459 -31.01 -18.96 -18.22
C ARG D 459 -31.38 -17.57 -18.71
N SER D 460 -30.43 -16.88 -19.31
CA SER D 460 -30.67 -15.52 -19.78
C SER D 460 -31.91 -15.46 -20.66
N ALA D 461 -31.88 -16.19 -21.77
CA ALA D 461 -33.03 -16.21 -22.67
C ALA D 461 -34.32 -16.34 -21.90
N ARG D 462 -34.38 -17.34 -21.02
CA ARG D 462 -35.62 -17.59 -20.30
C ARG D 462 -36.08 -16.35 -19.56
N GLN D 463 -35.16 -15.64 -18.90
CA GLN D 463 -35.52 -14.40 -18.27
C GLN D 463 -36.13 -13.45 -19.27
N ILE D 464 -35.60 -13.45 -20.49
CA ILE D 464 -36.05 -12.50 -21.50
C ILE D 464 -37.47 -12.81 -21.91
N MET D 465 -37.73 -14.05 -22.31
CA MET D 465 -39.10 -14.46 -22.60
C MET D 465 -40.05 -13.92 -21.54
N ARG D 466 -39.78 -14.23 -20.28
CA ARG D 466 -40.56 -13.65 -19.19
C ARG D 466 -40.67 -12.15 -19.36
N THR D 467 -39.52 -11.47 -19.44
CA THR D 467 -39.52 -10.03 -19.58
C THR D 467 -40.42 -9.59 -20.73
N ALA D 468 -40.37 -10.31 -21.85
CA ALA D 468 -41.23 -9.98 -22.98
C ALA D 468 -42.70 -10.10 -22.59
N MET D 469 -43.08 -11.25 -22.07
CA MET D 469 -44.47 -11.45 -21.67
C MET D 469 -44.92 -10.36 -20.71
N LYS D 470 -44.11 -10.10 -19.69
CA LYS D 470 -44.45 -9.07 -18.71
C LYS D 470 -44.85 -7.77 -19.39
N TYR D 471 -44.17 -7.43 -20.48
CA TYR D 471 -44.38 -6.15 -21.13
C TYR D 471 -45.04 -6.29 -22.50
N ASN D 472 -45.46 -7.50 -22.86
CA ASN D 472 -46.22 -7.73 -24.08
C ASN D 472 -45.51 -7.13 -25.29
N LEU D 473 -44.22 -7.42 -25.39
CA LEU D 473 -43.43 -6.97 -26.52
C LEU D 473 -43.47 -7.91 -27.70
N GLY D 474 -44.02 -9.11 -27.52
CA GLY D 474 -44.08 -10.04 -28.62
C GLY D 474 -42.69 -10.43 -29.08
N LEU D 475 -42.37 -10.07 -30.32
CA LEU D 475 -41.10 -10.44 -30.93
C LEU D 475 -40.07 -9.33 -30.87
N ASP D 476 -40.43 -8.15 -30.35
CA ASP D 476 -39.51 -7.01 -30.32
C ASP D 476 -38.54 -7.22 -29.16
N LEU D 477 -37.68 -8.22 -29.32
CA LEU D 477 -36.76 -8.60 -28.25
C LEU D 477 -35.71 -7.55 -27.97
N ARG D 478 -35.14 -6.95 -29.00
CA ARG D 478 -34.08 -5.97 -28.81
C ARG D 478 -34.39 -5.07 -27.63
N THR D 479 -35.55 -4.44 -27.65
CA THR D 479 -35.99 -3.70 -26.49
C THR D 479 -36.00 -4.60 -25.26
N ALA D 480 -36.75 -5.70 -25.34
CA ALA D 480 -36.94 -6.56 -24.19
C ALA D 480 -35.62 -6.85 -23.48
N ALA D 481 -34.55 -7.03 -24.24
CA ALA D 481 -33.25 -7.24 -23.61
C ALA D 481 -32.80 -5.99 -22.89
N TYR D 482 -32.65 -4.90 -23.64
CA TYR D 482 -32.36 -3.61 -23.02
C TYR D 482 -33.28 -3.37 -21.84
N VAL D 483 -34.47 -3.97 -21.86
CA VAL D 483 -35.37 -3.90 -20.72
C VAL D 483 -34.82 -4.73 -19.57
N ASN D 484 -34.69 -6.03 -19.80
CA ASN D 484 -34.29 -6.93 -18.72
C ASN D 484 -32.98 -6.48 -18.12
N ALA D 485 -32.11 -5.93 -18.95
CA ALA D 485 -30.85 -5.41 -18.46
C ALA D 485 -31.08 -4.31 -17.44
N ILE D 486 -31.79 -3.27 -17.85
CA ILE D 486 -31.92 -2.08 -17.04
C ILE D 486 -32.45 -2.44 -15.66
N GLU D 487 -33.51 -3.24 -15.60
CA GLU D 487 -34.08 -3.59 -14.32
C GLU D 487 -33.01 -4.15 -13.39
N LYS D 488 -32.18 -5.05 -13.89
CA LYS D 488 -31.08 -5.54 -13.09
C LYS D 488 -30.18 -4.40 -12.67
N VAL D 489 -29.70 -3.64 -13.64
CA VAL D 489 -28.82 -2.52 -13.34
C VAL D 489 -29.46 -1.60 -12.32
N PHE D 490 -30.60 -1.02 -12.68
CA PHE D 490 -31.33 -0.18 -11.75
C PHE D 490 -31.38 -0.81 -10.38
N ARG D 491 -31.86 -2.04 -10.32
CA ARG D 491 -32.00 -2.72 -9.04
C ARG D 491 -30.69 -2.69 -8.27
N VAL D 492 -29.57 -2.86 -8.98
CA VAL D 492 -28.27 -2.80 -8.33
C VAL D 492 -28.05 -1.41 -7.74
N TYR D 493 -28.05 -0.40 -8.60
CA TYR D 493 -27.68 0.93 -8.16
C TYR D 493 -28.59 1.40 -7.04
N ASN D 494 -29.81 0.90 -7.01
CA ASN D 494 -30.75 1.29 -5.96
C ASN D 494 -30.34 0.70 -4.63
N GLU D 495 -30.00 -0.58 -4.62
CA GLU D 495 -29.67 -1.27 -3.38
C GLU D 495 -28.21 -1.05 -2.97
N ALA D 496 -27.53 -0.08 -3.56
CA ALA D 496 -26.13 0.18 -3.22
C ALA D 496 -25.96 1.39 -2.35
N GLY D 497 -27.00 1.84 -1.66
CA GLY D 497 -26.88 3.12 -1.00
C GLY D 497 -26.59 4.17 -2.04
N VAL D 498 -27.55 4.46 -2.89
CA VAL D 498 -27.31 4.85 -4.28
C VAL D 498 -26.09 5.74 -4.40
N THR D 499 -25.82 6.53 -3.36
CA THR D 499 -24.66 7.41 -3.36
C THR D 499 -24.36 7.89 -1.96
N PHE D 500 -23.07 8.04 -1.63
CA PHE D 500 -22.68 8.64 -0.36
C PHE D 500 -22.07 10.00 -0.63
N THR D 501 -22.94 11.00 -0.61
CA THR D 501 -22.55 12.38 -0.81
C THR D 501 -23.18 13.26 0.26
N ASP E 6 -30.54 -12.80 38.32
CA ASP E 6 -30.47 -12.23 36.94
C ASP E 6 -29.07 -11.73 36.62
N PRO E 7 -28.13 -12.65 36.44
CA PRO E 7 -26.76 -12.25 36.10
C PRO E 7 -26.72 -11.59 34.73
N ASN E 8 -25.63 -10.88 34.48
CA ASN E 8 -25.42 -10.31 33.17
C ASN E 8 -25.01 -11.40 32.19
N PHE E 9 -25.63 -11.38 31.01
CA PHE E 9 -25.36 -12.38 29.99
C PHE E 9 -23.86 -12.60 29.83
N PHE E 10 -23.08 -11.54 29.99
CA PHE E 10 -21.64 -11.71 30.09
C PHE E 10 -21.29 -12.73 31.17
N LYS E 11 -21.68 -12.42 32.41
CA LYS E 11 -21.34 -13.30 33.51
C LYS E 11 -21.81 -14.72 33.27
N MET E 12 -22.99 -14.89 32.66
CA MET E 12 -23.39 -16.22 32.22
C MET E 12 -22.28 -16.87 31.42
N VAL E 13 -21.91 -16.25 30.31
CA VAL E 13 -20.89 -16.82 29.42
C VAL E 13 -19.64 -17.14 30.22
N GLU E 14 -19.03 -16.12 30.80
CA GLU E 14 -17.78 -16.32 31.53
C GLU E 14 -17.91 -17.50 32.49
N GLY E 15 -19.06 -17.62 33.13
CA GLY E 15 -19.27 -18.73 34.04
C GLY E 15 -19.15 -20.07 33.35
N PHE E 16 -19.60 -20.13 32.10
CA PHE E 16 -19.57 -21.40 31.38
C PHE E 16 -18.14 -21.77 31.03
N PHE E 17 -17.47 -20.93 30.24
CA PHE E 17 -16.11 -21.23 29.82
C PHE E 17 -15.26 -21.74 30.97
N ASP E 18 -15.25 -21.02 32.07
CA ASP E 18 -14.55 -21.47 33.27
C ASP E 18 -14.81 -22.94 33.52
N ARG E 19 -16.08 -23.32 33.55
CA ARG E 19 -16.43 -24.72 33.84
C ARG E 19 -15.81 -25.64 32.82
N GLY E 20 -15.93 -25.29 31.53
CA GLY E 20 -15.38 -26.15 30.51
C GLY E 20 -13.88 -26.35 30.67
N ALA E 21 -13.16 -25.26 30.93
CA ALA E 21 -11.72 -25.36 31.10
C ALA E 21 -11.37 -26.42 32.12
N SER E 22 -11.91 -26.30 33.33
CA SER E 22 -11.68 -27.31 34.36
C SER E 22 -11.89 -28.72 33.80
N ILE E 23 -12.95 -28.90 33.03
CA ILE E 23 -13.24 -30.22 32.47
C ILE E 23 -12.16 -30.64 31.48
N VAL E 24 -11.80 -29.72 30.58
CA VAL E 24 -10.87 -30.05 29.51
C VAL E 24 -9.52 -30.43 30.09
N GLU E 25 -8.94 -29.53 30.87
CA GLU E 25 -7.57 -29.63 31.32
C GLU E 25 -7.20 -31.04 31.76
N ASP E 26 -8.11 -31.69 32.47
CA ASP E 26 -7.83 -33.02 33.01
C ASP E 26 -7.13 -33.90 32.00
N LYS E 27 -7.56 -33.85 30.75
CA LYS E 27 -6.96 -34.65 29.70
C LYS E 27 -6.11 -33.84 28.74
N LEU E 28 -6.47 -32.59 28.48
CA LEU E 28 -5.73 -31.78 27.53
C LEU E 28 -4.25 -31.75 27.89
N VAL E 29 -3.95 -31.78 29.19
CA VAL E 29 -2.56 -31.89 29.60
C VAL E 29 -2.03 -33.28 29.31
N GLU E 30 -2.89 -34.29 29.43
CA GLU E 30 -2.47 -35.66 29.18
C GLU E 30 -2.20 -35.90 27.71
N ASP E 31 -2.97 -35.27 26.84
CA ASP E 31 -2.83 -35.47 25.40
C ASP E 31 -1.93 -34.43 24.76
N LEU E 32 -1.16 -33.68 25.56
CA LEU E 32 -0.21 -32.72 25.02
C LEU E 32 1.10 -33.46 24.79
N LYS E 33 1.64 -33.32 23.57
CA LYS E 33 2.76 -34.16 23.13
C LYS E 33 4.09 -33.41 23.18
N THR E 34 4.31 -32.61 24.22
CA THR E 34 5.56 -31.88 24.33
C THR E 34 6.47 -32.52 25.36
N ARG E 35 7.78 -32.40 25.13
CA ARG E 35 8.80 -32.91 26.06
C ARG E 35 9.00 -31.92 27.20
N GLU E 36 8.27 -32.15 28.28
CA GLU E 36 8.26 -31.25 29.42
C GLU E 36 7.89 -32.04 30.67
N THR E 37 7.78 -31.32 31.77
CA THR E 37 7.30 -31.91 33.01
C THR E 37 5.79 -31.76 33.10
N GLU E 38 5.14 -32.81 33.61
CA GLU E 38 3.69 -32.76 33.81
C GLU E 38 3.28 -31.43 34.40
N GLU E 39 3.94 -31.02 35.47
CA GLU E 39 3.70 -29.70 36.04
C GLU E 39 4.00 -28.61 35.01
N GLN E 40 5.21 -28.63 34.46
CA GLN E 40 5.60 -27.61 33.48
C GLN E 40 4.52 -27.45 32.43
N LYS E 41 4.15 -28.54 31.77
CA LYS E 41 3.17 -28.44 30.70
C LYS E 41 1.81 -28.04 31.22
N ARG E 42 1.43 -28.51 32.41
CA ARG E 42 0.15 -28.09 32.97
C ARG E 42 0.10 -26.59 33.14
N ASN E 43 1.24 -25.96 33.37
CA ASN E 43 1.26 -24.51 33.50
C ASN E 43 1.22 -23.85 32.13
N ARG E 44 1.44 -24.63 31.07
CA ARG E 44 1.24 -24.12 29.73
C ARG E 44 -0.24 -24.03 29.42
N VAL E 45 -0.94 -25.16 29.47
CA VAL E 45 -2.36 -25.17 29.15
C VAL E 45 -3.12 -24.22 30.05
N ARG E 46 -2.90 -24.30 31.36
CA ARG E 46 -3.69 -23.54 32.30
C ARG E 46 -3.74 -22.08 31.90
N SER E 47 -2.58 -21.50 31.60
CA SER E 47 -2.54 -20.09 31.25
C SER E 47 -3.14 -19.83 29.88
N ILE E 48 -2.91 -20.71 28.92
CA ILE E 48 -3.53 -20.54 27.62
C ILE E 48 -5.03 -20.37 27.80
N LEU E 49 -5.62 -21.14 28.69
CA LEU E 49 -7.03 -20.98 29.00
C LEU E 49 -7.26 -19.73 29.84
N ARG E 50 -6.20 -18.99 30.13
CA ARG E 50 -6.33 -17.63 30.65
C ARG E 50 -6.20 -16.62 29.53
N ILE E 51 -5.69 -17.06 28.38
CA ILE E 51 -5.33 -16.13 27.33
C ILE E 51 -6.48 -15.92 26.37
N ILE E 52 -7.04 -17.01 25.85
CA ILE E 52 -8.09 -16.90 24.86
C ILE E 52 -9.33 -16.28 25.45
N LYS E 53 -9.63 -16.60 26.70
CA LYS E 53 -10.87 -16.16 27.31
C LYS E 53 -11.12 -14.67 27.14
N PRO E 54 -10.19 -13.79 27.49
CA PRO E 54 -10.42 -12.36 27.29
C PRO E 54 -10.41 -11.99 25.83
N CYS E 55 -10.98 -10.82 25.56
CA CYS E 55 -11.06 -10.30 24.22
C CYS E 55 -9.94 -9.28 24.00
N ASN E 56 -9.12 -9.53 22.99
CA ASN E 56 -7.93 -8.73 22.76
C ASN E 56 -8.25 -7.26 22.59
N HIS E 57 -8.95 -6.93 21.52
CA HIS E 57 -9.14 -5.54 21.11
C HIS E 57 -10.57 -5.12 21.40
N VAL E 58 -10.71 -3.97 22.03
CA VAL E 58 -12.00 -3.38 22.31
C VAL E 58 -11.85 -1.88 22.12
N LEU E 59 -12.64 -1.32 21.22
CA LEU E 59 -12.51 0.08 20.85
C LEU E 59 -13.76 0.83 21.23
N SER E 60 -13.58 2.04 21.72
CA SER E 60 -14.66 2.91 22.10
C SER E 60 -14.59 4.17 21.25
N LEU E 61 -15.75 4.64 20.79
CA LEU E 61 -15.81 5.69 19.80
C LEU E 61 -16.66 6.85 20.28
N SER E 62 -16.67 7.89 19.46
CA SER E 62 -17.47 9.08 19.68
C SER E 62 -17.70 9.76 18.34
N PHE E 63 -18.96 10.03 18.03
CA PHE E 63 -19.33 10.50 16.71
C PHE E 63 -19.95 11.88 16.76
N PRO E 64 -19.37 12.83 16.07
CA PRO E 64 -20.06 14.11 15.87
C PRO E 64 -21.00 14.06 14.69
N ILE E 65 -22.22 13.60 14.90
CA ILE E 65 -23.24 13.55 13.86
C ILE E 65 -24.15 14.76 13.99
N ARG E 66 -24.67 15.21 12.86
CA ARG E 66 -25.64 16.29 12.81
C ARG E 66 -27.02 15.72 12.54
N ARG E 67 -27.97 16.04 13.41
CA ARG E 67 -29.34 15.61 13.23
C ARG E 67 -29.97 16.28 12.01
N ASP E 68 -31.20 15.87 11.72
CA ASP E 68 -31.98 16.53 10.68
C ASP E 68 -32.44 17.92 11.11
N ASP E 69 -32.65 18.12 12.41
CA ASP E 69 -33.11 19.42 12.91
C ASP E 69 -32.01 20.45 12.97
N GLY E 70 -30.84 20.13 12.42
CA GLY E 70 -29.71 21.03 12.48
C GLY E 70 -28.82 20.83 13.69
N SER E 71 -29.34 20.20 14.73
CA SER E 71 -28.59 20.02 15.96
C SER E 71 -27.48 19.00 15.76
N TRP E 72 -26.51 19.05 16.67
CA TRP E 72 -25.47 18.04 16.75
C TRP E 72 -25.72 17.19 17.98
N GLU E 73 -25.13 16.00 17.97
CA GLU E 73 -25.10 15.16 19.16
C GLU E 73 -23.97 14.16 19.00
N VAL E 74 -23.43 13.74 20.13
CA VAL E 74 -22.33 12.79 20.15
C VAL E 74 -22.90 11.39 20.35
N ILE E 75 -22.23 10.41 19.76
CA ILE E 75 -22.68 9.03 19.78
C ILE E 75 -21.51 8.14 20.12
N GLU E 76 -21.75 7.18 21.00
CA GLU E 76 -20.74 6.21 21.40
C GLU E 76 -20.95 4.91 20.66
N GLY E 77 -19.85 4.30 20.23
CA GLY E 77 -19.91 3.06 19.49
C GLY E 77 -18.76 2.17 19.86
N TYR E 78 -19.07 0.88 19.99
CA TYR E 78 -18.12 -0.09 20.49
C TYR E 78 -17.93 -1.19 19.46
N ARG E 79 -16.68 -1.60 19.31
CA ARG E 79 -16.34 -2.75 18.47
C ARG E 79 -15.40 -3.61 19.29
N ALA E 80 -15.65 -4.91 19.30
CA ALA E 80 -14.86 -5.84 20.07
C ALA E 80 -14.40 -6.97 19.18
N GLN E 81 -13.10 -7.15 19.10
CA GLN E 81 -12.50 -8.16 18.25
C GLN E 81 -11.83 -9.16 19.18
N HIS E 82 -12.53 -10.25 19.46
CA HIS E 82 -12.13 -11.16 20.54
C HIS E 82 -10.67 -11.55 20.40
N SER E 83 -10.33 -12.24 19.32
CA SER E 83 -9.05 -12.92 19.31
C SER E 83 -8.52 -12.97 17.89
N GLN E 84 -7.21 -12.78 17.77
CA GLN E 84 -6.51 -12.80 16.51
C GLN E 84 -5.97 -14.19 16.19
N HIS E 85 -6.13 -15.15 17.10
CA HIS E 85 -5.65 -16.50 16.86
C HIS E 85 -6.05 -17.01 15.48
N ARG E 86 -7.16 -16.54 14.94
CA ARG E 86 -7.58 -16.94 13.61
C ARG E 86 -8.44 -15.86 12.98
N THR E 87 -7.82 -15.03 12.16
CA THR E 87 -8.49 -14.02 11.37
C THR E 87 -8.91 -14.59 10.04
N PRO E 88 -9.91 -13.98 9.38
CA PRO E 88 -10.58 -12.76 9.79
C PRO E 88 -11.49 -12.96 10.94
N CYS E 89 -12.09 -11.87 11.38
CA CYS E 89 -12.98 -11.87 12.51
C CYS E 89 -14.35 -11.42 12.07
N LYS E 90 -15.37 -11.91 12.77
CA LYS E 90 -16.74 -11.66 12.39
C LYS E 90 -17.50 -11.10 13.58
N GLY E 91 -18.57 -10.39 13.29
CA GLY E 91 -19.44 -9.87 14.31
C GLY E 91 -20.47 -8.94 13.73
N GLY E 92 -21.68 -9.07 14.19
CA GLY E 92 -22.73 -8.19 13.74
C GLY E 92 -22.71 -6.89 14.48
N ILE E 93 -23.70 -6.07 14.16
CA ILE E 93 -23.87 -4.77 14.79
C ILE E 93 -25.23 -4.75 15.48
N ARG E 94 -25.31 -4.00 16.57
CA ARG E 94 -26.54 -3.87 17.32
C ARG E 94 -26.73 -2.43 17.73
N TYR E 95 -27.80 -1.82 17.25
CA TYR E 95 -28.19 -0.47 17.64
C TYR E 95 -29.17 -0.60 18.78
N SER E 96 -28.80 -0.10 19.95
CA SER E 96 -29.68 -0.11 21.11
C SER E 96 -29.11 0.85 22.15
N THR E 97 -29.74 0.85 23.32
CA THR E 97 -29.31 1.70 24.42
C THR E 97 -28.89 0.88 25.63
N ASP E 98 -29.04 -0.44 25.56
CA ASP E 98 -28.54 -1.35 26.57
C ASP E 98 -27.07 -1.66 26.36
N VAL E 99 -26.48 -1.13 25.30
CA VAL E 99 -25.12 -1.45 24.92
C VAL E 99 -24.17 -1.11 26.05
N SER E 100 -23.03 -1.79 26.08
CA SER E 100 -21.94 -1.44 26.97
C SER E 100 -20.75 -2.30 26.63
N VAL E 101 -19.56 -1.81 27.01
CA VAL E 101 -18.33 -2.54 26.72
C VAL E 101 -18.48 -3.99 27.14
N ASP E 102 -18.83 -4.21 28.41
CA ASP E 102 -18.92 -5.56 28.91
C ASP E 102 -19.93 -6.39 28.13
N GLU E 103 -21.07 -5.79 27.80
CA GLU E 103 -22.10 -6.53 27.08
C GLU E 103 -21.58 -7.05 25.76
N VAL E 104 -20.52 -6.44 25.25
CA VAL E 104 -19.99 -6.82 23.95
C VAL E 104 -19.02 -7.98 24.11
N LYS E 105 -17.95 -7.75 24.87
CA LYS E 105 -16.90 -8.75 25.00
C LYS E 105 -17.46 -10.15 25.08
N ALA E 106 -18.58 -10.30 25.79
CA ALA E 106 -19.25 -11.59 25.83
C ALA E 106 -19.53 -12.09 24.42
N LEU E 107 -20.35 -11.34 23.70
CA LEU E 107 -20.90 -11.84 22.46
C LEU E 107 -19.81 -12.10 21.44
N ALA E 108 -18.77 -11.29 21.44
CA ALA E 108 -17.61 -11.60 20.63
C ALA E 108 -16.95 -12.86 21.13
N SER E 109 -16.59 -12.87 22.40
CA SER E 109 -16.01 -14.06 22.99
C SER E 109 -16.98 -15.23 22.87
N LEU E 110 -18.24 -14.94 22.56
CA LEU E 110 -19.20 -16.00 22.31
C LEU E 110 -19.12 -16.48 20.87
N MET E 111 -19.40 -15.58 19.92
CA MET E 111 -19.47 -15.99 18.53
C MET E 111 -18.26 -16.80 18.15
N THR E 112 -17.09 -16.45 18.68
CA THR E 112 -15.91 -17.25 18.45
C THR E 112 -16.20 -18.71 18.71
N TYR E 113 -16.57 -19.01 19.94
CA TYR E 113 -16.85 -20.39 20.32
C TYR E 113 -17.99 -20.94 19.48
N LYS E 114 -18.95 -20.10 19.12
CA LYS E 114 -20.01 -20.55 18.24
C LYS E 114 -19.45 -21.00 16.91
N CYS E 115 -18.55 -20.19 16.36
CA CYS E 115 -18.01 -20.50 15.04
C CYS E 115 -17.22 -21.79 15.05
N ALA E 116 -16.43 -22.00 16.10
CA ALA E 116 -15.55 -23.16 16.12
C ALA E 116 -16.34 -24.45 16.11
N VAL E 117 -17.42 -24.49 16.88
CA VAL E 117 -18.26 -25.69 16.94
C VAL E 117 -18.58 -26.16 15.54
N VAL E 118 -18.82 -25.22 14.64
CA VAL E 118 -19.26 -25.53 13.30
C VAL E 118 -18.09 -25.47 12.32
N ASP E 119 -16.88 -25.47 12.83
CA ASP E 119 -15.69 -25.58 12.01
C ASP E 119 -15.61 -24.42 11.03
N VAL E 120 -15.70 -23.21 11.56
CA VAL E 120 -15.63 -22.00 10.74
C VAL E 120 -14.34 -21.26 11.10
N PRO E 121 -13.63 -20.73 10.14
CA PRO E 121 -12.37 -20.02 10.42
C PRO E 121 -12.55 -18.76 11.22
N PHE E 122 -13.66 -18.09 10.99
CA PHE E 122 -13.83 -16.74 11.51
C PHE E 122 -13.49 -16.64 12.99
N GLY E 123 -13.18 -15.43 13.40
CA GLY E 123 -12.97 -15.11 14.80
C GLY E 123 -14.05 -14.17 15.28
N GLY E 124 -14.42 -14.34 16.52
CA GLY E 124 -15.57 -13.65 17.04
C GLY E 124 -15.31 -12.18 17.26
N ALA E 125 -16.30 -11.39 16.90
CA ALA E 125 -16.30 -9.97 17.19
C ALA E 125 -17.73 -9.52 17.32
N LYS E 126 -17.90 -8.26 17.70
CA LYS E 126 -19.22 -7.67 17.70
C LYS E 126 -19.08 -6.18 17.97
N ALA E 127 -20.08 -5.45 17.52
CA ALA E 127 -20.15 -4.01 17.72
C ALA E 127 -21.53 -3.62 18.19
N GLY E 128 -21.60 -2.39 18.69
CA GLY E 128 -22.86 -1.86 19.15
C GLY E 128 -22.77 -0.36 19.29
N VAL E 129 -23.92 0.26 19.46
CA VAL E 129 -24.01 1.70 19.55
C VAL E 129 -25.08 2.06 20.57
N LYS E 130 -24.78 3.05 21.41
CA LYS E 130 -25.75 3.54 22.38
C LYS E 130 -26.74 4.45 21.68
N ILE E 131 -27.87 3.89 21.26
CA ILE E 131 -28.78 4.62 20.39
C ILE E 131 -30.10 3.88 20.29
N ASN E 132 -31.17 4.59 20.03
CA ASN E 132 -32.43 3.94 19.72
C ASN E 132 -32.87 4.32 18.32
N PRO E 133 -32.76 3.42 17.35
CA PRO E 133 -33.08 3.77 15.97
C PRO E 133 -34.42 4.44 15.81
N LYS E 134 -35.44 3.93 16.48
CA LYS E 134 -36.80 4.38 16.26
C LYS E 134 -36.94 5.89 16.37
N ASN E 135 -36.13 6.53 17.22
CA ASN E 135 -36.20 7.97 17.37
C ASN E 135 -35.53 8.71 16.24
N TYR E 136 -34.89 7.98 15.32
CA TYR E 136 -34.14 8.59 14.25
C TYR E 136 -34.68 8.13 12.91
N THR E 137 -34.43 8.93 11.88
CA THR E 137 -34.94 8.66 10.55
C THR E 137 -34.08 7.63 9.83
N ASP E 138 -34.42 7.40 8.57
CA ASP E 138 -33.57 6.61 7.71
C ASP E 138 -32.31 7.36 7.36
N ASN E 139 -32.46 8.62 6.97
CA ASN E 139 -31.29 9.42 6.61
C ASN E 139 -30.28 9.44 7.75
N GLU E 140 -30.73 9.85 8.93
CA GLU E 140 -29.84 9.90 10.07
C GLU E 140 -29.07 8.59 10.22
N LEU E 141 -29.79 7.49 10.34
CA LEU E 141 -29.14 6.19 10.42
C LEU E 141 -28.15 6.00 9.27
N GLU E 142 -28.48 6.53 8.09
CA GLU E 142 -27.56 6.38 6.97
C GLU E 142 -26.39 7.35 7.13
N LYS E 143 -26.57 8.35 8.00
CA LYS E 143 -25.46 9.24 8.35
C LYS E 143 -24.64 8.61 9.46
N ILE E 144 -25.30 7.95 10.40
CA ILE E 144 -24.59 7.28 11.47
C ILE E 144 -23.70 6.19 10.90
N THR E 145 -24.34 5.19 10.30
CA THR E 145 -23.63 4.00 9.88
C THR E 145 -22.42 4.34 9.02
N ARG E 146 -22.63 4.99 7.89
CA ARG E 146 -21.54 5.21 6.96
C ARG E 146 -20.44 6.04 7.58
N ARG E 147 -20.70 6.65 8.74
CA ARG E 147 -19.61 7.27 9.49
C ARG E 147 -19.00 6.28 10.44
N PHE E 148 -19.83 5.48 11.08
CA PHE E 148 -19.33 4.41 11.94
C PHE E 148 -18.26 3.61 11.24
N THR E 149 -18.62 2.99 10.12
CA THR E 149 -17.65 2.18 9.40
C THR E 149 -16.67 3.01 8.62
N MET E 150 -16.73 4.33 8.74
CA MET E 150 -15.67 5.16 8.19
C MET E 150 -14.52 5.27 9.16
N GLU E 151 -14.84 5.29 10.45
CA GLU E 151 -13.80 5.31 11.45
C GLU E 151 -13.12 3.95 11.58
N LEU E 152 -13.90 2.94 11.92
CA LEU E 152 -13.35 1.61 12.11
C LEU E 152 -12.43 1.21 10.97
N ALA E 153 -12.71 1.70 9.76
CA ALA E 153 -11.86 1.38 8.63
C ALA E 153 -10.53 2.10 8.74
N LYS E 154 -10.56 3.36 9.19
CA LYS E 154 -9.33 4.06 9.46
C LYS E 154 -8.48 3.29 10.45
N LYS E 155 -9.10 2.41 11.22
CA LYS E 155 -8.47 1.75 12.33
C LYS E 155 -8.54 0.24 12.23
N GLY E 156 -8.57 -0.29 11.02
CA GLY E 156 -8.36 -1.70 10.82
C GLY E 156 -9.29 -2.61 11.56
N PHE E 157 -10.53 -2.20 11.79
CA PHE E 157 -11.55 -3.11 12.31
C PHE E 157 -12.59 -3.48 11.29
N ILE E 158 -12.39 -3.13 10.03
CA ILE E 158 -13.30 -3.52 8.99
C ILE E 158 -12.52 -3.75 7.72
N GLY E 159 -12.55 -4.98 7.24
CA GLY E 159 -11.90 -5.36 6.02
C GLY E 159 -12.16 -6.81 5.75
N PRO E 160 -12.19 -7.19 4.47
CA PRO E 160 -12.58 -8.57 4.14
C PRO E 160 -11.67 -9.61 4.78
N GLY E 161 -10.53 -9.20 5.31
CA GLY E 161 -9.62 -10.12 5.94
C GLY E 161 -9.11 -9.64 7.27
N VAL E 162 -9.89 -8.79 7.95
CA VAL E 162 -9.62 -8.40 9.32
C VAL E 162 -10.86 -8.64 10.15
N ASP E 163 -11.97 -8.09 9.69
CA ASP E 163 -13.18 -8.01 10.49
C ASP E 163 -14.33 -7.81 9.53
N VAL E 164 -15.40 -8.59 9.72
CA VAL E 164 -16.52 -8.61 8.78
C VAL E 164 -17.80 -8.29 9.57
N PRO E 165 -18.36 -7.12 9.41
CA PRO E 165 -19.66 -6.84 10.04
C PRO E 165 -20.71 -7.80 9.54
N ALA E 166 -21.88 -7.73 10.15
CA ALA E 166 -22.99 -8.57 9.76
C ALA E 166 -24.26 -8.03 10.39
N PRO E 167 -25.41 -8.54 9.98
CA PRO E 167 -26.66 -8.07 10.56
C PRO E 167 -26.93 -8.66 11.92
N ASP E 168 -28.07 -8.26 12.47
CA ASP E 168 -28.55 -8.69 13.77
C ASP E 168 -29.88 -7.99 13.99
N MET E 169 -30.56 -8.31 15.08
CA MET E 169 -31.77 -7.59 15.39
C MET E 169 -31.49 -6.10 15.42
N SER E 170 -32.46 -5.32 14.94
CA SER E 170 -32.37 -3.87 14.81
C SER E 170 -31.62 -3.49 13.53
N THR E 171 -31.17 -4.44 12.73
CA THR E 171 -30.50 -4.15 11.49
C THR E 171 -31.13 -4.92 10.33
N GLY E 172 -30.62 -4.65 9.14
CA GLY E 172 -31.13 -5.29 7.95
C GLY E 172 -30.22 -5.01 6.77
N GLU E 173 -30.63 -5.50 5.61
CA GLU E 173 -29.80 -5.35 4.42
C GLU E 173 -29.41 -3.91 4.17
N ARG E 174 -30.36 -2.98 4.21
CA ARG E 174 -30.04 -1.58 4.02
C ARG E 174 -28.79 -1.19 4.78
N GLU E 175 -28.77 -1.45 6.09
CA GLU E 175 -27.63 -1.09 6.90
C GLU E 175 -26.35 -1.63 6.28
N MET E 176 -26.31 -2.94 6.05
CA MET E 176 -25.15 -3.50 5.36
C MET E 176 -24.87 -2.76 4.07
N SER E 177 -25.85 -2.72 3.17
CA SER E 177 -25.64 -2.11 1.86
C SER E 177 -24.98 -0.75 2.00
N TRP E 178 -25.43 0.04 2.98
CA TRP E 178 -24.79 1.32 3.24
C TRP E 178 -23.31 1.14 3.49
N ILE E 179 -22.96 0.26 4.42
CA ILE E 179 -21.58 0.09 4.81
C ILE E 179 -20.71 -0.19 3.59
N ALA E 180 -20.98 -1.30 2.91
CA ALA E 180 -20.11 -1.75 1.84
C ALA E 180 -19.75 -0.61 0.90
N ASP E 181 -20.72 0.24 0.57
CA ASP E 181 -20.43 1.35 -0.30
C ASP E 181 -19.38 2.27 0.32
N THR E 182 -19.58 2.65 1.58
CA THR E 182 -18.61 3.47 2.26
C THR E 182 -17.21 2.89 2.09
N TYR E 183 -17.04 1.63 2.45
CA TYR E 183 -15.73 1.01 2.39
C TYR E 183 -15.12 1.16 1.00
N ALA E 184 -15.87 0.81 -0.03
CA ALA E 184 -15.35 0.89 -1.38
C ALA E 184 -14.95 2.32 -1.73
N SER E 185 -15.59 3.30 -1.09
CA SER E 185 -15.30 4.69 -1.35
C SER E 185 -14.27 5.28 -0.40
N THR E 186 -13.69 4.46 0.47
CA THR E 186 -12.72 4.93 1.42
C THR E 186 -11.47 4.09 1.49
N ILE E 187 -11.55 2.82 1.17
CA ILE E 187 -10.41 1.93 1.36
C ILE E 187 -10.12 1.16 0.10
N GLY E 188 -11.11 0.43 -0.40
CA GLY E 188 -10.84 -0.49 -1.49
C GLY E 188 -10.28 0.24 -2.69
N HIS E 189 -11.13 1.05 -3.32
CA HIS E 189 -10.75 1.92 -4.42
C HIS E 189 -10.20 1.16 -5.62
N TYR E 190 -9.63 -0.02 -5.37
CA TYR E 190 -9.25 -0.96 -6.41
C TYR E 190 -9.40 -2.38 -5.92
N ASP E 191 -9.36 -2.56 -4.60
CA ASP E 191 -9.26 -3.88 -3.99
C ASP E 191 -10.48 -4.67 -4.39
N ILE E 192 -10.24 -5.84 -4.99
CA ILE E 192 -11.32 -6.63 -5.55
C ILE E 192 -12.18 -7.17 -4.43
N ASN E 193 -11.55 -7.52 -3.32
CA ASN E 193 -12.25 -8.19 -2.24
C ASN E 193 -13.16 -7.26 -1.44
N ALA E 194 -13.28 -6.00 -1.84
CA ALA E 194 -14.17 -5.09 -1.14
C ALA E 194 -15.60 -5.59 -1.13
N HIS E 195 -15.99 -6.32 -2.17
CA HIS E 195 -17.34 -6.87 -2.24
C HIS E 195 -17.59 -7.88 -1.12
N ALA E 196 -16.55 -8.22 -0.37
CA ALA E 196 -16.67 -9.09 0.78
C ALA E 196 -16.55 -8.36 2.09
N CYS E 197 -16.47 -7.03 2.05
CA CYS E 197 -16.32 -6.25 3.26
C CYS E 197 -17.33 -6.68 4.31
N VAL E 198 -18.53 -7.05 3.87
CA VAL E 198 -19.62 -7.39 4.76
C VAL E 198 -20.35 -8.61 4.24
N THR E 199 -21.43 -8.92 4.93
CA THR E 199 -22.26 -10.07 4.66
C THR E 199 -23.70 -9.71 5.02
N GLY E 200 -24.63 -10.50 4.51
CA GLY E 200 -26.04 -10.19 4.67
C GLY E 200 -26.51 -9.19 3.64
N LYS E 201 -25.65 -8.87 2.70
CA LYS E 201 -25.99 -7.97 1.63
C LYS E 201 -27.27 -8.42 0.95
N PRO E 202 -27.93 -7.51 0.24
CA PRO E 202 -29.00 -7.93 -0.65
C PRO E 202 -28.47 -8.87 -1.70
N ILE E 203 -29.39 -9.41 -2.50
CA ILE E 203 -29.01 -10.43 -3.46
C ILE E 203 -28.35 -9.80 -4.68
N SER E 204 -28.68 -8.56 -4.99
CA SER E 204 -28.24 -7.96 -6.23
C SER E 204 -26.75 -7.64 -6.24
N GLN E 205 -26.11 -7.64 -5.07
CA GLN E 205 -24.72 -7.24 -4.94
C GLN E 205 -23.81 -8.42 -4.66
N GLY E 206 -24.37 -9.59 -4.43
CA GLY E 206 -23.61 -10.73 -3.96
C GLY E 206 -24.18 -11.40 -2.74
N GLY E 207 -25.42 -11.10 -2.39
CA GLY E 207 -26.05 -11.75 -1.26
C GLY E 207 -26.37 -13.19 -1.57
N ILE E 208 -27.40 -13.73 -0.93
CA ILE E 208 -27.71 -15.15 -1.01
C ILE E 208 -29.21 -15.34 -1.13
N HIS E 209 -29.60 -16.34 -1.89
CA HIS E 209 -30.97 -16.82 -1.91
C HIS E 209 -31.13 -17.81 -0.77
N GLY E 210 -31.54 -17.30 0.38
CA GLY E 210 -31.84 -18.19 1.50
C GLY E 210 -31.52 -17.64 2.87
N ARG E 211 -30.83 -16.50 2.94
CA ARG E 211 -30.36 -16.02 4.22
C ARG E 211 -31.49 -15.92 5.23
N ILE E 212 -32.60 -15.30 4.84
CA ILE E 212 -33.63 -14.94 5.81
C ILE E 212 -34.05 -16.16 6.61
N SER E 213 -34.27 -17.28 5.94
CA SER E 213 -34.75 -18.48 6.60
C SER E 213 -33.62 -19.33 7.14
N ALA E 214 -32.38 -18.98 6.83
CA ALA E 214 -31.24 -19.80 7.21
C ALA E 214 -31.31 -20.25 8.65
N THR E 215 -31.26 -19.29 9.56
CA THR E 215 -31.24 -19.61 10.97
C THR E 215 -32.29 -20.64 11.32
N GLY E 216 -33.54 -20.35 10.95
CA GLY E 216 -34.61 -21.29 11.23
C GLY E 216 -34.26 -22.68 10.76
N ARG E 217 -33.64 -22.79 9.59
CA ARG E 217 -33.20 -24.09 9.12
C ARG E 217 -32.11 -24.63 10.04
N GLY E 218 -31.12 -23.80 10.35
CA GLY E 218 -30.01 -24.26 11.16
C GLY E 218 -30.51 -24.90 12.43
N VAL E 219 -31.58 -24.37 12.99
CA VAL E 219 -32.25 -25.02 14.09
C VAL E 219 -32.68 -26.42 13.70
N PHE E 220 -33.33 -26.52 12.55
CA PHE E 220 -33.99 -27.77 12.19
C PHE E 220 -33.00 -28.90 12.04
N HIS E 221 -32.09 -28.79 11.06
CA HIS E 221 -31.13 -29.85 10.86
C HIS E 221 -30.36 -30.13 12.14
N GLY E 222 -30.25 -29.14 13.01
CA GLY E 222 -29.59 -29.37 14.28
C GLY E 222 -30.36 -30.32 15.16
N ILE E 223 -31.68 -30.11 15.24
CA ILE E 223 -32.52 -31.03 16.00
C ILE E 223 -32.49 -32.41 15.36
N GLU E 224 -32.53 -32.43 14.03
CA GLU E 224 -32.64 -33.69 13.31
C GLU E 224 -31.48 -34.61 13.64
N ASN E 225 -30.28 -34.06 13.69
CA ASN E 225 -29.10 -34.88 13.95
C ASN E 225 -29.16 -35.57 15.29
N PHE E 226 -30.11 -35.19 16.15
CA PHE E 226 -30.30 -35.85 17.43
C PHE E 226 -31.57 -36.66 17.52
N ILE E 227 -32.71 -36.08 17.16
CA ILE E 227 -33.96 -36.81 17.24
C ILE E 227 -33.86 -38.14 16.53
N ASN E 228 -33.18 -38.16 15.38
CA ASN E 228 -32.96 -39.40 14.66
C ASN E 228 -31.87 -40.25 15.28
N GLU E 229 -31.30 -39.80 16.39
CA GLU E 229 -30.26 -40.54 17.09
C GLU E 229 -30.93 -41.28 18.24
N ALA E 230 -31.02 -42.60 18.10
CA ALA E 230 -31.66 -43.41 19.12
C ALA E 230 -30.92 -43.35 20.44
N SER E 231 -29.59 -43.27 20.39
CA SER E 231 -28.78 -43.29 21.61
C SER E 231 -29.33 -42.33 22.66
N TYR E 232 -29.97 -41.25 22.24
CA TYR E 232 -30.58 -40.31 23.16
C TYR E 232 -32.09 -40.47 23.23
N MET E 233 -32.73 -40.89 22.14
CA MET E 233 -34.14 -41.27 22.22
C MET E 233 -34.37 -42.24 23.35
N SER E 234 -33.58 -43.32 23.39
CA SER E 234 -33.65 -44.28 24.46
C SER E 234 -33.63 -43.61 25.83
N ILE E 235 -32.71 -42.69 26.04
CA ILE E 235 -32.60 -42.03 27.32
C ILE E 235 -33.89 -41.32 27.67
N LEU E 236 -34.44 -40.56 26.74
CA LEU E 236 -35.66 -39.82 26.98
C LEU E 236 -36.91 -40.65 26.77
N GLY E 237 -36.77 -41.96 26.57
CA GLY E 237 -37.93 -42.78 26.33
C GLY E 237 -38.73 -42.36 25.11
N MET E 238 -38.13 -41.61 24.20
CA MET E 238 -38.82 -41.11 23.02
C MET E 238 -38.59 -42.03 21.83
N THR E 239 -39.06 -41.58 20.68
CA THR E 239 -38.95 -42.31 19.44
C THR E 239 -38.17 -41.48 18.42
N PRO E 240 -37.38 -42.11 17.56
CA PRO E 240 -36.76 -41.37 16.47
C PRO E 240 -37.80 -40.83 15.50
N GLY E 241 -37.39 -39.87 14.69
CA GLY E 241 -38.25 -39.30 13.67
C GLY E 241 -39.05 -38.12 14.18
N PHE E 242 -39.78 -37.50 13.25
CA PHE E 242 -40.66 -36.41 13.57
C PHE E 242 -42.13 -36.74 13.35
N GLY E 243 -42.43 -37.92 12.81
CA GLY E 243 -43.77 -38.21 12.33
C GLY E 243 -44.81 -38.34 13.41
N ASP E 244 -44.39 -38.30 14.68
CA ASP E 244 -45.34 -38.56 15.77
C ASP E 244 -45.15 -37.65 16.97
N LYS E 245 -44.69 -36.42 16.82
CA LYS E 245 -44.21 -35.66 17.96
C LYS E 245 -44.91 -34.32 18.09
N THR E 246 -44.94 -33.84 19.32
CA THR E 246 -45.60 -32.59 19.68
C THR E 246 -44.56 -31.48 19.65
N PHE E 247 -44.80 -30.48 18.82
CA PHE E 247 -43.88 -29.37 18.64
C PHE E 247 -44.59 -28.06 18.97
N VAL E 248 -43.83 -27.13 19.51
CA VAL E 248 -44.33 -25.84 19.93
C VAL E 248 -43.26 -24.80 19.68
N VAL E 249 -43.56 -23.55 19.99
CA VAL E 249 -42.67 -22.44 19.70
C VAL E 249 -43.00 -21.27 20.61
N GLN E 250 -42.00 -20.46 20.90
CA GLN E 250 -42.16 -19.19 21.58
C GLN E 250 -41.16 -18.22 20.95
N GLY E 251 -41.63 -17.07 20.53
CA GLY E 251 -40.80 -16.13 19.82
C GLY E 251 -41.11 -16.12 18.34
N PHE E 252 -42.40 -16.23 18.03
CA PHE E 252 -42.88 -16.23 16.66
C PHE E 252 -42.42 -14.99 15.92
N GLY E 253 -42.34 -15.07 14.59
CA GLY E 253 -41.76 -14.00 13.81
C GLY E 253 -40.72 -14.56 12.87
N ASN E 254 -39.48 -14.15 13.11
CA ASN E 254 -38.32 -14.82 12.55
C ASN E 254 -38.09 -16.12 13.31
N VAL E 255 -36.84 -16.48 13.49
CA VAL E 255 -36.35 -17.84 13.62
C VAL E 255 -37.40 -18.80 14.16
N GLY E 256 -38.26 -18.32 15.04
CA GLY E 256 -39.38 -19.12 15.45
C GLY E 256 -40.13 -19.69 14.26
N LEU E 257 -40.28 -18.87 13.21
CA LEU E 257 -41.14 -19.25 12.10
C LEU E 257 -40.44 -20.17 11.12
N HIS E 258 -39.44 -19.64 10.43
CA HIS E 258 -38.83 -20.37 9.32
C HIS E 258 -38.45 -21.77 9.73
N SER E 259 -38.24 -21.99 11.03
CA SER E 259 -38.06 -23.33 11.53
C SER E 259 -39.39 -24.06 11.60
N MET E 260 -40.39 -23.44 12.22
CA MET E 260 -41.70 -24.05 12.31
C MET E 260 -42.13 -24.59 10.97
N ARG E 261 -41.89 -23.83 9.91
CA ARG E 261 -42.32 -24.24 8.58
C ARG E 261 -41.53 -25.45 8.13
N TYR E 262 -40.21 -25.30 7.98
CA TYR E 262 -39.36 -26.42 7.66
C TYR E 262 -39.67 -27.60 8.58
N LEU E 263 -39.92 -27.29 9.84
CA LEU E 263 -40.27 -28.33 10.81
C LEU E 263 -41.53 -29.07 10.36
N HIS E 264 -42.56 -28.30 9.99
CA HIS E 264 -43.82 -28.89 9.55
C HIS E 264 -43.60 -29.83 8.36
N ARG E 265 -42.51 -29.63 7.61
CA ARG E 265 -42.38 -30.30 6.32
C ARG E 265 -42.15 -31.79 6.47
N PHE E 266 -41.37 -32.22 7.46
CA PHE E 266 -40.90 -33.60 7.53
C PHE E 266 -41.69 -34.42 8.53
N GLY E 267 -43.00 -34.21 8.64
CA GLY E 267 -43.84 -35.01 9.49
C GLY E 267 -44.07 -34.44 10.86
N ALA E 268 -43.69 -33.19 11.07
CA ALA E 268 -43.92 -32.55 12.36
C ALA E 268 -45.39 -32.21 12.54
N LYS E 269 -45.78 -31.98 13.78
CA LYS E 269 -47.10 -31.46 14.12
C LYS E 269 -46.93 -30.42 15.21
N CYS E 270 -46.78 -29.17 14.80
CA CYS E 270 -46.65 -28.09 15.78
C CYS E 270 -48.03 -27.69 16.29
N ILE E 271 -48.08 -27.31 17.56
CA ILE E 271 -49.33 -27.20 18.29
C ILE E 271 -49.61 -25.76 18.71
N THR E 272 -48.58 -25.03 19.15
CA THR E 272 -48.78 -23.74 19.77
C THR E 272 -47.86 -22.69 19.17
N VAL E 273 -48.03 -21.48 19.67
CA VAL E 273 -47.22 -20.33 19.30
C VAL E 273 -47.21 -19.38 20.47
N GLY E 274 -46.01 -18.91 20.83
CA GLY E 274 -45.87 -17.86 21.80
C GLY E 274 -45.52 -16.56 21.12
N GLU E 275 -46.14 -15.48 21.59
CA GLU E 275 -45.91 -14.17 21.03
C GLU E 275 -45.83 -13.17 22.17
N SER E 276 -45.10 -12.09 21.91
CA SER E 276 -44.92 -11.05 22.92
C SER E 276 -46.24 -10.63 23.54
N ASP E 277 -47.35 -10.81 22.81
CA ASP E 277 -48.65 -10.35 23.25
C ASP E 277 -49.54 -11.45 23.78
N GLY E 278 -49.14 -12.71 23.64
CA GLY E 278 -50.00 -13.79 24.07
C GLY E 278 -49.62 -15.10 23.39
N SER E 279 -50.63 -15.97 23.26
CA SER E 279 -50.38 -17.34 22.86
C SER E 279 -51.63 -17.93 22.22
N ILE E 280 -51.45 -19.11 21.63
CA ILE E 280 -52.55 -19.90 21.10
C ILE E 280 -52.25 -21.37 21.31
N TRP E 281 -53.19 -22.22 20.90
CA TRP E 281 -53.11 -23.65 21.18
C TRP E 281 -54.12 -24.39 20.33
N ASN E 282 -53.67 -25.43 19.64
CA ASN E 282 -54.55 -26.30 18.86
C ASN E 282 -53.92 -27.68 18.82
N PRO E 283 -54.36 -28.60 19.65
CA PRO E 283 -53.81 -29.96 19.62
C PRO E 283 -53.97 -30.66 18.27
N ASP E 284 -54.75 -30.06 17.38
CA ASP E 284 -54.93 -30.62 16.06
C ASP E 284 -53.80 -30.28 15.11
N GLY E 285 -52.89 -29.40 15.51
CA GLY E 285 -51.81 -28.98 14.63
C GLY E 285 -52.20 -27.75 13.83
N ILE E 286 -51.24 -26.85 13.66
CA ILE E 286 -51.48 -25.56 13.06
C ILE E 286 -50.62 -25.43 11.81
N ASP E 287 -51.20 -24.86 10.76
CA ASP E 287 -50.46 -24.57 9.54
C ASP E 287 -49.67 -23.28 9.74
N PRO E 288 -48.36 -23.34 9.67
CA PRO E 288 -47.56 -22.11 9.73
C PRO E 288 -48.02 -21.11 8.68
N LYS E 289 -48.34 -21.63 7.51
CA LYS E 289 -48.79 -20.79 6.41
C LYS E 289 -49.93 -19.87 6.84
N GLU E 290 -51.03 -20.45 7.32
CA GLU E 290 -52.15 -19.66 7.80
C GLU E 290 -51.68 -18.61 8.79
N LEU E 291 -50.66 -18.93 9.59
CA LEU E 291 -50.14 -17.97 10.55
C LEU E 291 -49.36 -16.87 9.85
N GLU E 292 -48.52 -17.25 8.88
CA GLU E 292 -47.81 -16.26 8.08
C GLU E 292 -48.76 -15.18 7.60
N ASP E 293 -49.99 -15.57 7.28
CA ASP E 293 -50.97 -14.62 6.76
C ASP E 293 -51.31 -13.58 7.81
N PHE E 294 -51.75 -14.01 8.99
CA PHE E 294 -52.22 -13.08 10.00
C PHE E 294 -51.10 -12.19 10.50
N LYS E 295 -49.89 -12.76 10.63
CA LYS E 295 -48.75 -11.95 11.02
C LYS E 295 -48.65 -10.71 10.14
N LEU E 296 -49.16 -10.81 8.91
CA LEU E 296 -49.18 -9.68 7.99
C LEU E 296 -50.56 -9.07 7.86
N GLN E 297 -51.62 -9.88 7.96
CA GLN E 297 -52.97 -9.38 7.90
C GLN E 297 -53.49 -8.89 9.24
N HIS E 298 -52.78 -9.19 10.32
CA HIS E 298 -53.18 -8.75 11.65
C HIS E 298 -52.03 -8.20 12.49
N GLY E 299 -50.78 -8.42 12.10
CA GLY E 299 -49.66 -8.08 12.96
C GLY E 299 -49.63 -8.82 14.27
N THR E 300 -50.39 -9.90 14.40
CA THR E 300 -50.44 -10.66 15.64
C THR E 300 -50.97 -12.05 15.35
N ILE E 301 -50.73 -12.95 16.30
CA ILE E 301 -51.31 -14.29 16.23
C ILE E 301 -52.74 -14.32 16.76
N LEU E 302 -53.05 -13.53 17.78
CA LEU E 302 -54.33 -13.62 18.45
C LEU E 302 -55.47 -13.31 17.48
N GLY E 303 -56.56 -14.05 17.64
CA GLY E 303 -57.64 -14.01 16.67
C GLY E 303 -57.53 -15.09 15.61
N PHE E 304 -56.61 -16.02 15.77
CA PHE E 304 -56.47 -17.11 14.81
C PHE E 304 -57.66 -18.05 14.95
N PRO E 305 -58.45 -18.26 13.90
CA PRO E 305 -59.66 -19.09 14.04
C PRO E 305 -59.41 -20.49 14.59
N LYS E 306 -58.37 -21.18 14.11
CA LYS E 306 -58.22 -22.60 14.39
C LYS E 306 -57.30 -22.84 15.59
N ALA E 307 -57.28 -21.91 16.54
CA ALA E 307 -56.56 -22.10 17.78
C ALA E 307 -57.16 -21.22 18.85
N LYS E 308 -57.25 -21.77 20.05
CA LYS E 308 -57.73 -21.03 21.21
C LYS E 308 -56.62 -20.14 21.73
N ILE E 309 -57.01 -19.00 22.29
CA ILE E 309 -56.03 -18.14 22.94
C ILE E 309 -55.61 -18.83 24.21
N TYR E 310 -54.44 -19.45 24.17
CA TYR E 310 -54.00 -20.28 25.28
C TYR E 310 -53.55 -19.42 26.44
N GLU E 311 -54.10 -19.69 27.62
CA GLU E 311 -53.69 -18.99 28.82
C GLU E 311 -52.46 -19.69 29.40
N GLY E 312 -51.48 -18.89 29.80
CA GLY E 312 -50.25 -19.40 30.35
C GLY E 312 -49.10 -19.24 29.36
N SER E 313 -47.90 -19.53 29.87
CA SER E 313 -46.72 -19.46 29.04
C SER E 313 -46.58 -20.73 28.21
N ILE E 314 -46.00 -20.57 27.03
CA ILE E 314 -45.76 -21.71 26.15
C ILE E 314 -45.03 -22.81 26.90
N LEU E 315 -44.13 -22.42 27.80
CA LEU E 315 -43.22 -23.37 28.42
C LEU E 315 -43.97 -24.48 29.14
N GLU E 316 -45.15 -24.16 29.67
CA GLU E 316 -45.91 -25.10 30.48
C GLU E 316 -46.80 -25.99 29.66
N VAL E 317 -46.62 -25.99 28.34
CA VAL E 317 -47.43 -26.83 27.46
C VAL E 317 -46.88 -28.24 27.48
N ASP E 318 -47.78 -29.22 27.46
CA ASP E 318 -47.39 -30.62 27.39
C ASP E 318 -47.02 -30.93 25.95
N CYS E 319 -45.74 -31.18 25.72
CA CYS E 319 -45.21 -31.35 24.37
C CYS E 319 -43.99 -32.25 24.41
N ASP E 320 -43.36 -32.39 23.26
CA ASP E 320 -42.12 -33.13 23.12
C ASP E 320 -40.92 -32.21 22.92
N ILE E 321 -41.10 -31.18 22.09
CA ILE E 321 -40.06 -30.18 21.84
C ILE E 321 -40.58 -28.85 22.34
N LEU E 322 -39.67 -27.95 22.68
CA LEU E 322 -40.01 -26.59 23.05
C LEU E 322 -38.92 -25.66 22.52
N ILE E 323 -39.33 -24.56 21.90
CA ILE E 323 -38.39 -23.71 21.21
C ILE E 323 -38.49 -22.27 21.72
N PRO E 324 -37.69 -21.90 22.68
CA PRO E 324 -37.65 -20.49 23.09
C PRO E 324 -36.84 -19.68 22.12
N ALA E 325 -37.47 -19.29 21.01
CA ALA E 325 -36.74 -18.69 19.91
C ALA E 325 -36.37 -17.23 20.16
N ALA E 326 -37.16 -16.52 20.96
CA ALA E 326 -36.97 -15.08 21.13
C ALA E 326 -36.67 -14.67 22.56
N SER E 327 -37.52 -15.05 23.51
CA SER E 327 -37.39 -14.55 24.86
C SER E 327 -36.04 -14.92 25.45
N GLU E 328 -35.46 -13.99 26.20
CA GLU E 328 -34.20 -14.20 26.88
C GLU E 328 -34.44 -14.47 28.35
N LYS E 329 -33.68 -15.41 28.92
CA LYS E 329 -33.80 -15.77 30.33
C LYS E 329 -35.24 -16.16 30.67
N GLN E 330 -35.89 -16.84 29.74
CA GLN E 330 -37.29 -17.20 29.92
C GLN E 330 -37.45 -18.37 30.88
N LEU E 331 -36.40 -19.16 31.06
CA LEU E 331 -36.48 -20.40 31.83
C LEU E 331 -35.77 -20.20 33.15
N THR E 332 -36.52 -20.27 34.24
CA THR E 332 -35.97 -20.10 35.56
C THR E 332 -36.29 -21.29 36.44
N LYS E 333 -35.69 -21.31 37.62
CA LYS E 333 -35.94 -22.36 38.59
C LYS E 333 -37.42 -22.47 38.90
N SER E 334 -38.16 -21.38 38.75
CA SER E 334 -39.60 -21.41 38.96
C SER E 334 -40.32 -22.15 37.86
N ASN E 335 -39.79 -22.12 36.64
CA ASN E 335 -40.40 -22.77 35.50
C ASN E 335 -39.75 -24.08 35.13
N ALA E 336 -38.44 -24.19 35.32
CA ALA E 336 -37.68 -25.38 34.99
C ALA E 336 -38.43 -26.64 35.41
N PRO E 337 -38.99 -26.70 36.62
CA PRO E 337 -39.76 -27.90 36.99
C PRO E 337 -41.13 -27.88 36.35
N ARG E 338 -41.64 -26.69 36.09
CA ARG E 338 -42.97 -26.55 35.50
C ARG E 338 -42.99 -26.91 34.02
N VAL E 339 -41.87 -26.80 33.33
CA VAL E 339 -41.83 -27.14 31.91
C VAL E 339 -42.32 -28.56 31.71
N LYS E 340 -42.97 -28.78 30.58
CA LYS E 340 -43.45 -30.10 30.18
C LYS E 340 -42.84 -30.39 28.81
N ALA E 341 -41.73 -31.12 28.80
CA ALA E 341 -41.01 -31.34 27.57
C ALA E 341 -39.89 -32.33 27.82
N LYS E 342 -39.49 -33.00 26.74
CA LYS E 342 -38.33 -33.85 26.73
C LYS E 342 -37.07 -33.13 26.29
N ILE E 343 -37.22 -32.16 25.38
CA ILE E 343 -36.10 -31.49 24.75
C ILE E 343 -36.37 -30.00 24.75
N ILE E 344 -35.31 -29.21 24.72
CA ILE E 344 -35.39 -27.78 24.49
C ILE E 344 -34.46 -27.44 23.35
N ALA E 345 -34.73 -26.32 22.68
CA ALA E 345 -33.94 -25.95 21.51
C ALA E 345 -33.00 -24.80 21.82
N GLU E 346 -33.54 -23.70 22.32
CA GLU E 346 -32.76 -22.50 22.58
C GLU E 346 -32.21 -21.91 21.29
N GLY E 347 -33.09 -21.50 20.39
CA GLY E 347 -32.69 -20.74 19.23
C GLY E 347 -32.03 -19.43 19.60
N ALA E 348 -32.70 -18.69 20.47
CA ALA E 348 -32.15 -17.43 20.96
C ALA E 348 -30.90 -17.68 21.78
N ASN E 349 -30.28 -16.59 22.21
CA ASN E 349 -29.10 -16.65 23.03
C ASN E 349 -29.51 -16.45 24.48
N GLY E 350 -29.07 -17.36 25.35
CA GLY E 350 -29.38 -17.29 26.75
C GLY E 350 -30.85 -17.15 27.05
N PRO E 351 -31.70 -17.95 26.41
CA PRO E 351 -33.10 -18.05 26.86
C PRO E 351 -33.23 -18.78 28.15
N THR E 352 -32.20 -19.51 28.55
CA THR E 352 -32.25 -20.42 29.68
C THR E 352 -31.22 -20.02 30.71
N THR E 353 -31.53 -20.28 31.98
CA THR E 353 -30.66 -19.93 33.07
C THR E 353 -29.76 -21.09 33.45
N PRO E 354 -28.58 -20.81 33.99
CA PRO E 354 -27.73 -21.91 34.47
C PRO E 354 -28.42 -22.80 35.48
N GLU E 355 -29.10 -22.20 36.45
CA GLU E 355 -29.79 -22.99 37.46
C GLU E 355 -30.75 -23.98 36.82
N ALA E 356 -31.48 -23.52 35.80
CA ALA E 356 -32.45 -24.39 35.16
C ALA E 356 -31.77 -25.63 34.58
N ASP E 357 -30.70 -25.42 33.82
CA ASP E 357 -29.96 -26.53 33.21
C ASP E 357 -29.78 -27.67 34.21
N LYS E 358 -29.30 -27.34 35.41
CA LYS E 358 -29.19 -28.35 36.45
C LYS E 358 -30.52 -29.05 36.67
N ILE E 359 -31.58 -28.27 36.85
CA ILE E 359 -32.89 -28.84 37.13
C ILE E 359 -33.28 -29.82 36.04
N PHE E 360 -33.07 -29.43 34.77
CA PHE E 360 -33.39 -30.32 33.68
C PHE E 360 -32.59 -31.61 33.78
N LEU E 361 -31.28 -31.50 33.89
CA LEU E 361 -30.45 -32.69 34.08
C LEU E 361 -30.99 -33.54 35.21
N GLU E 362 -31.60 -32.91 36.21
CA GLU E 362 -32.22 -33.65 37.30
C GLU E 362 -33.57 -34.21 36.85
N ARG E 363 -34.25 -33.51 35.95
CA ARG E 363 -35.48 -34.03 35.36
C ARG E 363 -35.21 -34.88 34.13
N ASN E 364 -33.95 -35.19 33.84
CA ASN E 364 -33.60 -36.04 32.72
C ASN E 364 -33.99 -35.38 31.41
N ILE E 365 -34.16 -34.06 31.44
CA ILE E 365 -34.58 -33.31 30.26
C ILE E 365 -33.35 -32.95 29.46
N MET E 366 -33.31 -33.42 28.21
CA MET E 366 -32.28 -33.02 27.27
C MET E 366 -32.51 -31.58 26.84
N VAL E 367 -31.47 -30.94 26.36
CA VAL E 367 -31.58 -29.60 25.79
C VAL E 367 -30.59 -29.48 24.65
N ILE E 368 -30.57 -28.31 24.03
CA ILE E 368 -29.64 -28.01 22.96
C ILE E 368 -28.99 -26.67 23.27
N PRO E 369 -27.71 -26.50 22.99
CA PRO E 369 -27.05 -25.23 23.27
C PRO E 369 -27.36 -24.19 22.21
N ASP E 370 -27.58 -22.96 22.67
CA ASP E 370 -27.75 -21.85 21.75
C ASP E 370 -26.67 -21.78 20.70
N LEU E 371 -25.44 -22.11 21.06
CA LEU E 371 -24.35 -22.10 20.09
C LEU E 371 -24.74 -22.81 18.81
N TYR E 372 -24.94 -24.11 18.92
CA TYR E 372 -25.12 -24.99 17.79
C TYR E 372 -26.23 -24.52 16.87
N LEU E 373 -27.41 -24.29 17.42
CA LEU E 373 -28.56 -24.05 16.57
C LEU E 373 -28.45 -22.75 15.81
N ASN E 374 -28.40 -21.62 16.51
CA ASN E 374 -28.41 -20.33 15.83
C ASN E 374 -27.09 -20.06 15.12
N ALA E 375 -26.22 -21.06 15.05
CA ALA E 375 -25.00 -20.96 14.27
C ALA E 375 -25.30 -20.76 12.80
N GLY E 376 -26.29 -21.46 12.25
CA GLY E 376 -26.51 -21.40 10.83
C GLY E 376 -26.61 -20.00 10.31
N GLY E 377 -27.09 -19.07 11.13
CA GLY E 377 -27.09 -17.67 10.72
C GLY E 377 -25.69 -17.15 10.54
N VAL E 378 -24.71 -17.84 11.12
CA VAL E 378 -23.32 -17.54 10.86
C VAL E 378 -22.83 -18.31 9.66
N THR E 379 -23.05 -19.62 9.68
CA THR E 379 -22.56 -20.47 8.62
C THR E 379 -22.87 -19.87 7.27
N VAL E 380 -24.15 -19.70 6.98
CA VAL E 380 -24.57 -19.14 5.70
C VAL E 380 -23.72 -17.93 5.34
N SER E 381 -23.58 -17.00 6.27
CA SER E 381 -22.77 -15.82 6.01
C SER E 381 -21.42 -16.21 5.44
N TYR E 382 -20.71 -17.08 6.15
CA TYR E 382 -19.44 -17.58 5.66
C TYR E 382 -19.53 -17.88 4.18
N PHE E 383 -20.53 -18.66 3.79
CA PHE E 383 -20.73 -18.93 2.38
C PHE E 383 -20.86 -17.64 1.60
N GLU E 384 -21.73 -16.76 2.06
CA GLU E 384 -21.93 -15.48 1.37
C GLU E 384 -20.64 -14.69 1.33
N TRP E 385 -19.77 -14.91 2.30
CA TRP E 385 -18.49 -14.21 2.32
C TRP E 385 -17.56 -14.77 1.26
N LEU E 386 -17.90 -15.95 0.73
CA LEU E 386 -17.08 -16.52 -0.33
C LEU E 386 -17.62 -16.14 -1.70
N ASN E 387 -18.93 -16.22 -1.88
CA ASN E 387 -19.56 -15.73 -3.10
C ASN E 387 -18.94 -14.41 -3.52
N ASN E 388 -18.63 -13.57 -2.54
CA ASN E 388 -18.07 -12.26 -2.86
C ASN E 388 -16.56 -12.34 -3.08
N LEU E 389 -15.97 -13.51 -2.82
CA LEU E 389 -14.55 -13.67 -3.08
C LEU E 389 -14.29 -14.47 -4.35
N ASN E 390 -14.95 -15.60 -4.52
CA ASN E 390 -14.86 -16.33 -5.77
C ASN E 390 -15.61 -15.62 -6.87
N HIS E 391 -16.28 -14.52 -6.56
CA HIS E 391 -16.92 -13.66 -7.53
C HIS E 391 -17.83 -14.41 -8.48
N VAL E 392 -18.51 -15.43 -7.98
CA VAL E 392 -19.49 -16.16 -8.76
C VAL E 392 -20.61 -16.64 -7.86
N SER E 393 -21.75 -16.88 -8.47
CA SER E 393 -22.77 -17.69 -7.86
C SER E 393 -22.35 -19.15 -7.93
N TYR E 394 -22.52 -19.86 -6.82
CA TYR E 394 -21.98 -21.19 -6.71
C TYR E 394 -22.48 -22.08 -7.83
N GLY E 395 -21.58 -22.90 -8.36
CA GLY E 395 -21.97 -23.98 -9.23
C GLY E 395 -22.15 -23.62 -10.69
N ARG E 396 -22.42 -22.35 -11.00
CA ARG E 396 -22.82 -22.00 -12.36
C ARG E 396 -21.87 -22.54 -13.40
N LEU E 397 -20.66 -22.92 -13.01
CA LEU E 397 -19.74 -23.57 -13.92
C LEU E 397 -20.02 -25.06 -14.03
N THR E 398 -20.90 -25.62 -13.21
CA THR E 398 -21.00 -27.05 -13.05
C THR E 398 -22.39 -27.62 -13.17
N PHE E 399 -23.43 -26.87 -12.82
CA PHE E 399 -24.78 -27.42 -12.81
C PHE E 399 -25.05 -28.25 -14.04
N LYS E 400 -24.90 -27.64 -15.21
CA LYS E 400 -25.27 -28.32 -16.45
C LYS E 400 -24.31 -29.46 -16.75
N TYR E 401 -23.04 -29.30 -16.37
CA TYR E 401 -22.08 -30.37 -16.56
C TYR E 401 -22.51 -31.59 -15.76
N GLU E 402 -22.63 -31.43 -14.46
CA GLU E 402 -23.23 -32.46 -13.63
C GLU E 402 -24.51 -32.97 -14.28
N ARG E 403 -25.40 -32.06 -14.66
CA ARG E 403 -26.64 -32.45 -15.30
C ARG E 403 -26.37 -33.42 -16.43
N ASP E 404 -25.57 -33.01 -17.41
CA ASP E 404 -25.22 -33.89 -18.50
C ASP E 404 -24.84 -35.27 -17.98
N SER E 405 -23.78 -35.33 -17.19
CA SER E 405 -23.35 -36.60 -16.64
C SER E 405 -24.49 -37.27 -15.90
N ASN E 406 -25.29 -36.51 -15.17
CA ASN E 406 -26.36 -37.09 -14.40
C ASN E 406 -27.38 -37.82 -15.26
N TYR E 407 -27.34 -37.66 -16.58
CA TYR E 407 -28.21 -38.44 -17.44
C TYR E 407 -27.53 -39.06 -18.64
N HIS E 408 -26.24 -38.81 -18.86
CA HIS E 408 -25.49 -39.75 -19.68
C HIS E 408 -25.41 -41.10 -19.01
N LEU E 409 -25.27 -41.11 -17.69
CA LEU E 409 -25.22 -42.37 -16.97
C LEU E 409 -26.46 -43.20 -17.24
N LEU E 410 -27.62 -42.67 -16.87
CA LEU E 410 -28.86 -43.39 -17.07
C LEU E 410 -28.91 -44.01 -18.46
N MET E 411 -28.62 -43.21 -19.49
CA MET E 411 -28.51 -43.77 -20.83
C MET E 411 -27.61 -44.99 -20.84
N SER E 412 -26.43 -44.87 -20.22
CA SER E 412 -25.53 -45.99 -20.15
C SER E 412 -26.22 -47.20 -19.54
N VAL E 413 -26.91 -46.99 -18.42
CA VAL E 413 -27.69 -48.05 -17.83
C VAL E 413 -28.64 -48.63 -18.86
N GLN E 414 -29.47 -47.76 -19.44
CA GLN E 414 -30.42 -48.19 -20.45
C GLN E 414 -29.75 -49.09 -21.47
N GLU E 415 -28.73 -48.56 -22.15
CA GLU E 415 -28.03 -49.33 -23.15
C GLU E 415 -27.49 -50.62 -22.55
N SER E 416 -26.87 -50.52 -21.37
CA SER E 416 -26.30 -51.70 -20.75
C SER E 416 -27.35 -52.79 -20.58
N LEU E 417 -28.53 -52.42 -20.09
CA LEU E 417 -29.58 -53.41 -19.91
C LEU E 417 -30.13 -53.88 -21.25
N GLU E 418 -30.54 -52.94 -22.10
CA GLU E 418 -31.03 -53.31 -23.41
C GLU E 418 -30.04 -54.21 -24.12
N ARG E 419 -28.75 -54.07 -23.79
CA ARG E 419 -27.74 -54.91 -24.38
C ARG E 419 -27.86 -56.34 -23.88
N LYS E 420 -27.99 -56.52 -22.56
CA LYS E 420 -27.97 -57.87 -22.02
C LYS E 420 -29.30 -58.57 -22.19
N PHE E 421 -30.33 -58.08 -21.52
CA PHE E 421 -31.63 -58.71 -21.66
C PHE E 421 -32.66 -57.79 -22.31
N GLY E 422 -32.20 -56.83 -23.10
CA GLY E 422 -33.03 -56.28 -24.15
C GLY E 422 -32.98 -57.12 -25.41
N LYS E 423 -32.78 -58.43 -25.26
CA LYS E 423 -32.56 -59.35 -26.36
C LYS E 423 -33.52 -59.09 -27.51
N HIS E 424 -34.82 -59.21 -27.23
CA HIS E 424 -35.82 -58.96 -28.26
C HIS E 424 -35.81 -57.51 -28.73
N GLY E 425 -35.12 -56.63 -28.01
CA GLY E 425 -35.12 -55.22 -28.31
C GLY E 425 -35.92 -54.37 -27.36
N GLY E 426 -36.45 -54.96 -26.27
CA GLY E 426 -37.24 -54.20 -25.34
C GLY E 426 -36.49 -53.00 -24.79
N THR E 427 -37.10 -51.83 -24.91
CA THR E 427 -36.46 -50.58 -24.53
C THR E 427 -36.82 -50.24 -23.09
N ILE E 428 -35.84 -49.72 -22.38
CA ILE E 428 -36.02 -49.34 -20.98
C ILE E 428 -35.92 -47.82 -20.89
N PRO E 429 -37.03 -47.12 -20.99
CA PRO E 429 -36.96 -45.66 -20.98
C PRO E 429 -36.64 -45.12 -19.60
N ILE E 430 -35.39 -45.31 -19.19
CA ILE E 430 -34.92 -44.78 -17.92
C ILE E 430 -35.11 -43.27 -17.94
N VAL E 431 -35.73 -42.74 -16.90
CA VAL E 431 -35.95 -41.30 -16.81
C VAL E 431 -35.72 -40.85 -15.38
N PRO E 432 -35.51 -39.56 -15.19
CA PRO E 432 -35.43 -39.01 -13.85
C PRO E 432 -36.73 -39.20 -13.09
N THR E 433 -36.71 -38.77 -11.84
CA THR E 433 -37.92 -38.68 -11.04
C THR E 433 -38.38 -37.24 -10.97
N ALA E 434 -39.69 -37.06 -10.79
CA ALA E 434 -40.25 -35.73 -10.63
C ALA E 434 -39.38 -34.91 -9.69
N GLU E 435 -39.16 -35.42 -8.48
CA GLU E 435 -38.25 -34.75 -7.55
C GLU E 435 -36.92 -34.47 -8.22
N PHE E 436 -36.23 -35.53 -8.65
CA PHE E 436 -34.90 -35.35 -9.20
C PHE E 436 -34.92 -34.39 -10.36
N GLN E 437 -35.98 -34.43 -11.17
CA GLN E 437 -36.11 -33.45 -12.24
C GLN E 437 -36.34 -32.06 -11.68
N ASP E 438 -37.01 -31.99 -10.52
CA ASP E 438 -37.25 -30.70 -9.90
C ASP E 438 -35.93 -30.08 -9.44
N ARG E 439 -35.09 -30.87 -8.76
CA ARG E 439 -33.75 -30.43 -8.45
C ARG E 439 -33.09 -29.82 -9.67
N ILE E 440 -33.07 -30.57 -10.77
CA ILE E 440 -32.35 -30.14 -11.96
C ILE E 440 -32.80 -28.77 -12.39
N SER E 441 -34.08 -28.66 -12.80
CA SER E 441 -34.59 -27.38 -13.27
C SER E 441 -34.56 -26.33 -12.17
N GLY E 442 -34.57 -26.75 -10.92
CA GLY E 442 -34.46 -25.83 -9.81
C GLY E 442 -33.03 -25.60 -9.38
N ALA E 443 -32.08 -25.98 -10.21
CA ALA E 443 -30.67 -25.78 -9.91
C ALA E 443 -30.42 -24.33 -9.56
N SER E 444 -29.82 -24.11 -8.40
CA SER E 444 -29.57 -22.76 -7.91
C SER E 444 -28.84 -22.87 -6.58
N GLU E 445 -28.21 -21.76 -6.19
CA GLU E 445 -27.55 -21.70 -4.90
C GLU E 445 -28.44 -22.24 -3.80
N LYS E 446 -29.74 -21.95 -3.86
CA LYS E 446 -30.66 -22.37 -2.81
C LYS E 446 -30.40 -23.81 -2.40
N ASP E 447 -30.01 -24.65 -3.36
CA ASP E 447 -29.81 -26.05 -3.08
C ASP E 447 -28.43 -26.30 -2.51
N ILE E 448 -27.42 -25.64 -3.07
CA ILE E 448 -26.07 -25.75 -2.54
C ILE E 448 -26.06 -25.40 -1.07
N VAL E 449 -26.41 -24.16 -0.77
CA VAL E 449 -26.36 -23.68 0.61
C VAL E 449 -27.12 -24.61 1.53
N HIS E 450 -28.36 -24.95 1.17
CA HIS E 450 -29.12 -25.91 1.97
C HIS E 450 -28.29 -27.13 2.27
N SER E 451 -27.35 -27.46 1.38
CA SER E 451 -26.51 -28.62 1.60
C SER E 451 -25.33 -28.28 2.49
N GLY E 452 -24.48 -27.37 2.04
CA GLY E 452 -23.30 -27.01 2.80
C GLY E 452 -23.64 -26.51 4.18
N LEU E 453 -24.92 -26.23 4.42
CA LEU E 453 -25.36 -25.91 5.77
C LEU E 453 -25.60 -27.17 6.56
N ALA E 454 -26.48 -28.03 6.07
CA ALA E 454 -26.84 -29.23 6.80
C ALA E 454 -25.60 -30.03 7.13
N TYR E 455 -24.83 -30.41 6.11
CA TYR E 455 -23.61 -31.16 6.33
C TYR E 455 -22.84 -30.60 7.50
N THR E 456 -22.64 -29.28 7.50
CA THR E 456 -21.98 -28.64 8.62
C THR E 456 -22.63 -29.01 9.94
N MET E 457 -23.90 -28.66 10.09
CA MET E 457 -24.60 -28.94 11.32
C MET E 457 -24.60 -30.43 11.63
N GLU E 458 -24.54 -31.25 10.60
CA GLU E 458 -24.44 -32.69 10.81
C GLU E 458 -23.12 -33.04 11.45
N ARG E 459 -22.03 -32.77 10.75
CA ARG E 459 -20.71 -33.13 11.25
C ARG E 459 -20.50 -32.61 12.65
N SER E 460 -20.85 -31.36 12.87
CA SER E 460 -20.65 -30.74 14.19
C SER E 460 -21.25 -31.60 15.28
N ALA E 461 -22.57 -31.81 15.22
CA ALA E 461 -23.25 -32.62 16.22
C ALA E 461 -22.46 -33.88 16.51
N ARG E 462 -22.09 -34.60 15.46
CA ARG E 462 -21.41 -35.87 15.65
C ARG E 462 -20.16 -35.69 16.49
N GLN E 463 -19.38 -34.64 16.21
CA GLN E 463 -18.22 -34.36 17.03
C GLN E 463 -18.63 -34.20 18.49
N ILE E 464 -19.79 -33.57 18.70
CA ILE E 464 -20.23 -33.26 20.05
C ILE E 464 -20.56 -34.55 20.80
N MET E 465 -21.42 -35.37 20.22
CA MET E 465 -21.69 -36.69 20.80
C MET E 465 -20.40 -37.33 21.27
N ARG E 466 -19.43 -37.47 20.36
CA ARG E 466 -18.11 -37.96 20.75
C ARG E 466 -17.60 -37.21 21.96
N THR E 467 -17.52 -35.88 21.85
CA THR E 467 -17.02 -35.08 22.94
C THR E 467 -17.75 -35.40 24.23
N ALA E 468 -19.06 -35.58 24.16
CA ALA E 468 -19.82 -35.94 25.35
C ALA E 468 -19.36 -37.27 25.92
N MET E 469 -19.34 -38.30 25.08
CA MET E 469 -18.90 -39.61 25.54
C MET E 469 -17.51 -39.53 26.16
N LYS E 470 -16.59 -38.87 25.47
CA LYS E 470 -15.23 -38.75 25.97
C LYS E 470 -15.22 -38.27 27.41
N TYR E 471 -16.13 -37.36 27.75
CA TYR E 471 -16.14 -36.72 29.06
C TYR E 471 -17.33 -37.15 29.90
N ASN E 472 -18.13 -38.09 29.42
CA ASN E 472 -19.23 -38.66 30.20
C ASN E 472 -20.14 -37.57 30.75
N LEU E 473 -20.51 -36.64 29.87
CA LEU E 473 -21.41 -35.57 30.23
C LEU E 473 -22.88 -35.95 30.09
N GLY E 474 -23.16 -37.07 29.44
CA GLY E 474 -24.54 -37.47 29.27
C GLY E 474 -25.29 -36.46 28.42
N LEU E 475 -26.28 -35.82 29.02
CA LEU E 475 -27.15 -34.88 28.33
C LEU E 475 -26.73 -33.43 28.52
N ASP E 476 -25.71 -33.16 29.33
CA ASP E 476 -25.30 -31.79 29.63
C ASP E 476 -24.48 -31.27 28.47
N LEU E 477 -25.15 -31.09 27.33
CA LEU E 477 -24.48 -30.70 26.11
C LEU E 477 -23.90 -29.31 26.16
N ARG E 478 -24.64 -28.36 26.71
CA ARG E 478 -24.17 -26.97 26.75
C ARG E 478 -22.69 -26.91 27.07
N THR E 479 -22.29 -27.52 28.17
CA THR E 479 -20.87 -27.66 28.44
C THR E 479 -20.17 -28.35 27.30
N ALA E 480 -20.63 -29.55 26.94
CA ALA E 480 -19.95 -30.35 25.94
C ALA E 480 -19.61 -29.54 24.72
N ALA E 481 -20.49 -28.63 24.31
CA ALA E 481 -20.17 -27.77 23.18
C ALA E 481 -19.04 -26.84 23.53
N TYR E 482 -19.26 -25.99 24.54
CA TYR E 482 -18.18 -25.15 25.04
C TYR E 482 -16.91 -25.96 25.23
N VAL E 483 -17.05 -27.26 25.46
CA VAL E 483 -15.89 -28.13 25.53
C VAL E 483 -15.29 -28.31 24.14
N ASN E 484 -16.07 -28.88 23.23
CA ASN E 484 -15.54 -29.21 21.91
C ASN E 484 -14.98 -27.96 21.24
N ALA E 485 -15.58 -26.82 21.51
CA ALA E 485 -15.07 -25.58 20.98
C ALA E 485 -13.66 -25.32 21.47
N ILE E 486 -13.50 -25.27 22.78
CA ILE E 486 -12.23 -24.86 23.37
C ILE E 486 -11.09 -25.70 22.81
N GLU E 487 -11.26 -27.02 22.81
CA GLU E 487 -10.19 -27.88 22.32
C GLU E 487 -9.74 -27.44 20.94
N LYS E 488 -10.68 -27.17 20.05
CA LYS E 488 -10.30 -26.66 18.75
C LYS E 488 -9.55 -25.36 18.89
N VAL E 489 -10.15 -24.40 19.58
CA VAL E 489 -9.49 -23.10 19.77
C VAL E 489 -8.11 -23.29 20.34
N PHE E 490 -8.05 -23.85 21.55
CA PHE E 490 -6.76 -24.14 22.16
C PHE E 490 -5.80 -24.73 21.16
N ARG E 491 -6.22 -25.81 20.52
CA ARG E 491 -5.36 -26.49 19.55
C ARG E 491 -4.82 -25.51 18.54
N VAL E 492 -5.66 -24.57 18.09
CA VAL E 492 -5.21 -23.57 17.15
C VAL E 492 -4.11 -22.72 17.77
N TYR E 493 -4.44 -22.04 18.86
CA TYR E 493 -3.51 -21.07 19.42
C TYR E 493 -2.19 -21.74 19.79
N ASN E 494 -2.24 -23.03 20.09
CA ASN E 494 -1.02 -23.75 20.45
C ASN E 494 -0.13 -23.93 19.22
N GLU E 495 -0.73 -24.35 18.12
CA GLU E 495 0.03 -24.63 16.91
C GLU E 495 0.33 -23.38 16.10
N ALA E 496 0.13 -22.20 16.68
CA ALA E 496 0.38 -20.96 15.94
C ALA E 496 1.66 -20.29 16.35
N GLY E 497 2.60 -21.00 16.94
CA GLY E 497 3.73 -20.31 17.52
C GLY E 497 3.23 -19.34 18.55
N VAL E 498 2.70 -19.84 19.66
CA VAL E 498 1.60 -19.22 20.39
C VAL E 498 1.73 -17.71 20.39
N THR E 499 2.97 -17.21 20.37
CA THR E 499 3.21 -15.78 20.38
C THR E 499 4.63 -15.48 19.96
N PHE E 500 4.83 -14.39 19.21
CA PHE E 500 6.19 -13.93 18.89
C PHE E 500 6.46 -12.65 19.65
N THR E 501 7.02 -12.82 20.83
CA THR E 501 7.38 -11.72 21.69
C THR E 501 8.79 -11.92 22.21
N ASP F 6 32.40 -37.98 -8.53
CA ASP F 6 31.41 -37.41 -7.57
C ASP F 6 31.17 -35.93 -7.86
N PRO F 7 30.49 -35.63 -8.96
CA PRO F 7 30.20 -34.23 -9.28
C PRO F 7 29.25 -33.63 -8.26
N ASN F 8 29.21 -32.31 -8.25
CA ASN F 8 28.26 -31.62 -7.39
C ASN F 8 26.86 -31.73 -7.99
N PHE F 9 25.89 -32.05 -7.14
CA PHE F 9 24.51 -32.22 -7.57
C PHE F 9 24.09 -31.08 -8.49
N PHE F 10 24.59 -29.87 -8.23
CA PHE F 10 24.43 -28.79 -9.20
C PHE F 10 24.92 -29.23 -10.56
N LYS F 11 26.20 -29.57 -10.66
CA LYS F 11 26.77 -29.94 -11.95
C LYS F 11 25.99 -31.07 -12.60
N MET F 12 25.51 -32.03 -11.81
CA MET F 12 24.60 -33.02 -12.36
C MET F 12 23.47 -32.34 -13.10
N VAL F 13 22.69 -31.53 -12.39
CA VAL F 13 21.54 -30.87 -12.98
C VAL F 13 21.95 -30.13 -14.25
N GLU F 14 22.83 -29.15 -14.10
CA GLU F 14 23.26 -28.35 -15.24
C GLU F 14 23.62 -29.24 -16.42
N GLY F 15 24.27 -30.36 -16.14
CA GLY F 15 24.63 -31.26 -17.21
C GLY F 15 23.42 -31.80 -17.94
N PHE F 16 22.33 -32.01 -17.20
CA PHE F 16 21.13 -32.56 -17.83
C PHE F 16 20.49 -31.54 -18.75
N PHE F 17 20.08 -30.42 -18.18
CA PHE F 17 19.39 -29.39 -18.96
C PHE F 17 20.10 -29.14 -20.28
N ASP F 18 21.40 -28.91 -20.23
CA ASP F 18 22.18 -28.76 -21.45
C ASP F 18 21.80 -29.81 -22.47
N ARG F 19 21.83 -31.08 -22.06
CA ARG F 19 21.52 -32.16 -22.98
C ARG F 19 20.13 -32.00 -23.56
N GLY F 20 19.15 -31.72 -22.70
CA GLY F 20 17.79 -31.57 -23.19
C GLY F 20 17.67 -30.47 -24.23
N ALA F 21 18.29 -29.32 -23.96
CA ALA F 21 18.23 -28.22 -24.89
C ALA F 21 18.63 -28.66 -26.28
N SER F 22 19.83 -29.23 -26.41
CA SER F 22 20.27 -29.75 -27.69
C SER F 22 19.20 -30.60 -28.36
N ILE F 23 18.55 -31.45 -27.57
CA ILE F 23 17.53 -32.32 -28.12
C ILE F 23 16.33 -31.51 -28.60
N VAL F 24 15.88 -30.58 -27.75
CA VAL F 24 14.67 -29.83 -28.05
C VAL F 24 14.86 -29.02 -29.32
N GLU F 25 15.87 -28.16 -29.33
CA GLU F 25 16.06 -27.15 -30.34
C GLU F 25 15.79 -27.68 -31.75
N ASP F 26 16.26 -28.90 -32.01
CA ASP F 26 16.14 -29.48 -33.35
C ASP F 26 14.77 -29.22 -33.94
N LYS F 27 13.72 -29.36 -33.14
CA LYS F 27 12.37 -29.14 -33.60
C LYS F 27 11.75 -27.85 -33.09
N LEU F 28 12.11 -27.43 -31.88
CA LEU F 28 11.52 -26.23 -31.30
C LEU F 28 11.67 -25.05 -32.24
N VAL F 29 12.77 -25.01 -32.99
CA VAL F 29 12.94 -23.99 -34.01
C VAL F 29 12.01 -24.27 -35.17
N GLU F 30 11.79 -25.55 -35.47
CA GLU F 30 10.92 -25.92 -36.59
C GLU F 30 9.47 -25.60 -36.29
N ASP F 31 9.06 -25.75 -35.04
CA ASP F 31 7.67 -25.53 -34.65
C ASP F 31 7.44 -24.12 -34.14
N LEU F 32 8.37 -23.20 -34.36
CA LEU F 32 8.20 -21.82 -33.96
C LEU F 32 7.51 -21.10 -35.12
N LYS F 33 6.42 -20.40 -34.81
CA LYS F 33 5.53 -19.86 -35.84
C LYS F 33 5.74 -18.36 -36.06
N THR F 34 6.98 -17.91 -36.04
CA THR F 34 7.25 -16.49 -36.25
C THR F 34 7.78 -16.24 -37.67
N ARG F 35 7.47 -15.07 -38.20
CA ARG F 35 7.95 -14.65 -39.52
C ARG F 35 9.37 -14.11 -39.41
N GLU F 36 10.32 -15.01 -39.62
CA GLU F 36 11.73 -14.70 -39.46
C GLU F 36 12.55 -15.63 -40.34
N THR F 37 13.86 -15.48 -40.24
CA THR F 37 14.77 -16.39 -40.91
C THR F 37 15.10 -17.57 -40.02
N GLU F 38 15.18 -18.76 -40.62
CA GLU F 38 15.56 -19.96 -39.87
C GLU F 38 16.71 -19.66 -38.94
N GLU F 39 17.77 -19.05 -39.46
CA GLU F 39 18.87 -18.61 -38.62
C GLU F 39 18.39 -17.62 -37.57
N GLN F 40 17.74 -16.55 -38.02
CA GLN F 40 17.26 -15.53 -37.09
C GLN F 40 16.52 -16.16 -35.93
N LYS F 41 15.50 -16.97 -36.23
CA LYS F 41 14.71 -17.56 -35.17
C LYS F 41 15.52 -18.54 -34.35
N ARG F 42 16.42 -19.29 -34.98
CA ARG F 42 17.26 -20.20 -34.22
C ARG F 42 18.08 -19.45 -33.17
N ASN F 43 18.41 -18.20 -33.45
CA ASN F 43 19.14 -17.41 -32.47
C ASN F 43 18.21 -16.88 -31.39
N ARG F 44 16.91 -16.96 -31.64
CA ARG F 44 15.95 -16.64 -30.59
C ARG F 44 15.90 -17.77 -29.57
N VAL F 45 15.54 -18.97 -30.02
CA VAL F 45 15.42 -20.09 -29.11
C VAL F 45 16.73 -20.35 -28.38
N ARG F 46 17.83 -20.40 -29.13
CA ARG F 46 19.10 -20.78 -28.54
C ARG F 46 19.38 -19.97 -27.29
N SER F 47 19.22 -18.65 -27.38
CA SER F 47 19.52 -17.80 -26.25
C SER F 47 18.49 -17.94 -25.15
N ILE F 48 17.21 -18.08 -25.51
CA ILE F 48 16.21 -18.31 -24.48
C ILE F 48 16.61 -19.47 -23.60
N LEU F 49 17.16 -20.52 -24.22
CA LEU F 49 17.67 -21.64 -23.45
C LEU F 49 18.99 -21.28 -22.79
N ARG F 50 19.44 -20.04 -22.96
CA ARG F 50 20.50 -19.49 -22.14
C ARG F 50 19.93 -18.66 -21.01
N ILE F 51 18.65 -18.30 -21.12
CA ILE F 51 18.07 -17.34 -20.20
C ILE F 51 17.44 -18.03 -19.01
N ILE F 52 16.58 -19.01 -19.27
CA ILE F 52 15.87 -19.67 -18.18
C ILE F 52 16.81 -20.44 -17.30
N LYS F 53 17.83 -21.05 -17.90
CA LYS F 53 18.72 -21.92 -17.15
C LYS F 53 19.24 -21.29 -15.87
N PRO F 54 19.82 -20.09 -15.90
CA PRO F 54 20.29 -19.48 -14.67
C PRO F 54 19.14 -19.04 -13.79
N CYS F 55 19.47 -18.84 -12.52
CA CYS F 55 18.52 -18.41 -11.53
C CYS F 55 18.63 -16.90 -11.33
N ASN F 56 17.52 -16.21 -11.54
CA ASN F 56 17.52 -14.76 -11.52
C ASN F 56 18.03 -14.20 -10.22
N HIS F 57 17.31 -14.43 -9.14
CA HIS F 57 17.57 -13.77 -7.87
C HIS F 57 18.18 -14.75 -6.89
N VAL F 58 19.26 -14.34 -6.25
CA VAL F 58 19.92 -15.12 -5.24
C VAL F 58 20.38 -14.16 -4.17
N LEU F 59 19.92 -14.36 -2.95
CA LEU F 59 20.18 -13.44 -1.86
C LEU F 59 21.00 -14.13 -0.79
N SER F 60 21.93 -13.38 -0.24
CA SER F 60 22.78 -13.86 0.84
C SER F 60 22.55 -12.98 2.06
N LEU F 61 22.50 -13.61 3.22
CA LEU F 61 22.07 -12.94 4.44
C LEU F 61 23.10 -13.08 5.54
N SER F 62 22.83 -12.40 6.64
CA SER F 62 23.64 -12.44 7.84
C SER F 62 22.77 -12.06 9.02
N PHE F 63 22.75 -12.90 10.04
CA PHE F 63 21.83 -12.75 11.15
C PHE F 63 22.54 -12.52 12.46
N PRO F 64 22.27 -11.42 13.11
CA PRO F 64 22.72 -11.26 14.49
C PRO F 64 21.76 -11.88 15.47
N ILE F 65 21.91 -13.18 15.73
CA ILE F 65 21.08 -13.88 16.69
C ILE F 65 21.82 -13.99 18.01
N ARG F 66 21.07 -14.00 19.11
CA ARG F 66 21.62 -14.21 20.45
C ARG F 66 21.29 -15.61 20.92
N ARG F 67 22.32 -16.35 21.30
CA ARG F 67 22.14 -17.69 21.82
C ARG F 67 21.43 -17.66 23.16
N ASP F 68 21.14 -18.85 23.67
CA ASP F 68 20.59 -18.97 25.02
C ASP F 68 21.63 -18.67 26.08
N ASP F 69 22.91 -18.93 25.81
CA ASP F 69 23.97 -18.68 26.77
C ASP F 69 24.34 -17.21 26.88
N GLY F 70 23.56 -16.33 26.24
CA GLY F 70 23.86 -14.92 26.23
C GLY F 70 24.75 -14.49 25.08
N SER F 71 25.48 -15.42 24.48
CA SER F 71 26.40 -15.09 23.42
C SER F 71 25.64 -14.70 22.15
N TRP F 72 26.36 -14.01 21.27
CA TRP F 72 25.88 -13.71 19.93
C TRP F 72 26.63 -14.56 18.94
N GLU F 73 26.04 -14.73 17.76
CA GLU F 73 26.72 -15.34 16.65
C GLU F 73 26.02 -14.93 15.37
N VAL F 74 26.78 -14.89 14.28
CA VAL F 74 26.26 -14.50 12.99
C VAL F 74 25.89 -15.76 12.22
N ILE F 75 24.87 -15.66 11.39
CA ILE F 75 24.34 -16.79 10.64
C ILE F 75 24.12 -16.36 9.21
N GLU F 76 24.51 -17.21 8.28
CA GLU F 76 24.32 -16.96 6.86
C GLU F 76 23.13 -17.74 6.35
N GLY F 77 22.36 -17.10 5.49
CA GLY F 77 21.15 -17.72 4.95
C GLY F 77 20.96 -17.31 3.51
N TYR F 78 20.56 -18.28 2.71
CA TYR F 78 20.46 -18.10 1.28
C TYR F 78 19.05 -18.40 0.82
N ARG F 79 18.57 -17.56 -0.11
CA ARG F 79 17.30 -17.78 -0.77
C ARG F 79 17.54 -17.59 -2.25
N ALA F 80 17.03 -18.52 -3.05
CA ALA F 80 17.20 -18.49 -4.48
C ALA F 80 15.86 -18.59 -5.17
N GLN F 81 15.55 -17.60 -5.98
CA GLN F 81 14.28 -17.52 -6.69
C GLN F 81 14.60 -17.66 -8.15
N HIS F 82 14.47 -18.89 -8.67
CA HIS F 82 14.99 -19.21 -9.99
C HIS F 82 14.52 -18.20 -11.03
N SER F 83 13.21 -18.13 -11.25
CA SER F 83 12.75 -17.44 -12.45
C SER F 83 11.39 -16.82 -12.17
N GLN F 84 11.21 -15.61 -12.72
CA GLN F 84 9.99 -14.85 -12.59
C GLN F 84 9.04 -15.12 -13.74
N HIS F 85 9.46 -15.91 -14.73
CA HIS F 85 8.60 -16.21 -15.86
C HIS F 85 7.20 -16.61 -15.42
N ARG F 86 7.05 -17.19 -14.24
CA ARG F 86 5.75 -17.55 -13.73
C ARG F 86 5.76 -17.58 -12.22
N THR F 87 5.31 -16.49 -11.62
CA THR F 87 5.13 -16.37 -10.19
C THR F 87 3.73 -16.82 -9.79
N PRO F 88 3.53 -17.22 -8.53
CA PRO F 88 4.50 -17.17 -7.45
C PRO F 88 5.56 -18.20 -7.58
N CYS F 89 6.50 -18.17 -6.66
CA CYS F 89 7.62 -19.07 -6.65
C CYS F 89 7.58 -19.90 -5.37
N LYS F 90 8.12 -21.10 -5.46
CA LYS F 90 8.06 -22.04 -4.36
C LYS F 90 9.46 -22.54 -4.05
N GLY F 91 9.63 -22.99 -2.82
CA GLY F 91 10.88 -23.58 -2.40
C GLY F 91 10.88 -23.83 -0.92
N GLY F 92 11.38 -24.98 -0.53
CA GLY F 92 11.50 -25.29 0.87
C GLY F 92 12.71 -24.68 1.48
N ILE F 93 12.91 -25.00 2.75
CA ILE F 93 14.05 -24.53 3.50
C ILE F 93 14.84 -25.74 3.98
N ARG F 94 16.15 -25.57 4.11
CA ARG F 94 17.03 -26.63 4.56
C ARG F 94 18.04 -26.06 5.53
N TYR F 95 17.99 -26.53 6.76
CA TYR F 95 18.98 -26.18 7.78
C TYR F 95 20.07 -27.24 7.75
N SER F 96 21.28 -26.82 7.39
CA SER F 96 22.41 -27.73 7.38
C SER F 96 23.70 -26.91 7.32
N THR F 97 24.81 -27.60 7.18
CA THR F 97 26.11 -26.95 7.08
C THR F 97 26.78 -27.24 5.75
N ASP F 98 26.17 -28.07 4.91
CA ASP F 98 26.61 -28.30 3.56
C ASP F 98 26.12 -27.23 2.61
N VAL F 99 25.33 -26.29 3.12
CA VAL F 99 24.68 -25.29 2.29
C VAL F 99 25.73 -24.49 1.53
N SER F 100 25.33 -23.93 0.40
CA SER F 100 26.13 -22.97 -0.32
C SER F 100 25.32 -22.41 -1.47
N VAL F 101 25.72 -21.23 -1.92
CA VAL F 101 25.01 -20.56 -3.01
C VAL F 101 24.77 -21.54 -4.14
N ASP F 102 25.83 -22.14 -4.65
CA ASP F 102 25.72 -23.03 -5.78
C ASP F 102 24.78 -24.19 -5.48
N GLU F 103 24.88 -24.75 -4.28
CA GLU F 103 24.04 -25.90 -3.95
C GLU F 103 22.57 -25.55 -4.04
N VAL F 104 22.25 -24.26 -3.97
CA VAL F 104 20.87 -23.84 -3.99
C VAL F 104 20.39 -23.70 -5.42
N LYS F 105 21.04 -22.80 -6.18
CA LYS F 105 20.59 -22.50 -7.53
C LYS F 105 20.13 -23.75 -8.25
N ALA F 106 20.83 -24.86 -8.05
CA ALA F 106 20.39 -26.11 -8.62
C ALA F 106 18.96 -26.40 -8.23
N LEU F 107 18.73 -26.57 -6.93
CA LEU F 107 17.47 -27.10 -6.45
C LEU F 107 16.31 -26.19 -6.81
N ALA F 108 16.55 -24.89 -6.81
CA ALA F 108 15.54 -23.97 -7.33
C ALA F 108 15.36 -24.19 -8.82
N SER F 109 16.45 -24.10 -9.56
CA SER F 109 16.40 -24.36 -10.98
C SER F 109 15.89 -25.78 -11.24
N LEU F 110 15.90 -26.61 -10.20
CA LEU F 110 15.33 -27.94 -10.32
C LEU F 110 13.82 -27.92 -10.10
N MET F 111 13.41 -27.52 -8.90
CA MET F 111 12.00 -27.58 -8.56
C MET F 111 11.15 -26.97 -9.66
N THR F 112 11.64 -25.90 -10.26
CA THR F 112 10.95 -25.32 -11.40
C THR F 112 10.58 -26.40 -12.40
N TYR F 113 11.59 -27.06 -12.93
CA TYR F 113 11.37 -28.10 -13.92
C TYR F 113 10.52 -29.21 -13.34
N LYS F 114 10.69 -29.49 -12.06
CA LYS F 114 9.83 -30.48 -11.42
C LYS F 114 8.38 -30.05 -11.48
N CYS F 115 8.13 -28.79 -11.17
CA CYS F 115 6.75 -28.31 -11.12
C CYS F 115 6.11 -28.37 -12.50
N ALA F 116 6.84 -27.98 -13.53
CA ALA F 116 6.27 -27.90 -14.85
C ALA F 116 5.79 -29.25 -15.33
N VAL F 117 6.59 -30.28 -15.10
CA VAL F 117 6.22 -31.63 -15.52
C VAL F 117 4.81 -31.94 -15.09
N VAL F 118 4.45 -31.49 -13.90
CA VAL F 118 3.16 -31.81 -13.31
C VAL F 118 2.18 -30.68 -13.50
N ASP F 119 2.49 -29.75 -14.39
CA ASP F 119 1.55 -28.70 -14.77
C ASP F 119 1.17 -27.85 -13.56
N VAL F 120 2.18 -27.35 -12.88
CA VAL F 120 1.97 -26.51 -11.71
C VAL F 120 2.46 -25.11 -12.04
N PRO F 121 1.74 -24.08 -11.64
CA PRO F 121 2.14 -22.70 -11.95
C PRO F 121 3.43 -22.28 -11.28
N PHE F 122 3.66 -22.80 -10.09
CA PHE F 122 4.71 -22.28 -9.24
C PHE F 122 6.03 -22.17 -9.98
N GLY F 123 6.88 -21.32 -9.47
CA GLY F 123 8.24 -21.18 -9.95
C GLY F 123 9.21 -21.63 -8.87
N GLY F 124 10.31 -22.22 -9.32
CA GLY F 124 11.20 -22.87 -8.40
C GLY F 124 12.00 -21.88 -7.59
N ALA F 125 12.14 -22.22 -6.32
CA ALA F 125 13.03 -21.49 -5.43
C ALA F 125 13.51 -22.44 -4.36
N LYS F 126 14.41 -21.95 -3.53
CA LYS F 126 14.82 -22.72 -2.37
C LYS F 126 15.69 -21.84 -1.49
N ALA F 127 15.74 -22.19 -0.23
CA ALA F 127 16.54 -21.49 0.75
C ALA F 127 17.30 -22.49 1.60
N GLY F 128 18.29 -21.96 2.31
CA GLY F 128 19.07 -22.77 3.20
C GLY F 128 19.84 -21.89 4.16
N VAL F 129 20.41 -22.54 5.17
CA VAL F 129 21.12 -21.84 6.22
C VAL F 129 22.32 -22.68 6.63
N LYS F 130 23.46 -22.03 6.82
CA LYS F 130 24.65 -22.71 7.30
C LYS F 130 24.54 -22.91 8.80
N ILE F 131 24.06 -24.09 9.19
CA ILE F 131 23.72 -24.31 10.59
C ILE F 131 23.47 -25.79 10.83
N ASN F 132 23.67 -26.24 12.05
CA ASN F 132 23.26 -27.59 12.40
C ASN F 132 22.23 -27.53 13.51
N PRO F 133 20.97 -27.78 13.20
CA PRO F 133 19.92 -27.64 14.22
C PRO F 133 20.23 -28.36 15.52
N LYS F 134 20.73 -29.58 15.42
CA LYS F 134 20.91 -30.42 16.59
C LYS F 134 21.67 -29.73 17.70
N ASN F 135 22.60 -28.85 17.37
CA ASN F 135 23.38 -28.15 18.37
C ASN F 135 22.60 -27.01 19.01
N TYR F 136 21.39 -26.75 18.53
CA TYR F 136 20.60 -25.63 19.00
C TYR F 136 19.27 -26.12 19.54
N THR F 137 18.67 -25.32 20.40
CA THR F 137 17.42 -25.69 21.06
C THR F 137 16.23 -25.43 20.15
N ASP F 138 15.05 -25.65 20.72
CA ASP F 138 13.83 -25.25 20.02
C ASP F 138 13.69 -23.74 20.02
N ASN F 139 13.90 -23.11 21.18
CA ASN F 139 13.79 -21.67 21.26
C ASN F 139 14.69 -20.99 20.24
N GLU F 140 15.98 -21.32 20.27
CA GLU F 140 16.91 -20.73 19.33
C GLU F 140 16.39 -20.83 17.90
N LEU F 141 16.10 -22.05 17.46
CA LEU F 141 15.53 -22.23 16.14
C LEU F 141 14.31 -21.35 15.95
N GLU F 142 13.52 -21.15 17.00
CA GLU F 142 12.35 -20.30 16.86
C GLU F 142 12.77 -18.84 16.84
N LYS F 143 14.00 -18.57 17.29
CA LYS F 143 14.56 -17.22 17.17
C LYS F 143 15.17 -17.05 15.79
N ILE F 144 15.81 -18.10 15.29
CA ILE F 144 16.39 -18.04 13.96
C ILE F 144 15.30 -17.82 12.93
N THR F 145 14.40 -18.80 12.82
CA THR F 145 13.43 -18.80 11.75
C THR F 145 12.67 -17.49 11.69
N ARG F 146 11.97 -17.14 12.76
CA ARG F 146 11.09 -15.97 12.70
C ARG F 146 11.88 -14.71 12.42
N ARG F 147 13.20 -14.76 12.52
CA ARG F 147 14.01 -13.65 12.05
C ARG F 147 14.36 -13.83 10.59
N PHE F 148 14.68 -15.05 10.20
CA PHE F 148 14.93 -15.35 8.80
C PHE F 148 13.82 -14.79 7.93
N THR F 149 12.60 -15.25 8.15
CA THR F 149 11.49 -14.80 7.34
C THR F 149 11.02 -13.41 7.72
N MET F 150 11.72 -12.76 8.65
CA MET F 150 11.45 -11.35 8.90
C MET F 150 12.23 -10.50 7.93
N GLU F 151 13.44 -10.94 7.57
CA GLU F 151 14.21 -10.22 6.58
C GLU F 151 13.64 -10.42 5.19
N LEU F 152 13.60 -11.67 4.74
CA LEU F 152 13.13 -11.97 3.41
C LEU F 152 11.83 -11.26 3.10
N ALA F 153 11.00 -11.05 4.11
CA ALA F 153 9.75 -10.34 3.89
C ALA F 153 9.99 -8.87 3.63
N LYS F 154 10.94 -8.27 4.36
CA LYS F 154 11.34 -6.91 4.07
C LYS F 154 11.79 -6.78 2.62
N LYS F 155 12.17 -7.90 2.01
CA LYS F 155 12.80 -7.90 0.71
C LYS F 155 12.07 -8.77 -0.28
N GLY F 156 10.76 -8.90 -0.14
CA GLY F 156 9.94 -9.47 -1.18
C GLY F 156 10.33 -10.84 -1.63
N PHE F 157 10.86 -11.68 -0.76
CA PHE F 157 11.06 -13.09 -1.06
C PHE F 157 10.12 -14.00 -0.32
N ILE F 158 9.11 -13.44 0.36
CA ILE F 158 8.12 -14.25 1.03
C ILE F 158 6.79 -13.54 0.96
N GLY F 159 5.83 -14.16 0.29
CA GLY F 159 4.50 -13.64 0.18
C GLY F 159 3.66 -14.61 -0.61
N PRO F 160 2.37 -14.66 -0.31
CA PRO F 160 1.53 -15.67 -0.96
C PRO F 160 1.52 -15.59 -2.47
N GLY F 161 2.03 -14.50 -3.02
CA GLY F 161 2.09 -14.35 -4.46
C GLY F 161 3.44 -13.87 -4.96
N VAL F 162 4.49 -14.15 -4.21
CA VAL F 162 5.85 -13.92 -4.67
C VAL F 162 6.63 -15.20 -4.50
N ASP F 163 6.61 -15.75 -3.29
CA ASP F 163 7.51 -16.83 -2.91
C ASP F 163 6.87 -17.52 -1.72
N VAL F 164 6.84 -18.86 -1.77
CA VAL F 164 6.12 -19.64 -0.77
C VAL F 164 7.12 -20.65 -0.17
N PRO F 165 7.56 -20.45 1.06
CA PRO F 165 8.39 -21.46 1.70
C PRO F 165 7.67 -22.78 1.80
N ALA F 166 8.39 -23.80 2.25
CA ALA F 166 7.80 -25.11 2.43
C ALA F 166 8.76 -25.96 3.25
N PRO F 167 8.31 -27.12 3.69
CA PRO F 167 9.18 -27.99 4.47
C PRO F 167 10.17 -28.74 3.62
N ASP F 168 10.98 -29.54 4.30
CA ASP F 168 12.02 -30.37 3.71
C ASP F 168 12.67 -31.12 4.86
N MET F 169 13.58 -32.01 4.54
CA MET F 169 14.33 -32.67 5.59
C MET F 169 14.96 -31.64 6.49
N SER F 170 14.99 -31.93 7.79
CA SER F 170 15.48 -31.05 8.85
C SER F 170 14.42 -30.03 9.24
N THR F 171 13.24 -30.06 8.65
CA THR F 171 12.16 -29.15 9.02
C THR F 171 10.88 -29.92 9.30
N GLY F 172 9.87 -29.17 9.71
CA GLY F 172 8.60 -29.76 10.04
C GLY F 172 7.56 -28.67 10.23
N GLU F 173 6.35 -29.10 10.61
CA GLU F 173 5.26 -28.16 10.75
C GLU F 173 5.61 -27.01 11.68
N ARG F 174 6.16 -27.30 12.86
CA ARG F 174 6.57 -26.24 13.77
C ARG F 174 7.25 -25.11 13.03
N GLU F 175 8.31 -25.44 12.29
CA GLU F 175 9.06 -24.42 11.57
C GLU F 175 8.12 -23.57 10.73
N MET F 176 7.33 -24.21 9.87
CA MET F 176 6.33 -23.46 9.12
C MET F 176 5.47 -22.63 10.03
N SER F 177 4.80 -23.28 11.00
CA SER F 177 3.87 -22.57 11.87
C SER F 177 4.50 -21.31 12.41
N TRP F 178 5.77 -21.39 12.81
CA TRP F 178 6.48 -20.21 13.28
C TRP F 178 6.44 -19.12 12.22
N ILE F 179 6.86 -19.46 11.00
CA ILE F 179 6.96 -18.47 9.95
C ILE F 179 5.65 -17.72 9.78
N ALA F 180 4.59 -18.45 9.43
CA ALA F 180 3.33 -17.82 9.08
C ALA F 180 2.95 -16.75 10.09
N ASP F 181 3.14 -17.04 11.37
CA ASP F 181 2.81 -16.06 12.39
C ASP F 181 3.63 -14.79 12.21
N THR F 182 4.95 -14.95 12.07
CA THR F 182 5.79 -13.79 11.81
C THR F 182 5.22 -12.93 10.70
N TYR F 183 4.97 -13.54 9.55
CA TYR F 183 4.49 -12.78 8.40
C TYR F 183 3.24 -11.98 8.77
N ALA F 184 2.26 -12.65 9.37
CA ALA F 184 1.02 -11.96 9.71
C ALA F 184 1.28 -10.80 10.66
N SER F 185 2.35 -10.89 11.44
CA SER F 185 2.69 -9.85 12.40
C SER F 185 3.66 -8.82 11.84
N THR F 186 4.02 -8.93 10.57
CA THR F 186 4.96 -8.01 9.96
C THR F 186 4.51 -7.45 8.64
N ILE F 187 3.67 -8.16 7.91
CA ILE F 187 3.32 -7.74 6.56
C ILE F 187 1.81 -7.73 6.38
N GLY F 188 1.17 -8.87 6.62
CA GLY F 188 -0.22 -8.97 6.27
C GLY F 188 -1.04 -7.94 6.99
N HIS F 189 -1.15 -8.10 8.30
CA HIS F 189 -1.81 -7.15 9.19
C HIS F 189 -3.28 -6.92 8.85
N TYR F 190 -3.63 -7.13 7.58
CA TYR F 190 -5.02 -7.18 7.14
C TYR F 190 -5.17 -8.15 5.99
N ASP F 191 -4.08 -8.41 5.28
CA ASP F 191 -4.12 -9.14 4.03
C ASP F 191 -4.67 -10.52 4.30
N ILE F 192 -5.74 -10.87 3.59
CA ILE F 192 -6.45 -12.10 3.85
C ILE F 192 -5.58 -13.28 3.46
N ASN F 193 -4.81 -13.12 2.40
CA ASN F 193 -4.06 -14.23 1.84
C ASN F 193 -2.83 -14.59 2.66
N ALA F 194 -2.62 -13.94 3.81
CA ALA F 194 -1.50 -14.29 4.66
C ALA F 194 -1.53 -15.74 5.09
N HIS F 195 -2.73 -16.30 5.23
CA HIS F 195 -2.86 -17.70 5.60
C HIS F 195 -2.28 -18.62 4.54
N ALA F 196 -1.88 -18.07 3.41
CA ALA F 196 -1.22 -18.81 2.35
C ALA F 196 0.26 -18.51 2.26
N CYS F 197 0.78 -17.72 3.19
CA CYS F 197 2.20 -17.36 3.15
C CYS F 197 3.06 -18.58 2.95
N VAL F 198 2.66 -19.71 3.54
CA VAL F 198 3.44 -20.93 3.53
C VAL F 198 2.54 -22.11 3.28
N THR F 199 3.15 -23.28 3.35
CA THR F 199 2.51 -24.56 3.11
C THR F 199 3.16 -25.60 4.00
N GLY F 200 2.48 -26.72 4.17
CA GLY F 200 2.93 -27.73 5.09
C GLY F 200 2.50 -27.43 6.51
N LYS F 201 1.69 -26.39 6.66
CA LYS F 201 1.17 -26.02 7.96
C LYS F 201 0.52 -27.21 8.63
N PRO F 202 0.36 -27.16 9.94
CA PRO F 202 -0.48 -28.14 10.61
C PRO F 202 -1.90 -28.05 10.09
N ILE F 203 -2.73 -28.98 10.55
CA ILE F 203 -4.08 -29.08 10.02
C ILE F 203 -4.97 -28.00 10.61
N SER F 204 -4.67 -27.56 11.82
CA SER F 204 -5.57 -26.68 12.53
C SER F 204 -5.63 -25.27 11.94
N GLN F 205 -4.65 -24.93 11.10
CA GLN F 205 -4.54 -23.58 10.55
C GLN F 205 -4.92 -23.51 9.09
N GLY F 206 -5.14 -24.65 8.46
CA GLY F 206 -5.31 -24.71 7.03
C GLY F 206 -4.44 -25.73 6.35
N GLY F 207 -3.84 -26.65 7.09
CA GLY F 207 -3.05 -27.69 6.49
C GLY F 207 -3.91 -28.69 5.78
N ILE F 208 -3.44 -29.93 5.68
CA ILE F 208 -4.09 -30.95 4.88
C ILE F 208 -4.10 -32.27 5.61
N HIS F 209 -5.17 -33.02 5.42
CA HIS F 209 -5.23 -34.41 5.86
C HIS F 209 -4.62 -35.26 4.74
N GLY F 210 -3.31 -35.50 4.86
CA GLY F 210 -2.67 -36.39 3.92
C GLY F 210 -1.24 -36.04 3.54
N ARG F 211 -0.78 -34.86 3.96
CA ARG F 211 0.52 -34.40 3.50
C ARG F 211 1.62 -35.43 3.76
N ILE F 212 1.67 -35.95 4.98
CA ILE F 212 2.81 -36.75 5.40
C ILE F 212 3.05 -37.89 4.41
N SER F 213 1.99 -38.58 4.03
CA SER F 213 2.12 -39.73 3.15
C SER F 213 2.10 -39.34 1.68
N ALA F 214 1.83 -38.08 1.38
CA ALA F 214 1.66 -37.64 0.00
C ALA F 214 2.77 -38.17 -0.89
N THR F 215 3.98 -37.74 -0.62
CA THR F 215 5.12 -38.12 -1.45
C THR F 215 5.10 -39.59 -1.75
N GLY F 216 5.05 -40.41 -0.71
CA GLY F 216 5.01 -41.84 -0.91
C GLY F 216 3.96 -42.24 -1.91
N ARG F 217 2.80 -41.62 -1.83
CA ARG F 217 1.76 -41.89 -2.81
C ARG F 217 2.20 -41.42 -4.18
N GLY F 218 2.72 -40.20 -4.27
CA GLY F 218 3.11 -39.67 -5.55
C GLY F 218 4.03 -40.61 -6.28
N VAL F 219 4.89 -41.30 -5.54
CA VAL F 219 5.68 -42.37 -6.10
C VAL F 219 4.77 -43.42 -6.71
N PHE F 220 3.78 -43.85 -5.93
CA PHE F 220 3.00 -45.02 -6.30
C PHE F 220 2.25 -44.79 -7.61
N HIS F 221 1.32 -43.84 -7.61
CA HIS F 221 0.56 -43.59 -8.82
C HIS F 221 1.48 -43.30 -9.99
N GLY F 222 2.68 -42.80 -9.71
CA GLY F 222 3.63 -42.57 -10.78
C GLY F 222 4.10 -43.87 -11.40
N ILE F 223 4.43 -44.85 -10.56
CA ILE F 223 4.80 -46.16 -11.07
C ILE F 223 3.64 -46.78 -11.81
N GLU F 224 2.44 -46.63 -11.24
CA GLU F 224 1.27 -47.30 -11.78
C GLU F 224 1.02 -46.89 -13.21
N ASN F 225 1.15 -45.61 -13.52
CA ASN F 225 0.89 -45.12 -14.86
C ASN F 225 1.80 -45.76 -15.89
N PHE F 226 2.85 -46.46 -15.46
CA PHE F 226 3.73 -47.16 -16.37
C PHE F 226 3.61 -48.68 -16.28
N ILE F 227 3.68 -49.24 -15.08
CA ILE F 227 3.59 -50.69 -14.95
C ILE F 227 2.36 -51.21 -15.67
N ASN F 228 1.25 -50.50 -15.57
CA ASN F 228 0.03 -50.88 -16.27
C ASN F 228 0.11 -50.54 -17.75
N GLU F 229 1.21 -49.99 -18.21
CA GLU F 229 1.40 -49.65 -19.61
C GLU F 229 2.18 -50.77 -20.27
N ALA F 230 1.49 -51.54 -21.10
CA ALA F 230 2.13 -52.68 -21.75
C ALA F 230 3.25 -52.24 -22.68
N SER F 231 3.08 -51.08 -23.34
CA SER F 231 4.06 -50.61 -24.31
C SER F 231 5.47 -50.70 -23.77
N TYR F 232 5.65 -50.57 -22.46
CA TYR F 232 6.95 -50.71 -21.84
C TYR F 232 7.13 -52.05 -21.14
N MET F 233 6.05 -52.64 -20.63
CA MET F 233 6.12 -54.02 -20.16
C MET F 233 6.75 -54.91 -21.22
N SER F 234 6.21 -54.85 -22.44
CA SER F 234 6.77 -55.60 -23.55
C SER F 234 8.27 -55.42 -23.66
N ILE F 235 8.74 -54.19 -23.59
CA ILE F 235 10.17 -53.93 -23.72
C ILE F 235 10.94 -54.67 -22.64
N LEU F 236 10.50 -54.57 -21.41
CA LEU F 236 11.20 -55.20 -20.30
C LEU F 236 10.80 -56.66 -20.11
N GLY F 237 10.04 -57.23 -21.05
CA GLY F 237 9.60 -58.59 -20.89
C GLY F 237 8.80 -58.84 -19.64
N MET F 238 8.23 -57.80 -19.04
CA MET F 238 7.49 -57.91 -17.80
C MET F 238 6.00 -58.04 -18.09
N THR F 239 5.22 -58.02 -17.01
CA THR F 239 3.77 -58.13 -17.07
C THR F 239 3.14 -56.88 -16.48
N PRO F 240 2.00 -56.45 -17.00
CA PRO F 240 1.26 -55.36 -16.35
C PRO F 240 0.76 -55.78 -14.98
N GLY F 241 0.41 -54.79 -14.17
CA GLY F 241 -0.15 -55.04 -12.86
C GLY F 241 0.92 -55.13 -11.78
N PHE F 242 0.43 -55.25 -10.55
CA PHE F 242 1.31 -55.44 -9.40
C PHE F 242 1.13 -56.79 -8.73
N GLY F 243 0.18 -57.60 -9.19
CA GLY F 243 -0.20 -58.79 -8.46
C GLY F 243 0.84 -59.89 -8.43
N ASP F 244 1.93 -59.71 -9.17
CA ASP F 244 2.90 -60.80 -9.29
C ASP F 244 4.35 -60.33 -9.25
N LYS F 245 4.69 -59.26 -8.56
CA LYS F 245 5.97 -58.62 -8.77
C LYS F 245 6.75 -58.48 -7.47
N THR F 246 8.07 -58.44 -7.63
CA THR F 246 9.01 -58.35 -6.52
C THR F 246 9.35 -56.89 -6.28
N PHE F 247 9.06 -56.41 -5.08
CA PHE F 247 9.28 -55.02 -4.73
C PHE F 247 10.22 -54.94 -3.53
N VAL F 248 11.00 -53.89 -3.50
CA VAL F 248 12.01 -53.66 -2.48
C VAL F 248 12.10 -52.17 -2.22
N VAL F 249 12.96 -51.79 -1.29
CA VAL F 249 13.07 -50.40 -0.87
C VAL F 249 14.43 -50.19 -0.23
N GLN F 250 14.92 -48.96 -0.31
CA GLN F 250 16.10 -48.50 0.39
C GLN F 250 15.84 -47.05 0.79
N GLY F 251 16.01 -46.75 2.06
CA GLY F 251 15.68 -45.44 2.58
C GLY F 251 14.40 -45.47 3.39
N PHE F 252 14.23 -46.54 4.15
CA PHE F 252 13.07 -46.73 5.00
C PHE F 252 12.89 -45.56 5.95
N GLY F 253 11.66 -45.34 6.40
CA GLY F 253 11.35 -44.16 7.19
C GLY F 253 10.14 -43.46 6.60
N ASN F 254 10.39 -42.26 6.12
CA ASN F 254 9.46 -41.58 5.23
C ASN F 254 9.54 -42.22 3.85
N VAL F 255 9.40 -41.40 2.82
CA VAL F 255 8.86 -41.76 1.52
C VAL F 255 9.05 -43.23 1.17
N GLY F 256 10.15 -43.81 1.63
CA GLY F 256 10.31 -45.24 1.50
C GLY F 256 9.10 -45.99 2.01
N LEU F 257 8.54 -45.51 3.12
CA LEU F 257 7.49 -46.26 3.79
C LEU F 257 6.12 -46.03 3.17
N HIS F 258 5.61 -44.81 3.28
CA HIS F 258 4.23 -44.53 2.90
C HIS F 258 3.94 -45.05 1.50
N SER F 259 4.98 -45.19 0.69
CA SER F 259 4.83 -45.86 -0.59
C SER F 259 4.73 -47.35 -0.41
N MET F 260 5.68 -47.94 0.32
CA MET F 260 5.66 -49.36 0.57
C MET F 260 4.27 -49.81 1.00
N ARG F 261 3.63 -49.03 1.86
CA ARG F 261 2.32 -49.41 2.35
C ARG F 261 1.29 -49.35 1.24
N TYR F 262 1.06 -48.15 0.70
CA TYR F 262 0.19 -48.02 -0.45
C TYR F 262 0.54 -49.05 -1.51
N LEU F 263 1.84 -49.29 -1.69
CA LEU F 263 2.28 -50.28 -2.65
C LEU F 263 1.72 -51.66 -2.29
N HIS F 264 1.84 -52.03 -1.03
CA HIS F 264 1.34 -53.32 -0.57
C HIS F 264 -0.15 -53.47 -0.86
N ARG F 265 -0.86 -52.36 -0.99
CA ARG F 265 -2.32 -52.42 -1.01
C ARG F 265 -2.86 -53.07 -2.26
N PHE F 266 -2.26 -52.80 -3.42
CA PHE F 266 -2.84 -53.19 -4.70
C PHE F 266 -2.22 -54.44 -5.28
N GLY F 267 -1.87 -55.41 -4.44
CA GLY F 267 -1.35 -56.67 -4.92
C GLY F 267 0.15 -56.75 -4.97
N ALA F 268 0.84 -55.80 -4.36
CA ALA F 268 2.29 -55.84 -4.33
C ALA F 268 2.78 -56.89 -3.34
N LYS F 269 4.03 -57.27 -3.48
CA LYS F 269 4.71 -58.13 -2.52
C LYS F 269 6.12 -57.59 -2.33
N CYS F 270 6.28 -56.72 -1.36
CA CYS F 270 7.60 -56.18 -1.06
C CYS F 270 8.40 -57.17 -0.23
N ILE F 271 9.71 -57.20 -0.46
CA ILE F 271 10.56 -58.28 -0.01
C ILE F 271 11.60 -57.78 0.99
N THR F 272 12.18 -56.61 0.77
CA THR F 272 13.31 -56.16 1.55
C THR F 272 13.11 -54.74 2.04
N VAL F 273 14.11 -54.30 2.80
CA VAL F 273 14.18 -52.95 3.33
C VAL F 273 15.63 -52.59 3.51
N GLY F 274 16.02 -51.41 3.04
CA GLY F 274 17.32 -50.87 3.29
C GLY F 274 17.23 -49.77 4.33
N GLU F 275 18.19 -49.76 5.24
CA GLU F 275 18.24 -48.77 6.29
C GLU F 275 19.67 -48.33 6.49
N SER F 276 19.82 -47.10 6.97
CA SER F 276 21.15 -46.54 7.19
C SER F 276 22.05 -47.49 7.96
N ASP F 277 21.46 -48.40 8.75
CA ASP F 277 22.21 -49.29 9.62
C ASP F 277 22.31 -50.70 9.09
N GLY F 278 21.59 -51.04 8.02
CA GLY F 278 21.62 -52.41 7.54
C GLY F 278 20.39 -52.70 6.68
N SER F 279 20.02 -53.98 6.67
CA SER F 279 19.04 -54.47 5.72
C SER F 279 18.37 -55.72 6.26
N ILE F 280 17.30 -56.13 5.55
CA ILE F 280 16.63 -57.38 5.82
C ILE F 280 16.13 -57.96 4.51
N TRP F 281 15.52 -59.14 4.60
CA TRP F 281 15.13 -59.89 3.41
C TRP F 281 14.18 -61.01 3.80
N ASN F 282 13.05 -61.09 3.09
CA ASN F 282 12.09 -62.17 3.28
C ASN F 282 11.38 -62.40 1.96
N PRO F 283 11.78 -63.39 1.18
CA PRO F 283 11.10 -63.68 -0.08
C PRO F 283 9.62 -63.99 0.08
N ASP F 284 9.17 -64.17 1.33
CA ASP F 284 7.76 -64.41 1.58
C ASP F 284 6.92 -63.15 1.61
N GLY F 285 7.55 -61.98 1.56
CA GLY F 285 6.83 -60.74 1.64
C GLY F 285 6.69 -60.27 3.07
N ILE F 286 6.82 -58.96 3.26
CA ILE F 286 6.86 -58.36 4.59
C ILE F 286 5.70 -57.39 4.73
N ASP F 287 5.07 -57.40 5.90
CA ASP F 287 4.03 -56.45 6.21
C ASP F 287 4.66 -55.12 6.62
N PRO F 288 4.41 -54.06 5.88
CA PRO F 288 4.90 -52.75 6.30
C PRO F 288 4.45 -52.42 7.71
N LYS F 289 3.22 -52.78 8.01
CA LYS F 289 2.66 -52.53 9.33
C LYS F 289 3.58 -53.04 10.43
N GLU F 290 3.88 -54.33 10.42
CA GLU F 290 4.80 -54.89 11.40
C GLU F 290 6.09 -54.08 11.48
N LEU F 291 6.53 -53.54 10.34
CA LEU F 291 7.74 -52.73 10.34
C LEU F 291 7.50 -51.38 10.99
N GLU F 292 6.37 -50.75 10.67
CA GLU F 292 5.99 -49.51 11.33
C GLU F 292 6.15 -49.63 12.84
N ASP F 293 5.84 -50.80 13.37
CA ASP F 293 5.91 -51.02 14.81
C ASP F 293 7.34 -50.89 15.31
N PHE F 294 8.26 -51.67 14.74
CA PHE F 294 9.62 -51.70 15.24
C PHE F 294 10.32 -50.37 15.03
N LYS F 295 10.04 -49.71 13.91
CA LYS F 295 10.60 -48.38 13.71
C LYS F 295 10.33 -47.49 14.90
N LEU F 296 9.25 -47.77 15.63
CA LEU F 296 8.93 -47.04 16.84
C LEU F 296 9.25 -47.82 18.10
N GLN F 297 9.11 -49.15 18.07
CA GLN F 297 9.45 -49.99 19.21
C GLN F 297 10.92 -50.35 19.27
N HIS F 298 11.66 -50.09 18.21
CA HIS F 298 13.09 -50.38 18.18
C HIS F 298 13.94 -49.27 17.59
N GLY F 299 13.34 -48.29 16.89
CA GLY F 299 14.12 -47.32 16.16
C GLY F 299 14.97 -47.89 15.06
N THR F 300 14.71 -49.13 14.64
CA THR F 300 15.49 -49.78 13.60
C THR F 300 14.69 -50.92 13.02
N ILE F 301 15.13 -51.36 11.84
CA ILE F 301 14.56 -52.56 11.24
C ILE F 301 15.18 -53.84 11.77
N LEU F 302 16.47 -53.81 12.09
CA LEU F 302 17.19 -55.02 12.44
C LEU F 302 16.60 -55.64 13.70
N GLY F 303 16.55 -56.98 13.72
CA GLY F 303 15.83 -57.69 14.74
C GLY F 303 14.41 -58.04 14.35
N PHE F 304 14.04 -57.80 13.11
CA PHE F 304 12.69 -58.14 12.66
C PHE F 304 12.56 -59.65 12.58
N PRO F 305 11.62 -60.26 13.31
CA PRO F 305 11.53 -61.73 13.32
C PRO F 305 11.38 -62.36 11.96
N LYS F 306 10.53 -61.82 11.09
CA LYS F 306 10.15 -62.50 9.86
C LYS F 306 11.01 -62.06 8.67
N ALA F 307 12.26 -61.68 8.93
CA ALA F 307 13.19 -61.38 7.87
C ALA F 307 14.60 -61.55 8.37
N LYS F 308 15.45 -62.12 7.52
CA LYS F 308 16.86 -62.28 7.82
C LYS F 308 17.58 -60.96 7.63
N ILE F 309 18.61 -60.75 8.43
CA ILE F 309 19.45 -59.57 8.24
C ILE F 309 20.24 -59.80 6.97
N TYR F 310 19.79 -59.16 5.89
CA TYR F 310 20.37 -59.42 4.58
C TYR F 310 21.73 -58.75 4.46
N GLU F 311 22.72 -59.53 4.07
CA GLU F 311 24.05 -59.00 3.83
C GLU F 311 24.12 -58.45 2.41
N GLY F 312 24.70 -57.27 2.28
CA GLY F 312 24.82 -56.61 1.00
C GLY F 312 23.87 -55.44 0.88
N SER F 313 24.06 -54.68 -0.19
CA SER F 313 23.20 -53.54 -0.45
C SER F 313 21.88 -53.99 -1.09
N ILE F 314 20.82 -53.24 -0.79
CA ILE F 314 19.52 -53.54 -1.36
C ILE F 314 19.63 -53.65 -2.87
N LEU F 315 20.49 -52.83 -3.47
CA LEU F 315 20.52 -52.70 -4.92
C LEU F 315 20.78 -54.02 -5.60
N GLU F 316 21.53 -54.90 -4.95
CA GLU F 316 21.95 -56.16 -5.55
C GLU F 316 20.93 -57.26 -5.34
N VAL F 317 19.74 -56.92 -4.88
CA VAL F 317 18.68 -57.90 -4.66
C VAL F 317 18.02 -58.22 -5.99
N ASP F 318 17.69 -59.49 -6.19
CA ASP F 318 16.96 -59.92 -7.38
C ASP F 318 15.50 -59.57 -7.20
N CYS F 319 15.03 -58.61 -7.99
CA CYS F 319 13.69 -58.07 -7.83
C CYS F 319 13.19 -57.56 -9.18
N ASP F 320 12.02 -56.94 -9.14
CA ASP F 320 11.42 -56.30 -10.29
C ASP F 320 11.51 -54.78 -10.21
N ILE F 321 11.23 -54.24 -9.02
CA ILE F 321 11.31 -52.80 -8.76
C ILE F 321 12.39 -52.58 -7.74
N LEU F 322 12.98 -51.39 -7.75
CA LEU F 322 13.93 -50.98 -6.73
C LEU F 322 13.74 -49.50 -6.45
N ILE F 323 13.71 -49.14 -5.17
CA ILE F 323 13.35 -47.80 -4.78
C ILE F 323 14.43 -47.18 -3.91
N PRO F 324 15.36 -46.46 -4.49
CA PRO F 324 16.33 -45.72 -3.68
C PRO F 324 15.72 -44.46 -3.13
N ALA F 325 14.97 -44.60 -2.03
CA ALA F 325 14.15 -43.50 -1.54
C ALA F 325 14.97 -42.45 -0.80
N ALA F 326 16.09 -42.83 -0.20
CA ALA F 326 16.84 -41.92 0.66
C ALA F 326 18.26 -41.66 0.18
N SER F 327 19.04 -42.71 -0.03
CA SER F 327 20.45 -42.54 -0.31
C SER F 327 20.65 -41.71 -1.57
N GLU F 328 21.66 -40.85 -1.54
CA GLU F 328 22.01 -40.02 -2.68
C GLU F 328 23.26 -40.59 -3.36
N LYS F 329 23.25 -40.56 -4.69
CA LYS F 329 24.37 -41.08 -5.48
C LYS F 329 24.69 -42.53 -5.11
N GLN F 330 23.63 -43.29 -4.84
CA GLN F 330 23.81 -44.67 -4.40
C GLN F 330 24.18 -45.58 -5.56
N LEU F 331 23.87 -45.17 -6.79
CA LEU F 331 24.03 -46.04 -7.95
C LEU F 331 25.21 -45.54 -8.76
N THR F 332 26.24 -46.36 -8.87
CA THR F 332 27.44 -46.02 -9.61
C THR F 332 27.75 -47.07 -10.66
N LYS F 333 28.71 -46.75 -11.50
CA LYS F 333 29.15 -47.68 -12.53
C LYS F 333 29.56 -49.02 -11.92
N SER F 334 30.00 -49.01 -10.66
CA SER F 334 30.34 -50.24 -9.98
C SER F 334 29.12 -51.07 -9.65
N ASN F 335 27.99 -50.43 -9.40
CA ASN F 335 26.75 -51.12 -9.04
C ASN F 335 25.78 -51.24 -10.19
N ALA F 336 25.74 -50.25 -11.06
CA ALA F 336 24.84 -50.22 -12.21
C ALA F 336 24.76 -51.59 -12.89
N PRO F 337 25.88 -52.27 -13.13
CA PRO F 337 25.79 -53.61 -13.72
C PRO F 337 25.40 -54.63 -12.68
N ARG F 338 25.74 -54.37 -11.42
CA ARG F 338 25.43 -55.29 -10.34
C ARG F 338 23.96 -55.29 -9.96
N VAL F 339 23.26 -54.19 -10.22
CA VAL F 339 21.84 -54.13 -9.88
C VAL F 339 21.11 -55.28 -10.54
N LYS F 340 20.07 -55.76 -9.86
CA LYS F 340 19.20 -56.81 -10.37
C LYS F 340 17.78 -56.27 -10.34
N ALA F 341 17.33 -55.75 -11.47
CA ALA F 341 16.04 -55.09 -11.50
C ALA F 341 15.70 -54.74 -12.94
N LYS F 342 14.40 -54.62 -13.18
CA LYS F 342 13.88 -54.12 -14.44
C LYS F 342 13.64 -52.62 -14.42
N ILE F 343 13.27 -52.08 -13.26
CA ILE F 343 12.86 -50.69 -13.13
C ILE F 343 13.54 -50.11 -11.90
N ILE F 344 13.72 -48.80 -11.91
CA ILE F 344 14.15 -48.04 -10.75
C ILE F 344 13.16 -46.92 -10.54
N ALA F 345 13.08 -46.42 -9.30
CA ALA F 345 12.10 -45.39 -8.98
C ALA F 345 12.76 -44.04 -8.81
N GLU F 346 13.76 -43.97 -7.93
CA GLU F 346 14.40 -42.71 -7.60
C GLU F 346 13.44 -41.73 -6.95
N GLY F 347 12.93 -42.10 -5.78
CA GLY F 347 12.17 -41.18 -4.96
C GLY F 347 12.99 -39.98 -4.55
N ALA F 348 14.17 -40.26 -4.01
CA ALA F 348 15.08 -39.20 -3.61
C ALA F 348 15.55 -38.42 -4.83
N ASN F 349 16.33 -37.38 -4.57
CA ASN F 349 16.89 -36.56 -5.62
C ASN F 349 18.34 -37.02 -5.86
N GLY F 350 18.66 -37.29 -7.12
CA GLY F 350 19.98 -37.72 -7.50
C GLY F 350 20.50 -38.90 -6.72
N PRO F 351 19.67 -39.93 -6.55
CA PRO F 351 20.19 -41.20 -6.03
C PRO F 351 21.06 -41.92 -7.04
N THR F 352 20.97 -41.52 -8.30
CA THR F 352 21.59 -42.23 -9.40
C THR F 352 22.57 -41.32 -10.12
N THR F 353 23.61 -41.91 -10.66
CA THR F 353 24.63 -41.16 -11.36
C THR F 353 24.37 -41.12 -12.86
N PRO F 354 24.82 -40.07 -13.54
CA PRO F 354 24.67 -40.04 -15.00
C PRO F 354 25.27 -41.25 -15.68
N GLU F 355 26.48 -41.63 -15.29
CA GLU F 355 27.12 -42.79 -15.90
C GLU F 355 26.24 -44.02 -15.80
N ALA F 356 25.61 -44.22 -14.64
CA ALA F 356 24.78 -45.39 -14.46
C ALA F 356 23.65 -45.42 -15.48
N ASP F 357 22.93 -44.31 -15.61
CA ASP F 357 21.83 -44.22 -16.55
C ASP F 357 22.19 -44.84 -17.88
N LYS F 358 23.35 -44.44 -18.43
CA LYS F 358 23.83 -45.06 -19.66
C LYS F 358 23.87 -46.57 -19.51
N ILE F 359 24.52 -47.05 -18.44
CA ILE F 359 24.66 -48.48 -18.24
C ILE F 359 23.31 -49.17 -18.27
N PHE F 360 22.34 -48.60 -17.57
CA PHE F 360 21.01 -49.17 -17.57
C PHE F 360 20.44 -49.24 -18.98
N LEU F 361 20.43 -48.11 -19.68
CA LEU F 361 19.99 -48.10 -21.07
C LEU F 361 20.69 -49.19 -21.86
N GLU F 362 21.94 -49.50 -21.49
CA GLU F 362 22.66 -50.58 -22.13
C GLU F 362 22.19 -51.93 -21.61
N ARG F 363 21.76 -51.97 -20.34
CA ARG F 363 21.16 -53.18 -19.80
C ARG F 363 19.66 -53.23 -20.02
N ASN F 364 19.12 -52.32 -20.83
CA ASN F 364 17.71 -52.32 -21.15
C ASN F 364 16.87 -52.08 -19.91
N ILE F 365 17.48 -51.51 -18.87
CA ILE F 365 16.81 -51.27 -17.61
C ILE F 365 16.09 -49.93 -17.70
N MET F 366 14.78 -49.96 -17.53
CA MET F 366 13.98 -48.76 -17.41
C MET F 366 14.25 -48.10 -16.06
N VAL F 367 13.97 -46.82 -15.97
CA VAL F 367 14.06 -46.10 -14.72
C VAL F 367 12.98 -45.04 -14.70
N ILE F 368 12.92 -44.29 -13.61
CA ILE F 368 11.98 -43.19 -13.45
C ILE F 368 12.76 -41.98 -12.97
N PRO F 369 12.42 -40.79 -13.44
CA PRO F 369 13.15 -39.60 -13.00
C PRO F 369 12.69 -39.12 -11.65
N ASP F 370 13.65 -38.70 -10.84
CA ASP F 370 13.33 -38.10 -9.55
C ASP F 370 12.30 -37.01 -9.66
N LEU F 371 12.33 -36.23 -10.74
CA LEU F 371 11.34 -35.18 -10.91
C LEU F 371 9.93 -35.69 -10.67
N TYR F 372 9.49 -36.58 -11.53
CA TYR F 372 8.12 -37.03 -11.59
C TYR F 372 7.64 -37.55 -10.25
N LEU F 373 8.38 -38.49 -9.66
CA LEU F 373 7.86 -39.18 -8.50
C LEU F 373 7.73 -38.26 -7.30
N ASN F 374 8.84 -37.70 -6.82
CA ASN F 374 8.79 -36.91 -5.60
C ASN F 374 8.11 -35.57 -5.83
N ALA F 375 7.52 -35.39 -7.00
CA ALA F 375 6.71 -34.21 -7.26
C ALA F 375 5.51 -34.12 -6.34
N GLY F 376 4.85 -35.23 -6.07
CA GLY F 376 3.63 -35.17 -5.29
C GLY F 376 3.78 -34.41 -4.01
N GLY F 377 4.97 -34.42 -3.43
CA GLY F 377 5.22 -33.60 -2.26
C GLY F 377 5.11 -32.13 -2.58
N VAL F 378 5.21 -31.79 -3.85
CA VAL F 378 4.95 -30.44 -4.30
C VAL F 378 3.48 -30.27 -4.62
N THR F 379 2.95 -31.17 -5.44
CA THR F 379 1.57 -31.06 -5.87
C THR F 379 0.66 -30.79 -4.69
N VAL F 380 0.64 -31.71 -3.74
CA VAL F 380 -0.21 -31.55 -2.58
C VAL F 380 -0.11 -30.14 -2.03
N SER F 381 1.11 -29.66 -1.83
CA SER F 381 1.29 -28.32 -1.31
C SER F 381 0.44 -27.33 -2.10
N TYR F 382 0.62 -27.32 -3.42
CA TYR F 382 -0.19 -26.47 -4.27
C TYR F 382 -1.63 -26.48 -3.81
N PHE F 383 -2.21 -27.67 -3.65
CA PHE F 383 -3.55 -27.77 -3.14
C PHE F 383 -3.67 -27.05 -1.81
N GLU F 384 -2.77 -27.36 -0.89
CA GLU F 384 -2.80 -26.73 0.42
C GLU F 384 -2.66 -25.23 0.30
N TRP F 385 -2.00 -24.78 -0.76
CA TRP F 385 -1.83 -23.34 -0.96
C TRP F 385 -3.13 -22.73 -1.43
N LEU F 386 -4.08 -23.56 -1.86
CA LEU F 386 -5.37 -23.03 -2.28
C LEU F 386 -6.36 -23.07 -1.13
N ASN F 387 -6.40 -24.17 -0.39
CA ASN F 387 -7.20 -24.23 0.82
C ASN F 387 -7.08 -22.93 1.61
N ASN F 388 -5.88 -22.37 1.64
CA ASN F 388 -5.67 -21.14 2.40
C ASN F 388 -6.08 -19.92 1.59
N LEU F 389 -6.43 -20.10 0.32
CA LEU F 389 -6.91 -18.98 -0.47
C LEU F 389 -8.42 -19.00 -0.65
N ASN F 390 -8.97 -20.15 -1.03
CA ASN F 390 -10.41 -20.28 -1.07
C ASN F 390 -11.01 -20.33 0.33
N HIS F 391 -10.16 -20.34 1.35
CA HIS F 391 -10.58 -20.25 2.74
C HIS F 391 -11.64 -21.26 3.10
N VAL F 392 -11.55 -22.46 2.54
CA VAL F 392 -12.45 -23.55 2.88
C VAL F 392 -11.72 -24.86 2.77
N SER F 393 -12.23 -25.84 3.50
CA SER F 393 -11.91 -27.22 3.21
C SER F 393 -12.66 -27.65 1.97
N TYR F 394 -11.95 -28.35 1.09
CA TYR F 394 -12.50 -28.65 -0.23
C TYR F 394 -13.82 -29.37 -0.11
N GLY F 395 -14.76 -29.01 -0.96
CA GLY F 395 -15.96 -29.78 -1.15
C GLY F 395 -17.08 -29.51 -0.18
N ARG F 396 -16.78 -29.00 1.01
CA ARG F 396 -17.79 -28.93 2.05
C ARG F 396 -19.08 -28.28 1.58
N LEU F 397 -19.03 -27.55 0.48
CA LEU F 397 -20.24 -27.01 -0.11
C LEU F 397 -20.96 -28.03 -0.99
N THR F 398 -20.35 -29.19 -1.24
CA THR F 398 -20.82 -30.07 -2.28
C THR F 398 -21.00 -31.51 -1.87
N PHE F 399 -20.24 -32.02 -0.91
CA PHE F 399 -20.30 -33.43 -0.56
C PHE F 399 -21.73 -33.92 -0.49
N LYS F 400 -22.52 -33.29 0.36
CA LYS F 400 -23.88 -33.77 0.60
C LYS F 400 -24.76 -33.56 -0.62
N TYR F 401 -24.51 -32.48 -1.37
CA TYR F 401 -25.26 -32.25 -2.58
C TYR F 401 -25.03 -33.38 -3.57
N GLU F 402 -23.77 -33.60 -3.92
CA GLU F 402 -23.40 -34.78 -4.69
C GLU F 402 -24.05 -36.01 -4.08
N ARG F 403 -23.88 -36.19 -2.77
CA ARG F 403 -24.48 -37.33 -2.09
C ARG F 403 -25.93 -37.47 -2.46
N ASP F 404 -26.72 -36.43 -2.19
CA ASP F 404 -28.13 -36.46 -2.55
C ASP F 404 -28.32 -36.97 -3.97
N SER F 405 -27.76 -36.25 -4.94
CA SER F 405 -27.86 -36.68 -6.32
C SER F 405 -27.37 -38.09 -6.49
N ASN F 406 -26.28 -38.45 -5.80
CA ASN F 406 -25.72 -39.77 -5.95
C ASN F 406 -26.67 -40.87 -5.55
N TYR F 407 -27.79 -40.56 -4.90
CA TYR F 407 -28.79 -41.57 -4.62
C TYR F 407 -30.21 -41.16 -4.94
N HIS F 408 -30.45 -39.93 -5.38
CA HIS F 408 -31.69 -39.69 -6.11
C HIS F 408 -31.69 -40.46 -7.41
N LEU F 409 -30.53 -40.56 -8.05
CA LEU F 409 -30.43 -41.31 -9.29
C LEU F 409 -30.89 -42.74 -9.09
N LEU F 410 -30.19 -43.47 -8.22
CA LEU F 410 -30.53 -44.86 -7.97
C LEU F 410 -32.03 -45.02 -7.80
N MET F 411 -32.64 -44.19 -6.95
CA MET F 411 -34.09 -44.19 -6.85
C MET F 411 -34.73 -44.12 -8.22
N SER F 412 -34.28 -43.17 -9.04
CA SER F 412 -34.81 -43.06 -10.37
C SER F 412 -34.70 -44.37 -11.12
N VAL F 413 -33.53 -45.00 -11.06
CA VAL F 413 -33.36 -46.32 -11.64
C VAL F 413 -34.42 -47.26 -11.09
N GLN F 414 -34.46 -47.37 -9.76
CA GLN F 414 -35.43 -48.24 -9.12
C GLN F 414 -36.82 -48.02 -9.71
N GLU F 415 -37.31 -46.79 -9.60
CA GLU F 415 -38.63 -46.48 -10.12
C GLU F 415 -38.72 -46.83 -11.60
N SER F 416 -37.69 -46.45 -12.36
CA SER F 416 -37.72 -46.72 -13.80
C SER F 416 -37.91 -48.20 -14.06
N LEU F 417 -37.18 -49.04 -13.36
CA LEU F 417 -37.31 -50.48 -13.56
C LEU F 417 -38.65 -50.98 -13.02
N GLU F 418 -38.94 -50.68 -11.76
CA GLU F 418 -40.23 -51.09 -11.20
C GLU F 418 -41.36 -50.65 -12.10
N ARG F 419 -41.16 -49.56 -12.84
CA ARG F 419 -42.18 -49.10 -13.76
C ARG F 419 -42.34 -50.05 -14.94
N LYS F 420 -41.23 -50.46 -15.54
CA LYS F 420 -41.33 -51.25 -16.76
C LYS F 420 -41.61 -52.71 -16.46
N PHE F 421 -40.68 -53.40 -15.80
CA PHE F 421 -40.93 -54.79 -15.48
C PHE F 421 -40.98 -55.04 -13.99
N GLY F 422 -41.32 -54.01 -13.22
CA GLY F 422 -41.92 -54.25 -11.91
C GLY F 422 -43.42 -54.46 -12.02
N LYS F 423 -43.88 -55.04 -13.13
CA LYS F 423 -45.29 -55.18 -13.45
C LYS F 423 -46.09 -55.66 -12.25
N HIS F 424 -45.74 -56.84 -11.73
CA HIS F 424 -46.41 -57.38 -10.55
C HIS F 424 -46.21 -56.50 -9.33
N GLY F 425 -45.26 -55.57 -9.37
CA GLY F 425 -44.92 -54.75 -8.24
C GLY F 425 -43.60 -55.10 -7.59
N GLY F 426 -42.83 -56.02 -8.18
CA GLY F 426 -41.57 -56.40 -7.59
C GLY F 426 -40.66 -55.20 -7.38
N THR F 427 -40.18 -55.06 -6.15
CA THR F 427 -39.37 -53.91 -5.77
C THR F 427 -37.90 -54.24 -5.93
N ILE F 428 -37.15 -53.25 -6.41
CA ILE F 428 -35.73 -53.40 -6.62
C ILE F 428 -35.00 -52.51 -5.62
N PRO F 429 -34.64 -53.02 -4.47
CA PRO F 429 -34.01 -52.18 -3.46
C PRO F 429 -32.59 -51.83 -3.84
N ILE F 430 -32.46 -50.97 -4.84
CA ILE F 430 -31.15 -50.48 -5.25
C ILE F 430 -30.49 -49.81 -4.06
N VAL F 431 -29.25 -50.19 -3.78
CA VAL F 431 -28.52 -49.60 -2.66
C VAL F 431 -27.08 -49.39 -3.07
N PRO F 432 -26.38 -48.53 -2.34
CA PRO F 432 -24.94 -48.38 -2.56
C PRO F 432 -24.19 -49.67 -2.29
N THR F 433 -22.89 -49.61 -2.53
CA THR F 433 -21.99 -50.67 -2.13
C THR F 433 -21.25 -50.28 -0.87
N ALA F 434 -20.86 -51.28 -0.10
CA ALA F 434 -20.06 -51.04 1.09
C ALA F 434 -18.98 -50.03 0.81
N GLU F 435 -18.14 -50.30 -0.19
CA GLU F 435 -17.14 -49.33 -0.60
C GLU F 435 -17.78 -47.98 -0.86
N PHE F 436 -18.70 -47.92 -1.81
CA PHE F 436 -19.28 -46.65 -2.20
C PHE F 436 -19.90 -45.96 -1.00
N GLN F 437 -20.51 -46.73 -0.10
CA GLN F 437 -21.03 -46.15 1.12
C GLN F 437 -19.89 -45.67 2.02
N ASP F 438 -18.75 -46.35 1.95
CA ASP F 438 -17.60 -45.94 2.74
C ASP F 438 -17.08 -44.59 2.26
N ARG F 439 -16.92 -44.43 0.94
CA ARG F 439 -16.62 -43.13 0.39
C ARG F 439 -17.52 -42.07 0.98
N ILE F 440 -18.83 -42.29 0.89
CA ILE F 440 -19.80 -41.28 1.30
C ILE F 440 -19.53 -40.84 2.74
N SER F 441 -19.69 -41.77 3.68
CA SER F 441 -19.50 -41.42 5.08
C SER F 441 -18.08 -40.99 5.35
N GLY F 442 -17.12 -41.43 4.54
CA GLY F 442 -15.75 -41.00 4.65
C GLY F 442 -15.45 -39.76 3.86
N ALA F 443 -16.47 -39.06 3.40
CA ALA F 443 -16.28 -37.83 2.65
C ALA F 443 -15.38 -36.89 3.40
N SER F 444 -14.31 -36.45 2.73
CA SER F 444 -13.32 -35.58 3.35
C SER F 444 -12.27 -35.24 2.31
N GLU F 445 -11.52 -34.18 2.60
CA GLU F 445 -10.42 -33.80 1.73
C GLU F 445 -9.56 -34.99 1.36
N LYS F 446 -9.33 -35.89 2.31
CA LYS F 446 -8.47 -37.04 2.08
C LYS F 446 -8.77 -37.67 0.73
N ASP F 447 -10.02 -37.67 0.33
CA ASP F 447 -10.41 -38.31 -0.92
C ASP F 447 -10.17 -37.39 -2.10
N ILE F 448 -10.51 -36.12 -1.95
CA ILE F 448 -10.25 -35.15 -3.00
C ILE F 448 -8.78 -35.18 -3.38
N VAL F 449 -7.93 -34.83 -2.42
CA VAL F 449 -6.51 -34.73 -2.68
C VAL F 449 -5.99 -36.01 -3.32
N HIS F 450 -6.31 -37.16 -2.73
CA HIS F 450 -5.92 -38.43 -3.33
C HIS F 450 -6.28 -38.45 -4.81
N SER F 451 -7.33 -37.73 -5.18
CA SER F 451 -7.74 -37.70 -6.58
C SER F 451 -6.95 -36.68 -7.36
N GLY F 452 -7.06 -35.41 -6.97
CA GLY F 452 -6.37 -34.36 -7.70
C GLY F 452 -4.87 -34.58 -7.74
N LEU F 453 -4.38 -35.51 -6.92
CA LEU F 453 -2.99 -35.92 -7.02
C LEU F 453 -2.79 -36.92 -8.13
N ALA F 454 -3.49 -38.04 -8.04
CA ALA F 454 -3.33 -39.10 -9.03
C ALA F 454 -3.52 -38.56 -10.43
N TYR F 455 -4.69 -37.98 -10.68
CA TYR F 455 -4.97 -37.41 -12.00
C TYR F 455 -3.77 -36.65 -12.52
N THR F 456 -3.22 -35.77 -11.69
CA THR F 456 -2.04 -35.04 -12.06
C THR F 456 -0.94 -35.98 -12.52
N MET F 457 -0.50 -36.86 -11.63
CA MET F 457 0.57 -37.78 -11.97
C MET F 457 0.20 -38.63 -13.18
N GLU F 458 -1.09 -38.87 -13.36
CA GLU F 458 -1.53 -39.61 -14.54
C GLU F 458 -1.27 -38.81 -15.79
N ARG F 459 -1.91 -37.66 -15.90
CA ARG F 459 -1.78 -36.84 -17.10
C ARG F 459 -0.33 -36.60 -17.43
N SER F 460 0.46 -36.24 -16.43
CA SER F 460 1.87 -35.94 -16.66
C SER F 460 2.55 -37.07 -17.40
N ALA F 461 2.56 -38.26 -16.79
CA ALA F 461 3.19 -39.41 -17.43
C ALA F 461 2.80 -39.49 -18.89
N ARG F 462 1.51 -39.43 -19.17
CA ARG F 462 1.05 -39.58 -20.54
C ARG F 462 1.73 -38.58 -21.46
N GLN F 463 1.83 -37.32 -21.02
CA GLN F 463 2.55 -36.35 -21.81
C GLN F 463 3.96 -36.81 -22.07
N ILE F 464 4.57 -37.46 -21.07
CA ILE F 464 5.96 -37.86 -21.19
C ILE F 464 6.11 -38.94 -22.24
N MET F 465 5.35 -40.02 -22.11
CA MET F 465 5.33 -41.04 -23.15
C MET F 465 5.31 -40.40 -24.53
N ARG F 466 4.32 -39.54 -24.78
CA ARG F 466 4.30 -38.78 -26.02
C ARG F 466 5.64 -38.13 -26.27
N THR F 467 6.11 -37.33 -25.32
CA THR F 467 7.37 -36.64 -25.48
C THR F 467 8.48 -37.62 -25.86
N ALA F 468 8.49 -38.79 -25.24
CA ALA F 468 9.49 -39.79 -25.58
C ALA F 468 9.37 -40.22 -27.03
N MET F 469 8.17 -40.64 -27.43
CA MET F 469 7.95 -41.06 -28.80
C MET F 469 8.37 -39.96 -29.77
N LYS F 470 7.92 -38.74 -29.52
CA LYS F 470 8.27 -37.63 -30.40
C LYS F 470 9.76 -37.58 -30.67
N TYR F 471 10.57 -37.88 -29.65
CA TYR F 471 12.01 -37.74 -29.75
C TYR F 471 12.73 -39.08 -29.75
N ASN F 472 11.99 -40.19 -29.78
CA ASN F 472 12.56 -41.52 -29.91
C ASN F 472 13.64 -41.75 -28.86
N LEU F 473 13.30 -41.42 -27.62
CA LEU F 473 14.20 -41.64 -26.50
C LEU F 473 14.08 -43.02 -25.90
N GLY F 474 13.06 -43.78 -26.28
CA GLY F 474 12.90 -45.11 -25.72
C GLY F 474 12.67 -45.05 -24.23
N LEU F 475 13.61 -45.60 -23.47
CA LEU F 475 13.49 -45.70 -22.03
C LEU F 475 14.25 -44.60 -21.29
N ASP F 476 14.98 -43.74 -22.01
CA ASP F 476 15.78 -42.70 -21.38
C ASP F 476 14.85 -41.55 -20.97
N LEU F 477 14.02 -41.84 -19.98
CA LEU F 477 13.00 -40.89 -19.57
C LEU F 477 13.58 -39.65 -18.91
N ARG F 478 14.58 -39.83 -18.04
CA ARG F 478 15.15 -38.69 -17.33
C ARG F 478 15.27 -37.49 -18.24
N THR F 479 15.95 -37.66 -19.36
CA THR F 479 15.96 -36.61 -20.36
C THR F 479 14.56 -36.23 -20.76
N ALA F 480 13.78 -37.21 -21.21
CA ALA F 480 12.45 -36.94 -21.75
C ALA F 480 11.67 -36.02 -20.83
N ALA F 481 11.81 -36.20 -19.52
CA ALA F 481 11.13 -35.29 -18.61
C ALA F 481 11.71 -33.90 -18.70
N TYR F 482 13.00 -33.77 -18.41
CA TYR F 482 13.69 -32.51 -18.61
C TYR F 482 13.34 -31.93 -19.96
N VAL F 483 13.01 -32.79 -20.92
CA VAL F 483 12.55 -32.32 -22.22
C VAL F 483 11.16 -31.71 -22.09
N ASN F 484 10.19 -32.52 -21.68
CA ASN F 484 8.81 -32.07 -21.64
C ASN F 484 8.68 -30.82 -20.79
N ALA F 485 9.50 -30.74 -19.75
CA ALA F 485 9.50 -29.56 -18.91
C ALA F 485 9.87 -28.33 -19.72
N ILE F 486 11.05 -28.36 -20.34
CA ILE F 486 11.59 -27.19 -20.98
C ILE F 486 10.59 -26.62 -21.97
N GLU F 487 10.04 -27.48 -22.83
CA GLU F 487 9.10 -26.99 -23.83
C GLU F 487 8.01 -26.17 -23.19
N LYS F 488 7.44 -26.66 -22.10
CA LYS F 488 6.45 -25.88 -21.37
C LYS F 488 7.05 -24.56 -20.92
N VAL F 489 8.16 -24.64 -20.20
CA VAL F 489 8.80 -23.43 -19.70
C VAL F 489 9.07 -22.47 -20.85
N PHE F 490 9.89 -22.91 -21.80
CA PHE F 490 10.16 -22.10 -22.97
C PHE F 490 8.89 -21.48 -23.51
N ARG F 491 7.90 -22.32 -23.78
CA ARG F 491 6.64 -21.83 -24.33
C ARG F 491 6.10 -20.70 -23.49
N VAL F 492 6.21 -20.81 -22.18
CA VAL F 492 5.74 -19.75 -21.30
C VAL F 492 6.53 -18.47 -21.57
N TYR F 493 7.83 -18.54 -21.34
CA TYR F 493 8.64 -17.33 -21.41
C TYR F 493 8.53 -16.67 -22.76
N ASN F 494 8.25 -17.45 -23.80
CA ASN F 494 8.10 -16.89 -25.13
C ASN F 494 6.83 -16.08 -25.24
N GLU F 495 5.72 -16.63 -24.75
CA GLU F 495 4.43 -15.97 -24.87
C GLU F 495 4.21 -14.92 -23.78
N ALA F 496 5.26 -14.52 -23.07
CA ALA F 496 5.11 -13.54 -22.01
C ALA F 496 5.60 -12.17 -22.40
N GLY F 497 5.72 -11.88 -23.69
CA GLY F 497 6.39 -10.66 -24.06
C GLY F 497 7.80 -10.70 -23.52
N VAL F 498 8.64 -11.58 -24.06
CA VAL F 498 9.69 -12.26 -23.31
C VAL F 498 10.33 -11.33 -22.31
N THR F 499 10.38 -10.03 -22.62
CA THR F 499 10.98 -9.06 -21.72
C THR F 499 10.56 -7.65 -22.13
N PHE F 500 10.33 -6.78 -21.14
CA PHE F 500 10.08 -5.36 -21.42
C PHE F 500 11.28 -4.56 -20.96
N THR F 501 12.20 -4.38 -21.90
CA THR F 501 13.40 -3.60 -21.67
C THR F 501 13.61 -2.62 -22.83
PG GTP G . 22.87 22.11 30.74
O1G GTP G . 22.01 20.97 30.26
O2G GTP G . 24.28 21.65 31.06
O3G GTP G . 22.28 22.68 32.00
O3B GTP G . 22.90 23.24 29.61
PB GTP G . 23.52 22.97 28.16
O1B GTP G . 22.51 22.23 27.33
O2B GTP G . 23.91 24.28 27.50
O3A GTP G . 24.82 22.05 28.36
PA GTP G . 24.90 20.52 27.85
O1A GTP G . 24.52 20.42 26.40
O2A GTP G . 26.26 19.92 28.09
O5' GTP G . 23.79 19.75 28.72
C5' GTP G . 24.24 18.85 29.69
C4' GTP G . 23.43 17.57 29.58
O4' GTP G . 23.79 16.72 30.65
C3' GTP G . 21.95 17.86 29.71
O3' GTP G . 21.33 17.86 28.44
C2' GTP G . 21.42 16.70 30.52
O2' GTP G . 20.75 15.83 29.66
C1' GTP G . 22.65 16.03 31.11
N9 GTP G . 22.62 16.14 32.58
C8 GTP G . 22.38 15.14 33.47
N7 GTP G . 22.43 15.64 34.72
C5 GTP G . 22.71 16.96 34.64
C6 GTP G . 22.86 17.93 35.60
O6 GTP G . 22.77 17.64 36.78
N1 GTP G . 23.15 19.23 35.23
C2 GTP G . 23.27 19.54 33.89
N2 GTP G . 23.55 20.79 33.53
N3 GTP G . 23.10 18.56 32.92
C4 GTP G . 22.83 17.28 33.29
PG GTP H . -1.55 44.02 4.05
O1G GTP H . -2.12 42.69 3.65
O2G GTP H . -2.26 44.61 5.24
O3G GTP H . -1.70 44.98 2.89
O3B GTP H . 0.01 43.85 4.38
PB GTP H . 0.51 42.92 5.60
O1B GTP H . 0.49 41.48 5.15
O2B GTP H . 1.91 43.33 6.02
O3A GTP H . -0.52 43.12 6.82
PA GTP H . -1.50 41.96 7.32
O1A GTP H . -0.73 40.70 7.62
O2A GTP H . -2.29 42.40 8.53
O5' GTP H . -2.49 41.69 6.09
C5' GTP H . -3.83 42.09 6.21
C4' GTP H . -4.72 40.96 5.74
O4' GTP H . -6.05 41.41 5.72
C3' GTP H . -4.36 40.56 4.32
O3' GTP H . -3.59 39.39 4.29
C2' GTP H . -5.70 40.29 3.67
O2' GTP H . -5.87 38.91 3.57
C1' GTP H . -6.74 40.89 4.61
N9 GTP H . -7.45 41.98 3.94
C8 GTP H . -8.74 41.97 3.51
N7 GTP H . -9.02 43.16 2.96
C5 GTP H . -7.93 43.94 3.04
C6 GTP H . -7.67 45.23 2.62
O6 GTP H . -8.56 45.88 2.07
N1 GTP H . -6.43 45.79 2.84
C2 GTP H . -5.46 45.06 3.46
N2 GTP H . -4.26 45.60 3.67
N3 GTP H . -5.71 43.76 3.87
C4 GTP H . -6.93 43.21 3.66
PG GTP I . 34.25 26.24 -9.79
O1G GTP I . 33.43 24.98 -9.93
O2G GTP I . 34.16 27.10 -11.02
O3G GTP I . 35.69 25.86 -9.58
O3B GTP I . 33.72 27.06 -8.51
PB GTP I . 32.23 27.63 -8.43
O1B GTP I . 31.30 26.52 -8.05
O2B GTP I . 32.17 28.77 -7.43
O3A GTP I . 31.85 28.17 -9.90
PA GTP I . 30.73 27.48 -10.82
O1A GTP I . 29.44 27.34 -10.07
O2A GTP I . 30.51 28.24 -12.10
O5' GTP I . 31.31 26.02 -11.13
C5' GTP I . 31.73 25.75 -12.44
C4' GTP I . 31.17 24.40 -12.86
O4' GTP I . 31.72 24.06 -14.11
C3' GTP I . 31.60 23.32 -11.89
O3' GTP I . 30.54 23.00 -11.02
C2' GTP I . 31.88 22.13 -12.77
O2' GTP I . 30.82 21.23 -12.66
C1' GTP I . 31.97 22.68 -14.18
N9 GTP I . 33.34 22.49 -14.71
C8 GTP I . 33.72 21.62 -15.68
N7 GTP I . 35.05 21.75 -15.87
C5 GTP I . 35.51 22.70 -15.04
C6 GTP I . 36.77 23.22 -14.84
O6 GTP I . 37.72 22.79 -15.49
N1 GTP I . 36.97 24.22 -13.91
C2 GTP I . 35.90 24.69 -13.19
N2 GTP I . 36.08 25.65 -12.29
N3 GTP I . 34.63 24.16 -13.38
C4 GTP I . 34.45 23.18 -14.30
PG GTP J . -14.03 -27.09 -32.05
O1G GTP J . -13.39 -25.81 -31.54
O2G GTP J . -13.01 -27.98 -32.72
O3G GTP J . -15.07 -26.72 -33.07
O3B GTP J . -14.71 -27.84 -30.82
PB GTP J . -13.86 -28.40 -29.58
O1B GTP J . -13.56 -27.26 -28.65
O2B GTP J . -14.61 -29.49 -28.87
O3A GTP J . -12.48 -28.98 -30.18
PA GTP J . -11.05 -28.30 -29.90
O1A GTP J . -10.83 -28.11 -28.42
O2A GTP J . -9.92 -29.10 -30.50
O5' GTP J . -11.14 -26.86 -30.59
C5' GTP J . -10.38 -26.63 -31.74
C4' GTP J . -9.67 -25.30 -31.60
O4' GTP J . -9.02 -25.01 -32.82
C3' GTP J . -10.68 -24.19 -31.37
O3' GTP J . -10.71 -23.83 -30.01
C2' GTP J . -10.15 -23.03 -32.19
O2' GTP J . -9.57 -22.11 -31.31
C1' GTP J . -9.11 -23.63 -33.11
N9 GTP J . -9.55 -23.48 -34.51
C8 GTP J . -9.02 -22.64 -35.44
N7 GTP J . -9.69 -22.80 -36.60
C5 GTP J . -10.64 -23.74 -36.42
C6 GTP J . -11.59 -24.26 -37.26
O6 GTP J . -11.65 -23.88 -38.42
N1 GTP J . -12.46 -25.23 -36.80
C2 GTP J . -12.37 -25.67 -35.50
N2 GTP J . -13.20 -26.60 -35.06
N3 GTP J . -11.42 -25.12 -34.66
C4 GTP J . -10.56 -24.19 -35.11
PG GTP K . -38.64 -21.46 1.88
O1G GTP K . -37.72 -20.32 2.23
O2G GTP K . -39.75 -21.01 0.96
O3G GTP K . -39.26 -21.97 3.16
O3B GTP K . -37.79 -22.63 1.20
PB GTP K . -37.03 -22.41 -0.20
O1B GTP K . -35.74 -21.68 0.06
O2B GTP K . -36.78 -23.73 -0.87
O3A GTP K . -37.99 -21.50 -1.13
PA GTP K . -37.61 -19.99 -1.55
O1A GTP K . -36.23 -19.94 -2.16
O2A GTP K . -38.63 -19.41 -2.49
O5' GTP K . -37.59 -19.18 -0.18
C5' GTP K . -38.62 -18.25 0.06
C4' GTP K . -38.01 -16.96 0.57
O4' GTP K . -39.05 -16.09 0.94
C3' GTP K . -37.19 -17.23 1.83
O3' GTP K . -35.81 -17.26 1.53
C2' GTP K . -37.48 -16.04 2.71
O2' GTP K . -36.38 -15.18 2.67
C1' GTP K . -38.70 -15.36 2.10
N9 GTP K . -39.83 -15.43 3.04
C8 GTP K . -40.36 -14.39 3.74
N7 GTP K . -41.38 -14.85 4.49
C5 GTP K . -41.51 -16.18 4.26
C6 GTP K . -42.37 -17.12 4.77
O6 GTP K . -43.23 -16.79 5.57
N1 GTP K . -42.28 -18.43 4.36
C2 GTP K . -41.32 -18.79 3.45
N2 GTP K . -41.23 -20.05 3.05
N3 GTP K . -40.44 -17.84 2.95
C4 GTP K . -40.54 -16.56 3.34
PG GTP L . -2.91 -43.85 5.16
O1G GTP L . -2.22 -42.51 5.32
O2G GTP L . -3.40 -44.38 6.48
O3G GTP L . -1.92 -44.83 4.59
O3B GTP L . -4.14 -43.67 4.14
PB GTP L . -5.38 -42.71 4.47
O1B GTP L . -4.99 -41.30 4.16
O2B GTP L . -6.57 -43.13 3.66
O3A GTP L . -5.69 -42.87 6.04
PA GTP L . -5.47 -41.67 7.10
O1A GTP L . -6.15 -40.42 6.63
O2A GTP L . -5.93 -42.05 8.47
O5' GTP L . -3.88 -41.42 7.09
C5' GTP L . -3.15 -41.80 8.22
C4' GTP L . -2.21 -40.67 8.59
O4' GTP L . -1.37 -41.10 9.63
C3' GTP L . -1.30 -40.33 7.42
O3' GTP L . -1.75 -39.17 6.77
C2' GTP L . 0.04 -40.05 8.06
O2' GTP L . 0.24 -38.67 8.08
C1' GTP L . -0.07 -40.60 9.47
N9 GTP L . 0.88 -41.71 9.64
C8 GTP L . 2.02 -41.69 10.39
N7 GTP L . 2.61 -42.90 10.31
C5 GTP L . 1.85 -43.69 9.52
C6 GTP L . 2.00 -44.99 9.12
O6 GTP L . 2.97 -45.64 9.48
N1 GTP L . 1.05 -45.57 8.30
C2 GTP L . -0.04 -44.83 7.89
N2 GTP L . -0.95 -45.38 7.10
N3 GTP L . -0.17 -43.51 8.30
C4 GTP L . 0.75 -42.96 9.10
#